data_8R5G
#
_entry.id   8R5G
#
_cell.length_a   1.00
_cell.length_b   1.00
_cell.length_c   1.00
_cell.angle_alpha   90.00
_cell.angle_beta   90.00
_cell.angle_gamma   90.00
#
_symmetry.space_group_name_H-M   'P 1'
#
loop_
_entity.id
_entity.type
_entity.pdbx_description
1 polymer 'Capsid protein'
2 polymer 'Capsid protein'
3 polymer 'Baseplate hub assembly protein'
4 polymer 'Putative non-cytoplasmic protein'
5 polymer 'Major tail sheath protein'
6 polymer 'Non-cytoplasmic protein'
7 polymer 'Putative neck protein'
8 non-polymer 'ZINC ION'
#
loop_
_entity_poly.entity_id
_entity_poly.type
_entity_poly.pdbx_seq_one_letter_code
_entity_poly.pdbx_strand_id
1 'polypeptide(L)'
;MEKPYMIGANSNPNVINKSTTYTTTTQADEQDKPKYTTRLEFDTIDMIRFINDRGIKVLWEEAYFCPCLNPDTGHPRVDC
PRCHGKGIAYLPPKETIMAIQSQEKGTNQLDIGILDTGTAIGTTQLEKRISYRDRFTVPEVLMPQQMIYFVNKDRIKKGI
PLYYDVKEITYIATQDGTVYEEDYEIKNNRLYLNEKYENHTVTLKILMTLRYVVSDILKESRYQYTKFNQPKSKFENLPQ
KLLLKREDVIVLQDPYKVNDGIEEDLEIQVDDPKASASNPSNLGGFFGGAFK
;
A
2 'polypeptide(L)'
;MASEAKQTVHTGNTVLLMIKGKPVGRAQSASGQREYGTTGVYEIGSIMPQEHVYLRYEGTITVERLRMKKENFADLGYAS
LGEEILKKDIIDILVVDNLTKQVIISYHGCSANNYNETWQTNEIVTEEIEFSYLTASDKART
;
C,X
3 'polypeptide(L)'
;MAITSVDSYLLSEIKPRLNTVLENCYIIDEVLKDFDYQTRESFKEAFCGKNAQHEVTVGFNFPKFKNNYEAHYLIQLGQG
QETKNSLGSIQSSYFEATGDTLVESSTAIREDDKLVFTVSKPIGELIKVEDIEFAKYDNLQVEGNKVSFKYQTNEDYENY
NANIIFTEKKNDSKGLVKGFTVEEQVTVVGLSFNVDVARCLDAVLKMILISMRDSIEEQQTFQLQNLSFGDIAPIIEDGD
SMIFGRPTIIKYTSSLDLDYTITQDINKLTFKERKDWK
;
G
4 'polypeptide(L)'
;MSIEKKEEVIAHNEVVFRSLTQGLYVKEVDIYSDVVSYTKDVDEALAMPNTINFKNSRKYKKLIMNLDLEPLNKIQKVIY
ETHLEGL
;
M,W
5 'polypeptide(L)'
;MAVEPFPRRPITRPHASIEVDTSGIGGSAGSSEKVFCLIGQAEGGEPNTVYELRNYSQAKRLFRSGELLDAIELAWGSNP
NYTAGRILAMRIEDAKPASAEIGGLKITSKIYGNVANNIQVGLEKNTLSDSLRLRVIFQDDRFNEVYDNIGNIFTIKYKG
EEANATFSVEHDEETQKASRLVLKVGDQEVKSYDLTGGAYDYTNAIITDINQLPDFEAKLSPFGDKNLESSKLDKIENAN
IKDKAVYVKAVFGDLEKQTAYNGIVSFEQLNAEGEVPSNVEVEAGEESATVTATSPIKTIEPFELTKLKGGTNGEPPATW
ADKLDKFAHEGGYYIVPLSSKQSVHAEVASFVKERSDAGEPMRAIVGGGFNESKEQLFGRQASLSNPRVSLVANSGTFVM
DDGRKNHVPAYMVAVALGGLASGLEIGESITFKPLRVSSLDQIYESIDLDELNENGIISIEFVRNRTNTFFRIVDDVTTF
NDKSDPVKAEMAVGEANDFLVSELKVQLEDQFIGTRTINTSASIIKDFIQSYLGRKKRDNEIQDFPAEDVQVIVEGNEAR
ISMTVYPIRSFKKISVSLVYKQQTLQA
;
N,V
6 'polypeptide(L)'
;MADEISLNPIQDAKPIDDIVDIMTYLKNGKVLRVKQDNQGDILVRMSPGKHKFTEVSRDLDKESFYYKRHWVLYNVSVNS
LITFDVYLDEEYSETTKVKYPKDTIVEYTREDQEKDVAMIKEILTDNNGNYFYALIGETMLFDENKLNKVKD
;
S,U
7 'polypeptide(L)'
;MVNSMFGGDLDPYEKSLNYEYPYHPSGNPKHIDVSEIDNLTLADYGWSPDAVKAYMFGIVVQNPDTGQPMGDEFYNHILE
RAVGKAERALDISILPDTQHEMRDYHETEFNSYMFVHAYRKPILQVENLQLQFNGRPIYKYPANWWKVEHLAGHVQLFPT
ALMQTGQSMSYDAVFNGYPQLAGVYPPSGATFAPQMIRLEYVSGMLPRKKAGRNKPWEMPPELEQLVIKYALKEIYQVWG
NLIIGAGIANKTLEVDGITETIGTTQSAMYGGASAQILQINEDIKELLDGLRAYFGYNMIGL
;
Z,Y
#
# COMPACT_ATOMS: atom_id res chain seq x y z
N GLU A 2 -72.57 41.89 -100.93
CA GLU A 2 -73.64 42.25 -101.86
C GLU A 2 -74.85 41.37 -101.64
N LYS A 3 -74.71 40.09 -101.94
CA LYS A 3 -75.81 39.16 -101.76
C LYS A 3 -76.09 38.98 -100.27
N PRO A 4 -77.33 38.69 -99.88
CA PRO A 4 -77.62 38.51 -98.45
C PRO A 4 -76.92 37.29 -97.90
N TYR A 5 -76.54 37.38 -96.62
CA TYR A 5 -75.90 36.27 -95.93
C TYR A 5 -76.99 35.34 -95.41
N MET A 6 -76.93 34.07 -95.82
CA MET A 6 -77.86 33.05 -95.38
C MET A 6 -77.09 31.88 -94.82
N ILE A 7 -77.73 31.17 -93.88
CA ILE A 7 -77.02 30.17 -93.08
C ILE A 7 -76.51 29.03 -93.97
N GLY A 8 -77.35 28.55 -94.88
CA GLY A 8 -76.99 27.42 -95.70
C GLY A 8 -77.24 26.11 -94.97
N ALA A 9 -76.85 25.02 -95.63
CA ALA A 9 -77.07 23.69 -95.10
C ALA A 9 -75.87 23.23 -94.27
N ASN A 10 -76.07 22.12 -93.56
CA ASN A 10 -75.02 21.57 -92.72
C ASN A 10 -73.94 20.91 -93.58
N SER A 11 -72.78 20.69 -92.98
CA SER A 11 -71.62 20.12 -93.66
C SER A 11 -70.95 18.99 -92.88
N ASN A 12 -71.23 18.83 -91.61
CA ASN A 12 -70.52 17.84 -90.80
C ASN A 12 -71.00 16.44 -91.14
N PRO A 13 -70.13 15.53 -91.60
CA PRO A 13 -70.57 14.16 -91.84
C PRO A 13 -70.63 13.35 -90.56
N ASN A 14 -71.38 12.26 -90.61
CA ASN A 14 -71.53 11.39 -89.46
C ASN A 14 -70.23 10.64 -89.20
N VAL A 15 -70.01 10.27 -87.94
CA VAL A 15 -68.88 9.44 -87.53
C VAL A 15 -69.40 8.42 -86.53
N ILE A 16 -68.90 7.18 -86.64
CA ILE A 16 -69.38 6.07 -85.84
C ILE A 16 -68.17 5.35 -85.24
N ASN A 17 -68.31 4.97 -83.97
CA ASN A 17 -67.29 4.21 -83.26
C ASN A 17 -66.01 5.03 -83.10
N LYS A 18 -66.17 6.26 -82.60
CA LYS A 18 -65.02 7.11 -82.32
C LYS A 18 -64.22 6.53 -81.16
N SER A 19 -62.91 6.41 -81.35
CA SER A 19 -62.04 5.90 -80.31
C SER A 19 -61.48 7.04 -79.49
N THR A 20 -61.33 6.81 -78.18
CA THR A 20 -60.80 7.84 -77.30
C THR A 20 -59.33 8.06 -77.60
N THR A 21 -58.82 9.20 -77.12
CA THR A 21 -57.43 9.58 -77.33
C THR A 21 -56.62 9.25 -76.09
N TYR A 22 -55.51 8.55 -76.29
CA TYR A 22 -54.55 8.25 -75.22
C TYR A 22 -53.30 9.09 -75.44
N THR A 23 -52.83 9.74 -74.37
CA THR A 23 -51.60 10.50 -74.44
C THR A 23 -50.43 9.57 -74.72
N THR A 24 -49.56 9.96 -75.64
CA THR A 24 -48.45 9.10 -76.03
C THR A 24 -47.25 9.36 -75.13
N THR A 25 -46.60 8.28 -74.71
CA THR A 25 -45.38 8.41 -73.94
C THR A 25 -44.22 8.79 -74.86
N THR A 26 -43.37 9.70 -74.40
CA THR A 26 -42.22 10.13 -75.17
C THR A 26 -41.22 10.80 -74.24
N GLN A 27 -39.94 10.54 -74.46
CA GLN A 27 -38.90 11.17 -73.66
C GLN A 27 -38.64 12.61 -74.06
N ALA A 28 -39.22 13.07 -75.16
CA ALA A 28 -38.96 14.42 -75.64
C ALA A 28 -39.59 15.46 -74.74
N ASP A 29 -39.11 16.69 -74.85
CA ASP A 29 -39.63 17.80 -74.07
C ASP A 29 -40.95 18.29 -74.63
N GLU A 30 -41.63 19.12 -73.85
CA GLU A 30 -42.89 19.73 -74.24
C GLU A 30 -42.99 21.09 -73.56
N GLN A 31 -44.13 21.75 -73.77
CA GLN A 31 -44.47 22.98 -73.08
C GLN A 31 -45.87 22.85 -72.51
N ASP A 32 -46.00 23.08 -71.22
CA ASP A 32 -47.29 22.94 -70.53
C ASP A 32 -48.08 24.23 -70.73
N LYS A 33 -49.24 24.12 -71.36
CA LYS A 33 -50.01 25.30 -71.70
C LYS A 33 -50.57 25.94 -70.43
N PRO A 34 -50.35 27.23 -70.19
CA PRO A 34 -50.71 27.81 -68.89
C PRO A 34 -52.10 28.39 -68.86
N LYS A 35 -52.53 28.73 -67.64
CA LYS A 35 -53.70 29.57 -67.39
C LYS A 35 -53.26 30.74 -66.53
N TYR A 36 -53.49 31.95 -67.02
CA TYR A 36 -53.14 33.17 -66.29
C TYR A 36 -54.39 33.68 -65.59
N THR A 37 -54.34 33.75 -64.27
CA THR A 37 -55.50 34.13 -63.47
C THR A 37 -55.03 34.55 -62.08
N THR A 38 -55.99 34.69 -61.18
CA THR A 38 -55.68 35.09 -59.81
C THR A 38 -54.89 34.00 -59.10
N ARG A 39 -54.21 34.40 -58.02
CA ARG A 39 -53.43 33.50 -57.19
C ARG A 39 -53.76 33.75 -55.73
N LEU A 40 -53.76 32.68 -54.94
CA LEU A 40 -54.04 32.76 -53.52
C LEU A 40 -52.78 32.57 -52.71
N GLU A 41 -52.63 33.37 -51.66
CA GLU A 41 -51.48 33.30 -50.77
C GLU A 41 -51.90 33.71 -49.36
N PHE A 42 -51.12 33.26 -48.38
CA PHE A 42 -51.32 33.73 -47.03
C PHE A 42 -50.84 35.17 -46.89
N ASP A 43 -51.18 35.79 -45.75
CA ASP A 43 -50.62 37.08 -45.37
C ASP A 43 -49.57 36.81 -44.29
N THR A 44 -48.36 36.51 -44.74
CA THR A 44 -47.31 36.06 -43.82
C THR A 44 -46.97 37.15 -42.80
N ILE A 45 -47.13 38.42 -43.18
CA ILE A 45 -46.88 39.50 -42.24
C ILE A 45 -47.88 39.42 -41.09
N ASP A 46 -49.14 39.16 -41.41
CA ASP A 46 -50.16 39.02 -40.37
C ASP A 46 -49.90 37.80 -39.50
N MET A 47 -49.39 36.72 -40.10
CA MET A 47 -49.11 35.52 -39.32
C MET A 47 -48.07 35.80 -38.24
N ILE A 48 -47.07 36.63 -38.56
CA ILE A 48 -46.05 36.99 -37.59
C ILE A 48 -46.70 37.67 -36.40
N ARG A 49 -47.64 38.58 -36.67
CA ARG A 49 -48.41 39.20 -35.60
C ARG A 49 -49.20 38.14 -34.84
N PHE A 50 -49.82 37.21 -35.56
CA PHE A 50 -50.63 36.18 -34.91
C PHE A 50 -49.80 35.35 -33.96
N ILE A 51 -48.61 34.94 -34.40
CA ILE A 51 -47.74 34.15 -33.54
C ILE A 51 -47.30 34.97 -32.32
N ASN A 52 -46.92 36.23 -32.56
CA ASN A 52 -46.53 37.09 -31.46
C ASN A 52 -47.71 37.37 -30.54
N ASP A 53 -48.93 37.36 -31.09
CA ASP A 53 -50.11 37.65 -30.29
C ASP A 53 -50.44 36.51 -29.35
N ARG A 54 -50.35 35.28 -29.85
CA ARG A 54 -50.76 34.11 -29.06
C ARG A 54 -49.62 33.53 -28.25
N GLY A 55 -48.38 33.78 -28.65
CA GLY A 55 -47.26 33.09 -28.06
C GLY A 55 -46.87 33.64 -26.70
N ILE A 56 -45.88 32.97 -26.12
CA ILE A 56 -45.31 33.34 -24.83
C ILE A 56 -43.82 33.58 -25.01
N LYS A 57 -43.30 34.61 -24.35
CA LYS A 57 -41.91 34.97 -24.48
C LYS A 57 -41.03 33.88 -23.89
N VAL A 58 -39.94 33.57 -24.59
CA VAL A 58 -39.14 32.39 -24.31
C VAL A 58 -37.71 32.64 -24.79
N LEU A 59 -36.77 31.99 -24.11
CA LEU A 59 -35.36 32.02 -24.50
C LEU A 59 -35.04 30.77 -25.30
N TRP A 60 -34.25 30.94 -26.36
CA TRP A 60 -33.95 29.88 -27.30
C TRP A 60 -32.44 29.76 -27.45
N GLU A 61 -31.92 28.56 -27.25
CA GLU A 61 -30.50 28.29 -27.36
C GLU A 61 -30.30 27.05 -28.22
N GLU A 62 -29.44 27.16 -29.22
CA GLU A 62 -29.16 26.03 -30.10
C GLU A 62 -28.24 25.04 -29.41
N ALA A 63 -28.16 23.83 -29.98
CA ALA A 63 -27.44 22.73 -29.39
C ALA A 63 -26.33 22.25 -30.32
N TYR A 64 -25.21 21.84 -29.74
CA TYR A 64 -24.11 21.27 -30.49
C TYR A 64 -23.29 20.38 -29.57
N PHE A 65 -22.76 19.30 -30.15
CA PHE A 65 -22.00 18.30 -29.40
C PHE A 65 -20.76 18.96 -28.80
N CYS A 66 -20.51 18.70 -27.53
CA CYS A 66 -19.40 19.33 -26.85
C CYS A 66 -18.08 18.75 -27.33
N PRO A 67 -17.01 19.54 -27.42
CA PRO A 67 -15.70 18.94 -27.74
C PRO A 67 -15.22 17.94 -26.73
N CYS A 68 -15.73 18.00 -25.49
CA CYS A 68 -15.22 17.14 -24.42
C CYS A 68 -15.49 15.67 -24.64
N LEU A 69 -16.23 15.30 -25.68
CA LEU A 69 -16.51 13.90 -25.94
C LEU A 69 -15.21 13.12 -26.10
N ASN A 70 -15.10 12.03 -25.34
CA ASN A 70 -13.92 11.19 -25.40
C ASN A 70 -13.82 10.54 -26.78
N PRO A 71 -12.73 10.73 -27.52
CA PRO A 71 -12.69 10.21 -28.90
C PRO A 71 -12.84 8.71 -29.00
N ASP A 72 -12.47 7.96 -27.96
CA ASP A 72 -12.43 6.50 -28.07
C ASP A 72 -13.75 5.87 -27.64
N THR A 73 -14.26 6.24 -26.45
CA THR A 73 -15.55 5.73 -26.01
C THR A 73 -16.71 6.46 -26.67
N GLY A 74 -16.47 7.60 -27.29
CA GLY A 74 -17.55 8.37 -27.86
C GLY A 74 -18.57 8.84 -26.84
N HIS A 75 -18.13 9.15 -25.63
CA HIS A 75 -19.01 9.59 -24.56
C HIS A 75 -18.32 10.67 -23.74
N PRO A 76 -19.08 11.51 -23.05
CA PRO A 76 -18.55 12.79 -22.58
C PRO A 76 -17.95 12.76 -21.19
N ARG A 77 -17.23 13.84 -20.89
CA ARG A 77 -16.70 14.08 -19.56
C ARG A 77 -17.85 14.37 -18.59
N VAL A 78 -17.64 14.04 -17.33
CA VAL A 78 -18.72 14.11 -16.35
C VAL A 78 -19.07 15.56 -16.03
N ASP A 79 -18.07 16.44 -16.02
CA ASP A 79 -18.29 17.82 -15.60
C ASP A 79 -17.30 18.72 -16.33
N CYS A 80 -17.79 19.54 -17.24
CA CYS A 80 -17.03 20.60 -17.86
C CYS A 80 -17.92 21.81 -17.98
N PRO A 81 -17.35 23.02 -18.08
CA PRO A 81 -18.19 24.23 -18.09
C PRO A 81 -19.21 24.24 -19.21
N ARG A 82 -18.86 23.76 -20.39
CA ARG A 82 -19.76 23.84 -21.53
C ARG A 82 -21.00 22.98 -21.31
N CYS A 83 -20.81 21.73 -20.87
CA CYS A 83 -21.93 20.85 -20.55
C CYS A 83 -21.64 20.17 -19.22
N HIS A 84 -22.61 20.19 -18.32
CA HIS A 84 -22.42 19.67 -16.97
C HIS A 84 -22.78 18.20 -16.89
N GLY A 85 -22.12 17.40 -17.72
CA GLY A 85 -22.33 15.97 -17.79
C GLY A 85 -23.14 15.51 -18.98
N LYS A 86 -24.06 16.34 -19.46
CA LYS A 86 -24.78 16.00 -20.67
C LYS A 86 -23.81 15.98 -21.84
N GLY A 87 -24.09 15.11 -22.80
CA GLY A 87 -23.19 14.99 -23.94
C GLY A 87 -23.30 16.09 -24.96
N ILE A 88 -24.13 17.11 -24.70
CA ILE A 88 -24.44 18.15 -25.67
C ILE A 88 -24.22 19.50 -25.03
N ALA A 89 -23.56 20.39 -25.75
CA ALA A 89 -23.38 21.77 -25.33
C ALA A 89 -24.47 22.65 -25.93
N TYR A 90 -24.45 23.92 -25.57
CA TYR A 90 -25.45 24.89 -26.04
C TYR A 90 -24.80 26.22 -26.35
N LEU A 91 -25.46 26.98 -27.21
CA LEU A 91 -24.98 28.29 -27.65
C LEU A 91 -25.55 29.38 -26.75
N PRO A 92 -25.14 30.63 -26.96
CA PRO A 92 -25.70 31.72 -26.17
C PRO A 92 -27.19 31.83 -26.43
N PRO A 93 -27.96 32.25 -25.43
CA PRO A 93 -29.41 32.30 -25.59
C PRO A 93 -29.83 33.35 -26.62
N LYS A 94 -30.96 33.09 -27.27
CA LYS A 94 -31.63 34.05 -28.13
C LYS A 94 -33.07 34.20 -27.66
N GLU A 95 -33.60 35.41 -27.77
CA GLU A 95 -34.95 35.70 -27.33
C GLU A 95 -35.93 35.53 -28.49
N THR A 96 -37.10 35.00 -28.17
CA THR A 96 -38.08 34.65 -29.18
C THR A 96 -39.45 34.55 -28.51
N ILE A 97 -40.50 34.70 -29.31
CA ILE A 97 -41.87 34.45 -28.89
C ILE A 97 -42.35 33.18 -29.58
N MET A 98 -43.03 32.34 -28.82
CA MET A 98 -43.42 31.02 -29.30
C MET A 98 -44.76 30.64 -28.70
N ALA A 99 -45.49 29.78 -29.41
CA ALA A 99 -46.76 29.27 -28.95
C ALA A 99 -46.59 27.81 -28.54
N ILE A 100 -47.29 27.42 -27.48
CA ILE A 100 -47.17 26.10 -26.88
C ILE A 100 -48.56 25.58 -26.55
N GLN A 101 -48.75 24.28 -26.70
CA GLN A 101 -50.04 23.64 -26.47
C GLN A 101 -49.83 22.33 -25.74
N SER A 102 -50.89 21.89 -25.04
CA SER A 102 -50.94 20.56 -24.45
C SER A 102 -49.76 20.29 -23.54
N GLN A 103 -49.35 21.28 -22.75
CA GLN A 103 -48.29 21.08 -21.78
C GLN A 103 -48.71 20.02 -20.78
N GLU A 104 -47.94 18.93 -20.73
CA GLU A 104 -48.32 17.73 -19.99
C GLU A 104 -47.17 17.31 -19.09
N LYS A 105 -47.49 16.99 -17.84
CA LYS A 105 -46.53 16.40 -16.91
C LYS A 105 -46.88 14.93 -16.70
N GLY A 106 -46.34 14.09 -17.58
CA GLY A 106 -46.50 12.66 -17.42
C GLY A 106 -45.48 12.14 -16.43
N THR A 107 -45.96 11.43 -15.42
CA THR A 107 -45.13 10.91 -14.34
C THR A 107 -45.19 9.40 -14.33
N ASN A 108 -44.02 8.77 -14.26
CA ASN A 108 -43.90 7.32 -14.22
C ASN A 108 -43.36 6.92 -12.85
N GLN A 109 -44.07 6.02 -12.17
CA GLN A 109 -43.64 5.47 -10.90
C GLN A 109 -42.94 4.15 -11.17
N LEU A 110 -41.67 4.06 -10.80
CA LEU A 110 -40.81 2.96 -11.23
C LEU A 110 -40.03 2.40 -10.06
N ASP A 111 -39.35 1.29 -10.32
CA ASP A 111 -38.45 0.71 -9.33
C ASP A 111 -37.34 1.70 -8.99
N ILE A 112 -36.79 2.37 -10.00
CA ILE A 112 -35.76 3.38 -9.79
C ILE A 112 -36.26 4.58 -9.02
N GLY A 113 -37.58 4.79 -8.96
CA GLY A 113 -38.17 5.94 -8.31
C GLY A 113 -39.26 6.54 -9.17
N ILE A 114 -39.60 7.79 -8.88
CA ILE A 114 -40.55 8.54 -9.68
C ILE A 114 -39.77 9.35 -10.70
N LEU A 115 -40.35 9.50 -11.89
CA LEU A 115 -39.68 10.21 -12.97
C LEU A 115 -40.71 10.93 -13.81
N ASP A 116 -40.33 12.10 -14.30
CA ASP A 116 -41.23 12.95 -15.08
C ASP A 116 -40.86 12.85 -16.55
N THR A 117 -41.83 12.45 -17.37
CA THR A 117 -41.70 12.46 -18.83
C THR A 117 -42.86 13.27 -19.39
N GLY A 118 -42.68 14.58 -19.40
CA GLY A 118 -43.68 15.47 -19.94
C GLY A 118 -43.58 15.60 -21.45
N THR A 119 -44.69 16.00 -22.07
CA THR A 119 -44.75 16.20 -23.50
C THR A 119 -45.55 17.45 -23.78
N ALA A 120 -45.17 18.16 -24.85
CA ALA A 120 -45.84 19.39 -25.22
C ALA A 120 -45.61 19.64 -26.70
N ILE A 121 -46.46 20.50 -27.27
CA ILE A 121 -46.43 20.82 -28.69
C ILE A 121 -46.22 22.31 -28.84
N GLY A 122 -45.30 22.70 -29.71
CA GLY A 122 -44.94 24.09 -29.91
C GLY A 122 -45.18 24.52 -31.34
N THR A 123 -45.48 25.81 -31.51
CA THR A 123 -45.61 26.41 -32.83
C THR A 123 -44.76 27.68 -32.85
N THR A 124 -43.92 27.81 -33.87
CA THR A 124 -42.84 28.78 -33.89
C THR A 124 -43.17 29.95 -34.83
N GLN A 125 -42.18 30.81 -35.00
CA GLN A 125 -42.29 31.93 -35.92
C GLN A 125 -41.80 31.53 -37.31
N LEU A 126 -41.84 32.50 -38.22
CA LEU A 126 -41.37 32.28 -39.58
C LEU A 126 -39.85 32.41 -39.65
N GLU A 127 -39.26 31.72 -40.63
CA GLU A 127 -37.85 31.82 -40.98
C GLU A 127 -36.91 31.28 -39.91
N LYS A 128 -37.43 30.56 -38.93
CA LYS A 128 -36.61 29.97 -37.88
C LYS A 128 -36.49 28.47 -38.11
N ARG A 129 -35.26 27.98 -38.15
CA ARG A 129 -34.96 26.57 -38.35
C ARG A 129 -34.48 26.00 -37.02
N ILE A 130 -35.19 25.02 -36.52
CA ILE A 130 -34.90 24.40 -35.23
C ILE A 130 -34.15 23.11 -35.46
N SER A 131 -33.35 22.70 -34.47
CA SER A 131 -32.51 21.52 -34.57
C SER A 131 -32.88 20.53 -33.48
N TYR A 132 -32.58 19.26 -33.76
CA TYR A 132 -32.86 18.19 -32.80
C TYR A 132 -32.10 18.43 -31.51
N ARG A 133 -32.80 18.24 -30.39
CA ARG A 133 -32.27 18.46 -29.05
C ARG A 133 -31.86 19.91 -28.81
N ASP A 134 -32.56 20.85 -29.43
CA ASP A 134 -32.48 22.24 -29.03
C ASP A 134 -33.19 22.41 -27.69
N ARG A 135 -33.06 23.58 -27.09
CA ARG A 135 -33.50 23.81 -25.72
C ARG A 135 -34.22 25.14 -25.60
N PHE A 136 -35.36 25.11 -24.89
CA PHE A 136 -36.14 26.30 -24.59
C PHE A 136 -36.36 26.36 -23.09
N THR A 137 -36.51 27.57 -22.57
CA THR A 137 -36.77 27.80 -21.16
C THR A 137 -37.71 28.99 -21.02
N VAL A 138 -38.69 28.85 -20.14
CA VAL A 138 -39.74 29.86 -19.95
C VAL A 138 -39.59 30.45 -18.55
N PRO A 139 -38.90 31.59 -18.40
CA PRO A 139 -38.70 32.13 -17.04
C PRO A 139 -39.99 32.46 -16.32
N GLU A 140 -41.00 32.94 -17.04
CA GLU A 140 -42.23 33.45 -16.44
C GLU A 140 -43.00 32.35 -15.73
N VAL A 141 -43.00 31.15 -16.30
CA VAL A 141 -43.79 30.03 -15.78
C VAL A 141 -42.98 29.30 -14.73
N LEU A 142 -43.63 28.99 -13.61
CA LEU A 142 -43.01 28.27 -12.51
C LEU A 142 -43.70 26.92 -12.34
N MET A 143 -42.91 25.91 -11.97
CA MET A 143 -43.40 24.55 -11.80
C MET A 143 -43.12 24.08 -10.39
N PRO A 144 -44.10 23.52 -9.67
CA PRO A 144 -43.84 23.05 -8.32
C PRO A 144 -43.27 21.64 -8.29
N GLN A 145 -42.42 21.40 -7.30
CA GLN A 145 -41.86 20.08 -7.06
C GLN A 145 -41.67 19.89 -5.56
N GLN A 146 -41.53 18.64 -5.17
CA GLN A 146 -41.24 18.26 -3.79
C GLN A 146 -40.05 17.32 -3.76
N MET A 147 -39.28 17.39 -2.69
CA MET A 147 -38.07 16.59 -2.57
C MET A 147 -37.73 16.42 -1.10
N ILE A 148 -36.94 15.39 -0.81
CA ILE A 148 -36.50 15.09 0.54
C ILE A 148 -35.04 14.67 0.47
N TYR A 149 -34.24 15.15 1.42
CA TYR A 149 -32.83 14.82 1.52
C TYR A 149 -32.49 14.48 2.96
N PHE A 150 -31.51 13.59 3.11
CA PHE A 150 -31.02 13.18 4.43
C PHE A 150 -29.68 13.85 4.68
N VAL A 151 -29.51 14.39 5.88
CA VAL A 151 -28.33 15.15 6.23
C VAL A 151 -27.38 14.27 7.02
N ASN A 152 -26.08 14.48 6.80
CA ASN A 152 -25.04 13.78 7.53
C ASN A 152 -23.93 14.76 7.86
N LYS A 153 -22.93 14.25 8.58
CA LYS A 153 -21.86 15.13 9.06
C LYS A 153 -21.05 15.73 7.92
N ASP A 154 -21.10 15.13 6.73
CA ASP A 154 -20.33 15.61 5.59
C ASP A 154 -21.14 16.54 4.70
N ARG A 155 -22.39 16.17 4.40
CA ARG A 155 -23.23 17.00 3.56
C ARG A 155 -23.45 18.38 4.19
N ILE A 156 -23.43 18.45 5.51
CA ILE A 156 -23.69 19.71 6.21
C ILE A 156 -22.62 20.73 5.87
N LYS A 157 -21.39 20.27 5.68
CA LYS A 157 -20.29 21.19 5.38
C LYS A 157 -20.19 21.48 3.89
N LYS A 158 -20.25 20.43 3.07
CA LYS A 158 -20.16 20.61 1.63
C LYS A 158 -21.32 21.44 1.10
N GLY A 159 -22.52 21.17 1.58
CA GLY A 159 -23.73 21.75 1.03
C GLY A 159 -24.48 20.73 0.20
N ILE A 160 -25.80 20.67 0.35
CA ILE A 160 -26.60 19.65 -0.30
C ILE A 160 -26.64 19.89 -1.80
N PRO A 161 -26.33 18.90 -2.65
CA PRO A 161 -26.51 19.08 -4.10
C PRO A 161 -27.95 18.82 -4.51
N LEU A 162 -28.63 19.85 -5.00
CA LEU A 162 -30.03 19.74 -5.34
C LEU A 162 -30.20 19.09 -6.72
N TYR A 163 -31.16 18.15 -6.80
CA TYR A 163 -31.51 17.56 -8.07
C TYR A 163 -32.04 18.62 -9.03
N TYR A 164 -33.17 19.22 -8.68
CA TYR A 164 -33.77 20.26 -9.51
C TYR A 164 -32.96 21.54 -9.43
N ASP A 165 -33.39 22.54 -10.19
CA ASP A 165 -32.92 23.90 -10.00
C ASP A 165 -33.79 24.60 -8.96
N VAL A 166 -33.56 25.89 -8.77
CA VAL A 166 -34.32 26.66 -7.79
C VAL A 166 -34.59 28.05 -8.35
N LYS A 167 -35.80 28.54 -8.10
CA LYS A 167 -36.15 29.94 -8.26
C LYS A 167 -36.49 30.57 -6.91
N GLU A 168 -37.26 29.85 -6.10
CA GLU A 168 -37.57 30.27 -4.75
C GLU A 168 -38.08 29.06 -3.97
N ILE A 169 -38.06 29.15 -2.65
CA ILE A 169 -38.51 28.09 -1.79
C ILE A 169 -39.86 28.47 -1.20
N THR A 170 -40.67 27.44 -0.91
CA THR A 170 -42.03 27.62 -0.41
C THR A 170 -42.20 27.10 1.01
N TYR A 171 -41.75 25.88 1.28
CA TYR A 171 -41.97 25.25 2.57
C TYR A 171 -40.80 24.34 2.87
N ILE A 172 -40.31 24.41 4.11
CA ILE A 172 -39.21 23.58 4.60
C ILE A 172 -39.66 22.98 5.92
N ALA A 173 -39.31 21.72 6.16
CA ALA A 173 -39.64 21.06 7.40
C ALA A 173 -38.69 19.90 7.65
N THR A 174 -38.62 19.49 8.91
CA THR A 174 -37.87 18.33 9.34
C THR A 174 -38.58 17.71 10.52
N GLN A 175 -37.91 16.81 11.22
CA GLN A 175 -38.51 16.20 12.40
C GLN A 175 -38.80 17.24 13.46
N ASP A 176 -37.92 18.24 13.59
CA ASP A 176 -38.09 19.33 14.55
C ASP A 176 -39.16 20.33 14.13
N GLY A 177 -39.78 20.14 12.98
CA GLY A 177 -40.79 21.06 12.49
C GLY A 177 -40.28 21.90 11.34
N THR A 178 -40.90 23.07 11.15
CA THR A 178 -40.49 23.95 10.08
C THR A 178 -39.08 24.50 10.34
N VAL A 179 -38.60 25.27 9.38
CA VAL A 179 -37.31 25.93 9.46
C VAL A 179 -37.49 27.39 9.06
N TYR A 180 -36.60 28.25 9.54
CA TYR A 180 -36.69 29.68 9.32
C TYR A 180 -35.48 30.17 8.54
N GLU A 181 -35.62 31.37 7.97
CA GLU A 181 -34.59 31.90 7.08
C GLU A 181 -33.25 32.09 7.79
N GLU A 182 -33.26 32.17 9.12
CA GLU A 182 -32.04 32.46 9.86
C GLU A 182 -31.09 31.27 9.93
N ASP A 183 -31.55 30.08 9.53
CA ASP A 183 -30.77 28.86 9.72
C ASP A 183 -30.29 28.22 8.42
N TYR A 184 -30.92 28.53 7.29
CA TYR A 184 -30.60 27.91 6.02
C TYR A 184 -30.29 28.98 4.97
N GLU A 185 -29.41 28.63 4.05
CA GLU A 185 -29.05 29.50 2.94
C GLU A 185 -28.72 28.65 1.73
N ILE A 186 -28.88 29.24 0.54
CA ILE A 186 -28.65 28.56 -0.72
C ILE A 186 -27.70 29.39 -1.56
N LYS A 187 -26.68 28.75 -2.13
CA LYS A 187 -25.73 29.40 -3.00
C LYS A 187 -25.41 28.46 -4.15
N ASN A 188 -25.54 28.96 -5.38
CA ASN A 188 -25.18 28.19 -6.58
C ASN A 188 -25.91 26.86 -6.63
N ASN A 189 -27.21 26.90 -6.29
CA ASN A 189 -28.09 25.73 -6.41
C ASN A 189 -27.68 24.59 -5.48
N ARG A 190 -27.02 24.90 -4.37
CA ARG A 190 -26.77 23.94 -3.32
C ARG A 190 -27.11 24.57 -1.98
N LEU A 191 -27.50 23.73 -1.03
CA LEU A 191 -28.14 24.17 0.21
C LEU A 191 -27.19 23.95 1.37
N TYR A 192 -27.06 24.96 2.23
CA TYR A 192 -26.25 24.88 3.45
C TYR A 192 -27.16 24.98 4.66
N LEU A 193 -26.80 24.27 5.72
CA LEU A 193 -27.56 24.27 6.95
C LEU A 193 -26.61 24.39 8.14
N ASN A 194 -27.16 24.83 9.26
CA ASN A 194 -26.38 24.93 10.48
C ASN A 194 -26.28 23.57 11.18
N GLU A 195 -25.46 23.53 12.23
CA GLU A 195 -25.15 22.27 12.87
C GLU A 195 -26.33 21.68 13.62
N LYS A 196 -27.41 22.46 13.81
CA LYS A 196 -28.54 21.97 14.57
C LYS A 196 -29.18 20.75 13.92
N TYR A 197 -29.04 20.62 12.60
CA TYR A 197 -29.65 19.56 11.83
C TYR A 197 -28.60 18.58 11.29
N GLU A 198 -27.62 18.26 12.13
CA GLU A 198 -26.52 17.39 11.70
C GLU A 198 -27.05 16.05 11.21
N ASN A 199 -27.91 15.42 12.00
CA ASN A 199 -28.49 14.12 11.66
C ASN A 199 -30.00 14.27 11.65
N HIS A 200 -30.54 14.63 10.49
CA HIS A 200 -31.96 14.89 10.32
C HIS A 200 -32.33 14.68 8.86
N THR A 201 -33.63 14.52 8.63
CA THR A 201 -34.17 14.44 7.27
C THR A 201 -34.95 15.70 6.98
N VAL A 202 -34.56 16.40 5.94
CA VAL A 202 -35.16 17.68 5.55
C VAL A 202 -36.00 17.46 4.31
N THR A 203 -37.21 18.01 4.31
CA THR A 203 -38.15 17.88 3.21
C THR A 203 -38.58 19.27 2.78
N LEU A 204 -38.80 19.44 1.47
CA LEU A 204 -39.01 20.76 0.90
C LEU A 204 -40.10 20.71 -0.17
N LYS A 205 -40.72 21.87 -0.39
CA LYS A 205 -41.53 22.13 -1.56
C LYS A 205 -40.97 23.36 -2.25
N ILE A 206 -40.84 23.27 -3.57
CA ILE A 206 -40.02 24.21 -4.34
C ILE A 206 -40.74 24.58 -5.61
N LEU A 207 -40.42 25.77 -6.13
CA LEU A 207 -40.85 26.22 -7.45
C LEU A 207 -39.63 26.36 -8.34
N MET A 208 -39.76 25.89 -9.58
CA MET A 208 -38.68 25.94 -10.55
C MET A 208 -39.23 26.44 -11.88
N THR A 209 -38.33 27.04 -12.67
CA THR A 209 -38.70 27.56 -13.97
C THR A 209 -38.87 26.41 -14.96
N LEU A 210 -39.74 26.65 -15.95
CA LEU A 210 -40.11 25.64 -16.92
C LEU A 210 -39.04 25.56 -18.00
N ARG A 211 -38.80 24.34 -18.48
CA ARG A 211 -37.80 24.10 -19.50
C ARG A 211 -38.22 22.97 -20.41
N TYR A 212 -37.89 23.08 -21.69
CA TYR A 212 -38.22 22.09 -22.69
C TYR A 212 -37.02 21.85 -23.59
N VAL A 213 -36.96 20.65 -24.16
CA VAL A 213 -36.00 20.31 -25.19
C VAL A 213 -36.74 19.65 -26.33
N VAL A 214 -36.12 19.66 -27.50
CA VAL A 214 -36.76 19.18 -28.72
C VAL A 214 -36.41 17.70 -28.88
N SER A 215 -37.44 16.86 -28.89
CA SER A 215 -37.27 15.42 -29.07
C SER A 215 -37.50 15.01 -30.52
N ASP A 216 -38.51 15.57 -31.16
CA ASP A 216 -38.77 15.32 -32.56
C ASP A 216 -39.37 16.57 -33.18
N ILE A 217 -39.20 16.69 -34.50
CA ILE A 217 -39.77 17.80 -35.26
C ILE A 217 -40.93 17.25 -36.07
N LEU A 218 -42.09 17.84 -35.90
CA LEU A 218 -43.32 17.40 -36.54
C LEU A 218 -43.79 18.49 -37.49
N LYS A 219 -44.22 18.09 -38.68
CA LYS A 219 -44.60 19.03 -39.74
C LYS A 219 -43.53 20.11 -39.87
N GLU A 220 -42.34 19.66 -40.27
CA GLU A 220 -41.13 20.46 -40.18
C GLU A 220 -41.23 21.74 -41.02
N SER A 221 -41.31 21.59 -42.33
CA SER A 221 -41.17 22.70 -43.26
C SER A 221 -42.47 22.91 -44.01
N ARG A 222 -42.96 24.15 -44.02
CA ARG A 222 -44.12 24.56 -44.80
C ARG A 222 -43.74 25.82 -45.54
N TYR A 223 -44.23 25.95 -46.78
CA TYR A 223 -43.66 26.86 -47.76
C TYR A 223 -44.75 27.72 -48.39
N GLN A 224 -44.31 28.79 -49.05
CA GLN A 224 -45.20 29.64 -49.84
C GLN A 224 -44.36 30.52 -50.75
N TYR A 225 -44.75 30.58 -52.03
CA TYR A 225 -44.15 31.48 -53.00
C TYR A 225 -44.95 32.78 -52.96
N THR A 226 -44.59 33.68 -52.06
CA THR A 226 -45.28 34.95 -51.94
C THR A 226 -44.84 35.86 -53.09
N LYS A 227 -45.82 36.35 -53.84
CA LYS A 227 -45.56 37.17 -55.03
C LYS A 227 -46.38 38.44 -55.06
N PHE A 228 -47.57 38.43 -54.46
CA PHE A 228 -48.44 39.59 -54.49
C PHE A 228 -47.78 40.79 -53.82
N ASN A 229 -47.85 41.94 -54.50
CA ASN A 229 -47.30 43.19 -53.97
C ASN A 229 -45.83 43.04 -53.60
N GLN A 230 -45.09 42.40 -54.50
CA GLN A 230 -43.65 42.24 -54.37
C GLN A 230 -42.97 42.62 -55.67
N PRO A 231 -41.73 43.12 -55.61
CA PRO A 231 -40.99 43.32 -56.87
C PRO A 231 -40.82 42.03 -57.65
N LYS A 232 -40.66 40.91 -56.96
CA LYS A 232 -40.50 39.62 -57.59
C LYS A 232 -40.90 38.54 -56.61
N SER A 233 -40.88 37.30 -57.08
CA SER A 233 -41.26 36.17 -56.24
C SER A 233 -40.29 36.03 -55.08
N LYS A 234 -40.81 35.62 -53.93
CA LYS A 234 -40.01 35.39 -52.73
C LYS A 234 -40.44 34.09 -52.07
N PHE A 235 -39.49 33.43 -51.42
CA PHE A 235 -39.74 32.19 -50.69
C PHE A 235 -39.67 32.47 -49.20
N GLU A 236 -40.65 31.96 -48.46
CA GLU A 236 -40.75 32.17 -47.03
C GLU A 236 -41.08 30.86 -46.34
N ASN A 237 -40.51 30.66 -45.15
CA ASN A 237 -40.71 29.44 -44.38
C ASN A 237 -41.77 29.69 -43.33
N LEU A 238 -42.85 28.92 -43.39
CA LEU A 238 -43.95 29.04 -42.45
C LEU A 238 -43.63 28.28 -41.17
N PRO A 239 -44.40 28.50 -40.11
CA PRO A 239 -44.04 27.96 -38.80
C PRO A 239 -43.85 26.44 -38.79
N GLN A 240 -42.85 26.01 -38.04
CA GLN A 240 -42.69 24.59 -37.76
C GLN A 240 -43.49 24.21 -36.52
N LYS A 241 -43.74 22.92 -36.36
CA LYS A 241 -44.33 22.40 -35.14
C LYS A 241 -43.31 21.50 -34.45
N LEU A 242 -43.19 21.66 -33.13
CA LEU A 242 -42.19 20.96 -32.35
C LEU A 242 -42.85 20.07 -31.30
N LEU A 243 -42.29 18.88 -31.11
CA LEU A 243 -42.69 17.97 -30.06
C LEU A 243 -41.62 18.01 -28.98
N LEU A 244 -41.98 18.53 -27.81
CA LEU A 244 -41.03 18.82 -26.75
C LEU A 244 -41.15 17.82 -25.61
N LYS A 245 -40.09 17.74 -24.81
CA LYS A 245 -40.06 16.93 -23.61
C LYS A 245 -39.43 17.73 -22.48
N ARG A 246 -39.94 17.53 -21.27
CA ARG A 246 -39.45 18.26 -20.12
C ARG A 246 -38.11 17.70 -19.65
N GLU A 247 -37.32 18.55 -19.00
CA GLU A 247 -36.00 18.18 -18.50
C GLU A 247 -36.13 17.87 -17.01
N ASP A 248 -36.13 16.57 -16.68
CA ASP A 248 -36.18 16.12 -15.30
C ASP A 248 -35.02 15.19 -14.95
N VAL A 249 -34.65 14.29 -15.87
CA VAL A 249 -33.57 13.35 -15.58
C VAL A 249 -32.22 14.07 -15.54
N ILE A 250 -32.00 15.02 -16.44
CA ILE A 250 -30.83 15.90 -16.38
C ILE A 250 -31.34 17.33 -16.43
N VAL A 251 -30.75 18.19 -15.58
CA VAL A 251 -31.19 19.57 -15.45
C VAL A 251 -29.94 20.45 -15.53
N LEU A 252 -30.02 21.50 -16.35
CA LEU A 252 -29.00 22.52 -16.43
C LEU A 252 -29.61 23.87 -16.04
N GLN A 253 -28.78 24.73 -15.47
CA GLN A 253 -29.26 26.02 -14.99
C GLN A 253 -29.72 26.88 -16.16
N ASP A 254 -30.43 27.94 -15.83
CA ASP A 254 -30.93 28.85 -16.85
C ASP A 254 -29.74 29.52 -17.55
N PRO A 255 -29.87 29.81 -18.84
CA PRO A 255 -28.73 30.37 -19.58
C PRO A 255 -28.37 31.76 -19.08
N TYR A 256 -27.07 32.07 -19.18
CA TYR A 256 -26.58 33.40 -18.83
C TYR A 256 -26.87 34.34 -20.00
N LYS A 257 -27.87 35.19 -19.82
CA LYS A 257 -28.24 36.16 -20.85
C LYS A 257 -27.49 37.46 -20.59
N VAL A 258 -27.03 38.09 -21.68
CA VAL A 258 -26.37 39.38 -21.56
C VAL A 258 -27.43 40.42 -21.23
N ASN A 259 -27.21 41.16 -20.14
CA ASN A 259 -28.18 42.14 -19.70
C ASN A 259 -27.94 43.48 -20.39
N ASP A 260 -29.00 44.28 -20.47
CA ASP A 260 -28.93 45.63 -21.00
C ASP A 260 -29.11 46.63 -19.86
N GLY A 261 -28.39 47.74 -19.94
CA GLY A 261 -28.42 48.72 -18.87
C GLY A 261 -29.67 49.56 -18.84
N ILE A 262 -30.56 49.42 -19.83
CA ILE A 262 -31.76 50.23 -19.89
C ILE A 262 -32.64 49.89 -18.70
N GLU A 263 -33.04 50.92 -17.95
CA GLU A 263 -33.96 50.71 -16.84
C GLU A 263 -35.36 50.44 -17.36
N GLU A 264 -36.01 49.43 -16.78
CA GLU A 264 -37.36 49.08 -17.19
C GLU A 264 -38.36 50.07 -16.61
N ASP A 265 -39.48 50.25 -17.31
CA ASP A 265 -40.55 51.15 -16.88
C ASP A 265 -40.01 52.56 -16.68
N LEU A 266 -39.23 53.03 -17.65
CA LEU A 266 -38.57 54.32 -17.58
C LEU A 266 -39.48 55.41 -18.11
N GLU A 267 -39.52 56.55 -17.41
CA GLU A 267 -40.29 57.71 -17.82
C GLU A 267 -39.35 58.71 -18.50
N ILE A 268 -39.85 59.38 -19.53
CA ILE A 268 -39.04 60.21 -20.41
C ILE A 268 -39.73 61.55 -20.62
N GLN A 269 -38.94 62.62 -20.68
CA GLN A 269 -39.41 63.92 -21.12
C GLN A 269 -38.23 64.84 -21.40
N ALA B 2 -26.26 -9.81 11.39
CA ALA B 2 -26.05 -10.63 12.58
C ALA B 2 -25.19 -11.84 12.26
N SER B 3 -24.47 -12.34 13.26
CA SER B 3 -23.56 -13.47 13.05
C SER B 3 -23.42 -14.24 14.36
N GLU B 4 -24.18 -15.33 14.48
CA GLU B 4 -24.08 -16.21 15.63
C GLU B 4 -23.07 -17.31 15.31
N ALA B 5 -21.96 -17.32 16.06
CA ALA B 5 -20.87 -18.23 15.74
C ALA B 5 -21.21 -19.67 16.09
N LYS B 6 -22.29 -19.90 16.84
CA LYS B 6 -22.60 -21.24 17.32
C LYS B 6 -22.98 -22.20 16.20
N GLN B 7 -23.26 -21.70 15.00
CA GLN B 7 -23.70 -22.51 13.89
C GLN B 7 -22.83 -22.39 12.65
N THR B 8 -21.71 -21.68 12.72
CA THR B 8 -20.91 -21.43 11.53
C THR B 8 -20.21 -22.70 11.08
N VAL B 9 -19.90 -22.75 9.78
CA VAL B 9 -19.20 -23.88 9.17
C VAL B 9 -18.08 -23.35 8.31
N HIS B 10 -17.14 -24.24 7.97
CA HIS B 10 -16.03 -23.87 7.12
C HIS B 10 -16.41 -24.00 5.66
N THR B 11 -15.81 -23.15 4.82
CA THR B 11 -16.02 -23.18 3.39
C THR B 11 -14.72 -22.81 2.69
N GLY B 12 -14.78 -22.73 1.36
CA GLY B 12 -13.59 -22.43 0.60
C GLY B 12 -13.09 -21.00 0.81
N ASN B 13 -13.96 -20.12 1.28
CA ASN B 13 -13.61 -18.72 1.47
C ASN B 13 -13.09 -18.43 2.87
N THR B 14 -13.07 -19.42 3.75
CA THR B 14 -12.60 -19.25 5.12
C THR B 14 -11.42 -20.13 5.46
N VAL B 15 -10.69 -20.61 4.45
CA VAL B 15 -9.60 -21.56 4.64
C VAL B 15 -8.41 -21.13 3.78
N LEU B 16 -7.21 -21.38 4.29
CA LEU B 16 -5.97 -21.15 3.57
C LEU B 16 -5.11 -22.40 3.64
N LEU B 17 -4.43 -22.69 2.54
CA LEU B 17 -3.49 -23.80 2.46
C LEU B 17 -2.08 -23.23 2.43
N MET B 18 -1.27 -23.58 3.41
CA MET B 18 0.02 -22.94 3.63
C MET B 18 1.11 -23.98 3.73
N ILE B 19 2.25 -23.70 3.09
CA ILE B 19 3.43 -24.54 3.13
C ILE B 19 4.63 -23.66 3.45
N LYS B 20 5.34 -23.98 4.53
CA LYS B 20 6.54 -23.24 4.92
C LYS B 20 6.25 -21.76 5.09
N GLY B 21 5.03 -21.43 5.52
CA GLY B 21 4.58 -20.06 5.61
C GLY B 21 4.05 -19.49 4.32
N LYS B 22 4.45 -20.03 3.18
CA LYS B 22 4.01 -19.52 1.89
C LYS B 22 2.58 -20.00 1.60
N PRO B 23 1.62 -19.11 1.36
CA PRO B 23 0.31 -19.57 0.90
C PRO B 23 0.36 -20.00 -0.56
N VAL B 24 0.06 -21.27 -0.81
CA VAL B 24 0.03 -21.77 -2.18
C VAL B 24 -1.11 -21.10 -2.93
N GLY B 25 -0.83 -20.64 -4.14
CA GLY B 25 -1.81 -19.85 -4.86
C GLY B 25 -2.63 -20.69 -5.82
N ARG B 26 -3.88 -20.27 -6.01
CA ARG B 26 -4.81 -20.88 -6.95
C ARG B 26 -4.97 -22.37 -6.68
N ALA B 27 -4.96 -22.73 -5.41
CA ALA B 27 -5.23 -24.11 -5.00
C ALA B 27 -6.73 -24.34 -5.00
N GLN B 28 -7.14 -25.48 -5.52
CA GLN B 28 -8.55 -25.75 -5.79
C GLN B 28 -9.19 -26.68 -4.77
N SER B 29 -8.57 -27.82 -4.48
CA SER B 29 -9.18 -28.79 -3.60
C SER B 29 -8.10 -29.60 -2.90
N ALA B 30 -8.49 -30.24 -1.81
CA ALA B 30 -7.63 -31.15 -1.07
C ALA B 30 -8.49 -32.14 -0.30
N SER B 31 -8.03 -33.39 -0.26
CA SER B 31 -8.73 -34.46 0.42
C SER B 31 -7.76 -35.19 1.34
N GLY B 32 -8.26 -35.61 2.50
CA GLY B 32 -7.45 -36.32 3.47
C GLY B 32 -8.08 -37.65 3.87
N GLN B 33 -7.25 -38.69 3.94
CA GLN B 33 -7.69 -40.04 4.24
C GLN B 33 -6.86 -40.60 5.38
N ARG B 34 -7.51 -41.39 6.23
CA ARG B 34 -6.84 -42.07 7.34
C ARG B 34 -7.47 -43.44 7.53
N GLU B 35 -6.63 -44.45 7.72
CA GLU B 35 -7.06 -45.83 7.91
C GLU B 35 -6.38 -46.39 9.14
N TYR B 36 -7.19 -46.74 10.14
CA TYR B 36 -6.69 -47.37 11.36
C TYR B 36 -6.59 -48.88 11.24
N GLY B 37 -7.11 -49.47 10.18
CA GLY B 37 -7.00 -50.90 9.98
C GLY B 37 -7.64 -51.72 11.08
N THR B 38 -8.83 -51.31 11.53
CA THR B 38 -9.52 -52.05 12.57
C THR B 38 -9.84 -53.46 12.09
N THR B 39 -9.67 -54.41 13.00
CA THR B 39 -9.99 -55.81 12.73
C THR B 39 -10.67 -56.40 13.96
N GLY B 40 -11.58 -57.32 13.72
CA GLY B 40 -12.30 -57.96 14.81
C GLY B 40 -11.63 -59.24 15.25
N VAL B 41 -12.04 -59.72 16.42
CA VAL B 41 -11.57 -60.98 16.97
C VAL B 41 -12.76 -61.91 17.10
N TYR B 42 -12.68 -63.07 16.47
CA TYR B 42 -13.77 -64.04 16.45
C TYR B 42 -13.35 -65.30 17.17
N GLU B 43 -14.10 -65.64 18.23
CA GLU B 43 -13.91 -66.89 18.93
C GLU B 43 -14.62 -68.02 18.21
N ILE B 44 -14.38 -69.24 18.69
CA ILE B 44 -15.06 -70.40 18.15
C ILE B 44 -16.55 -70.34 18.49
N GLY B 45 -16.86 -70.04 19.75
CA GLY B 45 -18.23 -70.07 20.22
C GLY B 45 -18.96 -68.75 20.05
N SER B 46 -18.75 -68.07 18.92
CA SER B 46 -19.46 -66.83 18.66
C SER B 46 -19.26 -66.42 17.21
N ILE B 47 -20.37 -66.11 16.54
CA ILE B 47 -20.29 -65.45 15.24
C ILE B 47 -19.99 -63.97 15.38
N MET B 48 -20.34 -63.38 16.51
CA MET B 48 -20.16 -61.95 16.72
C MET B 48 -18.70 -61.64 16.98
N PRO B 49 -18.22 -60.46 16.58
CA PRO B 49 -16.86 -60.06 16.94
C PRO B 49 -16.80 -59.64 18.40
N GLN B 50 -15.99 -60.34 19.18
CA GLN B 50 -15.90 -60.03 20.60
C GLN B 50 -15.35 -58.63 20.83
N GLU B 51 -14.40 -58.20 20.01
CA GLU B 51 -13.83 -56.87 20.17
C GLU B 51 -13.09 -56.49 18.89
N HIS B 52 -12.82 -55.19 18.77
CA HIS B 52 -12.05 -54.63 17.66
C HIS B 52 -10.73 -54.08 18.18
N VAL B 53 -9.71 -54.09 17.33
CA VAL B 53 -8.37 -53.64 17.70
C VAL B 53 -7.77 -52.85 16.54
N TYR B 54 -7.05 -51.78 16.89
CA TYR B 54 -6.32 -51.01 15.91
C TYR B 54 -4.98 -51.66 15.61
N LEU B 55 -4.61 -51.66 14.32
CA LEU B 55 -3.41 -52.38 13.87
C LEU B 55 -2.45 -51.55 13.05
N ARG B 56 -2.92 -50.64 12.20
CA ARG B 56 -2.05 -50.03 11.20
C ARG B 56 -2.61 -48.68 10.81
N TYR B 57 -1.75 -47.66 10.77
CA TYR B 57 -2.14 -46.30 10.47
C TYR B 57 -1.59 -45.92 9.09
N GLU B 58 -2.49 -45.72 8.14
CA GLU B 58 -2.13 -45.26 6.81
C GLU B 58 -2.92 -44.01 6.49
N GLY B 59 -2.25 -43.00 5.97
CA GLY B 59 -2.88 -41.73 5.69
C GLY B 59 -2.27 -41.05 4.49
N THR B 60 -3.12 -40.47 3.65
CA THR B 60 -2.68 -39.76 2.46
C THR B 60 -3.48 -38.47 2.32
N ILE B 61 -2.87 -37.47 1.72
CA ILE B 61 -3.52 -36.21 1.43
C ILE B 61 -3.23 -35.85 -0.02
N THR B 62 -4.26 -35.39 -0.72
CA THR B 62 -4.16 -34.98 -2.12
C THR B 62 -4.37 -33.47 -2.21
N VAL B 63 -3.75 -32.86 -3.22
CA VAL B 63 -3.88 -31.44 -3.47
C VAL B 63 -4.04 -31.24 -4.97
N GLU B 64 -5.03 -30.42 -5.35
CA GLU B 64 -5.26 -30.04 -6.72
C GLU B 64 -4.97 -28.56 -6.89
N ARG B 65 -4.29 -28.21 -7.97
CA ARG B 65 -3.83 -26.84 -8.17
C ARG B 65 -3.86 -26.51 -9.65
N LEU B 66 -3.94 -25.22 -9.94
CA LEU B 66 -3.79 -24.70 -11.29
C LEU B 66 -2.36 -24.21 -11.46
N ARG B 67 -1.68 -24.68 -12.49
CA ARG B 67 -0.25 -24.41 -12.63
C ARG B 67 -0.04 -22.94 -12.95
N MET B 68 0.38 -22.18 -11.94
CA MET B 68 0.80 -20.81 -12.18
C MET B 68 2.10 -20.81 -12.97
N LYS B 69 2.32 -19.75 -13.75
CA LYS B 69 3.55 -19.66 -14.52
C LYS B 69 4.77 -19.57 -13.62
N LYS B 70 4.59 -19.11 -12.40
CA LYS B 70 5.65 -19.05 -11.40
C LYS B 70 5.19 -19.74 -10.13
N GLU B 71 6.16 -20.22 -9.36
CA GLU B 71 5.92 -20.82 -8.05
C GLU B 71 5.06 -22.07 -8.16
N ASN B 72 5.16 -22.79 -9.27
CA ASN B 72 4.57 -24.11 -9.35
C ASN B 72 5.31 -25.07 -8.42
N PHE B 73 4.66 -26.21 -8.14
CA PHE B 73 5.24 -27.14 -7.18
C PHE B 73 6.63 -27.61 -7.60
N ALA B 74 6.90 -27.68 -8.90
CA ALA B 74 8.23 -28.06 -9.36
C ALA B 74 9.22 -26.93 -9.12
N ASP B 75 8.83 -25.70 -9.43
CA ASP B 75 9.72 -24.56 -9.21
C ASP B 75 9.97 -24.31 -7.73
N LEU B 76 8.95 -24.52 -6.90
CA LEU B 76 9.10 -24.28 -5.46
C LEU B 76 10.06 -25.27 -4.81
N GLY B 77 10.37 -26.38 -5.48
CA GLY B 77 11.21 -27.40 -4.88
C GLY B 77 10.47 -28.37 -3.99
N TYR B 78 9.17 -28.19 -3.81
CA TYR B 78 8.41 -29.10 -2.95
C TYR B 78 8.23 -30.45 -3.64
N ALA B 79 7.92 -30.44 -4.93
CA ALA B 79 7.80 -31.65 -5.71
C ALA B 79 9.17 -32.03 -6.26
N SER B 80 9.19 -33.01 -7.16
CA SER B 80 10.42 -33.39 -7.83
C SER B 80 10.06 -34.12 -9.12
N LEU B 81 11.03 -34.19 -10.03
CA LEU B 81 10.84 -34.77 -11.34
C LEU B 81 11.85 -35.86 -11.67
N GLY B 82 12.74 -36.19 -10.74
CA GLY B 82 13.72 -37.23 -10.98
C GLY B 82 14.48 -37.59 -9.72
N GLU B 83 15.80 -37.80 -9.87
CA GLU B 83 16.61 -38.16 -8.72
C GLU B 83 16.77 -37.01 -7.74
N GLU B 84 16.34 -35.80 -8.11
CA GLU B 84 16.36 -34.66 -7.20
C GLU B 84 15.49 -34.93 -5.98
N ILE B 85 14.53 -35.85 -6.13
CA ILE B 85 13.62 -36.18 -5.04
C ILE B 85 14.39 -36.68 -3.82
N LEU B 86 15.45 -37.46 -4.06
CA LEU B 86 16.18 -38.09 -2.96
C LEU B 86 16.76 -37.06 -2.00
N LYS B 87 16.99 -35.84 -2.47
CA LYS B 87 17.52 -34.78 -1.63
C LYS B 87 16.43 -33.89 -1.05
N LYS B 88 15.16 -34.21 -1.28
CA LYS B 88 14.06 -33.41 -0.75
C LYS B 88 13.68 -33.93 0.64
N ASP B 89 13.70 -33.04 1.61
CA ASP B 89 13.33 -33.41 2.97
C ASP B 89 11.82 -33.35 3.16
N ILE B 90 11.40 -33.73 4.36
CA ILE B 90 9.97 -33.73 4.66
C ILE B 90 9.44 -32.31 4.74
N ILE B 91 8.13 -32.18 4.68
CA ILE B 91 7.45 -30.89 4.82
C ILE B 91 6.22 -31.06 5.70
N ASP B 92 5.68 -29.94 6.16
CA ASP B 92 4.44 -29.91 6.93
C ASP B 92 3.45 -29.03 6.19
N ILE B 93 2.26 -29.57 5.93
CA ILE B 93 1.21 -28.87 5.21
C ILE B 93 0.15 -28.45 6.21
N LEU B 94 -0.13 -27.16 6.26
CA LEU B 94 -1.02 -26.58 7.25
C LEU B 94 -2.27 -26.02 6.59
N VAL B 95 -3.42 -26.31 7.20
CA VAL B 95 -4.69 -25.70 6.84
C VAL B 95 -5.04 -24.74 7.96
N VAL B 96 -5.09 -23.45 7.64
CA VAL B 96 -5.20 -22.38 8.62
C VAL B 96 -6.41 -21.52 8.29
N ASP B 97 -7.04 -21.00 9.33
CA ASP B 97 -8.27 -20.24 9.21
C ASP B 97 -7.98 -18.85 8.64
N ASN B 98 -8.77 -18.46 7.64
CA ASN B 98 -8.61 -17.13 7.05
C ASN B 98 -8.91 -16.03 8.07
N LEU B 99 -9.95 -16.22 8.87
CA LEU B 99 -10.36 -15.18 9.81
C LEU B 99 -9.30 -14.91 10.87
N THR B 100 -9.01 -15.93 11.69
CA THR B 100 -8.18 -15.76 12.87
C THR B 100 -6.72 -16.11 12.63
N LYS B 101 -6.41 -16.78 11.52
CA LYS B 101 -5.09 -17.35 11.28
C LYS B 101 -4.75 -18.46 12.27
N GLN B 102 -5.76 -18.96 12.98
CA GLN B 102 -5.57 -20.14 13.81
C GLN B 102 -5.55 -21.39 12.93
N VAL B 103 -4.97 -22.44 13.48
CA VAL B 103 -4.80 -23.69 12.74
C VAL B 103 -6.05 -24.55 12.92
N ILE B 104 -6.39 -25.26 11.86
CA ILE B 104 -7.53 -26.18 11.84
C ILE B 104 -7.04 -27.62 11.85
N ILE B 105 -6.03 -27.92 11.05
CA ILE B 105 -5.40 -29.23 11.02
C ILE B 105 -4.07 -29.10 10.31
N SER B 106 -3.06 -29.82 10.82
CA SER B 106 -1.72 -29.81 10.26
C SER B 106 -1.25 -31.24 10.07
N TYR B 107 -0.56 -31.48 8.96
CA TYR B 107 0.00 -32.78 8.64
C TYR B 107 1.51 -32.70 8.78
N HIS B 108 2.08 -33.61 9.57
CA HIS B 108 3.50 -33.60 9.89
C HIS B 108 4.21 -34.70 9.12
N GLY B 109 5.44 -34.41 8.68
CA GLY B 109 6.24 -35.39 7.98
C GLY B 109 5.62 -35.82 6.66
N CYS B 110 5.08 -34.87 5.91
CA CYS B 110 4.50 -35.19 4.62
C CYS B 110 5.59 -35.60 3.63
N SER B 111 5.30 -36.64 2.85
CA SER B 111 6.19 -37.09 1.79
C SER B 111 5.36 -37.37 0.54
N ALA B 112 5.96 -37.09 -0.61
CA ALA B 112 5.26 -37.17 -1.89
C ALA B 112 5.16 -38.61 -2.35
N ASN B 113 4.00 -38.94 -2.94
CA ASN B 113 3.70 -40.28 -3.39
C ASN B 113 3.64 -40.37 -4.91
N ASN B 114 2.83 -39.54 -5.56
CA ASN B 114 2.74 -39.51 -7.00
C ASN B 114 2.44 -38.09 -7.46
N TYR B 115 2.74 -37.82 -8.72
CA TYR B 115 2.62 -36.49 -9.30
C TYR B 115 1.89 -36.59 -10.63
N ASN B 116 0.87 -35.76 -10.81
CA ASN B 116 0.05 -35.77 -12.02
C ASN B 116 -0.12 -34.35 -12.53
N GLU B 117 0.03 -34.17 -13.84
CA GLU B 117 -0.20 -32.91 -14.50
C GLU B 117 -0.90 -33.17 -15.82
N THR B 118 -1.85 -32.31 -16.16
CA THR B 118 -2.67 -32.47 -17.36
C THR B 118 -2.56 -31.22 -18.22
N TRP B 119 -2.15 -31.42 -19.47
CA TRP B 119 -2.14 -30.36 -20.47
C TRP B 119 -3.34 -30.57 -21.38
N GLN B 120 -4.23 -29.58 -21.44
CA GLN B 120 -5.45 -29.69 -22.21
C GLN B 120 -5.68 -28.41 -23.00
N THR B 121 -6.44 -28.54 -24.09
CA THR B 121 -6.57 -27.43 -25.03
C THR B 121 -7.62 -26.41 -24.59
N ASN B 122 -8.76 -26.90 -24.10
CA ASN B 122 -9.91 -26.04 -23.85
C ASN B 122 -10.04 -25.61 -22.40
N GLU B 123 -9.10 -25.99 -21.53
CA GLU B 123 -9.23 -25.73 -20.11
C GLU B 123 -7.88 -25.33 -19.53
N ILE B 124 -7.93 -24.68 -18.36
CA ILE B 124 -6.71 -24.23 -17.70
C ILE B 124 -5.93 -25.45 -17.23
N VAL B 125 -4.59 -25.33 -17.24
CA VAL B 125 -3.74 -26.43 -16.84
C VAL B 125 -3.94 -26.70 -15.36
N THR B 126 -3.97 -27.98 -15.00
CA THR B 126 -4.09 -28.42 -13.62
C THR B 126 -3.04 -29.47 -13.31
N GLU B 127 -2.66 -29.53 -12.04
CA GLU B 127 -1.74 -30.54 -11.55
C GLU B 127 -2.23 -31.04 -10.20
N GLU B 128 -1.95 -32.31 -9.93
CA GLU B 128 -2.39 -32.97 -8.70
C GLU B 128 -1.20 -33.66 -8.06
N ILE B 129 -1.11 -33.56 -6.74
CA ILE B 129 -0.07 -34.22 -5.96
C ILE B 129 -0.74 -34.97 -4.82
N GLU B 130 -0.21 -36.15 -4.52
CA GLU B 130 -0.67 -36.97 -3.41
C GLU B 130 0.52 -37.22 -2.48
N PHE B 131 0.35 -36.88 -1.21
CA PHE B 131 1.39 -37.04 -0.21
C PHE B 131 1.03 -38.14 0.77
N SER B 132 2.05 -38.73 1.38
CA SER B 132 1.90 -39.64 2.51
C SER B 132 2.60 -39.03 3.72
N TYR B 133 1.88 -38.96 4.83
CA TYR B 133 2.35 -38.27 6.02
C TYR B 133 2.51 -39.24 7.17
N LEU B 134 3.36 -38.87 8.11
CA LEU B 134 3.59 -39.70 9.29
C LEU B 134 2.45 -39.58 10.28
N THR B 135 2.13 -38.36 10.68
CA THR B 135 1.11 -38.11 11.68
C THR B 135 0.35 -36.83 11.34
N ALA B 136 -0.88 -36.75 11.83
CA ALA B 136 -1.69 -35.56 11.75
C ALA B 136 -1.86 -34.96 13.14
N SER B 137 -2.17 -33.67 13.19
CA SER B 137 -2.33 -32.97 14.45
C SER B 137 -3.35 -31.86 14.31
N ASP B 138 -4.11 -31.64 15.38
CA ASP B 138 -5.06 -30.54 15.47
C ASP B 138 -4.81 -29.72 16.73
N LYS B 139 -3.55 -29.53 17.08
CA LYS B 139 -3.19 -28.80 18.29
C LYS B 139 -3.19 -27.30 18.00
N ALA B 140 -2.77 -26.53 19.00
CA ALA B 140 -2.69 -25.08 18.88
C ALA B 140 -4.06 -24.48 18.62
N ARG B 141 -5.03 -24.85 19.45
CA ARG B 141 -6.42 -24.40 19.31
C ARG B 141 -6.78 -23.55 20.53
N THR B 142 -7.25 -22.33 20.27
CA THR B 142 -7.66 -21.37 21.30
C THR B 142 -6.79 -21.40 22.56
N ALA C 2 -32.49 -16.77 13.80
CA ALA C 2 -31.92 -15.51 13.36
C ALA C 2 -32.06 -15.37 11.85
N ILE C 3 -33.24 -14.94 11.41
CA ILE C 3 -33.49 -14.76 9.98
C ILE C 3 -32.60 -13.64 9.47
N THR C 4 -31.92 -13.89 8.36
CA THR C 4 -30.92 -12.99 7.82
C THR C 4 -31.54 -12.16 6.69
N SER C 5 -31.54 -10.84 6.87
CA SER C 5 -31.97 -9.92 5.83
C SER C 5 -30.74 -9.50 5.02
N VAL C 6 -30.52 -10.21 3.92
CA VAL C 6 -29.35 -9.97 3.09
C VAL C 6 -29.35 -8.53 2.59
N ASP C 7 -30.53 -8.03 2.22
CA ASP C 7 -30.63 -6.68 1.67
C ASP C 7 -30.11 -5.65 2.66
N SER C 8 -30.47 -5.80 3.94
CA SER C 8 -29.98 -4.87 4.95
C SER C 8 -28.47 -4.99 5.10
N TYR C 9 -27.95 -6.21 5.05
CA TYR C 9 -26.51 -6.40 5.23
C TYR C 9 -25.72 -5.71 4.13
N LEU C 10 -26.21 -5.79 2.89
CA LEU C 10 -25.53 -5.12 1.77
C LEU C 10 -25.44 -3.63 2.03
N LEU C 11 -26.55 -3.02 2.46
CA LEU C 11 -26.57 -1.59 2.69
C LEU C 11 -25.65 -1.21 3.83
N SER C 12 -25.65 -2.01 4.91
CA SER C 12 -24.81 -1.70 6.06
C SER C 12 -23.34 -1.73 5.69
N GLU C 13 -22.93 -2.70 4.87
CA GLU C 13 -21.53 -2.82 4.49
C GLU C 13 -21.15 -1.79 3.45
N ILE C 14 -22.04 -1.54 2.48
CA ILE C 14 -21.69 -0.74 1.32
C ILE C 14 -21.48 0.72 1.71
N LYS C 15 -22.40 1.27 2.49
CA LYS C 15 -22.46 2.71 2.72
C LYS C 15 -21.18 3.22 3.35
N PRO C 16 -20.69 2.62 4.45
CA PRO C 16 -19.41 3.10 5.01
C PRO C 16 -18.23 2.83 4.10
N ARG C 17 -18.11 1.59 3.61
CA ARG C 17 -16.93 1.20 2.84
C ARG C 17 -16.83 1.99 1.54
N LEU C 18 -17.97 2.21 0.89
CA LEU C 18 -17.95 2.94 -0.38
C LEU C 18 -17.44 4.37 -0.17
N ASN C 19 -17.90 5.02 0.90
CA ASN C 19 -17.44 6.37 1.19
C ASN C 19 -15.94 6.41 1.42
N THR C 20 -15.42 5.42 2.13
CA THR C 20 -13.99 5.37 2.40
C THR C 20 -13.20 5.19 1.10
N VAL C 21 -13.68 4.34 0.20
CA VAL C 21 -12.94 4.08 -1.04
C VAL C 21 -12.87 5.34 -1.88
N LEU C 22 -14.01 6.01 -2.05
CA LEU C 22 -14.04 7.24 -2.83
C LEU C 22 -13.31 8.38 -2.14
N GLU C 23 -13.06 8.26 -0.84
CA GLU C 23 -12.43 9.34 -0.10
C GLU C 23 -11.00 9.59 -0.59
N ASN C 24 -10.24 8.52 -0.79
CA ASN C 24 -8.85 8.64 -1.21
C ASN C 24 -8.72 8.37 -2.71
N CYS C 25 -7.61 8.85 -3.28
CA CYS C 25 -7.37 8.74 -4.71
C CYS C 25 -6.48 7.54 -5.05
N TYR C 26 -5.58 7.16 -4.15
CA TYR C 26 -4.64 6.10 -4.46
C TYR C 26 -5.36 4.77 -4.72
N ILE C 27 -6.36 4.46 -3.89
CA ILE C 27 -7.08 3.20 -4.05
C ILE C 27 -7.85 3.20 -5.36
N ILE C 28 -8.43 4.35 -5.72
CA ILE C 28 -9.22 4.44 -6.94
C ILE C 28 -8.35 4.16 -8.15
N ASP C 29 -7.12 4.69 -8.15
CA ASP C 29 -6.21 4.45 -9.26
C ASP C 29 -5.94 2.96 -9.42
N GLU C 30 -5.73 2.26 -8.30
CA GLU C 30 -5.53 0.81 -8.36
C GLU C 30 -6.76 0.12 -8.93
N VAL C 31 -7.94 0.57 -8.51
CA VAL C 31 -9.19 -0.02 -8.99
C VAL C 31 -9.35 0.22 -10.48
N LEU C 32 -9.13 1.46 -10.91
CA LEU C 32 -9.32 1.86 -12.30
C LEU C 32 -8.04 1.78 -13.11
N LYS C 33 -7.12 0.90 -12.74
CA LYS C 33 -5.85 0.79 -13.43
C LYS C 33 -6.05 0.44 -14.90
N ASP C 34 -7.05 -0.38 -15.21
CA ASP C 34 -7.22 -0.85 -16.58
C ASP C 34 -7.83 0.22 -17.48
N PHE C 35 -8.70 1.06 -16.91
CA PHE C 35 -9.45 2.00 -17.74
C PHE C 35 -8.53 3.04 -18.36
N ASP C 36 -9.02 3.67 -19.41
CA ASP C 36 -8.24 4.69 -20.11
C ASP C 36 -8.12 5.94 -19.24
N TYR C 37 -7.19 6.82 -19.65
CA TYR C 37 -6.91 8.02 -18.87
C TYR C 37 -8.14 8.93 -18.79
N GLN C 38 -8.85 9.09 -19.92
CA GLN C 38 -9.93 10.07 -19.96
C GLN C 38 -11.05 9.71 -19.00
N THR C 39 -11.54 8.47 -19.07
CA THR C 39 -12.62 8.07 -18.18
C THR C 39 -12.17 8.05 -16.73
N ARG C 40 -10.94 7.61 -16.49
CA ARG C 40 -10.45 7.45 -15.13
C ARG C 40 -10.42 8.79 -14.39
N GLU C 41 -9.87 9.81 -15.03
CA GLU C 41 -9.70 11.09 -14.34
C GLU C 41 -11.02 11.84 -14.23
N SER C 42 -11.88 11.74 -15.25
CA SER C 42 -13.16 12.41 -15.20
C SER C 42 -13.99 11.91 -14.03
N PHE C 43 -14.01 10.59 -13.83
CA PHE C 43 -14.67 10.04 -12.66
C PHE C 43 -14.02 10.54 -11.38
N LYS C 44 -12.69 10.56 -11.35
CA LYS C 44 -11.98 11.02 -10.17
C LYS C 44 -12.26 12.50 -9.93
N GLU C 45 -12.31 13.30 -10.99
CA GLU C 45 -12.62 14.71 -10.83
C GLU C 45 -14.01 14.91 -10.23
N ALA C 46 -14.92 13.97 -10.49
CA ALA C 46 -16.31 14.16 -10.07
C ALA C 46 -16.51 13.71 -8.62
N PHE C 47 -16.27 12.43 -8.36
CA PHE C 47 -16.65 11.82 -7.08
C PHE C 47 -15.49 11.65 -6.11
N CYS C 48 -14.28 11.45 -6.60
CA CYS C 48 -13.16 11.10 -5.75
C CYS C 48 -12.72 12.29 -4.90
N GLY C 49 -12.26 11.98 -3.70
CA GLY C 49 -11.72 13.01 -2.82
C GLY C 49 -12.72 13.51 -1.80
N LYS C 50 -12.20 13.93 -0.65
CA LYS C 50 -13.05 14.48 0.40
C LYS C 50 -13.75 15.75 -0.07
N ASN C 51 -13.16 16.45 -1.04
CA ASN C 51 -13.69 17.70 -1.55
C ASN C 51 -14.55 17.50 -2.81
N ALA C 52 -15.17 16.34 -2.96
CA ALA C 52 -15.98 16.08 -4.14
C ALA C 52 -17.36 16.72 -3.99
N GLN C 53 -17.71 17.58 -4.95
CA GLN C 53 -19.03 18.22 -4.91
C GLN C 53 -20.12 17.20 -5.22
N HIS C 54 -19.93 16.41 -6.26
CA HIS C 54 -20.88 15.34 -6.57
C HIS C 54 -20.66 14.17 -5.62
N GLU C 55 -21.72 13.42 -5.37
CA GLU C 55 -21.69 12.30 -4.45
C GLU C 55 -22.56 11.17 -4.96
N VAL C 56 -22.21 9.96 -4.55
CA VAL C 56 -22.95 8.76 -4.92
C VAL C 56 -24.01 8.47 -3.85
N THR C 57 -25.08 7.81 -4.25
CA THR C 57 -26.16 7.45 -3.35
C THR C 57 -26.53 5.98 -3.58
N VAL C 58 -27.26 5.43 -2.61
CA VAL C 58 -27.68 4.03 -2.65
C VAL C 58 -29.05 3.92 -2.00
N GLY C 59 -29.90 3.06 -2.53
CA GLY C 59 -31.24 2.90 -2.00
C GLY C 59 -31.92 1.70 -2.60
N PHE C 60 -33.10 1.41 -2.06
CA PHE C 60 -33.87 0.25 -2.49
C PHE C 60 -34.86 0.65 -3.57
N ASN C 61 -35.45 -0.36 -4.20
CA ASN C 61 -36.29 -0.13 -5.36
C ASN C 61 -37.69 0.29 -4.95
N PHE C 62 -38.41 0.87 -5.91
CA PHE C 62 -39.72 1.47 -5.70
C PHE C 62 -39.72 2.46 -4.52
N PRO C 63 -38.87 3.48 -4.55
CA PRO C 63 -39.04 4.60 -3.62
C PRO C 63 -39.98 5.64 -4.20
N LYS C 64 -40.68 6.33 -3.30
CA LYS C 64 -41.64 7.33 -3.74
C LYS C 64 -40.98 8.67 -4.05
N PHE C 65 -39.71 8.83 -3.73
CA PHE C 65 -38.98 10.05 -4.05
C PHE C 65 -38.10 9.81 -5.28
N LYS C 66 -37.28 10.81 -5.60
CA LYS C 66 -36.37 10.73 -6.74
C LYS C 66 -34.96 10.43 -6.24
N ASN C 67 -34.24 9.60 -7.00
CA ASN C 67 -32.86 9.27 -6.69
C ASN C 67 -31.91 10.07 -7.58
N ASN C 68 -30.66 10.17 -7.14
CA ASN C 68 -29.65 10.90 -7.90
C ASN C 68 -29.24 10.03 -9.08
N TYR C 69 -29.94 10.23 -10.20
CA TYR C 69 -29.72 9.43 -11.40
C TYR C 69 -28.40 9.76 -12.10
N GLU C 70 -27.66 10.75 -11.61
CA GLU C 70 -26.30 10.94 -12.09
C GLU C 70 -25.44 9.73 -11.74
N ALA C 71 -25.58 9.22 -10.52
CA ALA C 71 -24.86 8.03 -10.09
C ALA C 71 -25.56 7.49 -8.86
N HIS C 72 -25.96 6.22 -8.91
CA HIS C 72 -26.73 5.63 -7.83
C HIS C 72 -26.62 4.12 -7.87
N TYR C 73 -26.61 3.51 -6.70
CA TYR C 73 -26.68 2.06 -6.56
C TYR C 73 -28.10 1.67 -6.20
N LEU C 74 -28.64 0.70 -6.92
CA LEU C 74 -30.00 0.24 -6.74
C LEU C 74 -30.00 -1.25 -6.42
N ILE C 75 -30.78 -1.63 -5.41
CA ILE C 75 -30.81 -2.99 -4.89
C ILE C 75 -32.25 -3.48 -4.90
N GLN C 76 -32.43 -4.77 -5.21
CA GLN C 76 -33.73 -5.42 -5.11
C GLN C 76 -33.51 -6.87 -4.70
N LEU C 77 -34.46 -7.39 -3.92
CA LEU C 77 -34.19 -8.56 -3.08
C LEU C 77 -33.86 -9.80 -3.91
N GLY C 78 -34.65 -10.11 -4.92
CA GLY C 78 -34.37 -11.27 -5.76
C GLY C 78 -34.95 -12.56 -5.21
N GLN C 79 -34.56 -13.66 -5.87
CA GLN C 79 -35.11 -14.97 -5.55
C GLN C 79 -34.45 -15.57 -4.31
N GLY C 80 -35.04 -16.66 -3.83
CA GLY C 80 -34.47 -17.44 -2.75
C GLY C 80 -34.86 -18.90 -2.89
N GLN C 81 -33.98 -19.78 -2.42
CA GLN C 81 -34.18 -21.21 -2.57
C GLN C 81 -33.55 -21.96 -1.40
N GLU C 82 -34.09 -23.14 -1.12
CA GLU C 82 -33.55 -24.03 -0.12
C GLU C 82 -32.70 -25.09 -0.81
N THR C 83 -31.52 -25.36 -0.27
CA THR C 83 -30.53 -26.20 -0.93
C THR C 83 -30.16 -27.44 -0.12
N LYS C 84 -29.90 -27.29 1.18
CA LYS C 84 -29.43 -28.39 2.00
C LYS C 84 -30.11 -28.35 3.36
N ASN C 85 -30.46 -29.54 3.86
CA ASN C 85 -31.12 -29.73 5.14
C ASN C 85 -30.18 -30.44 6.09
N SER C 86 -30.70 -30.81 7.26
CA SER C 86 -29.97 -31.62 8.22
C SER C 86 -30.99 -32.47 8.98
N LEU C 87 -30.49 -33.56 9.57
CA LEU C 87 -31.36 -34.48 10.29
C LEU C 87 -32.07 -33.78 11.43
N GLY C 88 -33.39 -33.92 11.48
CA GLY C 88 -34.19 -33.22 12.45
C GLY C 88 -34.12 -31.71 12.31
N SER C 89 -33.63 -31.23 11.16
CA SER C 89 -33.39 -29.81 10.94
C SER C 89 -32.45 -29.21 11.97
N ILE C 90 -31.67 -30.05 12.64
CA ILE C 90 -30.76 -29.61 13.69
C ILE C 90 -29.50 -29.04 13.07
N GLN C 91 -29.04 -27.91 13.61
CA GLN C 91 -27.79 -27.30 13.17
C GLN C 91 -26.71 -27.40 14.25
N SER C 92 -27.03 -27.00 15.47
CA SER C 92 -26.03 -26.96 16.52
C SER C 92 -26.71 -26.96 17.87
N SER C 93 -25.92 -27.29 18.90
CA SER C 93 -26.36 -27.28 20.29
C SER C 93 -25.45 -26.37 21.09
N TYR C 94 -26.03 -25.59 21.99
CA TYR C 94 -25.29 -24.62 22.78
C TYR C 94 -25.73 -24.71 24.24
N PHE C 95 -24.76 -24.52 25.14
CA PHE C 95 -25.03 -24.46 26.57
C PHE C 95 -25.34 -23.04 27.04
N GLU C 96 -25.16 -22.03 26.20
CA GLU C 96 -25.34 -20.64 26.59
C GLU C 96 -26.03 -19.90 25.46
N ALA C 97 -26.95 -19.00 25.81
CA ALA C 97 -27.63 -18.18 24.82
C ALA C 97 -26.66 -17.12 24.32
N THR C 98 -26.30 -17.21 23.05
CA THR C 98 -25.22 -16.43 22.47
C THR C 98 -25.75 -15.59 21.32
N GLY C 99 -25.29 -14.34 21.24
CA GLY C 99 -25.72 -13.44 20.19
C GLY C 99 -24.72 -13.33 19.07
N ASP C 100 -24.37 -12.10 18.68
CA ASP C 100 -23.45 -11.89 17.59
C ASP C 100 -22.02 -12.13 18.04
N THR C 101 -21.12 -12.26 17.05
CA THR C 101 -19.70 -12.38 17.30
C THR C 101 -19.04 -11.04 17.00
N LEU C 102 -18.23 -10.56 17.94
CA LEU C 102 -17.70 -9.21 17.90
C LEU C 102 -16.17 -9.23 17.87
N VAL C 103 -15.59 -8.15 17.37
CA VAL C 103 -14.17 -7.89 17.47
C VAL C 103 -13.99 -6.57 18.21
N GLU C 104 -13.19 -6.59 19.28
CA GLU C 104 -12.96 -5.43 20.11
C GLU C 104 -11.47 -5.29 20.39
N SER C 105 -11.05 -4.04 20.61
CA SER C 105 -9.65 -3.75 20.94
C SER C 105 -9.57 -3.34 22.40
N SER C 106 -8.49 -3.75 23.06
CA SER C 106 -8.33 -3.52 24.49
C SER C 106 -6.86 -3.46 24.83
N THR C 107 -6.56 -2.87 25.99
CA THR C 107 -5.21 -2.80 26.52
C THR C 107 -5.16 -3.56 27.84
N ALA C 108 -4.06 -4.28 28.06
CA ALA C 108 -3.91 -5.05 29.29
C ALA C 108 -3.88 -4.11 30.49
N ILE C 109 -4.41 -4.60 31.61
CA ILE C 109 -4.46 -3.85 32.86
C ILE C 109 -3.70 -4.65 33.92
N ARG C 110 -3.06 -3.93 34.83
CA ARG C 110 -2.21 -4.56 35.85
C ARG C 110 -3.04 -4.87 37.08
N GLU C 111 -3.37 -6.14 37.26
CA GLU C 111 -3.88 -6.65 38.52
C GLU C 111 -2.72 -7.26 39.30
N ASP C 112 -3.02 -7.82 40.48
CA ASP C 112 -1.96 -8.39 41.30
C ASP C 112 -1.44 -9.69 40.70
N ASP C 113 -2.32 -10.69 40.57
CA ASP C 113 -1.90 -12.00 40.09
C ASP C 113 -2.02 -12.15 38.58
N LYS C 114 -2.62 -11.18 37.89
CA LYS C 114 -3.03 -11.40 36.51
C LYS C 114 -2.91 -10.10 35.71
N LEU C 115 -2.93 -10.25 34.39
CA LEU C 115 -3.19 -9.16 33.47
C LEU C 115 -4.52 -9.43 32.78
N VAL C 116 -5.37 -8.41 32.72
CA VAL C 116 -6.76 -8.58 32.31
C VAL C 116 -7.11 -7.56 31.24
N PHE C 117 -7.92 -7.99 30.29
CA PHE C 117 -8.53 -7.10 29.30
C PHE C 117 -10.01 -6.96 29.60
N THR C 118 -10.54 -5.77 29.37
CA THR C 118 -11.95 -5.48 29.60
C THR C 118 -12.64 -5.20 28.27
N VAL C 119 -13.87 -5.69 28.14
CA VAL C 119 -14.62 -5.59 26.90
C VAL C 119 -16.00 -5.03 27.20
N SER C 120 -16.63 -4.47 26.16
CA SER C 120 -17.86 -3.71 26.34
C SER C 120 -19.03 -4.56 26.83
N LYS C 121 -18.97 -5.87 26.64
CA LYS C 121 -20.10 -6.74 26.94
C LYS C 121 -19.57 -8.04 27.54
N PRO C 122 -20.45 -8.83 28.16
CA PRO C 122 -20.01 -10.12 28.71
C PRO C 122 -19.37 -11.01 27.63
N ILE C 123 -18.32 -11.71 28.02
CA ILE C 123 -17.45 -12.37 27.04
C ILE C 123 -18.15 -13.59 26.45
N GLY C 124 -18.83 -14.38 27.28
CA GLY C 124 -19.41 -15.61 26.79
C GLY C 124 -18.34 -16.57 26.30
N GLU C 125 -18.34 -16.83 24.99
CA GLU C 125 -17.34 -17.69 24.38
C GLU C 125 -16.24 -16.85 23.78
N LEU C 126 -15.01 -17.07 24.23
CA LEU C 126 -13.85 -16.49 23.56
C LEU C 126 -13.49 -17.32 22.34
N ILE C 127 -12.99 -16.65 21.31
CA ILE C 127 -12.52 -17.30 20.09
C ILE C 127 -11.02 -17.12 19.91
N LYS C 128 -10.55 -15.87 19.96
CA LYS C 128 -9.12 -15.61 19.82
C LYS C 128 -8.75 -14.25 20.36
N VAL C 129 -7.56 -14.20 20.95
CA VAL C 129 -6.84 -12.95 21.22
C VAL C 129 -5.66 -12.93 20.27
N GLU C 130 -5.43 -11.77 19.63
CA GLU C 130 -4.52 -11.73 18.49
C GLU C 130 -3.12 -12.21 18.87
N ASP C 131 -2.69 -13.28 18.21
CA ASP C 131 -1.30 -13.75 18.27
C ASP C 131 -0.85 -14.00 19.71
N ILE C 132 -1.72 -14.64 20.50
CA ILE C 132 -1.35 -15.17 21.81
C ILE C 132 -1.80 -16.62 21.88
N GLU C 133 -0.86 -17.50 22.22
CA GLU C 133 -1.15 -18.90 22.45
C GLU C 133 -0.97 -19.16 23.94
N PHE C 134 -2.04 -18.93 24.69
CA PHE C 134 -1.97 -19.05 26.15
C PHE C 134 -1.66 -20.47 26.55
N ALA C 135 -0.58 -20.65 27.30
CA ALA C 135 -0.23 -21.96 27.81
C ALA C 135 -1.04 -22.27 29.06
N LYS C 136 -0.97 -23.53 29.49
CA LYS C 136 -1.73 -23.95 30.66
C LYS C 136 -1.25 -23.22 31.91
N TYR C 137 0.05 -22.92 31.98
CA TYR C 137 0.55 -22.21 33.16
C TYR C 137 0.06 -20.77 33.20
N ASP C 138 -0.33 -20.21 32.04
CA ASP C 138 -0.95 -18.90 32.05
C ASP C 138 -2.32 -18.95 32.69
N ASN C 139 -3.02 -20.08 32.58
CA ASN C 139 -4.32 -20.28 33.20
C ASN C 139 -5.33 -19.24 32.69
N LEU C 140 -5.47 -19.17 31.38
CA LEU C 140 -6.41 -18.25 30.76
C LEU C 140 -7.83 -18.58 31.21
N GLN C 141 -8.57 -17.54 31.60
CA GLN C 141 -9.95 -17.72 32.02
C GLN C 141 -10.72 -16.43 31.77
N VAL C 142 -12.05 -16.57 31.74
CA VAL C 142 -12.96 -15.47 31.46
C VAL C 142 -13.78 -15.18 32.71
N GLU C 143 -14.15 -13.91 32.87
CA GLU C 143 -14.93 -13.48 34.03
C GLU C 143 -15.78 -12.28 33.61
N GLY C 144 -17.08 -12.48 33.55
CA GLY C 144 -17.99 -11.40 33.21
C GLY C 144 -17.71 -10.82 31.83
N ASN C 145 -17.23 -9.58 31.81
CA ASN C 145 -16.88 -8.89 30.58
C ASN C 145 -15.38 -8.77 30.37
N LYS C 146 -14.58 -9.53 31.12
CA LYS C 146 -13.13 -9.43 31.06
C LYS C 146 -12.51 -10.81 30.96
N VAL C 147 -11.33 -10.85 30.35
CA VAL C 147 -10.55 -12.07 30.19
C VAL C 147 -9.22 -11.86 30.90
N SER C 148 -8.73 -12.90 31.57
CA SER C 148 -7.58 -12.78 32.44
C SER C 148 -6.57 -13.88 32.15
N PHE C 149 -5.29 -13.52 32.24
CA PHE C 149 -4.20 -14.48 32.22
C PHE C 149 -3.16 -14.04 33.24
N LYS C 150 -2.45 -15.02 33.78
CA LYS C 150 -1.58 -14.81 34.93
C LYS C 150 -0.39 -13.93 34.57
N TYR C 151 0.24 -13.34 35.58
CA TYR C 151 1.20 -12.27 35.36
C TYR C 151 2.61 -12.80 35.13
N GLN C 152 3.01 -13.82 35.89
CA GLN C 152 4.41 -14.22 35.93
C GLN C 152 4.92 -14.64 34.56
N THR C 153 6.21 -14.40 34.33
CA THR C 153 6.89 -14.59 33.05
C THR C 153 6.11 -14.00 31.89
N ASN C 154 5.33 -12.95 32.14
CA ASN C 154 4.68 -12.14 31.12
C ASN C 154 4.72 -10.67 31.49
N GLU C 155 5.75 -10.27 32.26
CA GLU C 155 5.73 -8.98 32.93
C GLU C 155 6.04 -7.83 31.98
N ASP C 156 6.56 -8.11 30.79
CA ASP C 156 6.83 -7.05 29.84
C ASP C 156 5.55 -6.52 29.20
N TYR C 157 4.42 -7.21 29.42
CA TYR C 157 3.20 -6.95 28.68
C TYR C 157 2.13 -6.24 29.51
N GLU C 158 2.52 -5.40 30.47
CA GLU C 158 1.53 -4.65 31.23
C GLU C 158 0.79 -3.64 30.37
N ASN C 159 1.40 -3.20 29.27
CA ASN C 159 0.84 -2.23 28.33
C ASN C 159 0.43 -2.88 27.02
N TYR C 160 0.27 -4.20 26.97
CA TYR C 160 -0.01 -4.88 25.71
C TYR C 160 -1.31 -4.37 25.12
N ASN C 161 -1.26 -4.06 23.83
CA ASN C 161 -2.40 -3.54 23.08
C ASN C 161 -2.80 -4.61 22.06
N ALA C 162 -4.07 -5.01 22.11
CA ALA C 162 -4.50 -6.21 21.40
C ALA C 162 -5.91 -6.04 20.88
N ASN C 163 -6.27 -6.92 19.94
CA ASN C 163 -7.63 -7.09 19.46
C ASN C 163 -8.17 -8.41 20.00
N ILE C 164 -9.47 -8.44 20.26
CA ILE C 164 -10.12 -9.60 20.87
C ILE C 164 -11.34 -9.94 20.04
N ILE C 165 -11.55 -11.24 19.81
CA ILE C 165 -12.73 -11.75 19.12
C ILE C 165 -13.52 -12.54 20.13
N PHE C 166 -14.81 -12.20 20.26
CA PHE C 166 -15.63 -12.74 21.33
C PHE C 166 -17.08 -12.73 20.90
N THR C 167 -17.92 -13.36 21.72
CA THR C 167 -19.33 -13.52 21.44
C THR C 167 -20.17 -12.85 22.52
N GLU C 168 -21.35 -12.38 22.14
CA GLU C 168 -22.26 -11.76 23.08
C GLU C 168 -23.05 -12.81 23.86
N LYS C 169 -22.87 -12.86 25.17
CA LYS C 169 -23.63 -13.77 26.00
C LYS C 169 -24.87 -13.09 26.55
N LYS C 170 -25.98 -13.82 26.57
CA LYS C 170 -27.25 -13.31 27.06
C LYS C 170 -27.75 -14.10 28.27
N ASN C 171 -27.82 -15.42 28.15
CA ASN C 171 -28.44 -16.26 29.17
C ASN C 171 -27.65 -17.55 29.31
N ASP C 172 -27.87 -18.23 30.43
CA ASP C 172 -27.34 -19.55 30.67
C ASP C 172 -28.28 -20.66 30.20
N SER C 173 -29.40 -20.29 29.57
CA SER C 173 -30.42 -21.25 29.15
C SER C 173 -29.92 -22.02 27.94
N LYS C 174 -29.48 -23.26 28.16
CA LYS C 174 -29.03 -24.09 27.06
C LYS C 174 -30.20 -24.42 26.15
N GLY C 175 -29.91 -24.53 24.85
CA GLY C 175 -30.95 -24.82 23.88
C GLY C 175 -30.35 -25.34 22.59
N LEU C 176 -31.23 -25.79 21.70
CA LEU C 176 -30.83 -26.33 20.41
C LEU C 176 -31.13 -25.32 19.30
N VAL C 177 -30.56 -25.59 18.13
CA VAL C 177 -30.78 -24.79 16.94
C VAL C 177 -31.55 -25.63 15.93
N LYS C 178 -32.59 -25.05 15.35
CA LYS C 178 -33.35 -25.65 14.28
C LYS C 178 -33.34 -24.72 13.08
N GLY C 179 -33.13 -25.26 11.90
CA GLY C 179 -33.05 -24.45 10.71
C GLY C 179 -32.53 -25.24 9.54
N PHE C 180 -32.24 -24.51 8.47
CA PHE C 180 -31.71 -25.10 7.26
C PHE C 180 -30.94 -24.03 6.50
N THR C 181 -30.36 -24.44 5.37
CA THR C 181 -29.56 -23.54 4.54
C THR C 181 -30.44 -22.98 3.42
N VAL C 182 -30.24 -21.70 3.11
CA VAL C 182 -31.00 -21.02 2.06
C VAL C 182 -30.00 -20.48 1.04
N GLU C 183 -30.27 -20.76 -0.23
CA GLU C 183 -29.49 -20.20 -1.33
C GLU C 183 -30.28 -19.03 -1.89
N GLU C 184 -29.78 -17.81 -1.67
CA GLU C 184 -30.49 -16.59 -1.99
C GLU C 184 -29.73 -15.80 -3.04
N GLN C 185 -30.48 -15.14 -3.93
CA GLN C 185 -29.92 -14.28 -4.96
C GLN C 185 -30.44 -12.86 -4.76
N VAL C 186 -29.56 -11.89 -4.93
CA VAL C 186 -29.90 -10.48 -4.79
C VAL C 186 -29.31 -9.71 -5.97
N THR C 187 -30.05 -8.72 -6.45
CA THR C 187 -29.66 -7.95 -7.62
C THR C 187 -29.14 -6.58 -7.21
N VAL C 188 -28.09 -6.14 -7.90
CA VAL C 188 -27.51 -4.82 -7.71
C VAL C 188 -27.21 -4.24 -9.08
N VAL C 189 -27.43 -2.94 -9.24
CA VAL C 189 -27.24 -2.26 -10.51
C VAL C 189 -26.85 -0.82 -10.26
N GLY C 190 -25.94 -0.31 -11.09
CA GLY C 190 -25.58 1.10 -11.08
C GLY C 190 -26.33 1.82 -12.18
N LEU C 191 -26.66 3.08 -11.92
CA LEU C 191 -27.48 3.88 -12.83
C LEU C 191 -26.77 5.18 -13.16
N SER C 192 -26.90 5.61 -14.41
CA SER C 192 -26.36 6.87 -14.86
C SER C 192 -26.96 7.19 -16.22
N PHE C 193 -26.89 8.47 -16.58
CA PHE C 193 -27.19 8.91 -17.94
C PHE C 193 -25.94 9.02 -18.79
N ASN C 194 -24.82 8.48 -18.31
CA ASN C 194 -23.57 8.48 -19.05
C ASN C 194 -22.92 7.12 -18.85
N VAL C 195 -22.75 6.38 -19.94
CA VAL C 195 -22.36 4.98 -19.84
C VAL C 195 -21.00 4.82 -19.17
N ASP C 196 -20.07 5.74 -19.44
CA ASP C 196 -18.72 5.61 -18.88
C ASP C 196 -18.77 5.59 -17.36
N VAL C 197 -19.61 6.42 -16.76
CA VAL C 197 -19.73 6.46 -15.31
C VAL C 197 -20.22 5.11 -14.80
N ALA C 198 -21.16 4.50 -15.52
CA ALA C 198 -21.70 3.21 -15.08
C ALA C 198 -20.61 2.15 -15.03
N ARG C 199 -19.77 2.09 -16.06
CA ARG C 199 -18.72 1.08 -16.10
C ARG C 199 -17.74 1.27 -14.95
N CYS C 200 -17.35 2.52 -14.69
CA CYS C 200 -16.49 2.80 -13.54
C CYS C 200 -17.19 2.43 -12.25
N LEU C 201 -18.49 2.73 -12.16
CA LEU C 201 -19.24 2.45 -10.95
C LEU C 201 -19.31 0.96 -10.69
N ASP C 202 -19.55 0.16 -11.73
CA ASP C 202 -19.62 -1.28 -11.55
C ASP C 202 -18.28 -1.84 -11.08
N ALA C 203 -17.19 -1.35 -11.65
CA ALA C 203 -15.86 -1.84 -11.28
C ALA C 203 -15.55 -1.53 -9.83
N VAL C 204 -15.96 -0.35 -9.35
CA VAL C 204 -15.79 -0.02 -7.94
C VAL C 204 -16.52 -1.02 -7.07
N LEU C 205 -17.74 -1.39 -7.49
CA LEU C 205 -18.54 -2.33 -6.73
C LEU C 205 -17.82 -3.67 -6.60
N LYS C 206 -17.25 -4.17 -7.69
CA LYS C 206 -16.59 -5.47 -7.65
C LYS C 206 -15.50 -5.52 -6.60
N MET C 207 -14.79 -4.40 -6.40
CA MET C 207 -13.70 -4.40 -5.45
C MET C 207 -14.21 -4.55 -4.01
N ILE C 208 -15.25 -3.79 -3.66
CA ILE C 208 -15.74 -3.83 -2.29
C ILE C 208 -16.41 -5.16 -2.00
N LEU C 209 -16.97 -5.81 -3.02
CA LEU C 209 -17.44 -7.18 -2.84
C LEU C 209 -16.29 -8.09 -2.44
N ILE C 210 -15.13 -7.92 -3.08
CA ILE C 210 -13.95 -8.70 -2.72
C ILE C 210 -13.56 -8.42 -1.27
N SER C 211 -13.53 -7.15 -0.89
CA SER C 211 -13.16 -6.78 0.47
C SER C 211 -14.14 -7.35 1.47
N MET C 212 -15.41 -7.47 1.07
CA MET C 212 -16.41 -8.02 1.99
C MET C 212 -16.16 -9.48 2.26
N ARG C 213 -15.38 -10.16 1.41
CA ARG C 213 -15.06 -11.57 1.66
C ARG C 213 -14.25 -11.76 2.93
N ASP C 214 -13.61 -10.69 3.41
CA ASP C 214 -12.82 -10.78 4.63
C ASP C 214 -13.62 -10.36 5.86
N SER C 215 -14.84 -9.85 5.67
CA SER C 215 -15.60 -9.32 6.79
C SER C 215 -16.02 -10.43 7.73
N ILE C 216 -16.26 -10.06 8.99
CA ILE C 216 -16.65 -11.03 10.00
C ILE C 216 -18.00 -11.65 9.65
N GLU C 217 -18.96 -10.79 9.31
CA GLU C 217 -20.29 -11.28 8.97
C GLU C 217 -20.25 -12.19 7.77
N GLU C 218 -19.50 -11.80 6.74
CA GLU C 218 -19.42 -12.61 5.53
C GLU C 218 -18.75 -13.95 5.81
N GLN C 219 -17.67 -13.93 6.58
CA GLN C 219 -16.94 -15.18 6.85
C GLN C 219 -17.79 -16.14 7.66
N GLN C 220 -18.62 -15.59 8.55
CA GLN C 220 -19.34 -16.43 9.51
C GLN C 220 -20.75 -16.75 9.03
N THR C 221 -21.42 -15.80 8.40
CA THR C 221 -22.84 -15.92 8.07
C THR C 221 -23.13 -16.03 6.59
N PHE C 222 -22.49 -15.22 5.74
CA PHE C 222 -22.80 -15.14 4.32
C PHE C 222 -21.61 -15.65 3.50
N GLN C 223 -21.71 -16.88 3.03
CA GLN C 223 -20.59 -17.55 2.39
C GLN C 223 -20.90 -17.89 0.94
N LEU C 224 -19.87 -18.33 0.22
CA LEU C 224 -19.98 -18.85 -1.13
C LEU C 224 -20.58 -17.81 -2.09
N GLN C 225 -19.83 -16.74 -2.31
CA GLN C 225 -20.19 -15.75 -3.31
C GLN C 225 -20.25 -16.38 -4.69
N ASN C 226 -21.22 -15.95 -5.48
CA ASN C 226 -21.29 -16.24 -6.91
C ASN C 226 -21.85 -15.01 -7.62
N LEU C 227 -21.00 -14.34 -8.40
CA LEU C 227 -21.35 -13.09 -9.04
C LEU C 227 -21.69 -13.33 -10.51
N SER C 228 -22.66 -12.58 -11.01
CA SER C 228 -23.11 -12.69 -12.39
C SER C 228 -23.50 -11.31 -12.88
N PHE C 229 -23.01 -10.96 -14.06
CA PHE C 229 -23.19 -9.62 -14.62
C PHE C 229 -24.02 -9.72 -15.89
N GLY C 230 -24.99 -8.81 -16.01
CA GLY C 230 -25.78 -8.70 -17.22
C GLY C 230 -25.16 -7.75 -18.21
N ASP C 231 -25.86 -7.59 -19.33
CA ASP C 231 -25.39 -6.69 -20.37
C ASP C 231 -25.88 -5.27 -20.11
N ILE C 232 -25.05 -4.30 -20.51
CA ILE C 232 -25.42 -2.90 -20.38
C ILE C 232 -26.66 -2.64 -21.22
N ALA C 233 -27.68 -2.03 -20.62
CA ALA C 233 -28.96 -1.84 -21.25
C ALA C 233 -29.51 -0.47 -20.92
N PRO C 234 -30.37 0.09 -21.77
CA PRO C 234 -31.07 1.32 -21.40
C PRO C 234 -32.21 1.04 -20.45
N ILE C 235 -32.04 1.43 -19.18
CA ILE C 235 -33.10 1.17 -18.21
C ILE C 235 -34.32 2.01 -18.54
N ILE C 236 -34.12 3.21 -19.05
CA ILE C 236 -35.21 4.13 -19.36
C ILE C 236 -35.00 4.70 -20.75
N GLU C 237 -36.11 4.92 -21.46
CA GLU C 237 -36.09 5.55 -22.77
C GLU C 237 -37.08 6.69 -22.90
N ASP C 238 -38.06 6.81 -22.01
CA ASP C 238 -39.05 7.88 -22.08
C ASP C 238 -38.55 9.08 -21.28
N GLY C 239 -37.66 9.85 -21.91
CA GLY C 239 -37.10 11.02 -21.27
C GLY C 239 -36.21 11.75 -22.25
N ASP C 240 -35.61 12.84 -21.77
CA ASP C 240 -34.71 13.61 -22.62
C ASP C 240 -33.45 12.81 -22.97
N SER C 241 -33.07 11.87 -22.11
CA SER C 241 -31.93 11.00 -22.38
C SER C 241 -32.14 9.69 -21.62
N MET C 242 -31.51 8.64 -22.13
CA MET C 242 -31.68 7.32 -21.55
C MET C 242 -30.92 7.19 -20.24
N ILE C 243 -31.27 6.16 -19.49
CA ILE C 243 -30.53 5.73 -18.30
C ILE C 243 -29.92 4.37 -18.59
N PHE C 244 -28.62 4.26 -18.35
CA PHE C 244 -27.86 3.05 -18.65
C PHE C 244 -27.35 2.43 -17.36
N GLY C 245 -27.47 1.12 -17.25
CA GLY C 245 -27.00 0.41 -16.08
C GLY C 245 -26.76 -1.06 -16.34
N ARG C 246 -25.69 -1.59 -15.76
CA ARG C 246 -25.36 -3.00 -15.88
C ARG C 246 -25.78 -3.73 -14.62
N PRO C 247 -26.85 -4.52 -14.63
CA PRO C 247 -27.23 -5.26 -13.43
C PRO C 247 -26.21 -6.32 -13.08
N THR C 248 -26.07 -6.58 -11.78
CA THR C 248 -25.27 -7.66 -11.26
C THR C 248 -26.11 -8.49 -10.30
N ILE C 249 -25.80 -9.77 -10.20
CA ILE C 249 -26.52 -10.70 -9.34
C ILE C 249 -25.53 -11.29 -8.35
N ILE C 250 -25.88 -11.23 -7.07
CA ILE C 250 -25.07 -11.77 -6.00
C ILE C 250 -25.82 -12.94 -5.37
N LYS C 251 -25.11 -14.03 -5.14
CA LYS C 251 -25.68 -15.22 -4.53
C LYS C 251 -25.01 -15.46 -3.19
N TYR C 252 -25.77 -16.00 -2.24
CA TYR C 252 -25.28 -16.25 -0.90
C TYR C 252 -25.80 -17.59 -0.38
N THR C 253 -25.10 -18.12 0.61
CA THR C 253 -25.52 -19.29 1.36
C THR C 253 -25.54 -18.93 2.83
N SER C 254 -26.68 -19.16 3.48
CA SER C 254 -26.86 -18.76 4.87
C SER C 254 -27.88 -19.68 5.50
N SER C 255 -27.98 -19.59 6.83
CA SER C 255 -28.85 -20.43 7.62
C SER C 255 -30.00 -19.63 8.20
N LEU C 256 -31.20 -20.18 8.10
CA LEU C 256 -32.39 -19.64 8.75
C LEU C 256 -32.59 -20.45 10.02
N ASP C 257 -32.19 -19.89 11.15
CA ASP C 257 -32.08 -20.61 12.40
C ASP C 257 -33.07 -20.07 13.43
N LEU C 258 -33.45 -20.96 14.35
CA LEU C 258 -34.31 -20.62 15.47
C LEU C 258 -33.76 -21.30 16.71
N ASP C 259 -34.04 -20.72 17.87
CA ASP C 259 -33.55 -21.21 19.14
C ASP C 259 -34.68 -21.94 19.86
N TYR C 260 -34.43 -23.19 20.23
CA TYR C 260 -35.36 -24.00 21.01
C TYR C 260 -34.70 -24.25 22.37
N THR C 261 -35.39 -23.85 23.43
CA THR C 261 -34.84 -23.91 24.78
C THR C 261 -35.29 -25.19 25.47
N ILE C 262 -34.41 -25.77 26.28
CA ILE C 262 -34.67 -27.01 26.98
C ILE C 262 -34.73 -26.71 28.48
N THR C 263 -35.75 -27.26 29.14
CA THR C 263 -35.91 -27.13 30.58
C THR C 263 -35.75 -28.44 31.32
N GLN C 264 -35.70 -29.56 30.60
CA GLN C 264 -35.61 -30.88 31.23
C GLN C 264 -34.17 -31.19 31.60
N ASP C 265 -33.64 -30.48 32.59
CA ASP C 265 -32.29 -30.71 33.08
C ASP C 265 -32.32 -31.76 34.18
N ILE C 266 -31.68 -32.90 33.92
CA ILE C 266 -31.61 -33.97 34.91
C ILE C 266 -30.47 -33.67 35.86
N ASN C 267 -30.76 -33.71 37.16
CA ASN C 267 -29.78 -33.49 38.21
C ASN C 267 -29.68 -34.64 39.19
N LYS C 268 -30.77 -35.37 39.42
CA LYS C 268 -30.82 -36.44 40.39
C LYS C 268 -30.94 -37.77 39.67
N LEU C 269 -30.47 -38.83 40.32
CA LEU C 269 -30.36 -40.15 39.67
C LEU C 269 -30.37 -41.21 40.78
N THR C 270 -31.49 -41.93 40.88
CA THR C 270 -31.75 -42.85 41.98
C THR C 270 -31.93 -44.26 41.43
N PHE C 271 -31.27 -45.22 42.06
CA PHE C 271 -31.31 -46.62 41.66
C PHE C 271 -32.05 -47.40 42.72
N LYS C 272 -33.04 -48.18 42.30
CA LYS C 272 -33.84 -49.02 43.20
C LYS C 272 -33.96 -50.40 42.58
N GLU C 273 -33.69 -51.43 43.38
CA GLU C 273 -33.70 -52.79 42.87
C GLU C 273 -35.10 -53.37 42.89
N ARG C 274 -35.32 -54.38 42.04
CA ARG C 274 -36.61 -55.05 41.99
C ARG C 274 -36.90 -55.73 43.32
N LYS C 275 -38.16 -55.64 43.76
CA LYS C 275 -38.54 -56.22 45.04
C LYS C 275 -38.30 -57.73 45.08
N ASP C 276 -38.61 -58.42 43.98
CA ASP C 276 -38.38 -59.85 43.88
C ASP C 276 -36.93 -60.22 44.19
N SER D 2 -5.02 16.50 30.35
CA SER D 2 -5.19 17.20 29.10
C SER D 2 -6.11 16.44 28.15
N ILE D 3 -7.34 16.93 28.01
CA ILE D 3 -8.33 16.35 27.11
C ILE D 3 -8.22 17.07 25.77
N GLU D 4 -8.06 16.30 24.70
CA GLU D 4 -7.81 16.86 23.37
C GLU D 4 -9.06 16.87 22.51
N LYS D 5 -9.71 15.72 22.32
CA LYS D 5 -10.95 15.63 21.57
C LYS D 5 -11.98 14.86 22.36
N LYS D 6 -13.21 15.36 22.37
CA LYS D 6 -14.33 14.72 23.05
C LYS D 6 -15.49 14.63 22.08
N GLU D 7 -16.02 13.41 21.93
CA GLU D 7 -17.18 13.16 21.10
C GLU D 7 -18.20 12.38 21.91
N GLU D 8 -19.46 12.74 21.76
CA GLU D 8 -20.55 12.10 22.49
C GLU D 8 -21.53 11.51 21.47
N VAL D 9 -21.91 10.25 21.69
CA VAL D 9 -22.77 9.51 20.78
C VAL D 9 -23.86 8.83 21.59
N ILE D 10 -25.07 8.81 21.05
CA ILE D 10 -26.23 8.24 21.70
C ILE D 10 -26.54 6.91 21.04
N ALA D 11 -26.56 5.84 21.84
CA ALA D 11 -26.86 4.52 21.31
C ALA D 11 -28.36 4.27 21.26
N HIS D 12 -29.04 4.49 22.38
CA HIS D 12 -30.48 4.24 22.48
C HIS D 12 -31.12 5.37 23.27
N ASN D 13 -32.43 5.53 23.08
CA ASN D 13 -33.20 6.51 23.82
C ASN D 13 -34.65 6.04 23.87
N GLU D 14 -35.06 5.52 25.02
CA GLU D 14 -36.39 4.97 25.19
C GLU D 14 -36.92 5.39 26.55
N VAL D 15 -38.22 5.18 26.75
CA VAL D 15 -38.92 5.59 27.95
C VAL D 15 -39.29 4.37 28.77
N VAL D 16 -39.01 4.43 30.07
CA VAL D 16 -39.29 3.35 31.00
C VAL D 16 -40.18 3.89 32.10
N PHE D 17 -41.16 3.10 32.52
CA PHE D 17 -42.17 3.51 33.47
C PHE D 17 -41.98 2.77 34.79
N ARG D 18 -41.94 3.53 35.88
CA ARG D 18 -41.81 2.99 37.22
C ARG D 18 -43.07 3.30 38.03
N SER D 19 -43.49 2.34 38.84
CA SER D 19 -44.61 2.54 39.75
C SER D 19 -44.11 3.30 40.98
N LEU D 20 -44.83 4.35 41.35
CA LEU D 20 -44.41 5.18 42.48
C LEU D 20 -44.40 4.37 43.77
N THR D 21 -45.44 3.56 43.98
CA THR D 21 -45.57 2.82 45.23
C THR D 21 -44.70 1.57 45.22
N GLN D 22 -44.94 0.68 44.26
CA GLN D 22 -44.23 -0.59 44.24
C GLN D 22 -42.73 -0.41 44.02
N GLY D 23 -42.34 0.57 43.20
CA GLY D 23 -41.02 0.90 42.72
C GLY D 23 -40.54 -0.01 41.60
N LEU D 24 -41.39 -0.91 41.13
CA LEU D 24 -41.01 -1.82 40.05
C LEU D 24 -41.19 -1.15 38.70
N TYR D 25 -40.62 -1.78 37.67
CA TYR D 25 -40.82 -1.35 36.30
C TYR D 25 -41.78 -2.29 35.60
N VAL D 26 -42.60 -1.74 34.71
CA VAL D 26 -43.55 -2.55 33.97
C VAL D 26 -42.80 -3.39 32.94
N LYS D 27 -43.30 -4.60 32.71
CA LYS D 27 -42.76 -5.49 31.70
C LYS D 27 -43.80 -5.95 30.69
N GLU D 28 -45.08 -5.90 31.03
CA GLU D 28 -46.11 -6.42 30.15
C GLU D 28 -47.42 -5.72 30.45
N VAL D 29 -48.32 -5.71 29.46
CA VAL D 29 -49.63 -5.09 29.58
C VAL D 29 -50.66 -5.95 28.87
N ASP D 30 -51.92 -5.66 29.14
CA ASP D 30 -53.04 -6.45 28.65
C ASP D 30 -53.57 -5.88 27.34
N ILE D 31 -54.73 -6.38 26.90
CA ILE D 31 -55.38 -5.84 25.70
C ILE D 31 -55.72 -4.37 25.90
N TYR D 32 -56.17 -4.01 27.09
CA TYR D 32 -56.50 -2.63 27.43
C TYR D 32 -55.27 -1.80 27.77
N SER D 33 -54.07 -2.39 27.69
CA SER D 33 -52.82 -1.71 27.99
C SER D 33 -52.63 -1.48 29.48
N ASP D 34 -53.46 -2.11 30.31
CA ASP D 34 -53.23 -2.12 31.74
C ASP D 34 -52.18 -3.16 32.10
N VAL D 35 -51.52 -2.95 33.23
CA VAL D 35 -50.34 -3.73 33.57
C VAL D 35 -50.73 -5.18 33.82
N VAL D 36 -49.95 -6.09 33.23
CA VAL D 36 -50.08 -7.51 33.47
C VAL D 36 -48.98 -8.02 34.39
N SER D 37 -47.83 -7.36 34.38
CA SER D 37 -46.65 -7.86 35.09
C SER D 37 -45.75 -6.71 35.46
N TYR D 38 -44.82 -6.97 36.37
CA TYR D 38 -43.81 -6.02 36.81
C TYR D 38 -42.46 -6.71 36.83
N THR D 39 -41.40 -5.90 36.76
CA THR D 39 -40.04 -6.43 36.84
C THR D 39 -39.12 -5.37 37.43
N LYS D 40 -38.21 -5.81 38.29
CA LYS D 40 -37.19 -4.94 38.87
C LYS D 40 -35.87 -5.04 38.11
N ASP D 41 -35.93 -4.77 36.81
CA ASP D 41 -34.74 -4.82 35.97
C ASP D 41 -34.92 -3.82 34.83
N VAL D 42 -33.99 -2.87 34.73
CA VAL D 42 -34.04 -1.87 33.67
C VAL D 42 -33.88 -2.51 32.31
N ASP D 43 -33.07 -3.56 32.20
CA ASP D 43 -32.80 -4.18 30.91
C ASP D 43 -33.98 -4.97 30.38
N GLU D 44 -34.89 -5.42 31.25
CA GLU D 44 -36.04 -6.20 30.85
C GLU D 44 -37.34 -5.42 30.87
N ALA D 45 -37.32 -4.16 31.30
CA ALA D 45 -38.55 -3.40 31.46
C ALA D 45 -39.19 -3.09 30.12
N LEU D 46 -40.49 -2.84 30.16
CA LEU D 46 -41.21 -2.36 28.99
C LEU D 46 -40.59 -1.05 28.52
N ALA D 47 -40.56 -0.86 27.20
CA ALA D 47 -39.91 0.29 26.61
C ALA D 47 -40.78 0.87 25.50
N MET D 48 -40.82 2.20 25.43
CA MET D 48 -41.38 2.90 24.29
C MET D 48 -40.24 3.55 23.52
N PRO D 49 -40.04 3.26 22.24
CA PRO D 49 -38.95 3.93 21.52
C PRO D 49 -39.14 5.44 21.53
N ASN D 50 -38.03 6.16 21.68
CA ASN D 50 -38.10 7.61 21.78
C ASN D 50 -37.01 8.30 20.97
N THR D 51 -36.50 7.64 19.93
CA THR D 51 -35.72 8.36 18.95
C THR D 51 -36.62 9.36 18.24
N ILE D 52 -36.01 10.23 17.42
CA ILE D 52 -36.70 11.42 16.96
C ILE D 52 -37.92 11.05 16.11
N ASN D 53 -37.80 10.00 15.30
CA ASN D 53 -38.90 9.64 14.40
C ASN D 53 -40.12 9.12 15.15
N PHE D 54 -39.94 8.58 16.36
CA PHE D 54 -41.01 7.91 17.08
C PHE D 54 -41.73 8.79 18.10
N LYS D 55 -41.38 10.07 18.18
CA LYS D 55 -42.00 10.93 19.18
C LYS D 55 -43.49 11.10 18.88
N ASN D 56 -44.24 11.50 19.91
CA ASN D 56 -45.68 11.66 19.82
C ASN D 56 -46.36 10.35 19.41
N SER D 57 -46.22 9.34 20.26
CA SER D 57 -46.82 8.04 19.98
C SER D 57 -48.27 7.99 20.44
N ARG D 58 -48.90 6.85 20.19
CA ARG D 58 -50.28 6.60 20.58
C ARG D 58 -50.46 5.31 21.37
N LYS D 59 -49.49 4.40 21.30
CA LYS D 59 -49.71 3.04 21.81
C LYS D 59 -49.89 3.01 23.31
N TYR D 60 -49.38 4.02 24.03
CA TYR D 60 -49.35 4.00 25.48
C TYR D 60 -50.02 5.23 26.09
N LYS D 61 -51.06 5.77 25.46
CA LYS D 61 -51.75 6.92 26.03
C LYS D 61 -52.41 6.56 27.35
N LYS D 62 -53.14 5.44 27.38
CA LYS D 62 -53.80 5.03 28.61
C LYS D 62 -52.80 4.68 29.70
N LEU D 63 -51.55 4.38 29.33
CA LEU D 63 -50.51 4.13 30.31
C LEU D 63 -49.98 5.44 30.89
N ILE D 64 -49.65 6.39 30.02
CA ILE D 64 -49.01 7.62 30.46
C ILE D 64 -49.93 8.40 31.40
N MET D 65 -51.22 8.48 31.05
CA MET D 65 -52.14 9.26 31.88
C MET D 65 -52.27 8.67 33.28
N ASN D 66 -51.94 7.40 33.47
CA ASN D 66 -52.04 6.78 34.78
C ASN D 66 -51.14 7.51 35.77
N LEU D 67 -51.73 7.93 36.90
CA LEU D 67 -51.00 8.75 37.84
C LEU D 67 -50.01 7.93 38.65
N ASP D 68 -50.30 6.65 38.89
CA ASP D 68 -49.42 5.82 39.69
C ASP D 68 -48.09 5.56 39.00
N LEU D 69 -48.01 5.78 37.70
CA LEU D 69 -46.81 5.46 36.92
C LEU D 69 -45.94 6.69 36.76
N GLU D 70 -44.63 6.49 36.83
CA GLU D 70 -43.64 7.56 36.73
C GLU D 70 -42.77 7.33 35.49
N PRO D 71 -43.06 8.00 34.38
CA PRO D 71 -42.22 7.81 33.19
C PRO D 71 -40.78 8.25 33.46
N LEU D 72 -39.84 7.52 32.87
CA LEU D 72 -38.42 7.83 32.99
C LEU D 72 -37.78 7.76 31.62
N ASN D 73 -36.98 8.77 31.30
CA ASN D 73 -36.27 8.83 30.01
C ASN D 73 -34.93 8.16 30.18
N LYS D 74 -34.75 7.03 29.52
CA LYS D 74 -33.52 6.24 29.59
C LYS D 74 -32.70 6.54 28.34
N ILE D 75 -31.42 6.87 28.55
CA ILE D 75 -30.50 7.19 27.47
C ILE D 75 -29.20 6.44 27.70
N GLN D 76 -28.66 5.88 26.63
CA GLN D 76 -27.40 5.16 26.65
C GLN D 76 -26.43 5.87 25.72
N LYS D 77 -25.20 6.06 26.20
CA LYS D 77 -24.24 6.89 25.51
C LYS D 77 -22.87 6.23 25.45
N VAL D 78 -22.10 6.63 24.45
CA VAL D 78 -20.69 6.31 24.34
C VAL D 78 -19.95 7.62 24.02
N ILE D 79 -18.88 7.88 24.76
CA ILE D 79 -18.07 9.07 24.55
C ILE D 79 -16.62 8.67 24.35
N TYR D 80 -15.96 9.32 23.40
CA TYR D 80 -14.58 9.06 23.06
C TYR D 80 -13.72 10.25 23.49
N GLU D 81 -12.70 9.97 24.30
CA GLU D 81 -11.85 11.02 24.86
C GLU D 81 -10.41 10.72 24.49
N THR D 82 -9.79 11.62 23.73
CA THR D 82 -8.41 11.48 23.30
C THR D 82 -7.50 12.25 24.22
N HIS D 83 -6.30 11.71 24.46
CA HIS D 83 -5.34 12.28 25.40
C HIS D 83 -3.97 12.39 24.76
N LEU D 84 -3.20 13.38 25.21
CA LEU D 84 -1.78 13.48 24.94
C LEU D 84 -1.07 13.70 26.26
N GLU D 85 0.04 12.97 26.46
CA GLU D 85 0.72 12.94 27.76
C GLU D 85 2.19 13.28 27.63
N GLY D 86 2.58 14.04 26.62
CA GLY D 86 3.96 14.44 26.49
C GLY D 86 4.88 13.28 26.17
N LEU D 87 6.16 13.49 26.44
CA LEU D 87 7.19 12.50 26.17
C LEU D 87 7.25 11.47 27.28
N ALA E 2 37.42 -22.30 10.94
CA ALA E 2 38.86 -22.51 11.03
C ALA E 2 39.45 -22.80 9.65
N VAL E 3 40.75 -23.06 9.61
CA VAL E 3 41.48 -23.29 8.37
C VAL E 3 42.06 -24.70 8.40
N GLU E 4 41.76 -25.48 7.38
CA GLU E 4 42.47 -26.73 7.16
C GLU E 4 43.78 -26.39 6.45
N PRO E 5 44.92 -26.37 7.15
CA PRO E 5 46.08 -25.64 6.62
C PRO E 5 46.69 -26.21 5.34
N PHE E 6 46.86 -27.52 5.25
CA PHE E 6 47.74 -28.13 4.26
C PHE E 6 46.95 -28.70 3.07
N PRO E 7 47.12 -28.18 1.86
CA PRO E 7 46.57 -28.84 0.68
C PRO E 7 47.51 -29.92 0.15
N ARG E 8 47.16 -30.46 -1.01
CA ARG E 8 47.87 -31.59 -1.58
C ARG E 8 49.32 -31.25 -1.90
N ARG E 9 50.19 -32.24 -1.78
CA ARG E 9 51.51 -32.16 -2.39
C ARG E 9 51.40 -32.53 -3.87
N PRO E 10 51.88 -31.69 -4.79
CA PRO E 10 51.95 -32.14 -6.19
C PRO E 10 52.85 -33.37 -6.32
N ILE E 11 52.44 -34.28 -7.20
CA ILE E 11 53.15 -35.53 -7.41
C ILE E 11 53.68 -35.56 -8.83
N THR E 12 54.61 -36.48 -9.08
CA THR E 12 55.33 -36.55 -10.35
C THR E 12 55.07 -37.83 -11.13
N ARG E 13 54.98 -38.97 -10.45
CA ARG E 13 54.97 -40.27 -11.11
C ARG E 13 53.93 -41.16 -10.44
N PRO E 14 53.31 -42.08 -11.17
CA PRO E 14 52.47 -43.09 -10.53
C PRO E 14 53.30 -44.25 -10.02
N HIS E 15 53.26 -44.49 -8.71
CA HIS E 15 54.10 -45.51 -8.11
C HIS E 15 53.53 -45.90 -6.76
N ALA E 16 53.95 -47.07 -6.29
CA ALA E 16 53.65 -47.54 -4.95
C ALA E 16 54.97 -47.76 -4.21
N SER E 17 55.11 -47.11 -3.06
CA SER E 17 56.33 -47.18 -2.26
C SER E 17 55.97 -47.63 -0.86
N ILE E 18 56.82 -48.48 -0.28
CA ILE E 18 56.60 -49.06 1.03
C ILE E 18 57.93 -49.01 1.79
N GLU E 19 57.88 -48.54 3.04
CA GLU E 19 59.08 -48.31 3.84
C GLU E 19 58.80 -48.68 5.29
N VAL E 20 59.65 -49.53 5.86
CA VAL E 20 59.50 -49.90 7.26
C VAL E 20 59.70 -48.67 8.13
N ASP E 21 59.11 -48.70 9.32
CA ASP E 21 59.27 -47.60 10.27
C ASP E 21 58.94 -48.09 11.66
N THR E 22 59.41 -47.33 12.65
CA THR E 22 59.09 -47.65 14.05
C THR E 22 57.68 -47.22 14.41
N SER E 23 57.15 -46.20 13.73
CA SER E 23 55.87 -45.60 14.07
C SER E 23 55.02 -45.47 12.82
N GLY E 24 53.70 -45.41 13.03
CA GLY E 24 52.74 -45.29 11.95
C GLY E 24 52.08 -43.91 11.90
N ILE E 25 50.97 -43.87 11.17
CA ILE E 25 50.26 -42.61 10.98
C ILE E 25 49.43 -42.22 12.20
N GLY E 26 49.20 -43.16 13.12
CA GLY E 26 48.51 -42.81 14.35
C GLY E 26 46.99 -42.77 14.19
N GLY E 27 46.37 -41.96 15.04
CA GLY E 27 44.93 -41.92 15.13
C GLY E 27 44.29 -41.15 13.99
N SER E 28 42.96 -41.06 14.07
CA SER E 28 42.15 -40.40 13.05
C SER E 28 40.87 -39.88 13.68
N ALA E 29 40.39 -38.75 13.19
CA ALA E 29 39.15 -38.18 13.69
C ALA E 29 37.96 -38.97 13.19
N GLY E 30 37.07 -39.32 14.12
CA GLY E 30 35.87 -40.05 13.74
C GLY E 30 34.69 -39.13 13.50
N SER E 31 33.62 -39.71 12.95
CA SER E 31 32.40 -38.95 12.73
C SER E 31 31.85 -38.44 14.05
N SER E 32 31.39 -37.19 14.05
CA SER E 32 30.96 -36.56 15.29
C SER E 32 29.93 -35.47 14.99
N GLU E 33 28.99 -35.31 15.93
CA GLU E 33 28.05 -34.20 15.85
C GLU E 33 28.72 -32.87 16.14
N LYS E 34 29.75 -32.89 16.99
CA LYS E 34 30.32 -31.68 17.57
C LYS E 34 31.82 -31.62 17.30
N VAL E 35 32.43 -30.54 17.77
CA VAL E 35 33.86 -30.27 17.56
C VAL E 35 34.49 -29.99 18.90
N PHE E 36 35.79 -30.29 19.02
CA PHE E 36 36.54 -30.19 20.26
C PHE E 36 37.65 -29.17 20.07
N CYS E 37 37.68 -28.16 20.94
CA CYS E 37 38.66 -27.07 20.87
C CYS E 37 39.72 -27.29 21.94
N LEU E 38 40.98 -27.02 21.58
CA LEU E 38 42.10 -27.16 22.50
C LEU E 38 43.08 -26.01 22.30
N ILE E 39 43.73 -25.61 23.40
CA ILE E 39 44.81 -24.64 23.38
C ILE E 39 45.91 -25.15 24.30
N GLY E 40 47.16 -24.99 23.88
CA GLY E 40 48.26 -25.46 24.68
C GLY E 40 49.60 -25.12 24.06
N GLN E 41 50.66 -25.34 24.84
CA GLN E 41 52.01 -25.23 24.33
C GLN E 41 52.20 -26.18 23.15
N ALA E 42 52.75 -25.67 22.06
CA ALA E 42 52.87 -26.47 20.85
C ALA E 42 53.86 -25.81 19.90
N GLU E 43 54.83 -26.60 19.43
CA GLU E 43 55.78 -26.12 18.44
C GLU E 43 55.21 -26.27 17.04
N GLY E 44 55.44 -25.25 16.22
CA GLY E 44 54.93 -25.24 14.86
C GLY E 44 53.56 -24.58 14.76
N GLY E 45 53.22 -24.18 13.54
CA GLY E 45 51.96 -23.53 13.27
C GLY E 45 52.01 -22.04 13.50
N GLU E 46 51.00 -21.32 13.03
CA GLU E 46 50.97 -19.87 13.16
C GLU E 46 50.37 -19.47 14.50
N PRO E 47 51.00 -18.58 15.27
CA PRO E 47 50.39 -18.14 16.53
C PRO E 47 49.15 -17.31 16.27
N ASN E 48 48.23 -17.34 17.25
CA ASN E 48 46.96 -16.62 17.16
C ASN E 48 46.19 -17.01 15.90
N THR E 49 46.32 -18.27 15.48
CA THR E 49 45.56 -18.82 14.38
C THR E 49 45.07 -20.20 14.77
N VAL E 50 43.82 -20.50 14.41
CA VAL E 50 43.18 -21.77 14.77
C VAL E 50 43.19 -22.68 13.56
N TYR E 51 43.64 -23.91 13.76
CA TYR E 51 43.75 -24.91 12.70
C TYR E 51 42.80 -26.06 12.99
N GLU E 52 42.15 -26.56 11.94
CA GLU E 52 41.28 -27.72 12.04
C GLU E 52 42.06 -28.96 11.64
N LEU E 53 41.93 -30.03 12.41
CA LEU E 53 42.66 -31.27 12.20
C LEU E 53 41.67 -32.42 12.04
N ARG E 54 41.83 -33.20 10.97
CA ARG E 54 41.03 -34.40 10.75
C ARG E 54 41.82 -35.67 11.03
N ASN E 55 43.14 -35.61 11.03
CA ASN E 55 43.98 -36.79 11.21
C ASN E 55 45.19 -36.41 12.06
N TYR E 56 45.74 -37.42 12.73
CA TYR E 56 46.95 -37.20 13.52
C TYR E 56 48.14 -36.84 12.64
N SER E 57 48.11 -37.26 11.37
CA SER E 57 49.20 -36.92 10.46
C SER E 57 49.32 -35.41 10.29
N GLN E 58 48.18 -34.73 10.11
CA GLN E 58 48.20 -33.29 9.98
C GLN E 58 48.72 -32.64 11.25
N ALA E 59 48.34 -33.19 12.41
CA ALA E 59 48.80 -32.64 13.68
C ALA E 59 50.32 -32.74 13.79
N LYS E 60 50.88 -33.89 13.42
CA LYS E 60 52.32 -34.03 13.40
C LYS E 60 52.95 -33.08 12.39
N ARG E 61 52.32 -32.97 11.22
CA ARG E 61 52.91 -32.20 10.14
C ARG E 61 52.96 -30.70 10.44
N LEU E 62 52.02 -30.21 11.24
CA LEU E 62 51.87 -28.79 11.51
C LEU E 62 52.16 -28.44 12.95
N PHE E 63 51.44 -29.03 13.90
CA PHE E 63 51.79 -28.94 15.32
C PHE E 63 52.90 -29.97 15.61
N ARG E 64 54.13 -29.57 15.28
CA ARG E 64 55.23 -30.52 15.13
C ARG E 64 55.53 -31.26 16.43
N SER E 65 55.36 -30.59 17.57
CA SER E 65 55.59 -31.26 18.85
C SER E 65 54.99 -30.41 19.96
N GLY E 66 54.81 -31.03 21.11
CA GLY E 66 54.30 -30.39 22.30
C GLY E 66 53.25 -31.23 23.00
N GLU E 67 52.92 -30.80 24.22
CA GLU E 67 51.90 -31.49 24.99
C GLU E 67 50.54 -31.44 24.29
N LEU E 68 50.31 -30.40 23.49
CA LEU E 68 49.09 -30.32 22.71
C LEU E 68 48.94 -31.55 21.80
N LEU E 69 50.01 -31.88 21.08
CA LEU E 69 49.95 -33.04 20.20
C LEU E 69 49.70 -34.33 20.98
N ASP E 70 50.24 -34.42 22.19
CA ASP E 70 49.93 -35.56 23.05
C ASP E 70 48.46 -35.57 23.42
N ALA E 71 47.88 -34.39 23.63
CA ALA E 71 46.46 -34.31 23.99
C ALA E 71 45.59 -34.84 22.86
N ILE E 72 45.94 -34.52 21.62
CA ILE E 72 45.19 -35.04 20.48
C ILE E 72 45.24 -36.55 20.46
N GLU E 73 46.40 -37.12 20.76
CA GLU E 73 46.53 -38.58 20.81
C GLU E 73 45.60 -39.17 21.86
N LEU E 74 45.51 -38.51 23.02
CA LEU E 74 44.58 -38.96 24.05
C LEU E 74 43.14 -38.88 23.56
N ALA E 75 42.82 -37.83 22.81
CA ALA E 75 41.44 -37.64 22.37
C ALA E 75 40.98 -38.77 21.47
N TRP E 76 41.83 -39.18 20.52
CA TRP E 76 41.45 -40.21 19.57
C TRP E 76 41.85 -41.60 20.05
N GLY E 77 42.82 -41.69 20.96
CA GLY E 77 43.28 -43.00 21.39
C GLY E 77 42.66 -43.48 22.69
N SER E 78 41.89 -42.62 23.36
CA SER E 78 41.33 -42.98 24.65
C SER E 78 40.37 -44.16 24.53
N ASN E 79 39.51 -44.17 23.52
CA ASN E 79 38.59 -45.26 23.30
C ASN E 79 38.28 -45.40 21.81
N PRO E 80 38.56 -46.55 21.18
CA PRO E 80 38.21 -46.69 19.76
C PRO E 80 36.72 -46.59 19.50
N ASN E 81 35.90 -47.02 20.45
CA ASN E 81 34.45 -46.97 20.26
C ASN E 81 33.94 -45.54 20.37
N TYR E 82 34.45 -44.81 21.35
CA TYR E 82 34.09 -43.41 21.57
C TYR E 82 35.18 -42.45 21.12
N THR E 83 35.81 -42.75 19.98
CA THR E 83 36.88 -41.92 19.46
C THR E 83 36.41 -40.47 19.31
N ALA E 84 37.27 -39.54 19.69
CA ALA E 84 36.90 -38.14 19.68
C ALA E 84 36.72 -37.64 18.24
N GLY E 85 35.90 -36.61 18.09
CA GLY E 85 35.59 -36.07 16.79
C GLY E 85 36.65 -35.12 16.25
N ARG E 86 36.21 -34.14 15.47
CA ARG E 86 37.14 -33.20 14.86
C ARG E 86 37.71 -32.25 15.91
N ILE E 87 38.80 -31.57 15.54
CA ILE E 87 39.62 -30.83 16.48
C ILE E 87 39.86 -29.42 15.94
N LEU E 88 39.88 -28.45 16.84
CA LEU E 88 40.36 -27.10 16.56
C LEU E 88 41.46 -26.77 17.56
N ALA E 89 42.60 -26.31 17.05
CA ALA E 89 43.81 -26.15 17.85
C ALA E 89 44.44 -24.80 17.58
N MET E 90 44.95 -24.17 18.63
CA MET E 90 45.72 -22.95 18.52
C MET E 90 46.79 -22.94 19.60
N ARG E 91 48.02 -22.65 19.20
CA ARG E 91 49.17 -22.68 20.08
C ARG E 91 49.20 -21.42 20.93
N ILE E 92 49.47 -21.59 22.23
CA ILE E 92 49.54 -20.44 23.12
C ILE E 92 50.77 -19.59 22.80
N GLU E 93 51.89 -20.23 22.50
CA GLU E 93 53.15 -19.51 22.33
C GLU E 93 53.10 -18.63 21.09
N ASP E 94 53.55 -17.38 21.26
CA ASP E 94 53.61 -16.42 20.15
C ASP E 94 55.01 -16.49 19.53
N ALA E 95 55.23 -17.54 18.76
CA ALA E 95 56.52 -17.77 18.15
C ALA E 95 56.81 -16.73 17.07
N LYS E 96 58.08 -16.66 16.67
CA LYS E 96 58.55 -15.71 15.68
C LYS E 96 59.19 -16.44 14.51
N PRO E 97 59.26 -15.80 13.34
CA PRO E 97 59.98 -16.42 12.22
C PRO E 97 61.46 -16.13 12.31
N ALA E 98 62.24 -16.96 11.61
CA ALA E 98 63.66 -16.72 11.43
C ALA E 98 63.89 -16.09 10.06
N SER E 99 64.92 -15.25 9.97
CA SER E 99 65.17 -14.46 8.78
C SER E 99 66.64 -14.50 8.41
N ALA E 100 66.89 -14.42 7.10
CA ALA E 100 68.23 -14.29 6.54
C ALA E 100 68.19 -13.27 5.42
N GLU E 101 69.18 -12.38 5.38
CA GLU E 101 69.24 -11.30 4.38
C GLU E 101 70.64 -11.29 3.79
N ILE E 102 70.85 -12.08 2.75
CA ILE E 102 72.16 -12.22 2.11
C ILE E 102 71.94 -12.31 0.61
N GLY E 103 72.90 -11.76 -0.14
CA GLY E 103 72.89 -11.89 -1.59
C GLY E 103 71.69 -11.26 -2.26
N GLY E 104 71.32 -10.04 -1.86
CA GLY E 104 70.22 -9.34 -2.47
C GLY E 104 68.86 -9.93 -2.19
N LEU E 105 68.75 -10.87 -1.26
CA LEU E 105 67.50 -11.55 -0.96
C LEU E 105 67.25 -11.57 0.54
N LYS E 106 66.02 -11.23 0.92
CA LYS E 106 65.54 -11.37 2.29
C LYS E 106 64.77 -12.68 2.38
N ILE E 107 65.25 -13.60 3.21
CA ILE E 107 64.77 -14.97 3.27
C ILE E 107 64.18 -15.18 4.65
N THR E 108 62.94 -15.67 4.70
CA THR E 108 62.21 -15.84 5.94
C THR E 108 61.58 -17.22 5.97
N SER E 109 61.25 -17.67 7.18
CA SER E 109 60.79 -19.03 7.42
C SER E 109 59.27 -19.07 7.50
N LYS E 110 58.67 -20.04 6.78
CA LYS E 110 57.27 -20.35 6.99
C LYS E 110 57.03 -20.96 8.36
N ILE E 111 58.07 -21.46 9.02
CA ILE E 111 57.99 -22.07 10.33
C ILE E 111 58.19 -21.00 11.39
N TYR E 112 57.48 -21.13 12.51
CA TYR E 112 57.54 -20.17 13.60
C TYR E 112 57.99 -20.89 14.87
N GLY E 113 59.08 -20.43 15.44
CA GLY E 113 59.59 -21.01 16.67
C GLY E 113 61.11 -21.05 16.65
N ASN E 114 61.66 -21.61 17.74
CA ASN E 114 63.11 -21.75 17.85
C ASN E 114 63.66 -22.70 16.79
N VAL E 115 62.84 -23.59 16.24
CA VAL E 115 63.31 -24.51 15.21
C VAL E 115 63.72 -23.74 13.97
N ALA E 116 63.10 -22.57 13.74
CA ALA E 116 63.29 -21.87 12.48
C ALA E 116 64.73 -21.46 12.23
N ASN E 117 65.55 -21.34 13.28
CA ASN E 117 66.95 -20.97 13.09
C ASN E 117 67.78 -22.09 12.48
N ASN E 118 67.26 -23.32 12.44
CA ASN E 118 67.96 -24.45 11.84
C ASN E 118 67.72 -24.58 10.34
N ILE E 119 67.24 -23.53 9.69
CA ILE E 119 66.97 -23.53 8.25
C ILE E 119 68.16 -22.88 7.55
N GLN E 120 68.67 -23.52 6.52
CA GLN E 120 69.81 -23.02 5.75
C GLN E 120 69.43 -22.92 4.27
N VAL E 121 69.72 -21.76 3.68
CA VAL E 121 69.44 -21.49 2.28
C VAL E 121 70.63 -20.75 1.68
N GLY E 122 70.95 -21.08 0.44
CA GLY E 122 72.05 -20.45 -0.25
C GLY E 122 71.87 -20.48 -1.74
N LEU E 123 72.52 -19.54 -2.42
CA LEU E 123 72.52 -19.47 -3.87
C LEU E 123 73.91 -19.81 -4.40
N GLU E 124 73.96 -20.31 -5.63
CA GLU E 124 75.20 -20.67 -6.28
C GLU E 124 75.16 -20.20 -7.73
N LYS E 125 76.34 -19.96 -8.29
CA LYS E 125 76.48 -19.48 -9.66
C LYS E 125 76.68 -20.69 -10.58
N ASN E 126 75.84 -20.78 -11.60
CA ASN E 126 75.95 -21.84 -12.60
C ASN E 126 76.69 -21.29 -13.80
N THR E 127 77.99 -21.58 -13.87
CA THR E 127 78.82 -21.05 -14.95
C THR E 127 78.42 -21.64 -16.30
N LEU E 128 77.73 -22.79 -16.30
CA LEU E 128 77.45 -23.50 -17.55
C LEU E 128 76.45 -22.76 -18.43
N SER E 129 75.54 -21.96 -17.84
CA SER E 129 74.49 -21.32 -18.62
C SER E 129 74.28 -19.87 -18.22
N ASP E 130 75.25 -19.26 -17.54
CA ASP E 130 75.14 -17.88 -17.07
C ASP E 130 73.87 -17.70 -16.24
N SER E 131 73.76 -18.49 -15.18
CA SER E 131 72.54 -18.55 -14.39
C SER E 131 72.91 -18.78 -12.93
N LEU E 132 71.95 -18.50 -12.06
CA LEU E 132 72.10 -18.73 -10.63
C LEU E 132 71.40 -20.02 -10.23
N ARG E 133 71.86 -20.58 -9.11
CA ARG E 133 71.39 -21.87 -8.62
C ARG E 133 71.05 -21.73 -7.15
N LEU E 134 70.04 -22.49 -6.72
CA LEU E 134 69.52 -22.41 -5.36
C LEU E 134 69.49 -23.79 -4.73
N ARG E 135 69.79 -23.84 -3.43
CA ARG E 135 69.61 -25.04 -2.63
C ARG E 135 68.97 -24.65 -1.30
N VAL E 136 67.98 -25.42 -0.87
CA VAL E 136 67.31 -25.23 0.41
C VAL E 136 67.39 -26.54 1.18
N ILE E 137 67.94 -26.48 2.39
CA ILE E 137 68.03 -27.64 3.28
C ILE E 137 67.44 -27.25 4.62
N PHE E 138 66.44 -28.02 5.07
CA PHE E 138 65.91 -27.89 6.43
C PHE E 138 66.36 -29.14 7.18
N GLN E 139 67.43 -28.98 7.97
CA GLN E 139 68.17 -30.14 8.46
C GLN E 139 67.35 -30.98 9.43
N ASP E 140 66.55 -30.35 10.29
CA ASP E 140 65.80 -31.12 11.29
C ASP E 140 64.83 -32.08 10.62
N ASP E 141 64.11 -31.63 9.60
CA ASP E 141 63.24 -32.50 8.83
C ASP E 141 63.94 -33.17 7.65
N ARG E 142 65.24 -32.89 7.46
CA ARG E 142 66.08 -33.43 6.39
C ARG E 142 65.50 -33.16 5.01
N PHE E 143 64.89 -31.99 4.84
CA PHE E 143 64.22 -31.62 3.60
C PHE E 143 65.19 -30.85 2.72
N ASN E 144 65.57 -31.44 1.60
CA ASN E 144 66.56 -30.86 0.68
C ASN E 144 65.88 -30.50 -0.63
N GLU E 145 66.10 -29.28 -1.10
CA GLU E 145 65.54 -28.80 -2.36
C GLU E 145 66.64 -28.12 -3.16
N VAL E 146 66.54 -28.23 -4.49
CA VAL E 146 67.52 -27.64 -5.40
C VAL E 146 66.79 -27.09 -6.62
N TYR E 147 67.18 -25.88 -7.04
CA TYR E 147 66.74 -25.29 -8.30
C TYR E 147 67.96 -24.86 -9.10
N ASP E 148 67.87 -24.98 -10.42
CA ASP E 148 68.98 -24.70 -11.31
C ASP E 148 68.49 -23.92 -12.51
N ASN E 149 69.43 -23.26 -13.19
CA ASN E 149 69.14 -22.40 -14.34
C ASN E 149 68.11 -21.33 -13.98
N ILE E 150 68.25 -20.75 -12.79
CA ILE E 150 67.24 -19.82 -12.28
C ILE E 150 67.43 -18.47 -12.93
N GLY E 151 66.38 -17.97 -13.59
CA GLY E 151 66.34 -16.63 -14.12
C GLY E 151 66.32 -16.56 -15.65
N ASN E 152 66.93 -17.53 -16.33
CA ASN E 152 67.11 -17.47 -17.77
C ASN E 152 65.89 -18.09 -18.45
N ILE E 153 65.22 -17.29 -19.29
CA ILE E 153 63.97 -17.71 -19.90
C ILE E 153 64.22 -18.17 -21.34
N PHE E 154 64.74 -17.28 -22.17
CA PHE E 154 64.92 -17.59 -23.59
C PHE E 154 66.11 -16.80 -24.14
N THR E 155 66.63 -17.28 -25.26
CA THR E 155 67.80 -16.69 -25.92
C THR E 155 67.40 -16.09 -27.25
N ILE E 156 68.03 -14.96 -27.60
CA ILE E 156 67.77 -14.25 -28.85
C ILE E 156 69.03 -14.26 -29.68
N LYS E 157 68.90 -14.57 -30.96
CA LYS E 157 69.95 -14.39 -31.94
C LYS E 157 69.43 -13.57 -33.11
N TYR E 158 70.26 -12.63 -33.56
CA TYR E 158 70.00 -11.88 -34.78
C TYR E 158 70.84 -12.49 -35.91
N LYS E 159 70.19 -12.85 -37.01
CA LYS E 159 70.82 -13.67 -38.04
C LYS E 159 71.33 -12.88 -39.22
N GLY E 160 71.03 -11.59 -39.31
CA GLY E 160 71.39 -10.82 -40.48
C GLY E 160 72.87 -10.48 -40.53
N GLU E 161 73.27 -9.90 -41.67
CA GLU E 161 74.66 -9.55 -41.92
C GLU E 161 75.02 -8.15 -41.40
N GLU E 162 74.06 -7.42 -40.84
CA GLU E 162 74.32 -6.03 -40.46
C GLU E 162 75.32 -5.97 -39.32
N ALA E 163 75.97 -4.82 -39.19
CA ALA E 163 77.15 -4.70 -38.34
C ALA E 163 76.83 -5.00 -36.88
N ASN E 164 75.81 -4.34 -36.33
CA ASN E 164 75.54 -4.43 -34.90
C ASN E 164 74.05 -4.57 -34.64
N ALA E 165 73.71 -5.47 -33.70
CA ALA E 165 72.35 -5.62 -33.20
C ALA E 165 72.42 -5.52 -31.68
N THR E 166 71.58 -4.66 -31.10
CA THR E 166 71.65 -4.33 -29.69
C THR E 166 70.31 -4.60 -29.01
N PHE E 167 70.38 -5.15 -27.80
CA PHE E 167 69.20 -5.44 -26.99
C PHE E 167 69.24 -4.56 -25.75
N SER E 168 68.13 -3.88 -25.46
CA SER E 168 68.06 -2.92 -24.37
C SER E 168 66.76 -3.11 -23.59
N VAL E 169 66.86 -2.87 -22.28
CA VAL E 169 65.71 -2.86 -21.38
C VAL E 169 65.84 -1.66 -20.46
N GLU E 170 64.76 -0.90 -20.31
CA GLU E 170 64.77 0.32 -19.51
C GLU E 170 64.24 0.06 -18.10
N HIS E 171 64.48 1.02 -17.22
CA HIS E 171 64.13 0.93 -15.81
C HIS E 171 63.32 2.14 -15.39
N ASP E 172 62.30 1.89 -14.56
CA ASP E 172 61.48 2.94 -13.97
C ASP E 172 61.87 3.09 -12.51
N GLU E 173 62.33 4.29 -12.14
CA GLU E 173 62.84 4.52 -10.79
C GLU E 173 61.74 4.80 -9.78
N GLU E 174 60.58 5.30 -10.21
CA GLU E 174 59.48 5.60 -9.29
C GLU E 174 58.98 4.33 -8.61
N THR E 175 58.79 3.26 -9.37
CA THR E 175 58.30 2.00 -8.83
C THR E 175 59.36 0.90 -8.82
N GLN E 176 60.57 1.19 -9.32
CA GLN E 176 61.70 0.26 -9.39
C GLN E 176 61.51 -0.83 -10.44
N LYS E 177 60.48 -0.74 -11.27
CA LYS E 177 60.24 -1.73 -12.31
C LYS E 177 61.16 -1.48 -13.50
N ALA E 178 61.27 -2.52 -14.35
CA ALA E 178 61.98 -2.44 -15.63
C ALA E 178 61.03 -3.01 -16.67
N SER E 179 60.32 -2.12 -17.37
CA SER E 179 59.19 -2.53 -18.20
C SER E 179 59.29 -2.07 -19.65
N ARG E 180 60.44 -2.26 -20.28
CA ARG E 180 60.58 -2.03 -21.71
C ARG E 180 61.62 -3.00 -22.27
N LEU E 181 61.46 -3.32 -23.54
CA LEU E 181 62.36 -4.25 -24.22
C LEU E 181 62.35 -3.90 -25.71
N VAL E 182 63.48 -3.38 -26.19
CA VAL E 182 63.58 -2.84 -27.55
C VAL E 182 64.72 -3.54 -28.27
N LEU E 183 64.47 -3.96 -29.51
CA LEU E 183 65.48 -4.54 -30.37
C LEU E 183 65.88 -3.50 -31.41
N LYS E 184 67.18 -3.20 -31.46
CA LYS E 184 67.73 -2.23 -32.41
C LYS E 184 68.90 -2.87 -33.15
N VAL E 185 68.99 -2.58 -34.45
CA VAL E 185 70.06 -3.10 -35.30
C VAL E 185 70.50 -1.98 -36.23
N GLY E 186 71.78 -1.62 -36.17
CA GLY E 186 72.32 -0.59 -37.04
C GLY E 186 71.66 0.76 -36.85
N ASP E 187 71.41 1.14 -35.61
CA ASP E 187 70.78 2.38 -35.14
C ASP E 187 69.33 2.52 -35.60
N GLN E 188 68.73 1.42 -36.06
CA GLN E 188 67.33 1.40 -36.48
C GLN E 188 66.56 0.39 -35.64
N GLU E 189 65.33 0.74 -35.30
CA GLU E 189 64.51 -0.01 -34.38
C GLU E 189 63.41 -0.74 -35.14
N VAL E 190 63.07 -1.93 -34.66
CA VAL E 190 62.05 -2.75 -35.31
C VAL E 190 60.75 -2.66 -34.51
N LYS E 191 60.82 -2.90 -33.19
CA LYS E 191 59.69 -2.90 -32.29
C LYS E 191 60.16 -2.64 -30.87
N SER E 192 59.25 -2.17 -30.03
CA SER E 192 59.50 -1.95 -28.61
C SER E 192 58.30 -2.48 -27.83
N TYR E 193 58.58 -3.28 -26.80
CA TYR E 193 57.53 -3.94 -26.02
C TYR E 193 57.55 -3.37 -24.61
N ASP E 194 56.52 -2.60 -24.29
CA ASP E 194 56.31 -2.17 -22.91
C ASP E 194 55.82 -3.35 -22.10
N LEU E 195 56.51 -3.64 -20.99
CA LEU E 195 56.20 -4.78 -20.16
C LEU E 195 55.24 -4.43 -19.02
N THR E 196 54.38 -3.43 -19.24
CA THR E 196 53.41 -2.98 -18.26
C THR E 196 52.00 -3.45 -18.60
N GLY E 197 51.88 -4.65 -19.17
CA GLY E 197 50.58 -5.18 -19.54
C GLY E 197 50.10 -4.65 -20.88
N GLY E 198 48.94 -5.14 -21.27
CA GLY E 198 48.33 -4.73 -22.52
C GLY E 198 48.72 -5.61 -23.70
N ALA E 199 49.63 -5.12 -24.54
CA ALA E 199 49.99 -5.84 -25.76
C ALA E 199 50.92 -7.02 -25.48
N TYR E 200 51.84 -6.87 -24.54
CA TYR E 200 52.89 -7.84 -24.28
C TYR E 200 52.95 -8.20 -22.80
N ASP E 201 51.80 -8.55 -22.23
CA ASP E 201 51.74 -8.87 -20.80
C ASP E 201 52.63 -10.05 -20.46
N TYR E 202 52.63 -11.08 -21.31
CA TYR E 202 53.43 -12.29 -21.08
C TYR E 202 54.63 -12.32 -22.01
N THR E 203 55.68 -13.00 -21.58
CA THR E 203 56.84 -13.21 -22.44
C THR E 203 56.50 -14.11 -23.61
N ASN E 204 55.41 -14.88 -23.51
CA ASN E 204 55.02 -15.76 -24.61
C ASN E 204 54.72 -14.95 -25.87
N ALA E 205 53.98 -13.85 -25.71
CA ALA E 205 53.67 -13.00 -26.87
C ALA E 205 54.93 -12.35 -27.43
N ILE E 206 55.86 -11.96 -26.56
CA ILE E 206 57.11 -11.35 -27.03
C ILE E 206 57.90 -12.35 -27.87
N ILE E 207 57.98 -13.60 -27.39
CA ILE E 207 58.69 -14.63 -28.15
C ILE E 207 58.01 -14.84 -29.50
N THR E 208 56.68 -14.86 -29.50
CA THR E 208 55.94 -14.95 -30.76
C THR E 208 56.21 -13.73 -31.62
N ASP E 209 56.24 -12.54 -31.02
CA ASP E 209 56.49 -11.32 -31.78
C ASP E 209 57.90 -11.32 -32.38
N ILE E 210 58.90 -11.68 -31.57
CA ILE E 210 60.27 -11.64 -32.06
C ILE E 210 60.50 -12.71 -33.12
N ASN E 211 59.91 -13.89 -32.94
CA ASN E 211 60.09 -14.96 -33.90
C ASN E 211 59.53 -14.59 -35.27
N GLN E 212 58.44 -13.80 -35.29
CA GLN E 212 57.89 -13.35 -36.56
C GLN E 212 58.89 -12.51 -37.34
N LEU E 213 59.76 -11.79 -36.65
CA LEU E 213 60.76 -10.98 -37.32
C LEU E 213 61.69 -11.89 -38.13
N PRO E 214 61.83 -11.68 -39.44
CA PRO E 214 62.60 -12.65 -40.25
C PRO E 214 64.06 -12.74 -39.87
N ASP E 215 64.61 -11.74 -39.20
CA ASP E 215 66.03 -11.69 -38.88
C ASP E 215 66.34 -12.08 -37.44
N PHE E 216 65.35 -12.56 -36.68
CA PHE E 216 65.54 -12.87 -35.27
C PHE E 216 64.85 -14.18 -34.93
N GLU E 217 65.33 -14.81 -33.85
CA GLU E 217 64.71 -16.01 -33.31
C GLU E 217 64.88 -16.02 -31.80
N ALA E 218 63.75 -16.14 -31.10
CA ALA E 218 63.73 -16.28 -29.65
C ALA E 218 63.36 -17.72 -29.32
N LYS E 219 64.23 -18.41 -28.59
CA LYS E 219 64.10 -19.84 -28.36
C LYS E 219 64.02 -20.14 -26.87
N LEU E 220 63.10 -21.04 -26.52
CA LEU E 220 62.68 -21.28 -25.15
C LEU E 220 63.68 -22.17 -24.43
N SER E 221 64.03 -21.81 -23.20
CA SER E 221 64.92 -22.63 -22.39
C SER E 221 64.15 -23.83 -21.82
N PRO E 222 64.62 -25.06 -22.01
CA PRO E 222 63.85 -26.22 -21.53
C PRO E 222 64.01 -26.51 -20.05
N PHE E 223 64.92 -25.82 -19.36
CA PHE E 223 65.21 -26.10 -17.95
C PHE E 223 64.26 -25.29 -17.06
N GLY E 224 63.09 -25.86 -16.83
CA GLY E 224 62.10 -25.25 -15.97
C GLY E 224 61.10 -24.42 -16.74
N ASP E 225 59.83 -24.57 -16.36
CA ASP E 225 58.76 -23.78 -16.97
C ASP E 225 58.97 -22.30 -16.70
N LYS E 226 59.08 -21.51 -17.76
CA LYS E 226 59.28 -20.07 -17.65
C LYS E 226 58.37 -19.37 -18.66
N ASN E 227 57.16 -19.08 -18.22
CA ASN E 227 56.18 -18.30 -18.96
C ASN E 227 55.80 -17.07 -18.14
N LEU E 228 56.80 -16.44 -17.53
CA LEU E 228 56.56 -15.37 -16.58
C LEU E 228 55.95 -14.17 -17.27
N GLU E 229 55.24 -13.36 -16.48
CA GLU E 229 54.71 -12.11 -17.01
C GLU E 229 55.86 -11.19 -17.42
N SER E 230 55.59 -10.32 -18.39
CA SER E 230 56.65 -9.53 -18.99
C SER E 230 57.28 -8.57 -17.99
N SER E 231 56.48 -8.06 -17.05
CA SER E 231 56.97 -7.04 -16.13
C SER E 231 58.10 -7.54 -15.25
N LYS E 232 58.30 -8.85 -15.16
CA LYS E 232 59.29 -9.43 -14.27
C LYS E 232 60.67 -9.58 -14.93
N LEU E 233 60.83 -9.15 -16.17
CA LEU E 233 62.14 -9.22 -16.82
C LEU E 233 63.09 -8.25 -16.14
N ASP E 234 64.39 -8.59 -16.19
CA ASP E 234 65.42 -7.88 -15.45
C ASP E 234 65.97 -6.71 -16.25
N LYS E 235 66.67 -5.82 -15.54
CA LYS E 235 67.34 -4.68 -16.17
C LYS E 235 68.46 -5.15 -17.08
N ILE E 236 68.36 -4.81 -18.37
CA ILE E 236 69.33 -5.20 -19.39
C ILE E 236 69.67 -3.96 -20.20
N GLU E 237 70.96 -3.76 -20.47
CA GLU E 237 71.44 -2.55 -21.14
C GLU E 237 72.44 -2.94 -22.24
N ASN E 238 72.02 -2.81 -23.49
CA ASN E 238 72.87 -2.88 -24.68
C ASN E 238 73.60 -4.23 -24.77
N ALA E 239 72.83 -5.29 -24.93
CA ALA E 239 73.37 -6.62 -25.16
C ALA E 239 73.41 -6.91 -26.66
N ASN E 240 74.57 -7.38 -27.12
CA ASN E 240 74.84 -7.57 -28.55
C ASN E 240 74.10 -8.81 -29.03
N ILE E 241 73.06 -8.60 -29.84
CA ILE E 241 72.21 -9.69 -30.30
C ILE E 241 72.89 -10.54 -31.36
N LYS E 242 73.81 -9.96 -32.13
CA LYS E 242 74.51 -10.74 -33.16
C LYS E 242 75.44 -11.78 -32.57
N ASP E 243 75.73 -11.70 -31.27
CA ASP E 243 76.67 -12.63 -30.65
C ASP E 243 76.05 -14.03 -30.57
N LYS E 244 76.80 -14.94 -29.93
CA LYS E 244 76.40 -16.34 -29.89
C LYS E 244 75.05 -16.52 -29.20
N ALA E 245 74.84 -15.83 -28.08
CA ALA E 245 73.60 -16.00 -27.33
C ALA E 245 73.40 -14.80 -26.41
N VAL E 246 72.22 -14.19 -26.48
CA VAL E 246 71.80 -13.14 -25.57
C VAL E 246 70.65 -13.66 -24.73
N TYR E 247 70.82 -13.65 -23.41
CA TYR E 247 69.85 -14.19 -22.48
C TYR E 247 68.90 -13.10 -22.01
N VAL E 248 67.62 -13.46 -21.92
CA VAL E 248 66.59 -12.60 -21.33
C VAL E 248 66.30 -13.15 -19.94
N LYS E 249 66.43 -12.28 -18.92
CA LYS E 249 66.53 -12.71 -17.54
C LYS E 249 65.41 -12.12 -16.69
N ALA E 250 64.80 -12.98 -15.86
CA ALA E 250 63.94 -12.59 -14.76
C ALA E 250 64.39 -13.41 -13.55
N VAL E 251 65.40 -12.90 -12.84
CA VAL E 251 66.00 -13.65 -11.74
C VAL E 251 65.01 -13.82 -10.61
N PHE E 252 64.36 -12.73 -10.21
CA PHE E 252 63.37 -12.81 -9.13
C PHE E 252 62.10 -13.50 -9.62
N GLY E 253 61.70 -13.24 -10.87
CA GLY E 253 60.48 -13.85 -11.38
C GLY E 253 60.57 -15.37 -11.39
N ASP E 254 61.68 -15.90 -11.89
CA ASP E 254 61.88 -17.35 -11.85
C ASP E 254 61.96 -17.84 -10.40
N LEU E 255 62.65 -17.09 -9.55
CA LEU E 255 62.69 -17.45 -8.13
C LEU E 255 61.29 -17.37 -7.51
N GLU E 256 60.53 -16.34 -7.88
CA GLU E 256 59.23 -16.13 -7.24
C GLU E 256 58.28 -17.29 -7.51
N LYS E 257 58.27 -17.80 -8.74
CA LYS E 257 57.39 -18.92 -9.07
C LYS E 257 57.85 -20.20 -8.39
N GLN E 258 59.09 -20.61 -8.66
CA GLN E 258 59.57 -21.89 -8.16
C GLN E 258 59.60 -21.92 -6.64
N THR E 259 60.12 -20.87 -6.01
CA THR E 259 60.28 -20.88 -4.56
C THR E 259 58.95 -20.87 -3.82
N ALA E 260 57.85 -20.52 -4.51
CA ALA E 260 56.54 -20.61 -3.88
C ALA E 260 56.20 -22.05 -3.51
N TYR E 261 56.78 -23.01 -4.23
CA TYR E 261 56.51 -24.42 -3.99
C TYR E 261 57.43 -25.03 -2.95
N ASN E 262 58.47 -24.33 -2.53
CA ASN E 262 59.30 -24.81 -1.43
C ASN E 262 58.48 -24.85 -0.15
N GLY E 263 58.69 -25.89 0.65
CA GLY E 263 57.88 -26.09 1.84
C GLY E 263 58.40 -25.38 3.08
N ILE E 264 59.49 -24.64 2.96
CA ILE E 264 60.17 -24.09 4.13
C ILE E 264 60.40 -22.59 4.05
N VAL E 265 60.45 -22.00 2.85
CA VAL E 265 61.09 -20.70 2.66
C VAL E 265 60.18 -19.75 1.90
N SER E 266 60.31 -18.46 2.18
CA SER E 266 59.78 -17.38 1.36
C SER E 266 60.92 -16.45 0.99
N PHE E 267 60.81 -15.81 -0.17
CA PHE E 267 61.86 -14.96 -0.72
C PHE E 267 61.34 -13.54 -0.88
N GLU E 268 62.19 -12.57 -0.53
CA GLU E 268 61.94 -11.17 -0.80
C GLU E 268 63.18 -10.55 -1.43
N GLN E 269 62.96 -9.56 -2.29
CA GLN E 269 64.04 -8.90 -3.02
C GLN E 269 64.48 -7.68 -2.21
N LEU E 270 65.75 -7.68 -1.80
CA LEU E 270 66.25 -6.64 -0.90
C LEU E 270 66.26 -5.29 -1.59
N ASN E 271 65.57 -4.32 -1.00
CA ASN E 271 65.75 -2.92 -1.36
C ASN E 271 66.88 -2.36 -0.53
N ALA E 272 67.78 -1.60 -1.17
CA ALA E 272 68.99 -1.15 -0.50
C ALA E 272 68.65 -0.27 0.70
N GLU E 273 69.49 -0.35 1.72
CA GLU E 273 69.30 0.41 2.95
C GLU E 273 70.58 1.12 3.36
N THR E 294 63.95 6.68 -1.47
CA THR E 294 64.07 5.78 -2.61
C THR E 294 65.47 5.19 -2.74
N SER E 295 65.57 3.89 -2.52
CA SER E 295 66.84 3.17 -2.62
C SER E 295 66.78 2.11 -3.72
N PRO E 296 67.78 1.98 -4.59
CA PRO E 296 67.72 0.98 -5.66
C PRO E 296 67.75 -0.44 -5.10
N ILE E 297 67.63 -1.39 -6.02
CA ILE E 297 67.58 -2.79 -5.64
C ILE E 297 68.98 -3.31 -5.37
N LYS E 298 69.16 -3.99 -4.25
CA LYS E 298 70.39 -4.73 -3.99
C LYS E 298 70.41 -5.97 -4.86
N THR E 299 71.47 -6.13 -5.66
CA THR E 299 71.52 -7.17 -6.67
C THR E 299 71.42 -8.55 -6.05
N ILE E 300 70.58 -9.41 -6.64
CA ILE E 300 70.49 -10.79 -6.22
C ILE E 300 71.71 -11.53 -6.76
N GLU E 301 72.50 -12.11 -5.85
CA GLU E 301 73.79 -12.68 -6.20
C GLU E 301 74.00 -13.95 -5.41
N PRO E 302 74.87 -14.85 -5.87
CA PRO E 302 75.14 -16.08 -5.11
C PRO E 302 75.72 -15.78 -3.74
N PHE E 303 75.40 -16.63 -2.78
CA PHE E 303 75.88 -16.47 -1.41
C PHE E 303 75.91 -17.82 -0.72
N GLU E 304 76.66 -17.90 0.36
CA GLU E 304 76.85 -19.16 1.07
C GLU E 304 75.55 -19.63 1.69
N LEU E 305 75.36 -20.95 1.76
CA LEU E 305 74.23 -21.52 2.46
C LEU E 305 74.33 -21.14 3.94
N THR E 306 73.43 -20.28 4.39
CA THR E 306 73.55 -19.62 5.69
C THR E 306 72.30 -19.85 6.51
N LYS E 307 72.49 -19.96 7.83
CA LYS E 307 71.37 -20.17 8.73
C LYS E 307 70.45 -18.96 8.78
N LEU E 308 69.15 -19.21 8.87
CA LEU E 308 68.22 -18.16 9.24
C LEU E 308 68.32 -17.90 10.74
N LYS E 309 67.94 -16.69 11.14
CA LYS E 309 68.13 -16.26 12.52
C LYS E 309 66.95 -15.39 12.96
N GLY E 310 66.77 -15.31 14.27
CA GLY E 310 65.71 -14.51 14.86
C GLY E 310 64.43 -15.27 15.16
N GLY E 311 64.34 -16.54 14.80
CA GLY E 311 63.14 -17.32 15.08
C GLY E 311 63.13 -17.81 16.52
N THR E 312 62.05 -17.51 17.23
CA THR E 312 61.94 -17.87 18.64
C THR E 312 60.49 -18.21 18.95
N ASN E 313 60.27 -18.74 20.16
CA ASN E 313 58.94 -19.08 20.62
C ASN E 313 58.25 -17.93 21.34
N GLY E 314 58.96 -16.85 21.64
CA GLY E 314 58.33 -15.77 22.38
C GLY E 314 57.95 -16.20 23.78
N GLU E 315 56.93 -15.55 24.32
CA GLU E 315 56.39 -15.86 25.63
C GLU E 315 54.87 -15.96 25.56
N PRO E 316 54.25 -16.74 26.44
CA PRO E 316 52.79 -16.80 26.45
C PRO E 316 52.21 -15.53 27.03
N PRO E 317 51.00 -15.15 26.62
CA PRO E 317 50.39 -13.95 27.20
C PRO E 317 49.93 -14.18 28.63
N ALA E 318 49.91 -13.09 29.40
CA ALA E 318 49.41 -13.18 30.77
C ALA E 318 47.93 -13.50 30.79
N THR E 319 47.19 -13.04 29.78
CA THR E 319 45.76 -13.28 29.66
C THR E 319 45.49 -14.04 28.37
N TRP E 320 44.61 -15.03 28.45
CA TRP E 320 44.24 -15.83 27.29
C TRP E 320 42.89 -15.42 26.70
N ALA E 321 42.34 -14.28 27.14
CA ALA E 321 41.02 -13.88 26.68
C ALA E 321 41.00 -13.64 25.18
N ASP E 322 42.03 -12.99 24.65
CA ASP E 322 42.09 -12.72 23.22
C ASP E 322 42.12 -14.03 22.43
N LYS E 323 42.83 -15.03 22.94
CA LYS E 323 42.87 -16.34 22.30
C LYS E 323 41.48 -16.96 22.27
N LEU E 324 40.78 -16.92 23.40
CA LEU E 324 39.45 -17.52 23.48
C LEU E 324 38.47 -16.80 22.57
N ASP E 325 38.58 -15.47 22.48
CA ASP E 325 37.70 -14.72 21.60
C ASP E 325 37.87 -15.14 20.14
N LYS E 326 39.04 -15.70 19.81
CA LYS E 326 39.27 -16.17 18.45
C LYS E 326 38.36 -17.33 18.07
N PHE E 327 37.88 -18.10 19.05
CA PHE E 327 37.05 -19.27 18.77
C PHE E 327 35.57 -18.95 18.65
N ALA E 328 35.17 -17.70 18.89
CA ALA E 328 33.77 -17.34 18.75
C ALA E 328 33.30 -17.59 17.33
N HIS E 329 32.08 -18.11 17.19
CA HIS E 329 31.50 -18.47 15.90
C HIS E 329 32.34 -19.54 15.21
N GLU E 330 32.53 -20.65 15.94
CA GLU E 330 33.18 -21.83 15.39
C GLU E 330 32.45 -23.12 15.70
N GLY E 331 31.49 -23.14 16.63
CA GLY E 331 30.67 -24.30 16.86
C GLY E 331 31.27 -25.36 17.76
N GLY E 332 32.48 -25.15 18.27
CA GLY E 332 33.08 -26.14 19.15
C GLY E 332 32.42 -26.16 20.51
N TYR E 333 31.61 -27.19 20.76
CA TYR E 333 30.87 -27.25 22.01
C TYR E 333 31.80 -27.41 23.21
N TYR E 334 32.83 -28.24 23.08
CA TYR E 334 33.75 -28.54 24.16
C TYR E 334 35.07 -27.81 23.94
N ILE E 335 35.55 -27.15 24.99
CA ILE E 335 36.82 -26.45 24.97
C ILE E 335 37.60 -26.84 26.22
N VAL E 336 38.91 -27.06 26.07
CA VAL E 336 39.77 -27.48 27.16
C VAL E 336 41.05 -26.66 27.14
N PRO E 337 41.34 -25.87 28.17
CA PRO E 337 42.65 -25.23 28.26
C PRO E 337 43.64 -26.13 28.99
N LEU E 338 44.79 -26.37 28.37
CA LEU E 338 45.82 -27.22 28.94
C LEU E 338 46.67 -26.43 29.95
N SER E 339 46.05 -26.13 31.09
CA SER E 339 46.69 -25.35 32.12
C SER E 339 45.99 -25.58 33.45
N SER E 340 46.67 -25.19 34.54
CA SER E 340 46.12 -25.28 35.89
C SER E 340 45.87 -23.92 36.52
N LYS E 341 46.19 -22.83 35.82
CA LYS E 341 46.08 -21.50 36.41
C LYS E 341 44.63 -21.17 36.71
N GLN E 342 44.38 -20.71 37.94
CA GLN E 342 43.01 -20.38 38.35
C GLN E 342 42.47 -19.21 37.54
N SER E 343 43.32 -18.21 37.30
CA SER E 343 42.87 -17.03 36.55
C SER E 343 42.48 -17.41 35.13
N VAL E 344 43.26 -18.30 34.50
CA VAL E 344 42.93 -18.77 33.16
C VAL E 344 41.56 -19.44 33.17
N HIS E 345 41.30 -20.24 34.19
CA HIS E 345 40.01 -20.92 34.31
C HIS E 345 38.88 -19.89 34.38
N ALA E 346 39.11 -18.80 35.11
CA ALA E 346 38.11 -17.74 35.19
C ALA E 346 37.86 -17.12 33.83
N GLU E 347 38.93 -16.92 33.05
CA GLU E 347 38.80 -16.34 31.72
C GLU E 347 37.90 -17.20 30.84
N VAL E 348 38.14 -18.51 30.85
CA VAL E 348 37.31 -19.42 30.05
C VAL E 348 35.87 -19.41 30.54
N ALA E 349 35.68 -19.44 31.86
CA ALA E 349 34.32 -19.44 32.40
C ALA E 349 33.58 -18.18 32.01
N SER E 350 34.25 -17.03 32.10
CA SER E 350 33.63 -15.79 31.64
C SER E 350 33.34 -15.85 30.15
N PHE E 351 34.29 -16.38 29.37
CA PHE E 351 34.12 -16.46 27.93
C PHE E 351 32.96 -17.38 27.57
N VAL E 352 32.92 -18.56 28.20
CA VAL E 352 31.82 -19.50 27.94
C VAL E 352 30.49 -18.88 28.32
N LYS E 353 30.46 -18.14 29.44
CA LYS E 353 29.25 -17.46 29.85
C LYS E 353 28.77 -16.49 28.78
N GLU E 354 29.72 -15.75 28.18
CA GLU E 354 29.38 -14.80 27.14
C GLU E 354 28.80 -15.50 25.91
N ARG E 355 29.44 -16.59 25.47
CA ARG E 355 28.99 -17.28 24.27
C ARG E 355 27.61 -17.90 24.48
N SER E 356 27.38 -18.49 25.66
CA SER E 356 26.10 -19.14 25.92
C SER E 356 24.95 -18.16 25.82
N ASP E 357 25.12 -16.96 26.39
CA ASP E 357 24.09 -15.94 26.26
C ASP E 357 24.01 -15.41 24.84
N ALA E 358 25.15 -15.35 24.15
CA ALA E 358 25.17 -14.86 22.78
C ALA E 358 24.45 -15.77 21.80
N GLY E 359 24.28 -17.05 22.16
CA GLY E 359 23.67 -18.03 21.30
C GLY E 359 24.57 -19.14 20.83
N GLU E 360 25.73 -19.33 21.46
CA GLU E 360 26.68 -20.38 21.11
C GLU E 360 27.02 -21.17 22.37
N PRO E 361 26.23 -22.19 22.72
CA PRO E 361 26.49 -22.92 23.98
C PRO E 361 27.82 -23.64 23.92
N MET E 362 28.46 -23.77 25.09
CA MET E 362 29.74 -24.44 25.20
C MET E 362 29.88 -25.02 26.61
N ARG E 363 30.81 -25.96 26.74
CA ARG E 363 31.18 -26.56 28.01
C ARG E 363 32.69 -26.56 28.13
N ALA E 364 33.20 -26.30 29.32
CA ALA E 364 34.62 -26.28 29.59
C ALA E 364 34.96 -27.36 30.62
N ILE E 365 36.06 -28.08 30.38
CA ILE E 365 36.54 -29.12 31.27
C ILE E 365 37.92 -28.70 31.77
N VAL E 366 38.10 -28.75 33.08
CA VAL E 366 39.28 -28.19 33.73
C VAL E 366 39.78 -29.15 34.80
N GLY E 367 41.08 -29.13 35.04
CA GLY E 367 41.71 -29.93 36.07
C GLY E 367 43.17 -29.53 36.23
N GLY E 368 43.63 -29.35 37.46
CA GLY E 368 44.91 -28.73 37.71
C GLY E 368 45.83 -29.51 38.64
N GLY E 369 47.11 -29.47 38.33
CA GLY E 369 48.17 -29.89 39.24
C GLY E 369 48.25 -31.39 39.40
N PHE E 370 49.17 -31.81 40.26
CA PHE E 370 49.40 -33.20 40.61
C PHE E 370 48.82 -33.46 41.99
N ASN E 371 48.07 -34.56 42.11
CA ASN E 371 47.59 -35.09 43.39
C ASN E 371 47.12 -34.00 44.34
N GLU E 372 46.44 -32.99 43.79
CA GLU E 372 46.08 -31.81 44.58
C GLU E 372 45.14 -32.19 45.70
N SER E 373 45.29 -31.51 46.83
CA SER E 373 44.50 -31.82 48.02
C SER E 373 43.02 -31.57 47.77
N LYS E 374 42.18 -32.42 48.36
CA LYS E 374 40.73 -32.24 48.24
C LYS E 374 40.31 -30.89 48.78
N GLU E 375 40.98 -30.40 49.83
CA GLU E 375 40.69 -29.06 50.32
C GLU E 375 41.00 -28.01 49.27
N GLN E 376 42.14 -28.16 48.59
CA GLN E 376 42.44 -27.27 47.46
C GLN E 376 41.41 -27.41 46.37
N LEU E 377 40.92 -28.63 46.14
CA LEU E 377 39.82 -28.82 45.21
C LEU E 377 38.58 -28.04 45.65
N PHE E 378 38.27 -28.12 46.95
CA PHE E 378 37.19 -27.30 47.49
C PHE E 378 37.51 -25.82 47.37
N GLY E 379 38.79 -25.47 47.50
CA GLY E 379 39.17 -24.08 47.28
C GLY E 379 38.86 -23.62 45.88
N ARG E 380 39.15 -24.46 44.89
CA ARG E 380 38.76 -24.16 43.52
C ARG E 380 37.26 -24.13 43.38
N GLN E 381 36.56 -25.06 44.03
CA GLN E 381 35.10 -25.08 44.01
C GLN E 381 34.54 -23.81 44.66
N ALA E 382 35.11 -23.41 45.78
CA ALA E 382 34.65 -22.19 46.45
C ALA E 382 34.82 -20.98 45.54
N SER E 383 35.98 -20.88 44.89
CA SER E 383 36.23 -19.78 43.98
C SER E 383 35.33 -19.86 42.75
N LEU E 384 34.99 -21.07 42.31
CA LEU E 384 34.33 -21.28 41.02
C LEU E 384 33.19 -22.26 41.20
N SER E 385 31.96 -21.79 40.93
CA SER E 385 30.75 -22.63 40.95
C SER E 385 29.92 -22.21 39.75
N ASN E 386 30.02 -22.98 38.68
CA ASN E 386 29.39 -22.62 37.41
C ASN E 386 28.94 -23.90 36.69
N PRO E 387 27.67 -24.01 36.28
CA PRO E 387 27.26 -25.22 35.56
C PRO E 387 27.96 -25.42 34.23
N ARG E 388 28.52 -24.35 33.66
CA ARG E 388 29.16 -24.46 32.35
C ARG E 388 30.55 -25.07 32.41
N VAL E 389 31.03 -25.44 33.60
CA VAL E 389 32.38 -25.97 33.77
C VAL E 389 32.33 -27.14 34.74
N SER E 390 33.24 -28.09 34.56
CA SER E 390 33.42 -29.21 35.46
C SER E 390 34.90 -29.31 35.82
N LEU E 391 35.18 -29.71 37.06
CA LEU E 391 36.53 -29.74 37.59
C LEU E 391 36.93 -31.18 37.87
N VAL E 392 38.03 -31.62 37.27
CA VAL E 392 38.54 -32.97 37.42
C VAL E 392 39.68 -32.93 38.43
N ALA E 393 39.75 -33.96 39.28
CA ALA E 393 40.66 -33.93 40.43
C ALA E 393 41.84 -34.88 40.25
N ASN E 394 41.62 -35.99 39.56
CA ASN E 394 42.63 -37.04 39.51
C ASN E 394 43.74 -36.70 38.51
N SER E 395 44.95 -37.13 38.85
CA SER E 395 46.10 -37.06 37.96
C SER E 395 46.71 -38.45 37.85
N GLY E 396 47.21 -38.77 36.66
CA GLY E 396 47.69 -40.11 36.40
C GLY E 396 48.68 -40.13 35.27
N THR E 397 48.97 -41.33 34.77
CA THR E 397 49.92 -41.55 33.69
C THR E 397 49.26 -42.32 32.56
N PHE E 398 49.71 -42.07 31.33
CA PHE E 398 49.16 -42.69 30.14
C PHE E 398 50.27 -43.32 29.32
N VAL E 399 50.00 -44.52 28.81
CA VAL E 399 50.87 -45.16 27.83
C VAL E 399 50.40 -44.75 26.44
N MET E 400 51.32 -44.26 25.63
CA MET E 400 51.00 -43.65 24.35
C MET E 400 51.78 -44.32 23.23
N ASP E 401 51.73 -43.73 22.04
CA ASP E 401 52.42 -44.28 20.89
C ASP E 401 53.91 -44.44 21.19
N ASP E 402 54.56 -45.33 20.44
CA ASP E 402 55.98 -45.64 20.56
C ASP E 402 56.33 -46.29 21.88
N GLY E 403 55.34 -46.69 22.69
CA GLY E 403 55.60 -47.35 23.94
C GLY E 403 55.93 -46.43 25.10
N ARG E 404 56.17 -45.15 24.85
CA ARG E 404 56.45 -44.22 25.93
C ARG E 404 55.21 -44.02 26.80
N LYS E 405 55.41 -44.01 28.11
CA LYS E 405 54.36 -43.74 29.08
C LYS E 405 54.71 -42.45 29.80
N ASN E 406 53.76 -41.51 29.85
CA ASN E 406 53.99 -40.17 30.36
C ASN E 406 53.12 -39.94 31.59
N HIS E 407 53.73 -39.43 32.65
CA HIS E 407 53.01 -39.04 33.86
C HIS E 407 52.66 -37.56 33.76
N VAL E 408 51.38 -37.24 33.81
CA VAL E 408 50.91 -35.92 33.37
C VAL E 408 49.92 -35.33 34.36
N PRO E 409 49.72 -34.02 34.34
CA PRO E 409 48.75 -33.40 35.25
C PRO E 409 47.31 -33.75 34.90
N ALA E 410 46.39 -33.14 35.64
CA ALA E 410 44.97 -33.43 35.49
C ALA E 410 44.43 -32.91 34.16
N TYR E 411 44.91 -31.75 33.70
CA TYR E 411 44.32 -31.17 32.50
C TYR E 411 44.56 -32.04 31.27
N MET E 412 45.53 -32.95 31.33
CA MET E 412 45.64 -33.97 30.29
C MET E 412 44.56 -35.03 30.46
N VAL E 413 44.23 -35.37 31.70
CA VAL E 413 43.08 -36.23 31.96
C VAL E 413 41.81 -35.54 31.48
N ALA E 414 41.74 -34.22 31.66
CA ALA E 414 40.59 -33.46 31.20
C ALA E 414 40.36 -33.65 29.70
N VAL E 415 41.46 -33.76 28.93
CA VAL E 415 41.32 -34.02 27.50
C VAL E 415 40.65 -35.36 27.26
N ALA E 416 41.06 -36.37 28.03
CA ALA E 416 40.45 -37.70 27.87
C ALA E 416 38.96 -37.64 28.12
N LEU E 417 38.55 -36.92 29.16
CA LEU E 417 37.13 -36.71 29.40
C LEU E 417 36.50 -35.94 28.25
N GLY E 418 37.18 -34.91 27.76
CA GLY E 418 36.65 -34.13 26.66
C GLY E 418 36.58 -34.94 25.38
N GLY E 419 37.64 -35.69 25.09
CA GLY E 419 37.62 -36.54 23.91
C GLY E 419 36.55 -37.61 24.00
N LEU E 420 36.38 -38.19 25.19
CA LEU E 420 35.31 -39.16 25.39
C LEU E 420 33.95 -38.52 25.16
N ALA E 421 33.68 -37.41 25.85
CA ALA E 421 32.38 -36.77 25.74
C ALA E 421 32.10 -36.34 24.31
N SER E 422 33.14 -35.98 23.57
CA SER E 422 32.94 -35.60 22.17
C SER E 422 32.43 -36.77 21.34
N GLY E 423 32.94 -37.97 21.60
CA GLY E 423 32.54 -39.14 20.85
C GLY E 423 31.16 -39.65 21.23
N LEU E 424 30.77 -39.49 22.49
CA LEU E 424 29.48 -39.99 22.94
C LEU E 424 28.35 -39.21 22.28
N GLU E 425 27.21 -39.89 22.12
CA GLU E 425 26.03 -39.23 21.57
C GLU E 425 25.48 -38.23 22.58
N ILE E 426 24.59 -37.38 22.10
CA ILE E 426 24.02 -36.29 22.90
C ILE E 426 23.24 -36.86 24.07
N GLY E 427 22.50 -37.95 23.84
CA GLY E 427 21.62 -38.48 24.86
C GLY E 427 22.28 -39.42 25.85
N GLU E 428 23.54 -39.75 25.65
CA GLU E 428 24.27 -40.69 26.49
C GLU E 428 25.32 -39.96 27.30
N SER E 429 25.33 -40.19 28.60
CA SER E 429 26.28 -39.52 29.48
C SER E 429 27.60 -40.27 29.52
N ILE E 430 28.65 -39.56 29.94
CA ILE E 430 29.94 -40.18 30.18
C ILE E 430 29.95 -40.99 31.47
N THR E 431 28.86 -40.95 32.22
CA THR E 431 28.80 -41.60 33.53
C THR E 431 29.15 -43.07 33.44
N PHE E 432 30.06 -43.51 34.31
CA PHE E 432 30.37 -44.90 34.55
C PHE E 432 31.18 -45.54 33.42
N LYS E 433 31.41 -44.82 32.32
CA LYS E 433 32.11 -45.41 31.19
C LYS E 433 33.56 -45.69 31.57
N PRO E 434 34.19 -46.70 30.98
CA PRO E 434 35.57 -47.00 31.35
C PRO E 434 36.55 -46.02 30.74
N LEU E 435 37.78 -46.06 31.23
CA LEU E 435 38.87 -45.23 30.74
C LEU E 435 40.14 -46.06 30.70
N ARG E 436 41.05 -45.70 29.78
CA ARG E 436 42.22 -46.52 29.51
C ARG E 436 43.44 -46.13 30.32
N VAL E 437 43.33 -45.13 31.20
CA VAL E 437 44.51 -44.59 31.86
C VAL E 437 45.24 -45.68 32.61
N SER E 438 46.56 -45.73 32.45
CA SER E 438 47.35 -46.82 33.01
C SER E 438 47.30 -46.83 34.54
N SER E 439 47.44 -45.67 35.17
CA SER E 439 47.43 -45.61 36.63
C SER E 439 47.13 -44.19 37.09
N LEU E 440 46.87 -44.06 38.38
CA LEU E 440 46.52 -42.80 39.01
C LEU E 440 47.42 -42.56 40.22
N ASP E 441 47.66 -41.28 40.51
CA ASP E 441 48.49 -40.94 41.65
C ASP E 441 47.88 -41.38 42.97
N GLN E 442 46.58 -41.17 43.16
CA GLN E 442 45.90 -41.50 44.40
C GLN E 442 44.66 -42.32 44.12
N ILE E 443 44.37 -43.26 45.02
CA ILE E 443 43.20 -44.13 44.91
C ILE E 443 42.21 -43.72 45.98
N TYR E 444 41.21 -42.94 45.60
CA TYR E 444 40.23 -42.42 46.56
C TYR E 444 39.38 -43.56 47.12
N GLU E 445 39.06 -43.47 48.40
CA GLU E 445 38.18 -44.43 49.03
C GLU E 445 36.72 -44.12 48.68
N SER E 446 35.83 -45.01 49.13
CA SER E 446 34.40 -44.81 48.87
C SER E 446 33.92 -43.50 49.49
N ILE E 447 34.33 -43.23 50.73
CA ILE E 447 33.94 -41.98 51.39
C ILE E 447 34.62 -40.81 50.71
N ASP E 448 35.89 -40.96 50.35
CA ASP E 448 36.62 -39.90 49.66
C ASP E 448 35.92 -39.54 48.36
N LEU E 449 35.49 -40.54 47.60
CA LEU E 449 34.78 -40.29 46.35
C LEU E 449 33.45 -39.60 46.61
N ASP E 450 32.74 -40.00 47.65
CA ASP E 450 31.43 -39.42 47.94
C ASP E 450 31.55 -37.93 48.25
N GLU E 451 32.57 -37.54 49.01
CA GLU E 451 32.76 -36.14 49.35
C GLU E 451 32.96 -35.30 48.10
N LEU E 452 33.78 -35.79 47.17
CA LEU E 452 34.04 -35.06 45.94
C LEU E 452 32.76 -34.91 45.13
N ASN E 453 32.07 -36.02 44.89
CA ASN E 453 30.89 -35.99 44.02
C ASN E 453 29.78 -35.14 44.62
N GLU E 454 29.59 -35.24 45.93
CA GLU E 454 28.56 -34.43 46.59
C GLU E 454 28.88 -32.95 46.51
N ASN E 455 30.17 -32.61 46.43
CA ASN E 455 30.61 -31.22 46.33
C ASN E 455 30.86 -30.80 44.89
N GLY E 456 30.30 -31.51 43.92
CA GLY E 456 30.43 -31.12 42.53
C GLY E 456 31.81 -31.32 41.95
N ILE E 457 32.47 -32.41 42.30
CA ILE E 457 33.79 -32.75 41.77
C ILE E 457 33.66 -34.09 41.06
N ILE E 458 34.10 -34.13 39.80
CA ILE E 458 34.09 -35.35 39.02
C ILE E 458 35.41 -36.08 39.22
N SER E 459 35.34 -37.39 39.44
CA SER E 459 36.52 -38.17 39.80
C SER E 459 36.51 -39.47 39.02
N ILE E 460 37.55 -40.27 39.27
CA ILE E 460 37.74 -41.57 38.63
C ILE E 460 37.76 -42.63 39.71
N GLU E 461 37.16 -43.77 39.43
CA GLU E 461 37.03 -44.87 40.37
C GLU E 461 37.73 -46.11 39.82
N PHE E 462 38.33 -46.88 40.71
CA PHE E 462 39.05 -48.10 40.35
C PHE E 462 38.26 -49.31 40.83
N VAL E 463 38.21 -50.34 39.99
CA VAL E 463 37.61 -51.62 40.36
C VAL E 463 38.47 -52.72 39.75
N ARG E 464 38.34 -53.92 40.33
CA ARG E 464 39.13 -55.07 39.92
C ARG E 464 38.21 -56.26 39.70
N ASN E 465 38.35 -56.90 38.54
CA ASN E 465 37.64 -58.13 38.26
C ASN E 465 38.48 -59.31 38.78
N ARG E 466 38.10 -60.53 38.39
CA ARG E 466 38.92 -61.68 38.73
C ARG E 466 40.35 -61.49 38.27
N THR E 467 40.53 -61.06 37.02
CA THR E 467 41.84 -60.84 36.45
C THR E 467 41.87 -59.57 35.58
N ASN E 468 40.99 -58.62 35.86
CA ASN E 468 40.90 -57.40 35.07
C ASN E 468 40.75 -56.20 36.01
N THR E 469 41.11 -55.04 35.50
CA THR E 469 41.04 -53.79 36.25
C THR E 469 40.48 -52.70 35.36
N PHE E 470 39.64 -51.84 35.93
CA PHE E 470 39.00 -50.75 35.20
C PHE E 470 39.19 -49.44 35.95
N PHE E 471 39.25 -48.35 35.17
CA PHE E 471 39.11 -47.00 35.69
C PHE E 471 37.85 -46.41 35.10
N ARG E 472 36.93 -45.99 35.97
CA ARG E 472 35.59 -45.56 35.57
C ARG E 472 35.33 -44.14 36.02
N ILE E 473 34.47 -43.46 35.28
CA ILE E 473 34.02 -42.12 35.62
C ILE E 473 32.75 -42.28 36.45
N VAL E 474 32.82 -41.86 37.71
CA VAL E 474 31.76 -42.19 38.67
C VAL E 474 30.45 -41.56 38.25
N ASP E 475 30.48 -40.27 37.87
CA ASP E 475 29.24 -39.60 37.50
C ASP E 475 29.55 -38.27 36.83
N ASP E 476 28.51 -37.72 36.20
CA ASP E 476 28.56 -36.39 35.61
C ASP E 476 28.14 -35.36 36.65
N VAL E 477 29.03 -34.41 36.94
CA VAL E 477 28.74 -33.31 37.85
C VAL E 477 29.55 -32.10 37.42
N THR E 478 28.91 -30.93 37.44
CA THR E 478 29.59 -29.67 37.22
C THR E 478 29.99 -29.05 38.56
N THR E 479 30.73 -27.95 38.48
CA THR E 479 31.15 -27.26 39.69
C THR E 479 29.95 -26.77 40.47
N PHE E 480 28.84 -26.48 39.76
CA PHE E 480 27.60 -26.11 40.42
C PHE E 480 27.17 -27.22 41.36
N ASN E 481 26.79 -26.85 42.59
CA ASN E 481 26.67 -27.85 43.65
C ASN E 481 25.24 -28.37 43.79
N ASP E 482 24.25 -27.50 43.59
CA ASP E 482 22.88 -27.84 43.91
C ASP E 482 22.41 -29.04 43.10
N LYS E 483 21.79 -29.99 43.80
CA LYS E 483 21.21 -31.17 43.17
C LYS E 483 19.77 -30.94 42.71
N SER E 484 19.22 -29.75 42.95
CA SER E 484 17.80 -29.52 42.71
C SER E 484 17.45 -29.63 41.23
N ASP E 485 18.32 -29.13 40.36
CA ASP E 485 18.04 -29.02 38.93
C ASP E 485 19.05 -29.85 38.14
N PRO E 486 18.63 -30.94 37.49
CA PRO E 486 19.60 -31.76 36.76
C PRO E 486 20.36 -31.01 35.68
N VAL E 487 19.71 -30.07 34.98
CA VAL E 487 20.37 -29.36 33.89
C VAL E 487 21.58 -28.60 34.41
N LYS E 488 21.47 -28.05 35.62
CA LYS E 488 22.59 -27.33 36.21
C LYS E 488 23.70 -28.29 36.62
N ALA E 489 23.32 -29.44 37.19
CA ALA E 489 24.29 -30.35 37.78
C ALA E 489 24.92 -31.24 36.72
N GLU E 490 24.11 -31.99 35.98
CA GLU E 490 24.59 -32.98 35.03
C GLU E 490 24.77 -32.31 33.68
N MET E 491 26.01 -32.24 33.21
CA MET E 491 26.28 -31.60 31.91
C MET E 491 25.63 -32.39 30.77
N ALA E 492 25.53 -33.71 30.93
CA ALA E 492 24.89 -34.52 29.89
C ALA E 492 23.44 -34.10 29.68
N VAL E 493 22.71 -33.88 30.77
CA VAL E 493 21.33 -33.41 30.67
C VAL E 493 21.30 -32.01 30.08
N GLY E 494 22.13 -31.11 30.63
CA GLY E 494 22.18 -29.76 30.10
C GLY E 494 22.61 -29.73 28.65
N GLU E 495 23.53 -30.62 28.28
CA GLU E 495 23.97 -30.69 26.89
C GLU E 495 22.81 -31.09 25.98
N ALA E 496 21.98 -32.04 26.43
CA ALA E 496 20.84 -32.46 25.64
C ALA E 496 19.89 -31.29 25.39
N ASN E 497 19.64 -30.51 26.44
CA ASN E 497 18.83 -29.31 26.28
C ASN E 497 19.49 -28.31 25.35
N ASP E 498 20.81 -28.17 25.48
CA ASP E 498 21.54 -27.18 24.69
C ASP E 498 21.42 -27.46 23.19
N PHE E 499 21.72 -28.69 22.79
CA PHE E 499 21.67 -29.03 21.37
C PHE E 499 20.24 -29.00 20.85
N LEU E 500 19.28 -29.37 21.69
CA LEU E 500 17.88 -29.35 21.30
C LEU E 500 17.44 -27.94 20.94
N VAL E 501 17.70 -26.99 21.83
CA VAL E 501 17.25 -25.61 21.62
C VAL E 501 18.01 -24.97 20.46
N SER E 502 19.34 -25.13 20.47
CA SER E 502 20.17 -24.47 19.47
C SER E 502 19.83 -24.97 18.07
N GLU E 503 19.66 -26.28 17.91
CA GLU E 503 19.30 -26.83 16.62
C GLU E 503 17.92 -26.38 16.20
N LEU E 504 17.01 -26.25 17.16
CA LEU E 504 15.66 -25.78 16.86
C LEU E 504 15.66 -24.34 16.37
N LYS E 505 16.33 -23.46 17.12
CA LYS E 505 16.27 -22.04 16.82
C LYS E 505 16.89 -21.72 15.47
N VAL E 506 18.07 -22.31 15.19
CA VAL E 506 18.73 -22.06 13.92
C VAL E 506 17.84 -22.50 12.76
N GLN E 507 17.18 -23.64 12.91
CA GLN E 507 16.22 -24.09 11.91
C GLN E 507 15.07 -23.09 11.81
N LEU E 508 14.60 -22.60 12.95
CA LEU E 508 13.48 -21.66 12.96
C LEU E 508 13.88 -20.34 12.31
N GLU E 509 15.11 -19.90 12.54
CA GLU E 509 15.59 -18.66 11.93
C GLU E 509 15.55 -18.77 10.40
N ASP E 510 15.98 -19.91 9.87
CA ASP E 510 16.04 -20.09 8.43
C ASP E 510 14.65 -20.02 7.80
N GLN E 511 13.66 -20.63 8.46
CA GLN E 511 12.35 -20.78 7.85
C GLN E 511 11.61 -19.45 7.78
N PHE E 512 11.67 -18.67 8.86
CA PHE E 512 10.87 -17.46 8.99
C PHE E 512 11.68 -16.19 8.81
N ILE E 513 12.80 -16.06 9.52
CA ILE E 513 13.62 -14.85 9.39
C ILE E 513 14.41 -14.89 8.08
N GLY E 514 15.27 -15.89 7.93
CA GLY E 514 16.11 -15.99 6.76
C GLY E 514 15.31 -16.09 5.47
N THR E 515 14.57 -17.17 5.30
CA THR E 515 13.73 -17.33 4.12
C THR E 515 12.65 -16.26 4.11
N ARG E 516 12.34 -15.76 2.92
CA ARG E 516 11.31 -14.73 2.78
C ARG E 516 9.95 -15.30 3.13
N THR E 517 9.41 -14.88 4.27
CA THR E 517 8.08 -15.27 4.71
C THR E 517 7.14 -14.08 4.55
N ILE E 518 5.99 -14.33 3.92
CA ILE E 518 5.04 -13.25 3.69
C ILE E 518 4.14 -13.02 4.90
N ASN E 519 3.70 -14.10 5.53
CA ASN E 519 2.80 -14.01 6.67
C ASN E 519 3.16 -15.07 7.69
N THR E 520 2.76 -14.83 8.93
CA THR E 520 3.01 -15.77 10.02
C THR E 520 2.08 -15.43 11.18
N SER E 521 1.64 -16.49 11.86
CA SER E 521 0.78 -16.36 13.03
C SER E 521 1.40 -17.11 14.19
N ALA E 522 0.96 -16.77 15.40
CA ALA E 522 1.48 -17.43 16.59
C ALA E 522 1.17 -18.92 16.57
N SER E 523 -0.05 -19.28 16.17
CA SER E 523 -0.43 -20.69 16.16
C SER E 523 0.44 -21.49 15.20
N ILE E 524 0.79 -20.91 14.05
CA ILE E 524 1.64 -21.60 13.09
C ILE E 524 2.97 -21.95 13.74
N ILE E 525 3.55 -21.01 14.48
CA ILE E 525 4.80 -21.28 15.19
C ILE E 525 4.59 -22.40 16.18
N LYS E 526 3.45 -22.41 16.87
CA LYS E 526 3.19 -23.44 17.86
C LYS E 526 3.15 -24.81 17.21
N ASP E 527 2.51 -24.90 16.03
CA ASP E 527 2.44 -26.18 15.34
C ASP E 527 3.83 -26.64 14.91
N PHE E 528 4.64 -25.72 14.38
CA PHE E 528 5.97 -26.08 13.93
C PHE E 528 6.81 -26.60 15.09
N ILE E 529 6.68 -25.97 16.25
CA ILE E 529 7.43 -26.42 17.43
C ILE E 529 6.99 -27.83 17.82
N GLN E 530 5.69 -28.06 17.84
CA GLN E 530 5.19 -29.38 18.21
C GLN E 530 5.61 -30.43 17.19
N SER E 531 5.68 -30.05 15.92
CA SER E 531 6.16 -30.96 14.89
C SER E 531 7.62 -31.33 15.14
N TYR E 532 8.43 -30.34 15.52
CA TYR E 532 9.84 -30.59 15.78
C TYR E 532 10.03 -31.54 16.95
N LEU E 533 9.32 -31.27 18.06
CA LEU E 533 9.47 -32.10 19.25
C LEU E 533 9.02 -33.53 18.99
N GLY E 534 7.92 -33.69 18.25
CA GLY E 534 7.45 -35.02 17.93
C GLY E 534 8.47 -35.83 17.16
N ARG E 535 9.21 -35.16 16.26
CA ARG E 535 10.23 -35.85 15.48
C ARG E 535 11.35 -36.36 16.39
N LYS E 536 11.72 -35.56 17.38
CA LYS E 536 12.79 -35.95 18.29
C LYS E 536 12.41 -37.21 19.07
N LYS E 537 11.16 -37.27 19.54
CA LYS E 537 10.69 -38.46 20.24
C LYS E 537 10.73 -39.67 19.32
N ARG E 538 10.34 -39.49 18.07
CA ARG E 538 10.39 -40.58 17.10
C ARG E 538 11.82 -41.05 16.86
N ASP E 539 12.80 -40.18 17.10
CA ASP E 539 14.20 -40.54 17.03
C ASP E 539 14.80 -40.93 18.37
N ASN E 540 13.98 -40.96 19.43
CA ASN E 540 14.39 -41.38 20.76
C ASN E 540 15.33 -40.37 21.44
N GLU E 541 15.48 -39.18 20.86
CA GLU E 541 16.33 -38.17 21.45
C GLU E 541 15.75 -37.62 22.75
N ILE E 542 14.43 -37.60 22.88
CA ILE E 542 13.75 -37.14 24.08
C ILE E 542 12.73 -38.21 24.47
N GLN E 543 12.60 -38.45 25.77
CA GLN E 543 11.74 -39.52 26.25
C GLN E 543 10.28 -39.09 26.33
N ASP E 544 10.02 -37.90 26.87
CA ASP E 544 8.65 -37.42 27.07
C ASP E 544 8.67 -35.90 27.15
N PHE E 545 7.49 -35.30 27.02
CA PHE E 545 7.36 -33.85 27.15
C PHE E 545 5.89 -33.51 27.27
N PRO E 546 5.56 -32.32 27.78
CA PRO E 546 4.18 -31.84 27.76
C PRO E 546 3.87 -31.14 26.44
N ALA E 547 2.80 -31.58 25.77
CA ALA E 547 2.42 -30.96 24.51
C ALA E 547 1.73 -29.61 24.72
N GLU E 548 0.95 -29.50 25.80
CA GLU E 548 0.12 -28.32 26.01
C GLU E 548 0.86 -27.18 26.71
N ASP E 549 2.11 -27.38 27.10
CA ASP E 549 2.80 -26.39 27.92
C ASP E 549 3.36 -25.25 27.08
N VAL E 550 3.38 -25.38 25.76
CA VAL E 550 4.03 -24.38 24.93
C VAL E 550 3.27 -23.08 24.97
N GLN E 551 4.00 -21.97 24.92
CA GLN E 551 3.42 -20.63 24.85
C GLN E 551 4.10 -19.86 23.73
N VAL E 552 3.31 -19.07 23.00
CA VAL E 552 3.82 -18.22 21.94
C VAL E 552 3.14 -16.87 22.05
N ILE E 553 3.94 -15.80 21.96
CA ILE E 553 3.44 -14.43 21.98
C ILE E 553 4.17 -13.67 20.89
N VAL E 554 3.43 -12.84 20.16
CA VAL E 554 3.98 -12.03 19.08
C VAL E 554 3.71 -10.57 19.40
N GLU E 555 4.70 -9.71 19.13
CA GLU E 555 4.60 -8.30 19.47
C GLU E 555 5.38 -7.52 18.41
N GLY E 556 4.65 -7.04 17.41
CA GLY E 556 5.28 -6.31 16.32
C GLY E 556 6.23 -7.18 15.54
N ASN E 557 7.52 -6.89 15.66
CA ASN E 557 8.57 -7.64 14.95
C ASN E 557 9.21 -8.72 15.81
N GLU E 558 8.70 -8.96 17.02
CA GLU E 558 9.31 -9.88 17.97
C GLU E 558 8.31 -10.94 18.37
N ALA E 559 8.82 -12.13 18.68
CA ALA E 559 8.01 -13.23 19.19
C ALA E 559 8.71 -13.84 20.39
N ARG E 560 7.92 -14.25 21.38
CA ARG E 560 8.41 -14.94 22.56
C ARG E 560 7.92 -16.38 22.55
N ILE E 561 8.81 -17.32 22.80
CA ILE E 561 8.50 -18.73 22.81
C ILE E 561 8.93 -19.31 24.15
N SER E 562 8.02 -20.06 24.78
CA SER E 562 8.31 -20.73 26.04
C SER E 562 7.77 -22.15 25.99
N MET E 563 8.56 -23.08 26.49
CA MET E 563 8.20 -24.49 26.44
C MET E 563 9.02 -25.23 27.49
N THR E 564 8.57 -26.44 27.79
CA THR E 564 9.20 -27.29 28.79
C THR E 564 9.40 -28.69 28.22
N VAL E 565 10.49 -29.33 28.62
CA VAL E 565 10.77 -30.72 28.26
C VAL E 565 11.40 -31.41 29.46
N TYR E 566 11.00 -32.63 29.71
CA TYR E 566 11.50 -33.36 30.87
C TYR E 566 12.89 -33.91 30.57
N PRO E 567 13.88 -33.71 31.45
CA PRO E 567 15.20 -34.29 31.21
C PRO E 567 15.18 -35.81 31.38
N ILE E 568 16.12 -36.47 30.70
CA ILE E 568 16.27 -37.91 30.87
C ILE E 568 16.90 -38.20 32.22
N ARG E 569 16.53 -39.33 32.80
CA ARG E 569 17.04 -39.75 34.11
C ARG E 569 17.82 -41.05 33.94
N SER E 570 19.03 -41.08 34.51
CA SER E 570 19.90 -42.25 34.43
C SER E 570 19.78 -43.11 35.68
N PHE E 571 20.31 -44.31 35.59
CA PHE E 571 20.19 -45.29 36.68
C PHE E 571 21.42 -45.21 37.59
N LYS E 572 21.17 -44.97 38.88
CA LYS E 572 22.25 -44.64 39.81
C LYS E 572 22.45 -45.70 40.89
N LYS E 573 21.44 -46.01 41.68
CA LYS E 573 21.60 -46.80 42.90
C LYS E 573 20.90 -48.14 42.77
N ILE E 574 21.54 -49.18 43.29
CA ILE E 574 20.92 -50.48 43.50
C ILE E 574 21.34 -50.98 44.88
N SER E 575 20.37 -51.45 45.65
CA SER E 575 20.61 -52.02 46.98
C SER E 575 20.13 -53.46 46.98
N VAL E 576 20.96 -54.36 47.50
CA VAL E 576 20.69 -55.79 47.47
C VAL E 576 20.91 -56.38 48.85
N SER E 577 20.12 -57.39 49.18
CA SER E 577 20.28 -58.15 50.41
C SER E 577 20.08 -59.63 50.10
N LEU E 578 20.83 -60.47 50.80
CA LEU E 578 20.78 -61.91 50.63
C LEU E 578 20.32 -62.59 51.90
N VAL E 579 19.63 -63.71 51.76
CA VAL E 579 19.19 -64.54 52.87
C VAL E 579 19.61 -65.97 52.58
N TYR E 580 20.41 -66.54 53.47
CA TYR E 580 20.78 -67.95 53.39
C TYR E 580 19.79 -68.76 54.20
N LYS E 581 19.47 -69.95 53.69
CA LYS E 581 18.51 -70.83 54.36
C LYS E 581 18.89 -72.28 54.10
N GLN E 582 18.38 -73.16 54.95
CA GLN E 582 18.63 -74.58 54.79
C GLN E 582 17.76 -75.15 53.68
N GLN E 583 18.07 -76.39 53.29
CA GLN E 583 17.33 -77.07 52.23
C GLN E 583 17.38 -76.28 50.93
N ILE F 5 -26.47 72.62 -71.54
CA ILE F 5 -27.88 72.57 -71.18
C ILE F 5 -28.15 71.24 -70.48
N SER F 6 -27.77 71.19 -69.20
CA SER F 6 -27.95 70.01 -68.38
C SER F 6 -27.81 70.40 -66.92
N LEU F 7 -28.28 69.52 -66.04
CA LEU F 7 -28.15 69.74 -64.61
C LEU F 7 -26.75 69.36 -64.14
N ASN F 8 -26.31 70.02 -63.07
CA ASN F 8 -24.99 69.78 -62.52
C ASN F 8 -24.87 68.32 -62.08
N PRO F 9 -23.66 67.83 -61.82
CA PRO F 9 -23.50 66.44 -61.42
C PRO F 9 -24.25 66.13 -60.13
N ILE F 10 -24.75 64.90 -60.04
CA ILE F 10 -25.51 64.41 -58.89
C ILE F 10 -24.67 63.35 -58.21
N GLN F 11 -24.48 63.50 -56.90
CA GLN F 11 -23.57 62.64 -56.15
C GLN F 11 -24.26 61.37 -55.69
N ASP F 12 -23.50 60.29 -55.64
CA ASP F 12 -24.01 59.03 -55.09
C ASP F 12 -23.84 59.01 -53.58
N ALA F 13 -24.72 58.26 -52.92
CA ALA F 13 -24.63 58.11 -51.47
C ALA F 13 -23.49 57.16 -51.13
N LYS F 14 -22.56 57.63 -50.30
CA LYS F 14 -21.41 56.82 -49.93
C LYS F 14 -21.75 55.92 -48.75
N PRO F 15 -21.72 54.59 -48.91
CA PRO F 15 -21.84 53.74 -47.72
C PRO F 15 -20.66 53.95 -46.79
N ILE F 16 -20.94 53.99 -45.49
CA ILE F 16 -19.90 54.16 -44.49
C ILE F 16 -19.34 52.79 -44.14
N ASP F 17 -18.03 52.64 -44.31
CA ASP F 17 -17.40 51.33 -44.19
C ASP F 17 -16.84 51.05 -42.80
N ASP F 18 -16.33 52.07 -42.12
CA ASP F 18 -15.64 51.89 -40.86
C ASP F 18 -16.58 52.16 -39.69
N ILE F 19 -16.53 51.29 -38.69
CA ILE F 19 -17.44 51.39 -37.54
C ILE F 19 -17.17 52.67 -36.75
N VAL F 20 -15.90 53.08 -36.65
CA VAL F 20 -15.53 54.15 -35.74
C VAL F 20 -16.24 55.44 -36.13
N ASP F 21 -16.23 55.77 -37.43
CA ASP F 21 -16.88 56.99 -37.88
C ASP F 21 -18.38 56.92 -37.66
N ILE F 22 -18.97 55.74 -37.85
CA ILE F 22 -20.42 55.59 -37.71
C ILE F 22 -20.83 55.89 -36.28
N MET F 23 -20.11 55.32 -35.31
CA MET F 23 -20.40 55.60 -33.91
C MET F 23 -20.21 57.08 -33.61
N THR F 24 -19.18 57.68 -34.19
CA THR F 24 -18.89 59.09 -33.96
C THR F 24 -20.05 59.96 -34.42
N TYR F 25 -20.59 59.68 -35.62
CA TYR F 25 -21.78 60.38 -36.07
C TYR F 25 -22.95 60.12 -35.13
N LEU F 26 -23.09 58.87 -34.70
CA LEU F 26 -24.20 58.52 -33.81
C LEU F 26 -24.08 59.23 -32.48
N LYS F 27 -22.88 59.34 -31.93
CA LYS F 27 -22.70 60.05 -30.67
C LYS F 27 -23.08 61.52 -30.81
N ASN F 28 -22.72 62.13 -31.94
CA ASN F 28 -23.13 63.51 -32.19
C ASN F 28 -24.63 63.62 -32.33
N GLY F 29 -25.31 62.53 -32.67
CA GLY F 29 -26.75 62.54 -32.87
C GLY F 29 -27.20 62.62 -34.30
N LYS F 30 -26.28 62.58 -35.27
CA LYS F 30 -26.66 62.59 -36.67
C LYS F 30 -27.30 61.26 -37.04
N VAL F 31 -28.38 61.33 -37.81
CA VAL F 31 -29.20 60.15 -38.08
C VAL F 31 -28.49 59.24 -39.07
N LEU F 32 -28.59 57.93 -38.84
CA LEU F 32 -28.11 56.91 -39.75
C LEU F 32 -29.30 56.22 -40.42
N ARG F 33 -29.02 55.54 -41.53
CA ARG F 33 -30.01 54.78 -42.27
C ARG F 33 -29.41 53.43 -42.64
N VAL F 34 -30.01 52.36 -42.15
CA VAL F 34 -29.50 51.01 -42.31
C VAL F 34 -30.46 50.20 -43.16
N LYS F 35 -29.92 49.40 -44.06
CA LYS F 35 -30.69 48.45 -44.85
C LYS F 35 -30.45 47.05 -44.30
N GLN F 36 -31.52 46.39 -43.88
CA GLN F 36 -31.47 45.01 -43.43
C GLN F 36 -31.81 44.10 -44.60
N ASP F 37 -30.98 43.08 -44.83
CA ASP F 37 -31.17 42.20 -45.96
C ASP F 37 -32.51 41.48 -45.89
N ASN F 38 -32.94 41.12 -44.68
CA ASN F 38 -34.12 40.29 -44.51
C ASN F 38 -35.40 41.12 -44.42
N GLN F 39 -35.41 42.12 -43.53
CA GLN F 39 -36.65 42.72 -43.08
C GLN F 39 -36.96 44.08 -43.69
N GLY F 40 -36.09 45.07 -43.56
CA GLY F 40 -36.45 46.41 -43.98
C GLY F 40 -35.30 47.39 -43.95
N ASP F 41 -35.60 48.60 -44.43
CA ASP F 41 -34.69 49.73 -44.37
C ASP F 41 -35.15 50.64 -43.23
N ILE F 42 -34.22 50.98 -42.34
CA ILE F 42 -34.57 51.65 -41.09
C ILE F 42 -33.61 52.79 -40.81
N LEU F 43 -34.08 53.74 -40.00
CA LEU F 43 -33.25 54.81 -39.48
C LEU F 43 -32.82 54.48 -38.06
N VAL F 44 -31.67 55.00 -37.66
CA VAL F 44 -31.11 54.78 -36.34
C VAL F 44 -30.70 56.13 -35.76
N ARG F 45 -31.01 56.34 -34.49
CA ARG F 45 -30.73 57.59 -33.80
C ARG F 45 -30.45 57.29 -32.34
N MET F 46 -29.52 58.05 -31.76
CA MET F 46 -29.26 58.02 -30.33
C MET F 46 -30.15 59.07 -29.68
N SER F 47 -30.75 58.72 -28.55
CA SER F 47 -31.85 59.51 -28.03
C SER F 47 -31.38 60.91 -27.65
N PRO F 48 -32.18 61.94 -27.88
CA PRO F 48 -31.83 63.28 -27.39
C PRO F 48 -32.02 63.37 -25.89
N GLY F 49 -31.53 64.45 -25.32
CA GLY F 49 -31.58 64.62 -23.89
C GLY F 49 -30.53 63.78 -23.19
N LYS F 50 -30.61 63.77 -21.86
CA LYS F 50 -29.64 63.03 -21.06
C LYS F 50 -29.95 61.55 -20.98
N HIS F 51 -31.22 61.16 -21.15
CA HIS F 51 -31.59 59.75 -21.10
C HIS F 51 -31.15 59.09 -22.41
N LYS F 52 -29.94 58.55 -22.37
CA LYS F 52 -29.31 58.07 -23.59
C LYS F 52 -29.66 56.62 -23.88
N PHE F 53 -30.04 56.36 -25.12
CA PHE F 53 -30.23 55.00 -25.62
C PHE F 53 -30.41 55.10 -27.12
N THR F 54 -30.40 53.95 -27.79
CA THR F 54 -30.56 53.88 -29.22
C THR F 54 -32.03 53.77 -29.58
N GLU F 55 -32.42 54.41 -30.68
CA GLU F 55 -33.78 54.42 -31.15
C GLU F 55 -33.83 54.05 -32.63
N VAL F 56 -34.94 53.44 -33.04
CA VAL F 56 -35.14 52.99 -34.40
C VAL F 56 -36.49 53.47 -34.90
N SER F 57 -36.54 53.82 -36.18
CA SER F 57 -37.76 54.28 -36.82
C SER F 57 -37.81 53.75 -38.24
N ARG F 58 -39.03 53.66 -38.78
CA ARG F 58 -39.26 53.24 -40.16
C ARG F 58 -39.93 54.33 -40.98
N ASP F 59 -39.94 55.57 -40.49
CA ASP F 59 -40.55 56.69 -41.20
C ASP F 59 -39.57 57.28 -42.21
N LEU F 60 -39.36 56.54 -43.30
CA LEU F 60 -38.30 56.85 -44.26
C LEU F 60 -38.68 58.02 -45.16
N ASP F 61 -38.48 59.22 -44.66
CA ASP F 61 -38.65 60.44 -45.45
C ASP F 61 -38.08 61.61 -44.68
N LYS F 62 -37.84 62.70 -45.40
CA LYS F 62 -37.40 63.93 -44.76
C LYS F 62 -38.46 64.42 -43.78
N GLU F 63 -38.01 65.00 -42.68
CA GLU F 63 -38.93 65.43 -41.63
C GLU F 63 -39.68 66.66 -42.09
N SER F 64 -40.74 66.43 -42.87
CA SER F 64 -41.60 67.52 -43.29
C SER F 64 -42.46 67.99 -42.12
N PHE F 65 -42.99 69.20 -42.26
CA PHE F 65 -43.87 69.73 -41.23
C PHE F 65 -45.11 68.86 -41.04
N TYR F 66 -45.53 68.16 -42.09
CA TYR F 66 -46.69 67.28 -42.06
C TYR F 66 -46.30 65.81 -41.96
N TYR F 67 -45.02 65.51 -41.73
CA TYR F 67 -44.52 64.14 -41.64
C TYR F 67 -43.59 64.07 -40.42
N LYS F 68 -44.17 63.69 -39.29
CA LYS F 68 -43.41 63.61 -38.04
C LYS F 68 -42.84 62.21 -37.88
N ARG F 69 -41.51 62.12 -37.80
CA ARG F 69 -40.87 60.83 -37.63
C ARG F 69 -40.98 60.38 -36.17
N HIS F 70 -41.35 59.11 -36.00
CA HIS F 70 -41.63 58.54 -34.68
C HIS F 70 -40.57 57.51 -34.34
N TRP F 71 -40.13 57.53 -33.09
CA TRP F 71 -39.01 56.73 -32.62
C TRP F 71 -39.44 55.77 -31.52
N VAL F 72 -38.80 54.62 -31.48
CA VAL F 72 -39.01 53.62 -30.45
C VAL F 72 -37.67 53.02 -30.06
N LEU F 73 -37.54 52.67 -28.78
CA LEU F 73 -36.30 52.09 -28.29
C LEU F 73 -36.05 50.73 -28.92
N TYR F 74 -34.80 50.43 -29.20
CA TYR F 74 -34.39 49.13 -29.69
C TYR F 74 -32.93 48.90 -29.34
N ASN F 75 -32.60 47.66 -29.02
CA ASN F 75 -31.22 47.31 -28.68
C ASN F 75 -30.43 46.99 -29.93
N VAL F 76 -29.96 48.02 -30.63
CA VAL F 76 -29.23 47.82 -31.87
C VAL F 76 -27.96 47.04 -31.59
N SER F 77 -27.57 46.17 -32.52
CA SER F 77 -26.42 45.30 -32.34
C SER F 77 -25.24 45.82 -33.15
N VAL F 78 -24.04 45.62 -32.60
CA VAL F 78 -22.82 46.03 -33.29
C VAL F 78 -22.67 45.28 -34.61
N ASN F 79 -22.92 43.97 -34.58
CA ASN F 79 -22.74 43.16 -35.78
C ASN F 79 -23.69 43.60 -36.88
N SER F 80 -24.87 44.10 -36.51
CA SER F 80 -25.82 44.61 -37.51
C SER F 80 -25.21 45.77 -38.27
N LEU F 81 -24.54 46.68 -37.55
CA LEU F 81 -23.89 47.82 -38.19
C LEU F 81 -22.77 47.37 -39.11
N ILE F 82 -21.98 46.39 -38.67
CA ILE F 82 -20.80 45.97 -39.42
C ILE F 82 -21.21 45.30 -40.73
N THR F 83 -22.12 44.33 -40.66
CA THR F 83 -22.43 43.53 -41.84
C THR F 83 -23.25 44.30 -42.86
N PHE F 84 -24.18 45.14 -42.39
CA PHE F 84 -25.11 45.83 -43.27
C PHE F 84 -24.54 47.19 -43.64
N ASP F 85 -24.46 47.46 -44.94
CA ASP F 85 -24.02 48.77 -45.40
C ASP F 85 -24.98 49.83 -44.90
N VAL F 86 -24.43 50.91 -44.35
CA VAL F 86 -25.19 51.97 -43.70
C VAL F 86 -24.89 53.29 -44.39
N TYR F 87 -25.87 54.19 -44.35
CA TYR F 87 -25.76 55.50 -44.97
C TYR F 87 -26.13 56.57 -43.97
N LEU F 88 -25.79 57.81 -44.31
CA LEU F 88 -26.28 58.99 -43.62
C LEU F 88 -27.54 59.47 -44.32
N ASP F 89 -28.56 59.80 -43.54
CA ASP F 89 -29.86 60.15 -44.11
C ASP F 89 -29.76 61.32 -45.07
N GLU F 90 -28.83 62.25 -44.80
CA GLU F 90 -28.75 63.47 -45.60
C GLU F 90 -28.32 63.20 -47.04
N GLU F 91 -27.78 62.01 -47.33
CA GLU F 91 -27.36 61.65 -48.67
C GLU F 91 -28.32 60.66 -49.33
N TYR F 92 -28.58 59.53 -48.66
CA TYR F 92 -29.46 58.52 -49.21
C TYR F 92 -30.85 59.12 -49.42
N SER F 93 -31.32 59.12 -50.66
CA SER F 93 -32.58 59.77 -50.98
C SER F 93 -33.02 59.34 -52.37
N GLU F 94 -34.28 59.69 -52.69
CA GLU F 94 -34.81 59.41 -54.03
C GLU F 94 -34.19 60.32 -55.08
N THR F 95 -33.42 61.34 -54.65
CA THR F 95 -32.85 62.29 -55.60
C THR F 95 -32.02 61.60 -56.66
N THR F 96 -31.44 60.44 -56.34
CA THR F 96 -30.73 59.64 -57.33
C THR F 96 -30.85 58.14 -57.06
N LYS F 97 -31.52 57.43 -57.96
CA LYS F 97 -31.57 55.97 -57.93
C LYS F 97 -31.00 55.45 -59.24
N VAL F 98 -29.85 56.00 -59.61
CA VAL F 98 -29.22 55.71 -60.90
C VAL F 98 -29.05 54.22 -61.07
N LYS F 99 -29.26 53.75 -62.30
CA LYS F 99 -29.16 52.31 -62.58
C LYS F 99 -27.73 51.81 -62.37
N TYR F 100 -26.76 52.49 -62.97
CA TYR F 100 -25.34 52.20 -62.76
C TYR F 100 -24.72 53.33 -61.94
N PRO F 101 -24.39 53.13 -60.67
CA PRO F 101 -23.83 54.22 -59.87
C PRO F 101 -22.36 54.44 -60.18
N LYS F 102 -21.80 55.46 -59.52
CA LYS F 102 -20.39 55.79 -59.67
C LYS F 102 -19.53 54.63 -59.20
N ASP F 103 -18.35 54.50 -59.82
CA ASP F 103 -17.39 53.44 -59.53
C ASP F 103 -17.86 52.08 -60.05
N THR F 104 -19.00 52.04 -60.74
CA THR F 104 -19.47 50.80 -61.34
C THR F 104 -18.71 50.54 -62.64
N ILE F 105 -18.37 49.28 -62.87
CA ILE F 105 -17.67 48.86 -64.08
C ILE F 105 -18.71 48.31 -65.05
N VAL F 106 -18.67 48.81 -66.28
CA VAL F 106 -19.66 48.51 -67.30
C VAL F 106 -18.95 48.15 -68.60
N GLU F 107 -19.68 47.49 -69.49
CA GLU F 107 -19.24 47.23 -70.85
C GLU F 107 -19.98 48.16 -71.79
N TYR F 108 -19.23 48.94 -72.56
CA TYR F 108 -19.77 49.98 -73.42
C TYR F 108 -19.30 49.76 -74.84
N THR F 109 -20.16 50.10 -75.80
CA THR F 109 -19.88 49.90 -77.21
C THR F 109 -19.09 51.10 -77.73
N ARG F 110 -17.96 50.82 -78.38
CA ARG F 110 -17.11 51.85 -78.92
C ARG F 110 -17.38 52.08 -80.40
N GLU F 111 -16.81 53.16 -80.94
CA GLU F 111 -17.04 53.52 -82.33
C GLU F 111 -16.52 52.46 -83.29
N ASP F 112 -15.48 51.71 -82.89
CA ASP F 112 -14.91 50.69 -83.74
C ASP F 112 -15.66 49.37 -83.67
N GLN F 113 -16.90 49.36 -83.18
CA GLN F 113 -17.69 48.13 -83.04
C GLN F 113 -16.99 47.12 -82.15
N GLU F 114 -16.30 47.61 -81.12
CA GLU F 114 -15.71 46.78 -80.10
C GLU F 114 -16.27 47.17 -78.74
N LYS F 115 -16.63 46.16 -77.95
CA LYS F 115 -17.18 46.38 -76.62
C LYS F 115 -16.05 46.35 -75.61
N ASP F 116 -15.71 47.52 -75.07
CA ASP F 116 -14.67 47.67 -74.08
C ASP F 116 -15.30 47.84 -72.71
N VAL F 117 -14.52 47.60 -71.66
CA VAL F 117 -14.98 47.69 -70.28
C VAL F 117 -14.37 48.93 -69.65
N ALA F 118 -15.18 49.70 -68.93
CA ALA F 118 -14.74 50.95 -68.32
C ALA F 118 -15.55 51.21 -67.09
N MET F 119 -15.03 52.08 -66.22
CA MET F 119 -15.67 52.44 -64.97
C MET F 119 -16.31 53.82 -65.08
N ILE F 120 -17.48 53.97 -64.46
CA ILE F 120 -18.16 55.26 -64.41
C ILE F 120 -17.47 56.12 -63.37
N LYS F 121 -17.08 57.33 -63.76
CA LYS F 121 -16.34 58.24 -62.88
C LYS F 121 -17.09 59.53 -62.56
N GLU F 122 -18.03 59.94 -63.41
CA GLU F 122 -18.82 61.13 -63.15
C GLU F 122 -20.23 60.90 -63.68
N ILE F 123 -21.20 61.50 -63.01
CA ILE F 123 -22.61 61.34 -63.33
C ILE F 123 -23.28 62.70 -63.33
N LEU F 124 -24.06 62.98 -64.37
CA LEU F 124 -24.90 64.16 -64.42
C LEU F 124 -26.09 63.83 -65.31
N THR F 125 -27.16 64.60 -65.16
CA THR F 125 -28.39 64.35 -65.90
C THR F 125 -28.80 65.60 -66.67
N ASP F 126 -29.35 65.39 -67.86
CA ASP F 126 -29.95 66.48 -68.60
C ASP F 126 -31.29 66.86 -67.96
N ASN F 127 -31.88 67.94 -68.47
CA ASN F 127 -33.16 68.39 -67.93
C ASN F 127 -34.25 67.35 -68.14
N ASN F 128 -34.08 66.44 -69.10
CA ASN F 128 -35.05 65.39 -69.34
C ASN F 128 -34.84 64.16 -68.46
N GLY F 129 -33.83 64.15 -67.61
CA GLY F 129 -33.62 63.05 -66.68
C GLY F 129 -32.69 61.97 -67.16
N ASN F 130 -32.21 62.03 -68.40
CA ASN F 130 -31.27 61.04 -68.89
C ASN F 130 -29.90 61.26 -68.26
N TYR F 131 -29.30 60.19 -67.75
CA TYR F 131 -28.05 60.25 -67.02
C TYR F 131 -26.89 60.17 -67.99
N PHE F 132 -25.96 61.13 -67.90
CA PHE F 132 -24.76 61.13 -68.71
C PHE F 132 -23.62 60.54 -67.88
N TYR F 133 -22.87 59.62 -68.47
CA TYR F 133 -21.82 58.89 -67.77
C TYR F 133 -20.46 59.25 -68.37
N ALA F 134 -19.50 59.57 -67.50
CA ALA F 134 -18.11 59.71 -67.89
C ALA F 134 -17.36 58.43 -67.59
N LEU F 135 -16.57 57.97 -68.55
CA LEU F 135 -15.89 56.69 -68.48
C LEU F 135 -14.39 56.88 -68.56
N ILE F 136 -13.66 56.00 -67.87
CA ILE F 136 -12.20 56.03 -67.94
C ILE F 136 -11.76 55.68 -69.35
N GLY F 137 -10.75 56.39 -69.83
CA GLY F 137 -10.25 56.18 -71.17
C GLY F 137 -11.07 56.82 -72.27
N GLU F 138 -12.13 57.55 -71.92
CA GLU F 138 -13.01 58.18 -72.89
C GLU F 138 -13.23 59.64 -72.50
N THR F 139 -13.41 60.49 -73.50
CA THR F 139 -13.57 61.93 -73.29
C THR F 139 -15.05 62.32 -73.18
N MET F 140 -15.84 61.97 -74.19
CA MET F 140 -17.25 62.32 -74.20
C MET F 140 -18.00 61.57 -73.09
N LEU F 141 -19.29 61.84 -73.01
CA LEU F 141 -20.16 61.18 -72.05
C LEU F 141 -21.05 60.16 -72.77
N PHE F 142 -21.53 59.19 -72.01
CA PHE F 142 -22.23 58.04 -72.55
C PHE F 142 -23.64 57.94 -71.95
N ASP F 143 -24.53 57.28 -72.69
CA ASP F 143 -25.94 57.19 -72.34
C ASP F 143 -26.26 55.82 -71.78
N GLU F 144 -27.32 55.76 -70.96
CA GLU F 144 -27.66 54.52 -70.25
C GLU F 144 -28.00 53.40 -71.21
N ASN F 145 -28.76 53.71 -72.28
CA ASN F 145 -29.20 52.66 -73.19
C ASN F 145 -28.01 52.03 -73.92
N LYS F 146 -26.97 52.81 -74.15
CA LYS F 146 -25.80 52.29 -74.85
C LYS F 146 -25.03 51.28 -74.01
N LEU F 147 -25.12 51.40 -72.68
CA LEU F 147 -24.24 50.66 -71.81
C LEU F 147 -24.76 49.25 -71.53
N ASN F 148 -23.87 48.43 -71.01
CA ASN F 148 -24.19 47.09 -70.53
C ASN F 148 -23.36 46.83 -69.27
N LYS F 149 -24.01 46.30 -68.24
CA LYS F 149 -23.33 45.91 -67.01
C LYS F 149 -23.13 44.41 -67.03
N VAL F 150 -21.88 43.97 -66.88
CA VAL F 150 -21.57 42.55 -66.76
C VAL F 150 -21.44 42.20 -65.29
N LYS F 151 -22.25 41.25 -64.84
CA LYS F 151 -22.30 40.84 -63.44
C LYS F 151 -21.59 39.50 -63.29
N ASP F 152 -20.69 39.42 -62.31
CA ASP F 152 -19.96 38.19 -62.03
C ASP F 152 -19.07 37.78 -63.20
N SER G 16 -56.77 115.30 -54.48
CA SER G 16 -55.79 114.59 -55.28
C SER G 16 -55.64 113.15 -54.81
N LEU G 17 -55.20 112.27 -55.72
CA LEU G 17 -54.98 110.87 -55.40
C LEU G 17 -53.97 110.30 -56.38
N ASN G 18 -53.15 109.38 -55.89
CA ASN G 18 -52.11 108.74 -56.68
C ASN G 18 -52.46 107.27 -56.88
N TYR G 19 -52.43 106.82 -58.12
CA TYR G 19 -52.79 105.46 -58.45
C TYR G 19 -52.46 105.19 -59.91
N GLU G 20 -52.23 103.93 -60.23
CA GLU G 20 -52.17 103.52 -61.62
C GLU G 20 -53.51 103.82 -62.28
N TYR G 21 -53.46 104.46 -63.46
CA TYR G 21 -54.68 105.01 -64.05
C TYR G 21 -55.80 104.00 -64.18
N PRO G 22 -55.59 102.78 -64.68
CA PRO G 22 -56.71 101.82 -64.73
C PRO G 22 -57.27 101.48 -63.36
N TYR G 23 -56.44 101.45 -62.34
CA TYR G 23 -56.82 100.99 -61.02
C TYR G 23 -57.12 102.20 -60.13
N HIS G 24 -58.40 102.40 -59.83
CA HIS G 24 -58.85 103.44 -58.91
C HIS G 24 -59.04 102.82 -57.54
N PRO G 25 -58.36 103.28 -56.49
CA PRO G 25 -58.50 102.61 -55.18
C PRO G 25 -59.94 102.51 -54.70
N SER G 26 -60.75 103.53 -54.95
CA SER G 26 -62.18 103.45 -54.67
C SER G 26 -62.89 102.93 -55.91
N GLY G 27 -63.74 101.93 -55.71
CA GLY G 27 -64.44 101.29 -56.82
C GLY G 27 -63.75 100.03 -57.31
N ASN G 28 -62.54 100.17 -57.86
CA ASN G 28 -61.80 99.04 -58.43
C ASN G 28 -60.34 99.08 -57.97
N PRO G 29 -60.09 98.90 -56.68
CA PRO G 29 -58.71 98.86 -56.20
C PRO G 29 -57.95 97.69 -56.80
N LYS G 30 -56.66 97.90 -57.06
CA LYS G 30 -55.81 96.83 -57.56
C LYS G 30 -55.60 95.79 -56.47
N HIS G 31 -55.60 94.52 -56.87
CA HIS G 31 -55.40 93.39 -55.97
C HIS G 31 -54.21 92.53 -56.36
N ILE G 32 -53.93 92.39 -57.65
CA ILE G 32 -52.86 91.54 -58.13
C ILE G 32 -52.22 92.20 -59.34
N ASP G 33 -50.94 91.91 -59.55
CA ASP G 33 -50.24 92.36 -60.75
C ASP G 33 -50.46 91.37 -61.89
N VAL G 34 -50.48 91.91 -63.12
CA VAL G 34 -50.72 91.05 -64.28
C VAL G 34 -49.61 90.00 -64.41
N SER G 35 -48.37 90.38 -64.10
CA SER G 35 -47.26 89.46 -64.27
C SER G 35 -47.34 88.30 -63.30
N GLU G 36 -47.79 88.56 -62.07
CA GLU G 36 -47.82 87.52 -61.05
C GLU G 36 -48.84 86.42 -61.37
N ILE G 37 -49.74 86.66 -62.33
CA ILE G 37 -50.75 85.67 -62.68
C ILE G 37 -50.08 84.38 -63.12
N ASP G 38 -49.06 84.50 -63.97
CA ASP G 38 -48.36 83.31 -64.45
C ASP G 38 -47.65 82.60 -63.32
N ASN G 39 -47.27 83.32 -62.27
CA ASN G 39 -46.52 82.71 -61.17
C ASN G 39 -47.43 81.85 -60.29
N LEU G 40 -48.64 82.31 -60.01
CA LEU G 40 -49.54 81.56 -59.14
C LEU G 40 -49.87 80.21 -59.75
N THR G 41 -49.79 79.17 -58.94
CA THR G 41 -50.07 77.81 -59.35
C THR G 41 -50.88 77.10 -58.27
N LEU G 42 -51.07 75.80 -58.46
CA LEU G 42 -51.88 75.01 -57.54
C LEU G 42 -51.24 74.93 -56.15
N ALA G 43 -49.92 74.75 -56.12
CA ALA G 43 -49.23 74.56 -54.85
C ALA G 43 -49.40 75.76 -53.94
N ASP G 44 -49.49 76.96 -54.51
CA ASP G 44 -49.70 78.16 -53.71
C ASP G 44 -51.03 78.11 -52.97
N TYR G 45 -52.02 77.44 -53.56
CA TYR G 45 -53.34 77.33 -52.95
C TYR G 45 -53.45 76.14 -52.00
N GLY G 46 -52.41 75.32 -51.89
CA GLY G 46 -52.44 74.19 -50.98
C GLY G 46 -52.77 72.87 -51.62
N TRP G 47 -53.05 72.83 -52.92
CA TRP G 47 -53.37 71.59 -53.61
C TRP G 47 -52.13 70.79 -54.00
N SER G 48 -51.26 70.51 -53.04
CA SER G 48 -50.13 69.64 -53.29
C SER G 48 -50.56 68.19 -53.15
N PRO G 49 -49.82 67.25 -53.75
CA PRO G 49 -50.13 65.83 -53.50
C PRO G 49 -50.01 65.44 -52.05
N ASP G 50 -49.24 66.18 -51.25
CA ASP G 50 -49.14 65.89 -49.83
C ASP G 50 -50.50 66.01 -49.15
N ALA G 51 -51.28 67.02 -49.51
CA ALA G 51 -52.58 67.21 -48.89
C ALA G 51 -53.48 65.99 -49.09
N VAL G 52 -53.50 65.47 -50.33
CA VAL G 52 -54.30 64.27 -50.60
C VAL G 52 -53.77 63.10 -49.80
N LYS G 53 -52.45 62.93 -49.77
CA LYS G 53 -51.85 61.83 -49.02
C LYS G 53 -52.14 61.97 -47.54
N ALA G 54 -52.16 63.21 -47.03
CA ALA G 54 -52.48 63.44 -45.63
C ALA G 54 -53.89 62.97 -45.32
N TYR G 55 -54.84 63.27 -46.21
CA TYR G 55 -56.21 62.79 -46.02
C TYR G 55 -56.29 61.28 -46.09
N MET G 56 -55.29 60.62 -46.67
CA MET G 56 -55.20 59.17 -46.71
C MET G 56 -54.11 58.64 -45.78
N PHE G 57 -53.91 59.28 -44.64
CA PHE G 57 -52.86 58.90 -43.70
C PHE G 57 -53.03 57.43 -43.29
N GLY G 58 -51.92 56.71 -43.25
CA GLY G 58 -51.94 55.30 -42.96
C GLY G 58 -52.29 54.41 -44.12
N ILE G 59 -52.53 54.97 -45.31
CA ILE G 59 -52.89 54.21 -46.49
C ILE G 59 -51.93 54.54 -47.61
N VAL G 60 -51.44 53.51 -48.29
CA VAL G 60 -50.54 53.65 -49.43
C VAL G 60 -51.05 52.77 -50.56
N VAL G 61 -50.93 53.28 -51.78
CA VAL G 61 -51.37 52.58 -52.98
C VAL G 61 -50.13 52.13 -53.75
N GLN G 62 -50.09 50.85 -54.11
CA GLN G 62 -48.96 50.27 -54.81
C GLN G 62 -49.45 49.32 -55.88
N ASN G 63 -48.63 49.14 -56.92
CA ASN G 63 -48.93 48.19 -57.98
C ASN G 63 -48.57 46.80 -57.47
N PRO G 64 -49.53 45.86 -57.39
CA PRO G 64 -49.23 44.58 -56.73
C PRO G 64 -48.16 43.76 -57.43
N ASP G 65 -47.90 43.99 -58.71
CA ASP G 65 -46.86 43.28 -59.43
C ASP G 65 -45.48 43.88 -59.21
N THR G 66 -45.38 44.97 -58.45
CA THR G 66 -44.13 45.66 -58.22
C THR G 66 -44.09 46.13 -56.77
N GLY G 67 -43.00 46.80 -56.41
CA GLY G 67 -42.92 47.56 -55.18
C GLY G 67 -42.93 49.04 -55.52
N GLN G 68 -43.67 49.40 -56.57
CA GLN G 68 -43.60 50.72 -57.17
C GLN G 68 -44.91 51.47 -56.94
N PRO G 69 -44.94 52.53 -56.14
CA PRO G 69 -46.16 53.34 -56.05
C PRO G 69 -46.28 54.29 -57.22
N MET G 70 -47.41 55.01 -57.25
CA MET G 70 -47.64 55.98 -58.31
C MET G 70 -47.06 57.33 -57.94
N GLY G 71 -46.63 58.08 -58.95
CA GLY G 71 -45.98 59.35 -58.73
C GLY G 71 -46.95 60.50 -58.54
N ASP G 72 -46.39 61.66 -58.19
CA ASP G 72 -47.20 62.85 -58.00
C ASP G 72 -47.75 63.37 -59.32
N GLU G 73 -47.18 62.92 -60.44
CA GLU G 73 -47.71 63.32 -61.75
C GLU G 73 -49.18 62.95 -61.87
N PHE G 74 -49.52 61.73 -61.46
CA PHE G 74 -50.91 61.29 -61.50
C PHE G 74 -51.77 62.15 -60.57
N TYR G 75 -51.27 62.42 -59.37
CA TYR G 75 -52.04 63.21 -58.40
C TYR G 75 -52.31 64.60 -58.94
N ASN G 76 -51.29 65.25 -59.50
CA ASN G 76 -51.47 66.59 -60.05
C ASN G 76 -52.44 66.56 -61.23
N HIS G 77 -52.35 65.51 -62.04
CA HIS G 77 -53.29 65.35 -63.15
C HIS G 77 -54.72 65.24 -62.62
N ILE G 78 -54.90 64.49 -61.53
CA ILE G 78 -56.22 64.37 -60.91
C ILE G 78 -56.66 65.73 -60.38
N LEU G 79 -55.76 66.42 -59.68
CA LEU G 79 -56.11 67.68 -59.04
C LEU G 79 -56.47 68.72 -60.08
N GLU G 80 -55.74 68.76 -61.19
CA GLU G 80 -56.04 69.71 -62.25
C GLU G 80 -57.43 69.47 -62.82
N ARG G 81 -57.77 68.21 -63.06
CA ARG G 81 -59.13 67.90 -63.53
C ARG G 81 -60.15 68.11 -62.41
N ALA G 82 -59.76 67.83 -61.17
CA ALA G 82 -60.68 67.97 -60.05
C ALA G 82 -61.10 69.42 -59.85
N VAL G 83 -60.14 70.34 -59.88
CA VAL G 83 -60.47 71.75 -59.70
C VAL G 83 -61.36 72.23 -60.84
N GLY G 84 -61.19 71.66 -62.04
CA GLY G 84 -62.11 71.97 -63.12
C GLY G 84 -63.51 71.47 -62.83
N LYS G 85 -63.61 70.33 -62.15
CA LYS G 85 -64.93 69.78 -61.84
C LYS G 85 -65.70 70.70 -60.91
N ALA G 86 -65.04 71.20 -59.87
CA ALA G 86 -65.69 72.19 -59.01
C ALA G 86 -65.86 73.51 -59.75
N GLU G 87 -65.01 73.77 -60.74
CA GLU G 87 -65.12 75.00 -61.52
C GLU G 87 -66.38 74.98 -62.39
N ARG G 88 -66.99 73.81 -62.57
CA ARG G 88 -68.23 73.70 -63.33
C ARG G 88 -69.42 73.41 -62.45
N ALA G 89 -69.22 72.74 -61.31
CA ALA G 89 -70.30 72.60 -60.35
C ALA G 89 -70.85 73.96 -59.94
N LEU G 90 -69.97 74.95 -59.81
CA LEU G 90 -70.34 76.34 -59.75
C LEU G 90 -69.88 77.05 -61.02
N ASP G 91 -70.69 77.96 -61.56
CA ASP G 91 -70.42 78.76 -62.75
C ASP G 91 -69.40 79.82 -62.39
N ILE G 92 -68.17 79.37 -62.11
CA ILE G 92 -67.12 80.21 -61.56
C ILE G 92 -65.82 79.92 -62.31
N SER G 93 -64.95 80.92 -62.36
CA SER G 93 -63.55 80.74 -62.72
C SER G 93 -62.72 81.00 -61.47
N ILE G 94 -61.86 80.04 -61.13
CA ILE G 94 -61.22 80.00 -59.81
C ILE G 94 -59.77 80.46 -59.88
N LEU G 95 -59.01 79.98 -60.86
CA LEU G 95 -57.62 80.39 -60.95
C LEU G 95 -57.51 81.78 -61.57
N PRO G 96 -56.53 82.58 -61.19
CA PRO G 96 -56.39 83.91 -61.78
C PRO G 96 -56.09 83.80 -63.27
N ASP G 97 -56.82 84.58 -64.07
CA ASP G 97 -56.62 84.61 -65.50
C ASP G 97 -57.20 85.89 -66.06
N THR G 98 -56.62 86.34 -67.16
CA THR G 98 -57.10 87.52 -67.86
C THR G 98 -58.21 87.14 -68.82
N GLN G 99 -59.14 88.06 -69.04
CA GLN G 99 -60.29 87.84 -69.90
C GLN G 99 -60.45 89.00 -70.88
N HIS G 100 -60.80 88.65 -72.12
CA HIS G 100 -61.03 89.62 -73.19
C HIS G 100 -62.45 89.39 -73.70
N GLU G 101 -63.40 90.18 -73.18
CA GLU G 101 -64.82 89.94 -73.39
C GLU G 101 -65.40 91.03 -74.28
N MET G 102 -66.11 90.61 -75.32
CA MET G 102 -66.95 91.49 -76.13
C MET G 102 -68.40 91.26 -75.74
N ARG G 103 -69.08 92.31 -75.31
CA ARG G 103 -70.45 92.21 -74.81
C ARG G 103 -71.36 93.11 -75.63
N ASP G 104 -72.63 92.73 -75.68
CA ASP G 104 -73.60 93.40 -76.54
C ASP G 104 -74.25 94.57 -75.81
N TYR G 105 -74.90 95.43 -76.61
CA TYR G 105 -75.59 96.60 -76.09
C TYR G 105 -77.07 96.27 -75.92
N HIS G 106 -77.59 96.42 -74.70
CA HIS G 106 -79.00 96.27 -74.41
C HIS G 106 -79.48 97.55 -73.73
N GLU G 107 -80.58 98.11 -74.23
CA GLU G 107 -80.98 99.45 -73.83
C GLU G 107 -81.31 99.52 -72.34
N THR G 108 -82.07 98.55 -71.84
CA THR G 108 -82.60 98.65 -70.49
C THR G 108 -81.48 98.67 -69.46
N GLU G 109 -80.47 97.80 -69.63
CA GLU G 109 -79.35 97.81 -68.70
C GLU G 109 -78.40 98.98 -68.98
N PHE G 110 -78.34 99.43 -70.23
CA PHE G 110 -77.48 100.57 -70.56
C PHE G 110 -77.92 101.82 -69.80
N ASN G 111 -79.24 102.06 -69.77
CA ASN G 111 -79.74 103.19 -68.99
C ASN G 111 -79.55 102.96 -67.50
N SER G 112 -79.45 101.72 -67.07
CA SER G 112 -79.26 101.39 -65.66
C SER G 112 -77.78 101.44 -65.29
N TYR G 113 -77.16 102.61 -65.49
CA TYR G 113 -75.74 102.80 -65.16
C TYR G 113 -74.85 101.84 -65.92
N MET G 114 -75.28 101.42 -67.12
CA MET G 114 -74.51 100.50 -67.95
C MET G 114 -74.21 99.20 -67.19
N PHE G 115 -75.27 98.60 -66.65
CA PHE G 115 -75.11 97.38 -65.88
C PHE G 115 -74.57 96.27 -66.76
N VAL G 116 -73.61 95.51 -66.24
CA VAL G 116 -72.98 94.41 -66.97
C VAL G 116 -72.73 93.28 -66.00
N HIS G 117 -72.92 92.05 -66.47
CA HIS G 117 -72.62 90.83 -65.71
C HIS G 117 -71.61 90.04 -66.52
N ALA G 118 -70.44 89.79 -65.93
CA ALA G 118 -69.35 89.17 -66.67
C ALA G 118 -69.60 87.68 -66.85
N TYR G 119 -68.96 87.11 -67.89
CA TYR G 119 -69.09 85.69 -68.14
C TYR G 119 -68.52 84.86 -66.99
N ARG G 120 -67.37 85.26 -66.48
CA ARG G 120 -66.70 84.54 -65.39
C ARG G 120 -66.57 85.45 -64.19
N LYS G 121 -66.53 84.83 -63.01
CA LYS G 121 -66.47 85.53 -61.74
C LYS G 121 -65.62 84.72 -60.78
N PRO G 122 -65.08 85.34 -59.72
CA PRO G 122 -65.16 86.77 -59.35
C PRO G 122 -64.22 87.64 -60.18
N ILE G 123 -64.46 88.95 -60.15
CA ILE G 123 -63.63 89.91 -60.86
C ILE G 123 -62.66 90.50 -59.85
N LEU G 124 -61.37 90.20 -60.03
CA LEU G 124 -60.36 90.77 -59.15
C LEU G 124 -60.16 92.25 -59.45
N GLN G 125 -60.10 92.61 -60.73
CA GLN G 125 -59.87 93.98 -61.13
C GLN G 125 -60.15 94.14 -62.62
N VAL G 126 -60.43 95.37 -63.03
CA VAL G 126 -60.73 95.71 -64.41
C VAL G 126 -59.63 96.60 -64.93
N GLU G 127 -59.19 96.35 -66.17
CA GLU G 127 -58.11 97.09 -66.80
C GLU G 127 -58.61 98.06 -67.87
N ASN G 128 -59.48 97.59 -68.76
CA ASN G 128 -60.01 98.41 -69.85
C ASN G 128 -61.53 98.27 -69.89
N LEU G 129 -62.17 99.36 -70.32
CA LEU G 129 -63.62 99.39 -70.54
C LEU G 129 -63.89 100.45 -71.59
N GLN G 130 -64.14 100.01 -72.82
CA GLN G 130 -64.23 100.91 -73.96
C GLN G 130 -65.43 100.56 -74.82
N LEU G 131 -65.94 101.57 -75.51
CA LEU G 131 -67.02 101.41 -76.48
C LEU G 131 -66.46 101.61 -77.87
N GLN G 132 -66.67 100.63 -78.74
CA GLN G 132 -66.12 100.63 -80.08
C GLN G 132 -67.21 100.27 -81.09
N PHE G 133 -67.02 100.73 -82.32
CA PHE G 133 -67.98 100.53 -83.40
C PHE G 133 -67.49 99.49 -84.40
N ASN G 134 -66.30 99.68 -84.96
CA ASN G 134 -65.72 98.80 -85.96
C ASN G 134 -64.24 98.58 -85.68
N GLY G 135 -63.90 98.41 -84.39
CA GLY G 135 -62.52 98.37 -83.97
C GLY G 135 -61.93 99.72 -83.63
N ARG G 136 -62.68 100.80 -83.84
CA ARG G 136 -62.21 102.14 -83.50
C ARG G 136 -62.87 102.59 -82.21
N PRO G 137 -62.16 102.80 -81.11
CA PRO G 137 -62.83 103.18 -79.86
C PRO G 137 -63.57 104.51 -80.02
N ILE G 138 -64.90 104.43 -79.93
CA ILE G 138 -65.72 105.62 -80.03
C ILE G 138 -65.55 106.48 -78.79
N TYR G 139 -65.46 105.86 -77.61
CA TYR G 139 -65.38 106.58 -76.36
C TYR G 139 -64.77 105.69 -75.29
N LYS G 140 -63.75 106.20 -74.61
CA LYS G 140 -63.13 105.52 -73.48
C LYS G 140 -63.39 106.36 -72.23
N TYR G 141 -63.93 105.73 -71.20
CA TYR G 141 -64.41 106.48 -70.05
C TYR G 141 -63.26 106.83 -69.11
N PRO G 142 -63.43 107.85 -68.28
CA PRO G 142 -62.45 108.11 -67.22
C PRO G 142 -62.37 106.94 -66.24
N ALA G 143 -61.19 106.77 -65.64
CA ALA G 143 -61.00 105.70 -64.68
C ALA G 143 -61.92 105.86 -63.48
N ASN G 144 -62.09 107.10 -63.01
CA ASN G 144 -62.88 107.35 -61.81
C ASN G 144 -64.34 106.99 -61.97
N TRP G 145 -64.88 107.05 -63.19
CA TRP G 145 -66.31 106.85 -63.36
C TRP G 145 -66.74 105.43 -63.00
N TRP G 146 -66.06 104.42 -63.51
CA TRP G 146 -66.57 103.06 -63.46
C TRP G 146 -66.23 102.39 -62.12
N LYS G 147 -67.11 101.49 -61.70
CA LYS G 147 -66.97 100.75 -60.46
C LYS G 147 -67.30 99.29 -60.73
N VAL G 148 -66.87 98.42 -59.83
CA VAL G 148 -67.06 96.98 -59.98
C VAL G 148 -67.65 96.41 -58.70
N GLU G 149 -68.32 95.27 -58.84
CA GLU G 149 -68.77 94.44 -57.73
C GLU G 149 -68.05 93.11 -57.90
N HIS G 150 -67.04 92.89 -57.08
CA HIS G 150 -66.10 91.78 -57.26
C HIS G 150 -66.80 90.43 -57.25
N LEU G 151 -67.46 90.11 -56.14
CA LEU G 151 -68.05 88.78 -55.98
C LEU G 151 -69.16 88.55 -56.99
N ALA G 152 -70.11 89.48 -57.08
CA ALA G 152 -71.22 89.33 -58.00
C ALA G 152 -70.79 89.60 -59.44
N GLY G 153 -69.63 90.23 -59.63
CA GLY G 153 -69.14 90.50 -60.97
C GLY G 153 -69.83 91.64 -61.67
N HIS G 154 -70.69 92.38 -60.97
CA HIS G 154 -71.40 93.49 -61.60
C HIS G 154 -70.46 94.65 -61.86
N VAL G 155 -70.60 95.26 -63.03
CA VAL G 155 -69.85 96.43 -63.42
C VAL G 155 -70.85 97.54 -63.74
N GLN G 156 -70.66 98.71 -63.15
CA GLN G 156 -71.58 99.82 -63.32
C GLN G 156 -70.79 101.12 -63.45
N LEU G 157 -71.41 102.09 -64.10
CA LEU G 157 -70.78 103.36 -64.41
C LEU G 157 -71.51 104.50 -63.68
N PHE G 158 -70.73 105.48 -63.23
CA PHE G 158 -71.26 106.63 -62.47
C PHE G 158 -70.73 107.91 -63.11
N PRO G 159 -71.31 108.35 -64.22
CA PRO G 159 -70.80 109.55 -64.88
C PRO G 159 -70.93 110.79 -64.00
N THR G 160 -69.99 111.71 -64.19
CA THR G 160 -69.96 112.97 -63.47
C THR G 160 -69.41 114.05 -64.39
N ALA G 161 -69.68 115.30 -64.04
CA ALA G 161 -69.23 116.43 -64.83
C ALA G 161 -67.70 116.50 -64.87
N ALA G 190 -82.60 100.45 -83.33
CA ALA G 190 -83.24 99.34 -82.65
C ALA G 190 -82.96 99.39 -81.16
N THR G 191 -83.47 98.40 -80.43
CA THR G 191 -83.32 98.34 -78.98
C THR G 191 -82.01 97.72 -78.52
N PHE G 192 -81.28 97.05 -79.41
CA PHE G 192 -80.06 96.35 -79.02
C PHE G 192 -79.14 96.24 -80.22
N ALA G 193 -77.87 95.94 -79.95
CA ALA G 193 -76.85 95.78 -80.98
C ALA G 193 -75.80 94.81 -80.47
N PRO G 194 -75.09 94.13 -81.38
CA PRO G 194 -74.09 93.14 -80.95
C PRO G 194 -72.70 93.71 -80.76
N GLN G 195 -72.06 93.29 -79.66
CA GLN G 195 -70.65 93.55 -79.40
C GLN G 195 -70.30 95.03 -79.57
N MET G 196 -71.12 95.90 -78.98
CA MET G 196 -70.85 97.33 -79.05
C MET G 196 -69.71 97.72 -78.11
N ILE G 197 -69.57 97.04 -76.98
CA ILE G 197 -68.59 97.40 -75.97
C ILE G 197 -67.52 96.33 -75.91
N ARG G 198 -66.36 96.72 -75.36
CA ARG G 198 -65.21 95.83 -75.22
C ARG G 198 -64.73 95.91 -73.78
N LEU G 199 -64.57 94.75 -73.14
CA LEU G 199 -64.18 94.66 -71.75
C LEU G 199 -62.92 93.81 -71.63
N GLU G 200 -62.03 94.23 -70.73
CA GLU G 200 -60.87 93.44 -70.35
C GLU G 200 -60.73 93.48 -68.84
N TYR G 201 -60.51 92.31 -68.23
CA TYR G 201 -60.42 92.22 -66.79
C TYR G 201 -59.71 90.92 -66.42
N VAL G 202 -59.64 90.66 -65.12
CA VAL G 202 -58.98 89.49 -64.57
C VAL G 202 -60.00 88.72 -63.75
N SER G 203 -60.00 87.39 -63.90
CA SER G 203 -60.95 86.52 -63.24
C SER G 203 -60.20 85.46 -62.43
N GLY G 204 -60.69 85.22 -61.21
CA GLY G 204 -60.13 84.21 -60.34
C GLY G 204 -60.23 84.64 -58.89
N MET G 205 -59.53 83.90 -58.04
CA MET G 205 -59.47 84.18 -56.61
C MET G 205 -58.02 84.11 -56.14
N LEU G 206 -57.69 84.95 -55.17
CA LEU G 206 -56.34 84.93 -54.61
C LEU G 206 -56.23 83.85 -53.55
N PRO G 207 -55.02 83.34 -53.30
CA PRO G 207 -54.84 82.44 -52.16
C PRO G 207 -55.12 83.19 -50.85
N ARG G 208 -55.70 82.49 -49.90
CA ARG G 208 -56.10 83.15 -48.66
C ARG G 208 -54.89 83.60 -47.87
N LYS G 209 -54.93 84.82 -47.36
CA LYS G 209 -53.79 85.41 -46.67
C LYS G 209 -53.81 85.08 -45.19
N LYS G 210 -54.91 85.40 -44.51
CA LYS G 210 -55.01 85.25 -43.06
C LYS G 210 -55.81 84.00 -42.73
N ALA G 211 -55.52 83.42 -41.57
CA ALA G 211 -56.13 82.16 -41.19
C ALA G 211 -57.60 82.35 -40.83
N GLY G 212 -58.45 81.47 -41.35
CA GLY G 212 -59.86 81.47 -41.00
C GLY G 212 -60.60 82.73 -41.41
N ARG G 213 -60.00 83.52 -42.30
CA ARG G 213 -60.61 84.76 -42.78
C ARG G 213 -60.45 84.82 -44.29
N ASN G 214 -61.36 85.53 -44.95
CA ASN G 214 -61.29 85.64 -46.40
C ASN G 214 -62.10 86.83 -46.88
N LYS G 215 -61.60 87.48 -47.94
CA LYS G 215 -62.32 88.56 -48.58
C LYS G 215 -63.15 88.01 -49.73
N PRO G 216 -64.11 88.79 -50.25
CA PRO G 216 -64.85 88.32 -51.44
C PRO G 216 -63.95 88.04 -52.63
N TRP G 217 -62.84 88.75 -52.75
CA TRP G 217 -61.88 88.50 -53.83
C TRP G 217 -60.86 87.44 -53.47
N GLU G 218 -61.15 86.60 -52.49
CA GLU G 218 -60.19 85.69 -51.89
C GLU G 218 -60.76 84.29 -51.85
N MET G 219 -59.94 83.29 -52.18
CA MET G 219 -60.39 81.92 -52.23
C MET G 219 -60.85 81.46 -50.84
N PRO G 220 -62.09 81.00 -50.69
CA PRO G 220 -62.50 80.43 -49.40
C PRO G 220 -61.77 79.12 -49.16
N PRO G 221 -61.55 78.75 -47.89
CA PRO G 221 -60.92 77.44 -47.62
C PRO G 221 -61.74 76.27 -48.12
N GLU G 222 -63.05 76.44 -48.30
CA GLU G 222 -63.92 75.33 -48.63
C GLU G 222 -63.57 74.74 -49.99
N LEU G 223 -63.30 75.60 -50.97
CA LEU G 223 -62.94 75.13 -52.30
C LEU G 223 -61.68 74.28 -52.25
N GLU G 224 -60.78 74.57 -51.31
CA GLU G 224 -59.60 73.72 -51.13
C GLU G 224 -60.03 72.31 -50.73
N GLN G 225 -60.98 72.21 -49.82
CA GLN G 225 -61.44 70.90 -49.37
C GLN G 225 -62.28 70.22 -50.44
N LEU G 226 -63.15 70.98 -51.10
CA LEU G 226 -64.03 70.39 -52.11
C LEU G 226 -63.22 69.76 -53.24
N VAL G 227 -62.21 70.47 -53.73
CA VAL G 227 -61.39 69.94 -54.80
C VAL G 227 -60.63 68.71 -54.32
N ILE G 228 -60.09 68.76 -53.11
CA ILE G 228 -59.39 67.62 -52.54
C ILE G 228 -60.33 66.42 -52.46
N LYS G 229 -61.56 66.66 -52.02
CA LYS G 229 -62.53 65.58 -51.92
C LYS G 229 -62.83 64.99 -53.28
N TYR G 230 -62.91 65.83 -54.31
CA TYR G 230 -63.12 65.31 -55.66
C TYR G 230 -61.96 64.43 -56.10
N ALA G 231 -60.74 64.80 -55.73
CA ALA G 231 -59.59 63.98 -56.08
C ALA G 231 -59.64 62.63 -55.39
N LEU G 232 -60.06 62.63 -54.11
CA LEU G 232 -60.16 61.37 -53.38
C LEU G 232 -61.14 60.41 -54.05
N LYS G 233 -62.19 60.96 -54.67
CA LYS G 233 -63.16 60.13 -55.37
C LYS G 233 -62.48 59.36 -56.50
N GLU G 234 -61.61 60.04 -57.25
CA GLU G 234 -60.90 59.36 -58.33
C GLU G 234 -59.90 58.35 -57.78
N ILE G 235 -59.22 58.71 -56.69
CA ILE G 235 -58.21 57.82 -56.12
C ILE G 235 -58.86 56.55 -55.60
N TYR G 236 -59.94 56.69 -54.84
CA TYR G 236 -60.58 55.53 -54.22
C TYR G 236 -61.09 54.56 -55.27
N GLN G 237 -61.50 55.08 -56.44
CA GLN G 237 -61.88 54.21 -57.54
C GLN G 237 -60.71 53.31 -57.94
N VAL G 238 -59.51 53.87 -57.97
CA VAL G 238 -58.33 53.09 -58.31
C VAL G 238 -57.93 52.21 -57.13
N TRP G 239 -57.90 52.78 -55.93
CA TRP G 239 -57.36 52.08 -54.78
C TRP G 239 -58.23 50.90 -54.38
N GLY G 240 -59.54 51.00 -54.61
CA GLY G 240 -60.42 49.91 -54.23
C GLY G 240 -60.13 48.62 -54.97
N ASN G 241 -59.72 48.73 -56.24
CA ASN G 241 -59.49 47.53 -57.04
C ASN G 241 -58.27 46.76 -56.58
N LEU G 242 -57.28 47.45 -56.01
CA LEU G 242 -55.97 46.86 -55.75
C LEU G 242 -55.82 46.31 -54.35
N ILE G 243 -56.87 46.34 -53.53
CA ILE G 243 -56.71 45.92 -52.14
C ILE G 243 -56.34 44.44 -52.06
N ILE G 244 -57.02 43.59 -52.82
CA ILE G 244 -56.72 42.17 -52.89
C ILE G 244 -57.06 41.68 -54.29
N GLY G 245 -56.04 41.24 -55.03
CA GLY G 245 -56.27 40.68 -56.35
C GLY G 245 -57.09 41.58 -57.23
N ALA G 246 -58.07 40.98 -57.91
CA ALA G 246 -59.02 41.73 -58.72
C ALA G 246 -60.25 40.87 -58.95
N GLY G 247 -61.42 41.42 -58.66
CA GLY G 247 -62.65 40.68 -58.79
C GLY G 247 -62.83 39.60 -57.75
N ILE G 248 -62.14 39.71 -56.62
CA ILE G 248 -62.20 38.73 -55.55
C ILE G 248 -63.01 39.30 -54.39
N ALA G 249 -63.89 38.46 -53.83
CA ALA G 249 -64.74 38.84 -52.71
C ALA G 249 -64.43 38.00 -51.47
N ASN G 250 -64.44 36.68 -51.60
CA ASN G 250 -64.23 35.78 -50.49
C ASN G 250 -63.23 34.70 -50.89
N LYS G 251 -62.45 34.25 -49.92
CA LYS G 251 -61.47 33.20 -50.16
C LYS G 251 -61.14 32.50 -48.85
N THR G 252 -60.80 31.22 -48.96
CA THR G 252 -60.24 30.48 -47.84
C THR G 252 -59.25 29.47 -48.39
N LEU G 253 -58.09 29.38 -47.74
CA LEU G 253 -57.02 28.50 -48.16
C LEU G 253 -56.52 27.70 -46.98
N GLU G 254 -56.27 26.42 -47.21
CA GLU G 254 -55.87 25.50 -46.15
C GLU G 254 -54.77 24.59 -46.68
N VAL G 255 -53.62 24.60 -46.01
CA VAL G 255 -52.49 23.76 -46.36
C VAL G 255 -51.93 23.15 -45.08
N ASP G 256 -51.87 21.81 -45.04
CA ASP G 256 -51.09 21.08 -44.04
C ASP G 256 -51.37 21.58 -42.63
N GLY G 257 -52.64 21.81 -42.32
CA GLY G 257 -53.03 22.15 -40.97
C GLY G 257 -53.05 23.63 -40.64
N ILE G 258 -52.56 24.50 -41.52
CA ILE G 258 -52.66 25.94 -41.35
C ILE G 258 -53.63 26.48 -42.39
N THR G 259 -54.59 27.27 -41.93
CA THR G 259 -55.69 27.73 -42.77
C THR G 259 -55.89 29.23 -42.56
N GLU G 260 -56.38 29.89 -43.61
CA GLU G 260 -56.76 31.29 -43.55
C GLU G 260 -58.05 31.49 -44.35
N THR G 261 -58.92 32.37 -43.85
CA THR G 261 -60.15 32.73 -44.51
C THR G 261 -60.36 34.23 -44.39
N ILE G 262 -60.81 34.86 -45.46
CA ILE G 262 -61.00 36.30 -45.52
C ILE G 262 -62.31 36.61 -46.22
N GLY G 263 -63.05 37.59 -45.68
CA GLY G 263 -64.22 38.14 -46.34
C GLY G 263 -64.04 39.64 -46.51
N THR G 264 -63.98 40.07 -47.77
CA THR G 264 -63.62 41.43 -48.10
C THR G 264 -64.86 42.28 -48.32
N THR G 265 -64.64 43.61 -48.34
CA THR G 265 -65.73 44.52 -48.67
C THR G 265 -66.16 44.41 -50.12
N GLN G 266 -65.29 43.87 -50.99
CA GLN G 266 -65.67 43.69 -52.39
C GLN G 266 -66.88 42.79 -52.49
N SER G 267 -67.80 43.15 -53.38
CA SER G 267 -69.03 42.40 -53.55
C SER G 267 -69.54 42.59 -54.97
N ALA G 268 -70.43 41.70 -55.37
CA ALA G 268 -70.97 41.75 -56.73
C ALA G 268 -71.73 43.05 -56.98
N MET G 269 -72.36 43.60 -55.95
CA MET G 269 -73.21 44.78 -56.10
C MET G 269 -72.51 46.07 -55.72
N TYR G 270 -71.49 46.02 -54.87
CA TYR G 270 -70.75 47.21 -54.46
C TYR G 270 -69.25 46.96 -54.59
N GLY G 271 -68.51 48.04 -54.88
CA GLY G 271 -67.07 47.94 -54.95
C GLY G 271 -66.43 48.02 -53.57
N GLY G 272 -65.13 47.76 -53.54
CA GLY G 272 -64.41 47.77 -52.28
C GLY G 272 -64.39 49.16 -51.65
N ALA G 273 -64.19 50.19 -52.45
CA ALA G 273 -64.08 51.55 -51.97
C ALA G 273 -65.42 52.27 -51.94
N SER G 274 -66.52 51.60 -52.26
CA SER G 274 -67.81 52.26 -52.38
C SER G 274 -68.21 52.97 -51.10
N ALA G 275 -67.77 52.45 -49.95
CA ALA G 275 -68.11 53.07 -48.68
C ALA G 275 -67.56 54.48 -48.60
N GLN G 276 -66.29 54.66 -48.96
CA GLN G 276 -65.68 55.98 -48.90
C GLN G 276 -66.31 56.92 -49.90
N ILE G 277 -66.63 56.41 -51.10
CA ILE G 277 -67.26 57.24 -52.12
C ILE G 277 -68.60 57.75 -51.62
N LEU G 278 -69.35 56.88 -50.95
CA LEU G 278 -70.66 57.26 -50.43
C LEU G 278 -70.52 58.40 -49.42
N GLN G 279 -69.54 58.29 -48.52
CA GLN G 279 -69.31 59.33 -47.53
C GLN G 279 -68.85 60.62 -48.20
N ILE G 280 -67.95 60.51 -49.17
CA ILE G 280 -67.45 61.69 -49.86
C ILE G 280 -68.60 62.40 -50.57
N ASN G 281 -69.47 61.63 -51.23
CA ASN G 281 -70.62 62.21 -51.90
C ASN G 281 -71.52 62.93 -50.90
N GLU G 282 -71.72 62.33 -49.73
CA GLU G 282 -72.53 62.96 -48.69
C GLU G 282 -71.92 64.28 -48.26
N ASP G 283 -70.61 64.29 -48.02
CA ASP G 283 -69.94 65.52 -47.57
C ASP G 283 -70.00 66.59 -48.65
N ILE G 284 -69.78 66.21 -49.91
CA ILE G 284 -69.77 67.18 -51.00
C ILE G 284 -71.15 67.82 -51.14
N LYS G 285 -72.20 67.00 -51.03
CA LYS G 285 -73.55 67.53 -51.20
C LYS G 285 -73.84 68.63 -50.19
N GLU G 286 -73.53 68.38 -48.92
CA GLU G 286 -73.68 69.42 -47.91
C GLU G 286 -72.75 70.58 -48.20
N LEU G 287 -71.50 70.29 -48.56
CA LEU G 287 -70.52 71.33 -48.78
C LEU G 287 -70.89 72.20 -49.97
N LEU G 288 -71.34 71.57 -51.06
CA LEU G 288 -71.63 72.32 -52.28
C LEU G 288 -72.91 73.12 -52.13
N ASP G 289 -73.96 72.51 -51.60
CA ASP G 289 -75.23 73.21 -51.47
C ASP G 289 -75.10 74.41 -50.53
N GLY G 290 -74.39 74.22 -49.42
CA GLY G 290 -74.14 75.34 -48.53
C GLY G 290 -73.29 76.42 -49.20
N LEU G 291 -72.28 75.99 -49.96
CA LEU G 291 -71.41 76.96 -50.63
C LEU G 291 -72.16 77.71 -51.73
N ARG G 292 -73.16 77.07 -52.34
CA ARG G 292 -73.95 77.74 -53.36
C ARG G 292 -74.70 78.94 -52.78
N ALA G 293 -74.94 78.94 -51.46
CA ALA G 293 -75.56 80.09 -50.83
C ALA G 293 -74.62 81.29 -50.83
N TYR G 294 -73.31 81.05 -50.71
CA TYR G 294 -72.35 82.15 -50.72
C TYR G 294 -72.36 82.91 -52.04
N PHE G 295 -72.72 82.23 -53.13
CA PHE G 295 -72.77 82.85 -54.44
C PHE G 295 -74.19 83.12 -54.92
N GLY G 296 -75.14 82.27 -54.55
CA GLY G 296 -76.54 82.52 -54.84
C GLY G 296 -76.93 82.10 -56.24
N TYR G 297 -78.22 82.25 -56.53
CA TYR G 297 -78.76 81.85 -57.82
C TYR G 297 -78.35 82.85 -58.90
N ASN G 298 -78.52 82.44 -60.15
CA ASN G 298 -78.21 83.25 -61.31
C ASN G 298 -79.50 83.74 -61.95
N MET G 299 -79.53 85.02 -62.32
CA MET G 299 -80.72 85.65 -62.88
C MET G 299 -80.32 86.43 -64.13
N ILE G 300 -81.24 86.48 -65.09
CA ILE G 300 -81.06 87.23 -66.32
C ILE G 300 -82.44 87.66 -66.81
N GLY G 301 -82.53 88.88 -67.31
CA GLY G 301 -83.81 89.39 -67.78
C GLY G 301 -84.14 88.94 -69.19
N LEU G 302 -85.36 89.27 -69.59
CA LEU G 302 -85.83 88.96 -70.95
C LEU G 302 -87.02 89.84 -71.31
N SER H 16 -72.17 115.70 -20.35
CA SER H 16 -70.91 115.39 -21.02
C SER H 16 -70.65 113.88 -21.00
N LEU H 17 -69.76 113.44 -21.88
CA LEU H 17 -69.42 112.02 -21.97
C LEU H 17 -68.03 111.89 -22.57
N ASN H 18 -67.31 110.86 -22.11
CA ASN H 18 -65.95 110.58 -22.55
C ASN H 18 -65.94 109.29 -23.35
N TYR H 19 -65.36 109.34 -24.54
CA TYR H 19 -65.30 108.18 -25.41
C TYR H 19 -64.40 108.49 -26.60
N GLU H 20 -63.88 107.44 -27.21
CA GLU H 20 -63.24 107.59 -28.52
C GLU H 20 -64.30 108.00 -29.53
N TYR H 21 -63.98 108.99 -30.35
CA TYR H 21 -64.99 109.62 -31.22
C TYR H 21 -65.78 108.62 -32.04
N PRO H 22 -65.17 107.65 -32.72
CA PRO H 22 -65.99 106.69 -33.49
C PRO H 22 -66.93 105.87 -32.64
N TYR H 23 -66.54 105.55 -31.40
CA TYR H 23 -67.28 104.64 -30.54
C TYR H 23 -68.10 105.44 -29.54
N HIS H 24 -69.42 105.29 -29.60
CA HIS H 24 -70.31 105.91 -28.64
C HIS H 24 -70.90 104.82 -27.75
N PRO H 25 -70.83 104.93 -26.42
CA PRO H 25 -71.39 103.85 -25.58
C PRO H 25 -72.84 103.54 -25.87
N SER H 26 -73.64 104.56 -26.16
CA SER H 26 -75.01 104.35 -26.63
C SER H 26 -74.99 104.10 -28.13
N GLY H 27 -75.66 103.03 -28.55
CA GLY H 27 -75.71 102.68 -29.95
C GLY H 27 -74.61 101.71 -30.36
N ASN H 28 -73.37 102.19 -30.43
CA ASN H 28 -72.24 101.40 -30.92
C ASN H 28 -71.10 101.41 -29.92
N PRO H 29 -71.30 100.80 -28.76
CA PRO H 29 -70.21 100.73 -27.77
C PRO H 29 -69.05 99.90 -28.28
N LYS H 30 -67.85 100.27 -27.85
CA LYS H 30 -66.66 99.52 -28.24
C LYS H 30 -66.66 98.15 -27.57
N HIS H 31 -66.15 97.16 -28.28
CA HIS H 31 -66.06 95.79 -27.79
C HIS H 31 -64.68 95.19 -27.95
N ILE H 32 -63.91 95.63 -28.92
CA ILE H 32 -62.60 95.05 -29.22
C ILE H 32 -61.64 96.15 -29.66
N ASP H 33 -60.38 96.01 -29.27
CA ASP H 33 -59.33 96.85 -29.82
C ASP H 33 -58.90 96.32 -31.17
N VAL H 34 -58.69 97.22 -32.13
CA VAL H 34 -58.34 96.82 -33.49
C VAL H 34 -57.03 96.06 -33.49
N SER H 35 -56.09 96.47 -32.64
CA SER H 35 -54.78 95.80 -32.60
C SER H 35 -54.92 94.35 -32.17
N GLU H 36 -55.86 94.07 -31.26
CA GLU H 36 -56.02 92.71 -30.74
C GLU H 36 -56.66 91.77 -31.75
N ILE H 37 -57.12 92.27 -32.89
CA ILE H 37 -57.79 91.42 -33.87
C ILE H 37 -56.87 90.30 -34.32
N ASP H 38 -55.61 90.64 -34.62
CA ASP H 38 -54.66 89.63 -35.09
C ASP H 38 -54.41 88.58 -34.01
N ASN H 39 -54.32 89.02 -32.76
CA ASN H 39 -53.93 88.10 -31.68
C ASN H 39 -54.95 86.99 -31.49
N LEU H 40 -56.24 87.33 -31.53
CA LEU H 40 -57.28 86.34 -31.26
C LEU H 40 -57.22 85.22 -32.29
N THR H 41 -57.28 83.98 -31.81
CA THR H 41 -57.08 82.81 -32.65
C THR H 41 -57.94 81.66 -32.15
N LEU H 42 -57.66 80.48 -32.69
CA LEU H 42 -58.49 79.31 -32.41
C LEU H 42 -58.44 78.91 -30.94
N ALA H 43 -57.23 78.93 -30.35
CA ALA H 43 -57.09 78.47 -28.98
C ALA H 43 -57.93 79.29 -28.02
N ASP H 44 -58.11 80.58 -28.30
CA ASP H 44 -58.96 81.41 -27.45
C ASP H 44 -60.39 80.91 -27.44
N TYR H 45 -60.84 80.32 -28.54
CA TYR H 45 -62.19 79.78 -28.63
C TYR H 45 -62.25 78.30 -28.23
N GLY H 46 -61.14 77.71 -27.83
CA GLY H 46 -61.12 76.33 -27.42
C GLY H 46 -60.98 75.33 -28.55
N TRP H 47 -60.84 75.78 -29.79
CA TRP H 47 -60.68 74.88 -30.92
C TRP H 47 -59.24 74.42 -31.05
N SER H 48 -58.78 73.66 -30.06
CA SER H 48 -57.44 73.09 -30.08
C SER H 48 -57.51 71.62 -30.44
N PRO H 49 -56.41 71.03 -30.92
CA PRO H 49 -56.42 69.58 -31.18
C PRO H 49 -56.73 68.77 -29.95
N ASP H 50 -56.38 69.28 -28.77
CA ASP H 50 -56.69 68.57 -27.53
C ASP H 50 -58.20 68.38 -27.38
N ALA H 51 -58.98 69.39 -27.78
CA ALA H 51 -60.43 69.29 -27.69
C ALA H 51 -60.95 68.14 -28.54
N VAL H 52 -60.42 68.01 -29.76
CA VAL H 52 -60.87 66.95 -30.66
C VAL H 52 -60.52 65.59 -30.08
N LYS H 53 -59.29 65.45 -29.59
CA LYS H 53 -58.84 64.17 -29.05
C LYS H 53 -59.64 63.80 -27.81
N ALA H 54 -60.00 64.80 -26.99
CA ALA H 54 -60.81 64.52 -25.82
C ALA H 54 -62.16 63.94 -26.20
N TYR H 55 -62.76 64.45 -27.28
CA TYR H 55 -64.01 63.88 -27.76
C TYR H 55 -63.82 62.47 -28.31
N MET H 56 -62.58 62.08 -28.58
CA MET H 56 -62.24 60.71 -28.97
C MET H 56 -61.49 59.98 -27.86
N PHE H 57 -61.92 60.19 -26.63
CA PHE H 57 -61.21 59.64 -25.47
C PHE H 57 -61.08 58.13 -25.58
N GLY H 58 -59.87 57.64 -25.34
CA GLY H 58 -59.59 56.22 -25.42
C GLY H 58 -59.20 55.78 -26.82
N ILE H 59 -59.54 56.59 -27.83
CA ILE H 59 -59.23 56.29 -29.22
C ILE H 59 -57.96 57.03 -29.61
N VAL H 60 -57.13 56.37 -30.40
CA VAL H 60 -55.89 56.94 -30.92
C VAL H 60 -55.82 56.65 -32.41
N VAL H 61 -55.43 57.67 -33.18
CA VAL H 61 -55.24 57.54 -34.62
C VAL H 61 -53.76 57.30 -34.86
N GLN H 62 -53.46 56.27 -35.64
CA GLN H 62 -52.07 55.85 -35.81
C GLN H 62 -51.94 55.06 -37.12
N ASN H 63 -50.77 55.16 -37.73
CA ASN H 63 -50.49 54.36 -38.91
C ASN H 63 -50.49 52.88 -38.53
N PRO H 64 -51.01 52.00 -39.39
CA PRO H 64 -51.02 50.57 -39.03
C PRO H 64 -49.67 49.90 -39.20
N ASP H 65 -48.90 50.28 -40.21
CA ASP H 65 -47.63 49.63 -40.49
C ASP H 65 -46.47 50.22 -39.70
N THR H 66 -46.60 51.45 -39.20
CA THR H 66 -45.58 52.05 -38.36
C THR H 66 -46.27 52.80 -37.23
N GLY H 67 -45.49 53.16 -36.21
CA GLY H 67 -46.05 53.78 -35.03
C GLY H 67 -46.19 55.28 -35.11
N GLN H 68 -46.40 55.80 -36.30
CA GLN H 68 -46.54 57.25 -36.48
C GLN H 68 -47.96 57.68 -36.13
N PRO H 69 -48.15 58.59 -35.18
CA PRO H 69 -49.45 59.24 -35.03
C PRO H 69 -49.56 60.45 -35.94
N MET H 70 -50.79 60.80 -36.30
CA MET H 70 -51.00 62.00 -37.11
C MET H 70 -50.75 63.24 -36.27
N GLY H 71 -50.18 64.26 -36.89
CA GLY H 71 -49.70 65.41 -36.15
C GLY H 71 -50.83 66.37 -35.80
N ASP H 72 -50.48 67.31 -34.91
CA ASP H 72 -51.44 68.33 -34.50
C ASP H 72 -51.77 69.26 -35.65
N GLU H 73 -50.81 69.50 -36.56
CA GLU H 73 -51.06 70.40 -37.67
C GLU H 73 -52.22 69.91 -38.52
N PHE H 74 -52.35 68.60 -38.69
CA PHE H 74 -53.47 68.05 -39.45
C PHE H 74 -54.78 68.45 -38.79
N TYR H 75 -54.85 68.35 -37.46
CA TYR H 75 -56.04 68.78 -36.75
C TYR H 75 -56.29 70.28 -36.93
N ASN H 76 -55.23 71.08 -36.83
CA ASN H 76 -55.35 72.51 -37.09
C ASN H 76 -55.76 72.75 -38.54
N HIS H 77 -55.20 71.97 -39.46
CA HIS H 77 -55.59 72.05 -40.87
C HIS H 77 -57.07 71.74 -41.02
N ILE H 78 -57.56 70.71 -40.32
CA ILE H 78 -58.96 70.34 -40.39
C ILE H 78 -59.82 71.40 -39.73
N LEU H 79 -59.39 71.89 -38.57
CA LEU H 79 -60.21 72.82 -37.80
C LEU H 79 -60.46 74.10 -38.57
N GLU H 80 -59.44 74.58 -39.29
CA GLU H 80 -59.60 75.81 -40.06
C GLU H 80 -60.67 75.65 -41.13
N ARG H 81 -60.78 74.46 -41.71
CA ARG H 81 -61.82 74.21 -42.71
C ARG H 81 -63.18 74.00 -42.05
N ALA H 82 -63.22 73.35 -40.89
CA ALA H 82 -64.49 73.07 -40.24
C ALA H 82 -65.22 74.36 -39.89
N VAL H 83 -64.50 75.34 -39.35
CA VAL H 83 -65.11 76.64 -39.07
C VAL H 83 -65.59 77.28 -40.37
N GLY H 84 -64.81 77.18 -41.43
CA GLY H 84 -65.22 77.75 -42.69
C GLY H 84 -66.49 77.10 -43.22
N LYS H 85 -66.57 75.78 -43.12
CA LYS H 85 -67.79 75.09 -43.54
C LYS H 85 -68.98 75.55 -42.72
N ALA H 86 -68.79 75.67 -41.40
CA ALA H 86 -69.83 76.24 -40.56
C ALA H 86 -70.06 77.70 -40.89
N GLU H 87 -69.02 78.39 -41.35
CA GLU H 87 -69.16 79.80 -41.70
C GLU H 87 -70.03 79.99 -42.94
N ARG H 88 -70.23 78.92 -43.71
CA ARG H 88 -71.10 79.00 -44.88
C ARG H 88 -72.44 78.32 -44.62
N ALA H 89 -72.44 77.23 -43.85
CA ALA H 89 -73.69 76.61 -43.46
C ALA H 89 -74.61 77.63 -42.79
N LEU H 90 -74.04 78.52 -42.00
CA LEU H 90 -74.70 79.73 -41.53
C LEU H 90 -73.95 80.94 -42.09
N ASP H 91 -74.67 81.85 -42.74
CA ASP H 91 -74.09 83.01 -43.41
C ASP H 91 -73.58 83.99 -42.36
N ILE H 92 -72.38 83.70 -41.85
CA ILE H 92 -71.85 84.38 -40.68
C ILE H 92 -70.39 84.73 -40.94
N SER H 93 -69.91 85.77 -40.25
CA SER H 93 -68.49 86.03 -40.06
C SER H 93 -68.20 85.85 -38.58
N ILE H 94 -67.51 84.77 -38.24
CA ILE H 94 -67.37 84.32 -36.86
C ILE H 94 -66.07 84.81 -36.23
N LEU H 95 -64.95 84.66 -36.92
CA LEU H 95 -63.69 85.14 -36.38
C LEU H 95 -63.62 86.67 -36.48
N PRO H 96 -62.91 87.33 -35.56
CA PRO H 96 -62.86 88.79 -35.62
C PRO H 96 -62.05 89.25 -36.82
N ASP H 97 -62.65 90.14 -37.61
CA ASP H 97 -61.97 90.72 -38.76
C ASP H 97 -62.59 92.06 -39.09
N THR H 98 -61.84 92.86 -39.83
CA THR H 98 -62.27 94.20 -40.22
C THR H 98 -62.71 94.18 -41.68
N GLN H 99 -63.80 94.88 -41.98
CA GLN H 99 -64.42 94.88 -43.29
C GLN H 99 -64.38 96.27 -43.90
N HIS H 100 -64.17 96.33 -45.21
CA HIS H 100 -64.25 97.56 -45.99
C HIS H 100 -65.38 97.34 -47.00
N GLU H 101 -66.53 97.97 -46.74
CA GLU H 101 -67.76 97.68 -47.47
C GLU H 101 -68.22 98.95 -48.18
N MET H 102 -68.52 98.82 -49.47
CA MET H 102 -69.23 99.85 -50.22
C MET H 102 -70.65 99.34 -50.50
N ARG H 103 -71.64 100.19 -50.27
CA ARG H 103 -73.03 99.82 -50.46
C ARG H 103 -73.72 100.86 -51.33
N ASP H 104 -74.74 100.41 -52.05
CA ASP H 104 -75.44 101.25 -53.00
C ASP H 104 -76.51 102.09 -52.29
N TYR H 105 -76.98 103.11 -52.98
CA TYR H 105 -78.08 103.94 -52.52
C TYR H 105 -79.39 103.46 -53.14
N HIS H 106 -80.41 103.30 -52.32
CA HIS H 106 -81.76 102.99 -52.77
C HIS H 106 -82.73 103.87 -52.01
N GLU H 107 -83.75 104.38 -52.71
CA GLU H 107 -84.62 105.40 -52.14
C GLU H 107 -85.37 104.88 -50.92
N THR H 108 -85.94 103.68 -51.03
CA THR H 108 -86.81 103.19 -49.96
C THR H 108 -86.03 102.95 -48.68
N GLU H 109 -84.83 102.38 -48.79
CA GLU H 109 -84.05 102.10 -47.59
C GLU H 109 -83.42 103.37 -47.03
N PHE H 110 -83.04 104.29 -47.91
CA PHE H 110 -82.43 105.54 -47.44
C PHE H 110 -83.40 106.34 -46.58
N ASN H 111 -84.66 106.43 -47.02
CA ASN H 111 -85.66 107.14 -46.24
C ASN H 111 -86.00 106.42 -44.93
N SER H 112 -85.68 105.12 -44.83
CA SER H 112 -85.95 104.37 -43.62
C SER H 112 -84.81 104.54 -42.62
N TYR H 113 -84.50 105.79 -42.26
CA TYR H 113 -83.39 106.09 -41.35
C TYR H 113 -82.08 105.54 -41.89
N MET H 114 -81.96 105.44 -43.21
CA MET H 114 -80.76 104.91 -43.85
C MET H 114 -80.47 103.49 -43.38
N PHE H 115 -81.49 102.63 -43.49
CA PHE H 115 -81.33 101.24 -43.11
C PHE H 115 -80.29 100.56 -44.00
N VAL H 116 -79.43 99.76 -43.38
CA VAL H 116 -78.39 99.03 -44.08
C VAL H 116 -78.29 97.63 -43.47
N HIS H 117 -78.15 96.63 -44.33
CA HIS H 117 -77.96 95.24 -43.91
C HIS H 117 -76.57 94.81 -44.34
N ALA H 118 -75.71 94.53 -43.36
CA ALA H 118 -74.32 94.21 -43.65
C ALA H 118 -74.22 92.90 -44.42
N TYR H 119 -73.20 92.81 -45.27
CA TYR H 119 -72.93 91.54 -45.94
C TYR H 119 -72.58 90.46 -44.93
N ARG H 120 -71.80 90.81 -43.91
CA ARG H 120 -71.40 89.90 -42.86
C ARG H 120 -72.06 90.31 -41.55
N LYS H 121 -72.05 89.37 -40.60
CA LYS H 121 -72.67 89.56 -39.30
C LYS H 121 -72.05 88.57 -38.33
N PRO H 122 -72.02 88.88 -37.03
CA PRO H 122 -72.51 90.10 -36.36
C PRO H 122 -71.57 91.28 -36.53
N ILE H 123 -72.02 92.46 -36.11
CA ILE H 123 -71.20 93.68 -36.13
C ILE H 123 -70.81 93.99 -34.70
N LEU H 124 -69.53 93.81 -34.37
CA LEU H 124 -69.04 94.16 -33.05
C LEU H 124 -69.06 95.66 -32.85
N GLN H 125 -68.63 96.41 -33.85
CA GLN H 125 -68.55 97.86 -33.77
C GLN H 125 -68.27 98.42 -35.15
N VAL H 126 -68.70 99.65 -35.38
CA VAL H 126 -68.54 100.34 -36.66
C VAL H 126 -67.48 101.41 -36.50
N GLU H 127 -66.57 101.47 -37.46
CA GLU H 127 -65.45 102.42 -37.40
C GLU H 127 -65.77 103.70 -38.16
N ASN H 128 -66.21 103.59 -39.41
CA ASN H 128 -66.45 104.74 -40.27
C ASN H 128 -67.76 104.58 -41.01
N LEU H 129 -68.33 105.72 -41.41
CA LEU H 129 -69.58 105.74 -42.16
C LEU H 129 -69.63 107.06 -42.91
N GLN H 130 -69.52 106.99 -44.23
CA GLN H 130 -69.38 108.19 -45.05
C GLN H 130 -70.19 108.07 -46.32
N LEU H 131 -70.57 109.22 -46.86
CA LEU H 131 -71.19 109.32 -48.17
C LEU H 131 -70.15 109.85 -49.15
N GLN H 132 -70.10 109.24 -50.34
CA GLN H 132 -69.08 109.56 -51.32
C GLN H 132 -69.73 109.88 -52.66
N PHE H 133 -69.00 110.63 -53.48
CA PHE H 133 -69.49 111.11 -54.76
C PHE H 133 -68.30 111.22 -55.70
N ASN H 134 -68.42 110.61 -56.89
CA ASN H 134 -67.31 110.56 -57.85
C ASN H 134 -66.10 109.84 -57.27
N GLY H 135 -66.33 108.94 -56.31
CA GLY H 135 -65.25 108.27 -55.62
C GLY H 135 -64.60 109.08 -54.52
N ARG H 136 -65.11 110.28 -54.23
CA ARG H 136 -64.56 111.16 -53.21
C ARG H 136 -65.54 111.32 -52.05
N PRO H 137 -65.09 111.23 -50.79
CA PRO H 137 -66.01 111.49 -49.69
C PRO H 137 -66.31 112.97 -49.57
N ILE H 138 -67.58 113.29 -49.33
CA ILE H 138 -68.06 114.67 -49.34
C ILE H 138 -68.70 115.02 -48.01
N TYR H 139 -69.16 114.01 -47.26
CA TYR H 139 -69.84 114.25 -46.00
C TYR H 139 -69.46 113.15 -45.02
N LYS H 140 -69.56 113.49 -43.73
CA LYS H 140 -69.25 112.55 -42.64
C LYS H 140 -70.22 112.86 -41.51
N TYR H 141 -71.03 111.88 -41.14
CA TYR H 141 -72.05 112.11 -40.13
C TYR H 141 -71.41 112.18 -38.74
N PRO H 142 -72.03 112.89 -37.80
CA PRO H 142 -71.57 112.83 -36.42
C PRO H 142 -71.64 111.42 -35.85
N ALA H 143 -70.72 111.11 -34.96
CA ALA H 143 -70.65 109.77 -34.39
C ALA H 143 -71.91 109.43 -33.61
N ASN H 144 -72.41 110.38 -32.83
CA ASN H 144 -73.57 110.11 -31.99
C ASN H 144 -74.81 109.80 -32.82
N TRP H 145 -74.86 110.28 -34.06
CA TRP H 145 -76.07 110.12 -34.87
C TRP H 145 -76.39 108.65 -35.13
N TRP H 146 -75.40 107.90 -35.63
CA TRP H 146 -75.67 106.55 -36.12
C TRP H 146 -75.64 105.55 -34.98
N LYS H 147 -76.49 104.53 -35.11
CA LYS H 147 -76.63 103.47 -34.13
C LYS H 147 -76.67 102.13 -34.85
N VAL H 148 -76.31 101.07 -34.14
CA VAL H 148 -76.12 99.75 -34.74
C VAL H 148 -76.99 98.73 -34.03
N GLU H 149 -77.29 97.65 -34.74
CA GLU H 149 -77.94 96.46 -34.20
C GLU H 149 -76.97 95.31 -34.45
N HIS H 150 -76.32 94.86 -33.38
CA HIS H 150 -75.18 93.96 -33.52
C HIS H 150 -75.58 92.63 -34.16
N LEU H 151 -76.52 91.93 -33.53
CA LEU H 151 -76.84 90.56 -33.96
C LEU H 151 -77.41 90.54 -35.37
N ALA H 152 -78.45 91.35 -35.61
CA ALA H 152 -79.07 91.36 -36.93
C ALA H 152 -78.17 92.03 -37.96
N GLY H 153 -77.17 92.79 -37.52
CA GLY H 153 -76.29 93.47 -38.45
C GLY H 153 -76.86 94.72 -39.05
N HIS H 154 -78.02 95.19 -38.59
CA HIS H 154 -78.61 96.40 -39.13
C HIS H 154 -77.84 97.62 -38.65
N VAL H 155 -77.70 98.60 -39.53
CA VAL H 155 -77.12 99.90 -39.21
C VAL H 155 -78.11 100.96 -39.63
N GLN H 156 -78.45 101.86 -38.71
CA GLN H 156 -79.43 102.90 -38.95
C GLN H 156 -78.89 104.24 -38.48
N LEU H 157 -79.33 105.30 -39.15
CA LEU H 157 -78.92 106.66 -38.84
C LEU H 157 -80.07 107.40 -38.18
N PHE H 158 -79.78 108.10 -37.08
CA PHE H 158 -80.78 108.79 -36.27
C PHE H 158 -80.32 110.24 -36.10
N PRO H 159 -80.60 111.10 -37.08
CA PRO H 159 -80.10 112.48 -36.99
C PRO H 159 -80.65 113.22 -35.79
N THR H 160 -79.82 114.08 -35.22
CA THR H 160 -80.18 114.92 -34.08
C THR H 160 -79.79 116.35 -34.37
N ALA H 161 -80.04 117.22 -33.40
CA ALA H 161 -79.71 118.64 -33.52
C ALA H 161 -78.22 118.91 -33.39
N ALA H 190 -82.66 109.68 -60.38
CA ALA H 190 -83.31 108.37 -60.36
C ALA H 190 -83.49 107.88 -58.93
N THR H 191 -83.94 106.63 -58.78
CA THR H 191 -84.27 106.11 -57.46
C THR H 191 -83.08 105.46 -56.76
N PHE H 192 -82.02 105.12 -57.48
CA PHE H 192 -80.92 104.39 -56.89
C PHE H 192 -79.62 104.77 -57.58
N ALA H 193 -78.51 104.59 -56.86
CA ALA H 193 -77.17 104.84 -57.38
C ALA H 193 -76.22 103.78 -56.85
N PRO H 194 -75.12 103.51 -57.56
CA PRO H 194 -74.20 102.46 -57.12
C PRO H 194 -73.10 102.95 -56.19
N GLN H 195 -72.86 102.21 -55.10
CA GLN H 195 -71.76 102.48 -54.18
C GLN H 195 -71.74 103.93 -53.74
N MET H 196 -72.91 104.43 -53.32
CA MET H 196 -73.02 105.83 -52.90
C MET H 196 -72.31 106.07 -51.58
N ILE H 197 -72.14 105.04 -50.75
CA ILE H 197 -71.64 105.19 -49.40
C ILE H 197 -70.53 104.18 -49.15
N ARG H 198 -69.73 104.46 -48.12
CA ARG H 198 -68.68 103.57 -47.66
C ARG H 198 -68.97 103.17 -46.21
N LEU H 199 -68.71 101.91 -45.89
CA LEU H 199 -68.89 101.38 -44.55
C LEU H 199 -67.66 100.58 -44.17
N GLU H 200 -67.18 100.78 -42.94
CA GLU H 200 -66.10 99.99 -42.37
C GLU H 200 -66.51 99.55 -40.99
N TYR H 201 -66.40 98.25 -40.72
CA TYR H 201 -66.85 97.70 -39.46
C TYR H 201 -66.11 96.40 -39.18
N VAL H 202 -66.21 95.96 -37.94
CA VAL H 202 -65.56 94.73 -37.47
C VAL H 202 -66.62 93.66 -37.32
N SER H 203 -66.32 92.46 -37.82
CA SER H 203 -67.25 91.35 -37.81
C SER H 203 -66.58 90.14 -37.16
N GLY H 204 -67.32 89.46 -36.31
CA GLY H 204 -66.82 88.30 -35.60
C GLY H 204 -67.63 88.07 -34.34
N MET H 205 -67.08 87.25 -33.46
CA MET H 205 -67.66 86.96 -32.17
C MET H 205 -66.57 86.88 -31.12
N LEU H 206 -66.80 87.51 -29.98
CA LEU H 206 -65.82 87.50 -28.92
C LEU H 206 -65.74 86.11 -28.29
N PRO H 207 -64.57 85.70 -27.79
CA PRO H 207 -64.55 84.49 -26.95
C PRO H 207 -65.29 84.75 -25.65
N ARG H 208 -66.25 83.88 -25.35
CA ARG H 208 -67.18 84.17 -24.27
C ARG H 208 -66.47 84.24 -22.93
N LYS H 209 -66.88 85.21 -22.12
CA LYS H 209 -66.18 85.53 -20.88
C LYS H 209 -66.63 84.62 -19.73
N LYS H 210 -67.91 84.29 -19.68
CA LYS H 210 -68.50 83.59 -18.54
C LYS H 210 -69.20 82.32 -19.00
N ALA H 211 -69.35 81.39 -18.06
CA ALA H 211 -69.87 80.07 -18.39
C ALA H 211 -71.38 80.10 -18.62
N GLY H 212 -71.81 79.33 -19.62
CA GLY H 212 -73.22 79.13 -19.86
C GLY H 212 -74.00 80.37 -20.23
N ARG H 213 -73.31 81.44 -20.62
CA ARG H 213 -73.95 82.68 -21.03
C ARG H 213 -73.19 83.26 -22.21
N ASN H 214 -73.88 84.09 -23.00
CA ASN H 214 -73.23 84.78 -24.09
C ASN H 214 -74.09 85.97 -24.51
N LYS H 215 -73.43 87.11 -24.68
CA LYS H 215 -74.08 88.28 -25.26
C LYS H 215 -74.31 88.05 -26.75
N PRO H 216 -75.21 88.83 -27.36
CA PRO H 216 -75.42 88.67 -28.82
C PRO H 216 -74.16 88.86 -29.63
N TRP H 217 -73.27 89.75 -29.21
CA TRP H 217 -71.98 89.93 -29.84
C TRP H 217 -70.92 88.98 -29.29
N GLU H 218 -71.34 87.91 -28.62
CA GLU H 218 -70.43 87.00 -27.93
C GLU H 218 -70.73 85.58 -28.39
N MET H 219 -69.69 84.76 -28.48
CA MET H 219 -69.82 83.44 -29.09
C MET H 219 -70.68 82.53 -28.20
N PRO H 220 -71.73 81.90 -28.74
CA PRO H 220 -72.46 80.91 -27.95
C PRO H 220 -71.67 79.61 -27.85
N PRO H 221 -71.94 78.79 -26.84
CA PRO H 221 -71.24 77.50 -26.75
C PRO H 221 -71.49 76.58 -27.92
N GLU H 222 -72.66 76.69 -28.55
CA GLU H 222 -73.03 75.73 -29.60
C GLU H 222 -72.06 75.80 -30.77
N LEU H 223 -71.70 77.02 -31.19
CA LEU H 223 -70.77 77.18 -32.30
C LEU H 223 -69.42 76.55 -31.97
N GLU H 224 -68.99 76.64 -30.72
CA GLU H 224 -67.75 75.99 -30.32
C GLU H 224 -67.86 74.49 -30.50
N GLN H 225 -69.01 73.92 -30.16
CA GLN H 225 -69.20 72.48 -30.29
C GLN H 225 -69.44 72.08 -31.74
N LEU H 226 -70.16 72.91 -32.49
CA LEU H 226 -70.50 72.54 -33.86
C LEU H 226 -69.24 72.38 -34.71
N VAL H 227 -68.28 73.27 -34.56
CA VAL H 227 -67.04 73.15 -35.32
C VAL H 227 -66.30 71.89 -34.92
N ILE H 228 -66.34 71.53 -33.63
CA ILE H 228 -65.73 70.29 -33.18
C ILE H 228 -66.39 69.10 -33.87
N LYS H 229 -67.72 69.12 -33.95
CA LYS H 229 -68.43 68.00 -34.55
C LYS H 229 -68.11 67.85 -36.03
N TYR H 230 -67.99 68.98 -36.74
CA TYR H 230 -67.62 68.92 -38.15
C TYR H 230 -66.26 68.25 -38.32
N ALA H 231 -65.31 68.58 -37.46
CA ALA H 231 -63.96 68.04 -37.59
C ALA H 231 -63.95 66.53 -37.37
N LEU H 232 -64.70 66.06 -36.38
CA LEU H 232 -64.72 64.63 -36.09
C LEU H 232 -65.21 63.83 -37.28
N LYS H 233 -66.04 64.45 -38.12
CA LYS H 233 -66.53 63.77 -39.32
C LYS H 233 -65.36 63.42 -40.24
N GLU H 234 -64.40 64.34 -40.38
CA GLU H 234 -63.26 64.09 -41.25
C GLU H 234 -62.27 63.14 -40.59
N ILE H 235 -62.09 63.26 -39.28
CA ILE H 235 -61.16 62.38 -38.56
C ILE H 235 -61.62 60.94 -38.65
N TYR H 236 -62.92 60.72 -38.41
CA TYR H 236 -63.43 59.35 -38.42
C TYR H 236 -63.29 58.71 -39.79
N GLN H 237 -63.45 59.51 -40.85
CA GLN H 237 -63.25 58.98 -42.20
C GLN H 237 -61.85 58.39 -42.36
N VAL H 238 -60.85 59.14 -41.94
CA VAL H 238 -59.46 58.68 -42.05
C VAL H 238 -59.24 57.48 -41.14
N TRP H 239 -59.77 57.56 -39.92
CA TRP H 239 -59.52 56.52 -38.94
C TRP H 239 -60.22 55.21 -39.32
N GLY H 240 -61.38 55.31 -39.97
CA GLY H 240 -62.17 54.14 -40.29
C GLY H 240 -61.44 53.12 -41.14
N ASN H 241 -60.48 53.56 -41.95
CA ASN H 241 -59.74 52.66 -42.83
C ASN H 241 -58.56 52.00 -42.13
N LEU H 242 -58.31 52.33 -40.86
CA LEU H 242 -57.10 51.89 -40.18
C LEU H 242 -57.34 50.78 -39.16
N ILE H 243 -58.60 50.46 -38.85
CA ILE H 243 -58.86 49.50 -37.78
C ILE H 243 -58.29 48.13 -38.13
N ILE H 244 -58.51 47.67 -39.36
CA ILE H 244 -57.96 46.39 -39.83
C ILE H 244 -57.72 46.50 -41.33
N GLY H 245 -56.46 46.40 -41.73
CA GLY H 245 -56.12 46.21 -43.13
C GLY H 245 -56.76 47.25 -44.03
N ALA H 246 -57.36 46.77 -45.11
CA ALA H 246 -58.02 47.63 -46.09
C ALA H 246 -59.19 46.87 -46.70
N GLY H 247 -60.40 47.39 -46.51
CA GLY H 247 -61.57 46.76 -47.08
C GLY H 247 -61.81 45.34 -46.61
N ILE H 248 -61.51 45.07 -45.35
CA ILE H 248 -61.62 43.73 -44.78
C ILE H 248 -62.81 43.70 -43.82
N ALA H 249 -63.63 42.66 -43.94
CA ALA H 249 -64.81 42.50 -43.11
C ALA H 249 -64.72 41.29 -42.20
N ASN H 250 -64.42 40.12 -42.76
CA ASN H 250 -64.35 38.87 -42.02
C ASN H 250 -62.96 38.29 -42.15
N LYS H 251 -62.42 37.80 -41.04
CA LYS H 251 -61.14 37.13 -41.02
C LYS H 251 -61.14 36.04 -39.96
N THR H 252 -60.47 34.94 -40.26
CA THR H 252 -60.14 33.94 -39.27
C THR H 252 -58.89 33.18 -39.69
N LEU H 253 -57.98 33.00 -38.75
CA LEU H 253 -56.78 32.21 -38.96
C LEU H 253 -56.94 30.88 -38.24
N GLU H 254 -56.14 29.90 -38.65
CA GLU H 254 -56.07 28.61 -37.99
C GLU H 254 -54.66 28.05 -38.14
N VAL H 255 -53.98 27.85 -37.02
CA VAL H 255 -52.60 27.40 -37.01
C VAL H 255 -52.45 26.34 -35.94
N ASP H 256 -52.23 25.09 -36.34
CA ASP H 256 -51.92 24.00 -35.42
C ASP H 256 -52.98 23.87 -34.33
N GLY H 257 -54.24 24.09 -34.68
CA GLY H 257 -55.33 24.07 -33.73
C GLY H 257 -55.62 25.40 -33.07
N ILE H 258 -54.74 26.38 -33.20
CA ILE H 258 -54.96 27.74 -32.71
C ILE H 258 -55.65 28.53 -33.81
N THR H 259 -56.75 29.19 -33.46
CA THR H 259 -57.48 30.01 -34.42
C THR H 259 -57.85 31.35 -33.80
N GLU H 260 -57.67 32.41 -34.59
CA GLU H 260 -58.05 33.76 -34.22
C GLU H 260 -59.04 34.26 -35.25
N THR H 261 -60.17 34.80 -34.78
CA THR H 261 -61.27 35.20 -35.66
C THR H 261 -61.75 36.58 -35.27
N ILE H 262 -62.07 37.40 -36.27
CA ILE H 262 -62.53 38.77 -36.06
C ILE H 262 -63.58 39.10 -37.12
N GLY H 263 -64.64 39.77 -36.68
CA GLY H 263 -65.59 40.41 -37.58
C GLY H 263 -65.74 41.86 -37.19
N THR H 264 -65.80 42.74 -38.20
CA THR H 264 -65.66 44.17 -37.98
C THR H 264 -66.87 44.92 -38.53
N THR H 265 -66.89 46.23 -38.26
CA THR H 265 -67.96 47.08 -38.77
C THR H 265 -67.81 47.36 -40.26
N GLN H 266 -66.62 47.17 -40.81
CA GLN H 266 -66.45 47.38 -42.24
C GLN H 266 -67.32 46.40 -43.03
N SER H 267 -68.01 46.92 -44.04
CA SER H 267 -68.92 46.12 -44.82
C SER H 267 -68.91 46.63 -46.25
N ALA H 268 -69.43 45.80 -47.15
CA ALA H 268 -69.44 46.16 -48.57
C ALA H 268 -70.23 47.43 -48.83
N MET H 269 -71.21 47.74 -47.97
CA MET H 269 -72.09 48.89 -48.18
C MET H 269 -71.84 50.02 -47.20
N TYR H 270 -71.29 49.73 -46.03
CA TYR H 270 -71.01 50.74 -45.01
C TYR H 270 -69.55 50.71 -44.62
N GLY H 271 -69.02 51.88 -44.30
CA GLY H 271 -67.67 51.97 -43.80
C GLY H 271 -67.58 51.64 -42.32
N GLY H 272 -66.35 51.53 -41.84
CA GLY H 272 -66.14 51.18 -40.45
C GLY H 272 -66.69 52.22 -39.49
N ALA H 273 -66.46 53.49 -39.79
CA ALA H 273 -66.88 54.59 -38.94
C ALA H 273 -68.23 55.17 -39.34
N SER H 274 -68.93 54.55 -40.30
CA SER H 274 -70.19 55.09 -40.79
C SER H 274 -71.20 55.23 -39.66
N ALA H 275 -71.15 54.33 -38.68
CA ALA H 275 -72.08 54.40 -37.56
C ALA H 275 -71.92 55.69 -36.77
N GLN H 276 -70.68 56.02 -36.41
CA GLN H 276 -70.43 57.28 -35.70
C GLN H 276 -70.76 58.48 -36.59
N ILE H 277 -70.41 58.40 -37.87
CA ILE H 277 -70.74 59.47 -38.81
C ILE H 277 -72.24 59.70 -38.82
N LEU H 278 -73.00 58.62 -38.85
CA LEU H 278 -74.46 58.71 -38.86
C LEU H 278 -74.96 59.41 -37.60
N GLN H 279 -74.42 59.01 -36.44
CA GLN H 279 -74.80 59.67 -35.20
C GLN H 279 -74.40 61.14 -35.20
N ILE H 280 -73.22 61.43 -35.73
CA ILE H 280 -72.75 62.82 -35.79
C ILE H 280 -73.70 63.65 -36.62
N ASN H 281 -74.12 63.13 -37.78
CA ASN H 281 -75.07 63.85 -38.62
C ASN H 281 -76.37 64.08 -37.88
N GLU H 282 -76.82 63.08 -37.12
CA GLU H 282 -78.04 63.22 -36.35
C GLU H 282 -77.92 64.34 -35.33
N ASP H 283 -76.78 64.42 -34.65
CA ASP H 283 -76.56 65.49 -33.69
C ASP H 283 -76.52 66.85 -34.37
N ILE H 284 -75.90 66.91 -35.56
CA ILE H 284 -75.74 68.19 -36.25
C ILE H 284 -77.09 68.71 -36.72
N LYS H 285 -77.94 67.81 -37.23
CA LYS H 285 -79.22 68.25 -37.78
C LYS H 285 -80.06 68.94 -36.72
N GLU H 286 -80.14 68.37 -35.53
CA GLU H 286 -80.84 69.02 -34.44
C GLU H 286 -80.12 70.30 -34.01
N LEU H 287 -78.80 70.21 -33.85
CA LEU H 287 -78.04 71.35 -33.36
C LEU H 287 -78.07 72.50 -34.36
N LEU H 288 -77.78 72.21 -35.63
CA LEU H 288 -77.71 73.25 -36.65
C LEU H 288 -79.06 73.95 -36.79
N ASP H 289 -80.14 73.18 -36.84
CA ASP H 289 -81.47 73.77 -37.01
C ASP H 289 -81.83 74.64 -35.81
N GLY H 290 -81.50 74.18 -34.61
CA GLY H 290 -81.76 74.98 -33.42
C GLY H 290 -80.96 76.26 -33.43
N LEU H 291 -79.71 76.20 -33.91
CA LEU H 291 -78.87 77.38 -33.95
C LEU H 291 -79.37 78.39 -34.97
N ARG H 292 -80.03 77.90 -36.04
CA ARG H 292 -80.54 78.81 -37.06
C ARG H 292 -81.58 79.76 -36.49
N ALA H 293 -82.41 79.28 -35.57
CA ALA H 293 -83.43 80.13 -34.96
C ALA H 293 -82.81 81.31 -34.22
N TYR H 294 -81.58 81.15 -33.75
CA TYR H 294 -80.90 82.25 -33.05
C TYR H 294 -80.65 83.42 -33.99
N PHE H 295 -80.51 83.16 -35.28
CA PHE H 295 -80.22 84.18 -36.28
C PHE H 295 -81.43 84.53 -37.14
N GLY H 296 -82.28 83.55 -37.44
CA GLY H 296 -83.49 83.80 -38.21
C GLY H 296 -83.25 83.79 -39.71
N TYR H 297 -84.33 83.91 -40.46
CA TYR H 297 -84.25 83.86 -41.91
C TYR H 297 -83.84 85.22 -42.48
N ASN H 298 -83.24 85.19 -43.66
CA ASN H 298 -82.89 86.41 -44.35
C ASN H 298 -84.11 86.98 -45.08
N MET H 299 -83.97 88.23 -45.52
CA MET H 299 -85.04 88.89 -46.26
C MET H 299 -84.47 90.10 -46.98
N ILE H 300 -84.97 90.35 -48.19
CA ILE H 300 -84.59 91.50 -48.98
C ILE H 300 -85.83 92.02 -49.69
N GLY H 301 -85.97 93.34 -49.73
CA GLY H 301 -87.07 93.94 -50.46
C GLY H 301 -86.82 93.98 -51.95
N LEU H 302 -87.88 94.28 -52.70
CA LEU H 302 -87.79 94.33 -54.15
C LEU H 302 -88.91 95.17 -54.72
N ALA I 2 -10.88 -52.02 21.92
CA ALA I 2 -10.41 -50.99 21.01
C ALA I 2 -9.35 -50.13 21.67
N SER I 3 -9.57 -49.81 22.94
CA SER I 3 -8.66 -48.95 23.66
C SER I 3 -7.34 -49.67 23.95
N GLU I 4 -6.34 -48.89 24.35
CA GLU I 4 -5.02 -49.45 24.61
C GLU I 4 -5.06 -50.44 25.77
N ALA I 5 -5.65 -50.04 26.90
CA ALA I 5 -5.60 -50.87 28.10
C ALA I 5 -6.63 -51.99 28.05
N LYS I 6 -7.81 -51.74 27.46
CA LYS I 6 -8.93 -52.64 27.61
C LYS I 6 -8.88 -53.84 26.67
N GLN I 7 -8.04 -53.79 25.64
CA GLN I 7 -7.98 -54.91 24.69
C GLN I 7 -7.36 -56.11 25.38
N THR I 8 -8.11 -57.22 25.39
CA THR I 8 -7.65 -58.42 26.08
C THR I 8 -6.56 -59.16 25.32
N VAL I 9 -6.26 -58.77 24.09
CA VAL I 9 -5.37 -59.52 23.21
C VAL I 9 -4.13 -58.68 22.92
N HIS I 10 -2.98 -59.33 22.91
CA HIS I 10 -1.72 -58.68 22.58
C HIS I 10 -1.65 -58.48 21.07
N THR I 11 -1.90 -57.26 20.62
CA THR I 11 -1.59 -56.91 19.25
C THR I 11 -0.08 -56.73 19.10
N GLY I 12 0.38 -56.71 17.86
CA GLY I 12 1.79 -56.48 17.62
C GLY I 12 2.26 -55.15 18.16
N ASN I 13 1.36 -54.15 18.17
CA ASN I 13 1.73 -52.83 18.66
C ASN I 13 2.06 -52.85 20.15
N THR I 14 1.29 -53.60 20.94
CA THR I 14 1.48 -53.60 22.39
C THR I 14 2.81 -54.19 22.83
N VAL I 15 3.47 -54.95 21.97
CA VAL I 15 4.65 -55.73 22.34
C VAL I 15 5.90 -54.94 21.98
N LEU I 16 6.92 -55.07 22.82
CA LEU I 16 8.23 -54.50 22.57
C LEU I 16 9.29 -55.56 22.83
N LEU I 17 10.35 -55.53 22.04
CA LEU I 17 11.41 -56.53 22.08
C LEU I 17 12.70 -55.85 22.50
N MET I 18 13.40 -56.43 23.47
CA MET I 18 14.58 -55.83 24.07
C MET I 18 15.72 -56.82 24.08
N ILE I 19 16.94 -56.31 23.95
CA ILE I 19 18.16 -57.09 24.09
C ILE I 19 19.17 -56.25 24.84
N LYS I 20 19.60 -56.75 26.00
CA LYS I 20 20.73 -56.17 26.72
C LYS I 20 20.50 -54.70 27.05
N GLY I 21 19.29 -54.39 27.53
CA GLY I 21 18.99 -53.05 27.96
C GLY I 21 18.74 -52.05 26.85
N LYS I 22 18.55 -52.51 25.61
CA LYS I 22 18.20 -51.64 24.50
C LYS I 22 17.01 -52.22 23.76
N PRO I 23 16.17 -51.38 23.14
CA PRO I 23 15.17 -51.91 22.22
C PRO I 23 15.79 -52.23 20.87
N VAL I 24 15.15 -53.15 20.15
CA VAL I 24 15.59 -53.52 18.82
C VAL I 24 14.81 -52.71 17.81
N GLY I 25 15.47 -51.79 17.12
CA GLY I 25 14.79 -50.95 16.16
C GLY I 25 14.48 -51.71 14.87
N ARG I 26 13.37 -51.30 14.25
CA ARG I 26 12.97 -51.82 12.94
C ARG I 26 12.83 -53.33 12.96
N ALA I 27 12.39 -53.87 14.08
CA ALA I 27 12.02 -55.28 14.14
C ALA I 27 10.75 -55.52 13.34
N GLN I 28 10.64 -56.71 12.77
CA GLN I 28 9.53 -57.03 11.88
C GLN I 28 8.80 -58.29 12.27
N SER I 29 9.51 -59.30 12.77
CA SER I 29 8.95 -60.61 13.10
C SER I 29 9.79 -61.27 14.16
N ALA I 30 9.17 -62.22 14.87
CA ALA I 30 9.84 -63.02 15.87
C ALA I 30 9.00 -64.26 16.15
N SER I 31 9.65 -65.41 16.14
CA SER I 31 8.98 -66.69 16.36
C SER I 31 9.79 -67.52 17.34
N GLY I 32 9.08 -68.25 18.20
CA GLY I 32 9.71 -69.15 19.13
C GLY I 32 9.09 -70.53 19.08
N GLN I 33 9.90 -71.56 18.88
CA GLN I 33 9.44 -72.93 18.74
C GLN I 33 10.15 -73.82 19.75
N ARG I 34 9.43 -74.79 20.28
CA ARG I 34 9.93 -75.69 21.30
C ARG I 34 9.46 -77.11 21.04
N GLU I 35 10.30 -78.07 21.40
CA GLU I 35 9.94 -79.48 21.32
C GLU I 35 10.45 -80.17 22.58
N TYR I 36 9.54 -80.82 23.30
CA TYR I 36 9.90 -81.52 24.53
C TYR I 36 10.41 -82.93 24.27
N GLY I 37 10.50 -83.35 23.01
CA GLY I 37 10.97 -84.68 22.71
C GLY I 37 10.05 -85.74 23.26
N THR I 38 8.75 -85.52 23.12
CA THR I 38 7.75 -86.41 23.67
C THR I 38 7.70 -87.70 22.88
N THR I 39 7.50 -88.81 23.58
CA THR I 39 7.41 -90.13 22.98
C THR I 39 6.35 -90.94 23.71
N GLY I 40 5.89 -91.99 23.04
CA GLY I 40 4.91 -92.89 23.60
C GLY I 40 5.54 -94.22 23.98
N VAL I 41 4.97 -94.82 25.03
CA VAL I 41 5.41 -96.13 25.51
C VAL I 41 4.44 -97.18 25.00
N TYR I 42 4.99 -98.21 24.36
CA TYR I 42 4.20 -99.32 23.84
C TYR I 42 4.77 -100.63 24.35
N GLU I 43 3.89 -101.61 24.51
CA GLU I 43 4.28 -102.92 25.00
C GLU I 43 3.51 -103.99 24.25
N ILE I 44 3.85 -105.25 24.54
CA ILE I 44 3.25 -106.38 23.84
C ILE I 44 1.78 -106.53 24.19
N GLY I 45 1.40 -106.15 25.41
CA GLY I 45 0.07 -106.45 25.88
C GLY I 45 -1.03 -105.81 25.05
N SER I 46 -0.83 -104.54 24.66
CA SER I 46 -1.86 -103.81 23.94
C SER I 46 -1.20 -102.80 23.02
N ILE I 47 -1.94 -102.43 21.96
CA ILE I 47 -1.43 -101.46 21.01
C ILE I 47 -1.43 -100.06 21.61
N MET I 48 -2.40 -99.77 22.48
CA MET I 48 -2.57 -98.41 22.95
C MET I 48 -1.35 -97.98 23.76
N PRO I 49 -0.91 -96.73 23.63
CA PRO I 49 0.23 -96.27 24.43
C PRO I 49 -0.16 -96.13 25.89
N GLN I 50 0.59 -96.80 26.77
CA GLN I 50 0.27 -96.75 28.18
C GLN I 50 0.61 -95.38 28.77
N GLU I 51 1.75 -94.82 28.39
CA GLU I 51 2.22 -93.56 28.98
C GLU I 51 2.97 -92.76 27.95
N HIS I 52 3.20 -91.48 28.27
CA HIS I 52 4.02 -90.58 27.49
C HIS I 52 5.10 -89.99 28.38
N VAL I 53 6.30 -89.83 27.82
CA VAL I 53 7.44 -89.30 28.55
C VAL I 53 8.17 -88.28 27.69
N TYR I 54 8.99 -87.47 28.35
CA TYR I 54 9.75 -86.40 27.71
C TYR I 54 11.22 -86.78 27.70
N LEU I 55 11.88 -86.58 26.55
CA LEU I 55 13.24 -87.06 26.34
C LEU I 55 14.24 -85.91 26.24
N ARG I 56 14.04 -85.00 25.29
CA ARG I 56 15.03 -83.97 25.00
C ARG I 56 14.34 -82.64 24.75
N TYR I 57 15.00 -81.56 25.15
CA TYR I 57 14.46 -80.22 25.07
C TYR I 57 15.18 -79.46 23.96
N GLU I 58 14.43 -79.03 22.96
CA GLU I 58 14.96 -78.23 21.86
C GLU I 58 14.22 -76.90 21.85
N GLY I 59 14.97 -75.81 21.82
CA GLY I 59 14.40 -74.48 21.84
C GLY I 59 15.11 -73.54 20.89
N THR I 60 14.34 -72.94 19.98
CA THR I 60 14.90 -72.02 18.99
C THR I 60 13.98 -70.81 18.86
N ILE I 61 14.59 -69.66 18.59
CA ILE I 61 13.86 -68.41 18.36
C ILE I 61 14.41 -67.77 17.10
N THR I 62 13.51 -67.20 16.30
CA THR I 62 13.86 -66.54 15.05
C THR I 62 13.55 -65.06 15.18
N VAL I 63 14.35 -64.24 14.51
CA VAL I 63 14.13 -62.80 14.47
C VAL I 63 14.46 -62.29 13.07
N GLU I 64 13.67 -61.33 12.60
CA GLU I 64 13.93 -60.62 11.36
C GLU I 64 14.01 -59.14 11.66
N ARG I 65 14.78 -58.43 10.83
CA ARG I 65 15.03 -57.02 11.06
C ARG I 65 15.41 -56.37 9.74
N LEU I 66 15.11 -55.08 9.63
CA LEU I 66 15.50 -54.28 8.48
C LEU I 66 16.83 -53.62 8.77
N ARG I 67 17.82 -53.86 7.91
CA ARG I 67 19.18 -53.43 8.20
C ARG I 67 19.22 -51.90 8.25
N MET I 68 19.34 -51.36 9.45
CA MET I 68 19.60 -49.95 9.62
C MET I 68 21.03 -49.62 9.21
N LYS I 69 21.25 -48.36 8.83
CA LYS I 69 22.61 -47.91 8.56
C LYS I 69 23.47 -47.86 9.80
N LYS I 70 22.87 -47.97 10.99
CA LYS I 70 23.60 -48.03 12.24
C LYS I 70 22.85 -48.94 13.20
N GLU I 71 23.58 -49.50 14.16
CA GLU I 71 23.03 -50.31 15.23
C GLU I 71 22.54 -51.68 14.76
N ASN I 72 23.10 -52.21 13.68
CA ASN I 72 22.76 -53.56 13.29
C ASN I 72 23.38 -54.57 14.26
N PHE I 73 22.98 -55.83 14.11
CA PHE I 73 23.54 -56.87 14.96
C PHE I 73 25.05 -56.99 14.77
N ALA I 74 25.50 -56.94 13.51
CA ALA I 74 26.94 -56.95 13.26
C ALA I 74 27.61 -55.72 13.84
N ASP I 75 27.01 -54.54 13.67
CA ASP I 75 27.57 -53.33 14.26
C ASP I 75 27.50 -53.38 15.77
N LEU I 76 26.42 -53.91 16.32
CA LEU I 76 26.20 -53.87 17.76
C LEU I 76 26.91 -54.99 18.49
N GLY I 77 27.43 -55.98 17.76
CA GLY I 77 28.13 -57.08 18.36
C GLY I 77 27.26 -58.21 18.88
N TYR I 78 25.94 -58.08 18.79
CA TYR I 78 25.05 -59.17 19.20
C TYR I 78 25.18 -60.36 18.26
N ALA I 79 25.66 -60.16 17.04
CA ALA I 79 25.92 -61.23 16.10
C ALA I 79 27.27 -60.99 15.46
N SER I 80 27.87 -62.07 14.95
CA SER I 80 29.20 -62.03 14.41
C SER I 80 29.25 -62.80 13.10
N LEU I 81 30.21 -62.44 12.25
CA LEU I 81 30.38 -63.05 10.94
C LEU I 81 31.56 -64.01 10.88
N GLY I 82 32.73 -63.57 11.33
CA GLY I 82 33.94 -64.34 11.23
C GLY I 82 34.18 -65.20 12.46
N GLU I 83 35.47 -65.41 12.75
CA GLU I 83 35.86 -66.23 13.88
C GLU I 83 35.59 -65.53 15.21
N GLU I 84 35.20 -64.25 15.19
CA GLU I 84 34.95 -63.53 16.43
C GLU I 84 33.79 -64.13 17.21
N ILE I 85 32.99 -64.99 16.59
CA ILE I 85 31.85 -65.61 17.26
C ILE I 85 32.31 -66.34 18.52
N LEU I 86 33.46 -67.01 18.44
CA LEU I 86 33.97 -67.73 19.60
C LEU I 86 34.23 -66.81 20.78
N LYS I 87 34.36 -65.52 20.53
CA LYS I 87 34.53 -64.54 21.60
C LYS I 87 33.21 -63.93 22.05
N LYS I 88 32.08 -64.41 21.53
CA LYS I 88 30.78 -63.89 21.90
C LYS I 88 30.13 -64.81 22.93
N ASP I 89 29.65 -64.22 24.02
CA ASP I 89 29.02 -64.97 25.09
C ASP I 89 27.55 -65.20 24.78
N ILE I 90 26.82 -65.76 25.74
CA ILE I 90 25.39 -65.98 25.57
C ILE I 90 24.67 -64.63 25.67
N ILE I 91 23.45 -64.60 25.16
CA ILE I 91 22.60 -63.41 25.18
C ILE I 91 21.24 -63.79 25.72
N ASP I 92 20.59 -62.86 26.38
CA ASP I 92 19.24 -63.04 26.89
C ASP I 92 18.30 -62.06 26.20
N ILE I 93 17.16 -62.57 25.73
CA ILE I 93 16.16 -61.77 25.03
C ILE I 93 14.92 -61.68 25.89
N LEU I 94 14.25 -60.54 25.83
CA LEU I 94 13.01 -60.31 26.54
C LEU I 94 11.97 -59.75 25.57
N VAL I 95 10.73 -60.21 25.73
CA VAL I 95 9.59 -59.65 25.02
C VAL I 95 8.72 -58.97 26.06
N VAL I 96 8.39 -57.70 25.79
CA VAL I 96 7.96 -56.77 26.83
C VAL I 96 6.62 -56.15 26.44
N ASP I 97 5.84 -55.82 27.46
CA ASP I 97 4.61 -55.06 27.30
C ASP I 97 4.98 -53.58 27.16
N ASN I 98 4.54 -52.96 26.07
CA ASN I 98 4.95 -51.59 25.78
C ASN I 98 4.44 -50.59 26.81
N LEU I 99 3.22 -50.82 27.32
CA LEU I 99 2.60 -49.84 28.21
C LEU I 99 3.44 -49.62 29.48
N THR I 100 3.78 -50.70 30.16
CA THR I 100 4.35 -50.64 31.50
C THR I 100 5.74 -51.23 31.60
N LYS I 101 6.33 -51.66 30.50
CA LYS I 101 7.62 -52.35 30.49
C LYS I 101 7.61 -53.61 31.37
N GLN I 102 6.45 -54.21 31.55
CA GLN I 102 6.38 -55.51 32.19
C GLN I 102 6.85 -56.60 31.24
N VAL I 103 7.33 -57.69 31.80
CA VAL I 103 7.87 -58.79 31.02
C VAL I 103 6.74 -59.75 30.67
N ILE I 104 6.79 -60.26 29.44
CA ILE I 104 5.83 -61.23 28.94
C ILE I 104 6.46 -62.62 28.83
N ILE I 105 7.69 -62.68 28.30
CA ILE I 105 8.42 -63.94 28.20
C ILE I 105 9.88 -63.61 27.97
N SER I 106 10.76 -64.49 28.45
CA SER I 106 12.20 -64.28 28.37
C SER I 106 12.87 -65.54 27.84
N TYR I 107 13.94 -65.34 27.08
CA TYR I 107 14.76 -66.43 26.56
C TYR I 107 16.15 -66.30 27.14
N HIS I 108 16.64 -67.38 27.76
CA HIS I 108 17.90 -67.38 28.47
C HIS I 108 18.92 -68.22 27.73
N GLY I 109 20.16 -67.74 27.68
CA GLY I 109 21.23 -68.50 27.07
C GLY I 109 21.18 -68.56 25.57
N CYS I 110 20.63 -67.54 24.92
CA CYS I 110 20.52 -67.54 23.46
C CYS I 110 21.90 -67.55 22.82
N SER I 111 22.08 -68.45 21.86
CA SER I 111 23.28 -68.51 21.04
C SER I 111 22.85 -68.69 19.59
N ALA I 112 23.69 -68.21 18.67
CA ALA I 112 23.32 -68.10 17.28
C ALA I 112 23.49 -69.44 16.56
N ASN I 113 22.57 -69.67 15.60
CA ASN I 113 22.62 -70.85 14.73
C ASN I 113 22.81 -70.46 13.28
N ASN I 114 21.97 -69.57 12.76
CA ASN I 114 21.97 -69.19 11.36
C ASN I 114 21.84 -67.68 11.25
N TYR I 115 22.48 -67.12 10.23
CA TYR I 115 22.43 -65.70 9.96
C TYR I 115 22.28 -65.50 8.47
N ASN I 116 21.23 -64.78 8.07
CA ASN I 116 20.86 -64.65 6.67
C ASN I 116 20.70 -63.17 6.34
N GLU I 117 21.03 -62.81 5.10
CA GLU I 117 21.00 -61.43 4.66
C GLU I 117 20.62 -61.40 3.19
N THR I 118 19.88 -60.36 2.78
CA THR I 118 19.41 -60.24 1.41
C THR I 118 19.50 -58.79 0.95
N TRP I 119 19.76 -58.61 -0.33
CA TRP I 119 19.74 -57.30 -0.99
C TRP I 119 18.96 -57.44 -2.27
N GLN I 120 18.21 -56.40 -2.63
CA GLN I 120 17.36 -56.47 -3.82
C GLN I 120 17.14 -55.07 -4.36
N THR I 121 16.71 -54.99 -5.62
CA THR I 121 16.69 -53.72 -6.33
C THR I 121 15.83 -52.68 -5.65
N ASN I 122 14.56 -53.02 -5.36
CA ASN I 122 13.60 -52.03 -4.86
C ASN I 122 13.04 -52.39 -3.50
N GLU I 123 13.44 -53.49 -2.91
CA GLU I 123 12.98 -53.86 -1.58
C GLU I 123 13.89 -53.25 -0.52
N ILE I 124 13.42 -53.29 0.71
CA ILE I 124 14.22 -52.86 1.85
C ILE I 124 15.12 -54.02 2.26
N VAL I 125 16.35 -53.69 2.68
CA VAL I 125 17.31 -54.71 3.06
C VAL I 125 16.76 -55.45 4.28
N THR I 126 16.73 -56.77 4.20
CA THR I 126 16.17 -57.61 5.25
C THR I 126 17.29 -58.40 5.90
N GLU I 127 17.37 -58.33 7.23
CA GLU I 127 18.33 -59.06 8.03
C GLU I 127 17.60 -60.05 8.90
N GLU I 128 18.02 -61.31 8.85
CA GLU I 128 17.40 -62.39 9.62
C GLU I 128 18.49 -63.10 10.41
N ILE I 129 18.10 -63.65 11.55
CA ILE I 129 19.02 -64.37 12.41
C ILE I 129 18.24 -65.40 13.22
N GLU I 130 18.89 -66.53 13.50
CA GLU I 130 18.28 -67.64 14.22
C GLU I 130 19.10 -67.89 15.49
N PHE I 131 18.42 -67.98 16.62
CA PHE I 131 19.05 -68.19 17.92
C PHE I 131 18.55 -69.48 18.54
N SER I 132 19.48 -70.26 19.07
CA SER I 132 19.15 -71.41 19.91
C SER I 132 19.51 -71.08 21.34
N TYR I 133 18.61 -71.44 22.26
CA TYR I 133 18.74 -71.06 23.66
C TYR I 133 18.68 -72.28 24.54
N LEU I 134 19.05 -72.08 25.81
CA LEU I 134 19.10 -73.14 26.80
C LEU I 134 17.73 -73.34 27.47
N THR I 135 17.10 -72.25 27.89
CA THR I 135 15.82 -72.33 28.57
C THR I 135 14.99 -71.10 28.24
N ALA I 136 13.69 -71.23 28.42
CA ALA I 136 12.75 -70.13 28.29
C ALA I 136 11.85 -70.09 29.52
N SER I 137 11.73 -68.91 30.11
CA SER I 137 10.99 -68.73 31.35
C SER I 137 10.03 -67.57 31.22
N ASP I 138 8.87 -67.69 31.87
CA ASP I 138 7.87 -66.63 31.93
C ASP I 138 7.55 -66.40 33.40
N LYS I 139 8.34 -65.54 34.04
CA LYS I 139 8.18 -65.22 35.44
C LYS I 139 8.34 -63.72 35.62
N ALA I 140 8.09 -63.26 36.84
CA ALA I 140 8.02 -61.87 37.26
C ALA I 140 6.71 -61.23 36.83
N ARG I 141 5.85 -61.93 36.08
CA ARG I 141 4.50 -61.43 35.84
C ARG I 141 3.70 -61.40 37.12
N THR I 142 3.83 -62.44 37.94
CA THR I 142 3.13 -62.52 39.21
C THR I 142 4.02 -63.17 40.27
N SER J 2 -28.96 10.31 37.22
CA SER J 2 -27.76 9.75 37.82
C SER J 2 -27.16 8.68 36.92
N ILE J 3 -26.09 8.05 37.39
CA ILE J 3 -25.44 6.96 36.67
C ILE J 3 -25.93 5.64 37.24
N GLU J 4 -26.42 4.78 36.37
CA GLU J 4 -26.87 3.45 36.77
C GLU J 4 -25.80 2.39 36.53
N LYS J 5 -25.00 2.57 35.50
CA LYS J 5 -23.98 1.60 35.14
C LYS J 5 -22.93 2.28 34.27
N LYS J 6 -21.66 1.98 34.53
CA LYS J 6 -20.57 2.61 33.80
C LYS J 6 -19.39 1.66 33.75
N GLU J 7 -18.59 1.78 32.69
CA GLU J 7 -17.34 1.04 32.55
C GLU J 7 -16.45 1.78 31.58
N GLU J 8 -15.15 1.79 31.88
CA GLU J 8 -14.14 2.42 31.03
C GLU J 8 -13.17 1.37 30.54
N VAL J 9 -12.92 1.36 29.24
CA VAL J 9 -11.99 0.43 28.61
C VAL J 9 -11.06 1.21 27.70
N ILE J 10 -9.78 0.83 27.72
CA ILE J 10 -8.75 1.55 26.98
C ILE J 10 -8.50 0.78 25.69
N ALA J 11 -8.88 1.38 24.57
CA ALA J 11 -8.78 0.69 23.29
C ALA J 11 -7.32 0.55 22.86
N HIS J 12 -6.54 1.63 22.98
CA HIS J 12 -5.20 1.64 22.43
C HIS J 12 -4.28 2.44 23.34
N ASN J 13 -3.00 2.05 23.33
CA ASN J 13 -1.92 2.83 23.92
C ASN J 13 -0.75 2.79 22.95
N GLU J 14 -0.34 3.95 22.46
CA GLU J 14 0.61 4.01 21.37
C GLU J 14 1.47 5.27 21.48
N VAL J 15 2.57 5.27 20.73
CA VAL J 15 3.50 6.39 20.68
C VAL J 15 3.43 7.01 19.29
N VAL J 16 3.29 8.34 19.25
CA VAL J 16 3.13 9.08 18.01
C VAL J 16 4.29 10.07 17.88
N PHE J 17 4.67 10.38 16.65
CA PHE J 17 5.83 11.18 16.34
C PHE J 17 5.38 12.53 15.77
N ARG J 18 5.94 13.60 16.31
CA ARG J 18 5.59 14.97 15.92
C ARG J 18 6.87 15.74 15.66
N SER J 19 6.88 16.53 14.58
CA SER J 19 8.03 17.35 14.28
C SER J 19 8.11 18.53 15.24
N LEU J 20 9.33 18.86 15.67
CA LEU J 20 9.51 19.96 16.62
C LEU J 20 9.40 21.32 15.94
N THR J 21 9.74 21.40 14.65
CA THR J 21 9.75 22.67 13.93
C THR J 21 8.38 23.01 13.36
N GLN J 22 7.86 22.16 12.47
CA GLN J 22 6.56 22.44 11.86
C GLN J 22 5.43 22.17 12.83
N GLY J 23 5.58 21.19 13.71
CA GLY J 23 4.49 20.72 14.53
C GLY J 23 3.56 19.75 13.85
N LEU J 24 3.78 19.46 12.57
CA LEU J 24 2.99 18.47 11.87
C LEU J 24 3.38 17.07 12.31
N TYR J 25 2.40 16.19 12.43
CA TYR J 25 2.66 14.82 12.82
C TYR J 25 3.12 14.01 11.62
N VAL J 26 3.69 12.84 11.91
CA VAL J 26 4.25 11.99 10.87
C VAL J 26 3.14 11.20 10.21
N LYS J 27 3.11 11.24 8.87
CA LYS J 27 2.15 10.50 8.06
C LYS J 27 2.76 9.29 7.39
N GLU J 28 3.90 9.48 6.71
CA GLU J 28 4.63 8.40 6.07
C GLU J 28 6.11 8.57 6.35
N VAL J 29 6.86 7.48 6.23
CA VAL J 29 8.29 7.46 6.51
C VAL J 29 9.01 6.69 5.42
N ASP J 30 10.34 6.79 5.45
CA ASP J 30 11.20 6.20 4.43
C ASP J 30 11.60 4.79 4.85
N ILE J 31 12.63 4.25 4.19
CA ILE J 31 13.06 2.88 4.45
C ILE J 31 13.48 2.69 5.90
N TYR J 32 14.16 3.68 6.48
CA TYR J 32 14.65 3.63 7.85
C TYR J 32 13.81 4.50 8.77
N SER J 33 12.51 4.59 8.50
CA SER J 33 11.55 5.25 9.36
C SER J 33 11.81 6.76 9.49
N ASP J 34 12.64 7.34 8.64
CA ASP J 34 12.77 8.78 8.55
C ASP J 34 11.59 9.33 7.74
N VAL J 35 11.15 10.53 8.11
CA VAL J 35 9.88 11.04 7.61
C VAL J 35 10.00 11.43 6.14
N VAL J 36 8.97 11.08 5.37
CA VAL J 36 8.81 11.60 4.02
C VAL J 36 7.59 12.49 3.86
N SER J 37 6.54 12.27 4.65
CA SER J 37 5.34 13.09 4.60
C SER J 37 4.93 13.46 6.02
N TYR J 38 4.32 14.64 6.15
CA TYR J 38 3.80 15.13 7.41
C TYR J 38 2.32 15.46 7.24
N THR J 39 1.58 15.37 8.34
CA THR J 39 0.15 15.67 8.34
C THR J 39 -0.23 16.37 9.64
N LYS J 40 -1.25 17.21 9.55
CA LYS J 40 -1.71 17.94 10.72
C LYS J 40 -2.60 17.08 11.61
N ASP J 41 -3.14 15.99 11.08
CA ASP J 41 -4.07 15.16 11.84
C ASP J 41 -3.38 14.54 13.04
N VAL J 42 -4.03 14.62 14.20
CA VAL J 42 -3.50 14.02 15.41
C VAL J 42 -3.65 12.50 15.38
N ASP J 43 -4.79 12.01 14.87
CA ASP J 43 -5.13 10.60 14.97
C ASP J 43 -4.61 9.79 13.79
N GLU J 44 -4.65 10.36 12.58
CA GLU J 44 -4.11 9.67 11.42
C GLU J 44 -2.59 9.54 11.49
N ALA J 45 -1.95 10.24 12.43
CA ALA J 45 -0.51 10.25 12.53
C ALA J 45 0.04 8.84 12.72
N LEU J 46 1.22 8.60 12.16
CA LEU J 46 1.93 7.35 12.37
C LEU J 46 2.09 7.06 13.85
N ALA J 47 1.73 5.85 14.26
CA ALA J 47 1.72 5.47 15.66
C ALA J 47 2.20 4.04 15.81
N MET J 48 2.71 3.73 16.99
CA MET J 48 3.16 2.39 17.32
C MET J 48 2.83 2.07 18.77
N PRO J 49 2.69 0.80 19.12
CA PRO J 49 2.32 0.45 20.51
C PRO J 49 3.32 1.00 21.51
N ASN J 50 2.81 1.48 22.65
CA ASN J 50 3.62 2.03 23.71
C ASN J 50 4.00 0.92 24.70
N THR J 51 4.86 0.03 24.23
CA THR J 51 5.33 -1.11 25.02
C THR J 51 6.85 -1.13 25.03
N ILE J 52 7.42 -1.63 26.13
CA ILE J 52 8.87 -1.56 26.32
C ILE J 52 9.59 -2.39 25.25
N ASN J 53 9.01 -3.53 24.88
CA ASN J 53 9.66 -4.39 23.90
C ASN J 53 9.82 -3.69 22.56
N PHE J 54 8.81 -2.91 22.17
CA PHE J 54 8.88 -2.20 20.90
C PHE J 54 10.03 -1.20 20.89
N LYS J 55 10.25 -0.53 22.02
CA LYS J 55 11.35 0.43 22.11
C LYS J 55 12.69 -0.26 21.88
N ASN J 56 12.86 -1.45 22.45
CA ASN J 56 14.07 -2.22 22.21
C ASN J 56 14.12 -2.72 20.77
N SER J 57 12.98 -2.76 20.09
CA SER J 57 12.90 -3.20 18.70
C SER J 57 12.88 -2.05 17.71
N ARG J 58 13.16 -0.83 18.16
CA ARG J 58 13.21 0.34 17.28
C ARG J 58 11.85 0.57 16.64
N LEU J 63 11.72 7.42 17.73
CA LEU J 63 12.57 8.09 18.71
C LEU J 63 14.04 7.90 18.34
N ILE J 64 14.35 6.71 17.83
CA ILE J 64 15.74 6.32 17.57
C ILE J 64 16.30 7.08 16.37
N MET J 65 15.46 7.35 15.36
CA MET J 65 15.96 7.59 14.02
C MET J 65 16.20 9.05 13.68
N ASN J 66 15.36 9.97 14.14
CA ASN J 66 15.35 11.33 13.63
C ASN J 66 15.56 12.31 14.78
N LEU J 67 16.04 13.51 14.44
CA LEU J 67 16.33 14.56 15.40
C LEU J 67 15.21 15.58 15.54
N ASP J 68 14.62 16.03 14.43
CA ASP J 68 13.44 16.88 14.49
C ASP J 68 12.26 16.02 14.88
N LEU J 69 12.26 15.51 16.10
CA LEU J 69 11.41 14.40 16.50
C LEU J 69 10.97 14.59 17.95
N GLU J 70 9.67 14.69 18.16
CA GLU J 70 9.08 14.76 19.49
C GLU J 70 8.25 13.51 19.71
N PRO J 71 8.82 12.43 20.27
CA PRO J 71 8.03 11.19 20.42
C PRO J 71 6.98 11.33 21.51
N LEU J 72 5.72 11.42 21.09
CA LEU J 72 4.61 11.66 22.01
C LEU J 72 3.85 10.35 22.24
N ASN J 73 3.31 10.23 23.45
CA ASN J 73 2.46 9.10 23.81
C ASN J 73 1.00 9.45 23.56
N LYS J 74 0.21 8.46 23.16
CA LYS J 74 -1.18 8.64 22.80
C LYS J 74 -2.01 7.53 23.41
N ILE J 75 -3.17 7.89 23.96
CA ILE J 75 -4.05 6.97 24.64
C ILE J 75 -5.48 7.30 24.24
N GLN J 76 -6.31 6.26 24.11
CA GLN J 76 -7.71 6.38 23.72
C GLN J 76 -8.59 5.82 24.83
N LYS J 77 -9.57 6.60 25.26
CA LYS J 77 -10.54 6.18 26.26
C LYS J 77 -11.92 6.18 25.62
N VAL J 78 -12.62 5.05 25.73
CA VAL J 78 -14.00 4.92 25.29
C VAL J 78 -14.81 4.46 26.50
N ILE J 79 -15.93 5.14 26.74
CA ILE J 79 -16.67 4.98 27.99
C ILE J 79 -18.11 4.63 27.65
N TYR J 80 -18.62 3.59 28.30
CA TYR J 80 -20.01 3.16 28.16
C TYR J 80 -20.75 3.49 29.45
N GLU J 81 -21.84 4.24 29.33
CA GLU J 81 -22.57 4.73 30.47
C GLU J 81 -24.06 4.76 30.16
N THR J 82 -24.86 4.66 31.22
CA THR J 82 -26.31 4.76 31.13
C THR J 82 -26.82 5.67 32.23
N HIS J 83 -27.94 6.34 31.97
CA HIS J 83 -28.55 7.26 32.93
C HIS J 83 -30.04 6.96 33.07
N LEU J 84 -30.56 7.17 34.26
CA LEU J 84 -31.98 7.25 34.52
C LEU J 84 -32.29 8.65 35.00
N GLU J 85 -32.77 9.49 34.09
CA GLU J 85 -33.06 10.89 34.39
C GLU J 85 -34.49 10.97 34.90
N GLY J 86 -34.64 11.25 36.19
CA GLY J 86 -35.95 11.35 36.78
C GLY J 86 -36.74 12.51 36.22
N LEU J 87 -38.04 12.50 36.49
CA LEU J 87 -38.94 13.53 35.99
C LEU J 87 -39.05 14.67 36.98
N ALA K 2 52.06 -55.30 41.44
CA ALA K 2 53.20 -55.33 42.34
C ALA K 2 54.40 -54.64 41.72
N VAL K 3 55.37 -54.26 42.55
CA VAL K 3 56.64 -53.77 42.04
C VAL K 3 57.30 -54.92 41.28
N GLU K 4 57.73 -54.65 40.06
CA GLU K 4 58.09 -55.71 39.15
C GLU K 4 59.31 -56.47 39.66
N PRO K 5 59.42 -57.77 39.37
CA PRO K 5 60.62 -58.51 39.79
C PRO K 5 61.86 -57.99 39.07
N PHE K 6 63.01 -58.12 39.72
CA PHE K 6 64.23 -57.58 39.16
C PHE K 6 64.56 -58.29 37.84
N PRO K 7 65.07 -57.57 36.85
CA PRO K 7 65.26 -58.16 35.51
C PRO K 7 66.54 -58.99 35.43
N ARG K 8 66.81 -59.46 34.22
CA ARG K 8 68.03 -60.19 33.91
C ARG K 8 68.59 -59.70 32.58
N ARG K 9 69.88 -59.93 32.38
CA ARG K 9 70.50 -59.53 31.14
C ARG K 9 69.87 -60.28 29.96
N PRO K 10 69.69 -59.64 28.81
CA PRO K 10 69.14 -60.36 27.65
C PRO K 10 70.10 -61.43 27.14
N ILE K 11 69.61 -62.18 26.16
CA ILE K 11 70.39 -63.27 25.57
C ILE K 11 71.67 -62.70 24.96
N THR K 12 72.78 -63.40 25.19
CA THR K 12 74.05 -63.06 24.55
C THR K 12 74.27 -63.88 23.28
N ARG K 13 74.19 -65.20 23.41
CA ARG K 13 74.49 -66.14 22.34
C ARG K 13 73.52 -67.30 22.46
N PRO K 14 73.17 -67.96 21.35
CA PRO K 14 72.39 -69.20 21.45
C PRO K 14 73.26 -70.35 21.97
N HIS K 15 72.79 -71.03 23.00
CA HIS K 15 73.55 -72.09 23.64
C HIS K 15 72.64 -72.85 24.57
N ALA K 16 73.23 -73.82 25.28
CA ALA K 16 72.53 -74.62 26.29
C ALA K 16 73.35 -74.56 27.57
N SER K 17 72.88 -73.80 28.55
CA SER K 17 73.60 -73.63 29.80
C SER K 17 73.13 -74.71 30.78
N ILE K 18 74.06 -75.56 31.19
CA ILE K 18 73.79 -76.63 32.14
C ILE K 18 74.75 -76.48 33.30
N GLU K 19 74.22 -76.57 34.53
CA GLU K 19 75.03 -76.45 35.74
C GLU K 19 74.39 -77.29 36.83
N VAL K 20 75.11 -77.42 37.94
CA VAL K 20 74.70 -78.27 39.06
C VAL K 20 74.67 -77.44 40.33
N ASP K 21 73.61 -77.60 41.10
CA ASP K 21 73.48 -76.96 42.40
C ASP K 21 72.91 -77.98 43.38
N THR K 22 73.30 -77.84 44.65
CA THR K 22 72.83 -78.79 45.66
C THR K 22 71.36 -78.54 46.01
N SER K 23 70.98 -77.27 46.16
CA SER K 23 69.62 -76.92 46.57
C SER K 23 68.71 -76.76 45.36
N GLY K 24 69.06 -75.86 44.44
CA GLY K 24 68.22 -75.65 43.28
C GLY K 24 66.91 -74.98 43.64
N ILE K 25 65.85 -75.35 42.93
CA ILE K 25 64.53 -74.76 43.13
C ILE K 25 63.80 -75.60 44.18
N GLY K 26 63.47 -74.96 45.30
CA GLY K 26 62.70 -75.61 46.34
C GLY K 26 61.21 -75.51 46.18
N GLY K 27 60.73 -74.82 45.15
CA GLY K 27 59.30 -74.68 44.93
C GLY K 27 59.02 -73.68 43.83
N SER K 28 57.75 -73.61 43.45
CA SER K 28 57.32 -72.69 42.42
C SER K 28 55.81 -72.50 42.53
N ALA K 29 55.30 -71.52 41.80
CA ALA K 29 53.88 -71.19 41.85
C ALA K 29 53.06 -72.21 41.09
N GLY K 30 51.82 -72.42 41.56
CA GLY K 30 50.85 -73.24 40.86
C GLY K 30 49.73 -72.38 40.31
N SER K 31 49.00 -72.96 39.35
CA SER K 31 47.90 -72.25 38.72
C SER K 31 46.86 -71.84 39.77
N SER K 32 46.43 -70.59 39.70
CA SER K 32 45.54 -70.04 40.72
C SER K 32 44.84 -68.80 40.17
N GLU K 33 43.80 -68.39 40.89
CA GLU K 33 43.15 -67.10 40.67
C GLU K 33 43.39 -66.16 41.85
N LYS K 34 43.09 -66.63 43.06
CA LYS K 34 43.36 -65.85 44.26
C LYS K 34 44.86 -65.77 44.52
N VAL K 35 45.25 -64.85 45.39
CA VAL K 35 46.66 -64.55 45.65
C VAL K 35 46.89 -64.60 47.15
N PHE K 36 48.14 -64.85 47.54
CA PHE K 36 48.54 -65.07 48.91
C PHE K 36 49.52 -63.99 49.32
N CYS K 37 49.35 -63.43 50.52
CA CYS K 37 50.12 -62.27 50.95
C CYS K 37 50.80 -62.56 52.28
N LEU K 38 52.01 -62.01 52.46
CA LEU K 38 52.79 -62.22 53.66
C LEU K 38 53.65 -61.00 53.93
N ILE K 39 54.07 -60.86 55.19
CA ILE K 39 55.03 -59.83 55.60
C ILE K 39 55.89 -60.42 56.72
N GLY K 40 57.16 -60.05 56.73
CA GLY K 40 58.06 -60.58 57.75
C GLY K 40 59.46 -60.06 57.58
N GLN K 41 60.37 -60.61 58.38
CA GLN K 41 61.78 -60.25 58.32
C GLN K 41 62.40 -60.88 57.09
N ALA K 42 63.13 -60.08 56.31
CA ALA K 42 63.77 -60.55 55.10
C ALA K 42 65.07 -59.79 54.87
N GLU K 43 66.12 -60.52 54.52
CA GLU K 43 67.43 -59.94 54.21
C GLU K 43 67.56 -59.82 52.70
N GLY K 44 67.13 -58.69 52.17
CA GLY K 44 67.24 -58.44 50.75
C GLY K 44 66.19 -57.45 50.28
N GLY K 45 66.36 -57.02 49.04
CA GLY K 45 65.42 -56.08 48.46
C GLY K 45 65.48 -54.73 49.15
N GLU K 46 64.36 -54.01 49.10
CA GLU K 46 64.22 -52.72 49.75
C GLU K 46 62.91 -52.69 50.51
N PRO K 47 62.81 -51.88 51.57
CA PRO K 47 61.65 -51.95 52.45
C PRO K 47 60.45 -51.18 51.89
N ASN K 48 59.31 -51.37 52.55
CA ASN K 48 58.06 -50.72 52.19
C ASN K 48 57.74 -50.96 50.72
N THR K 49 57.97 -52.18 50.26
CA THR K 49 57.78 -52.54 48.86
C THR K 49 57.13 -53.91 48.79
N VAL K 50 56.19 -54.07 47.86
CA VAL K 50 55.49 -55.33 47.65
C VAL K 50 55.99 -55.92 46.33
N TYR K 51 56.42 -57.18 46.37
CA TYR K 51 56.98 -57.85 45.22
C TYR K 51 56.12 -59.05 44.86
N GLU K 52 56.08 -59.36 43.56
CA GLU K 52 55.37 -60.53 43.06
C GLU K 52 56.33 -61.70 42.99
N LEU K 53 56.05 -62.75 43.75
CA LEU K 53 56.88 -63.94 43.81
C LEU K 53 56.23 -65.06 43.01
N ARG K 54 57.04 -65.75 42.20
CA ARG K 54 56.57 -66.87 41.40
C ARG K 54 57.41 -68.12 41.57
N ASN K 55 58.70 -67.98 41.87
CA ASN K 55 59.60 -69.11 42.04
C ASN K 55 60.50 -68.90 43.24
N TYR K 56 60.93 -70.01 43.82
CA TYR K 56 61.72 -69.97 45.05
C TYR K 56 63.06 -69.29 44.82
N SER K 57 63.70 -69.58 43.69
CA SER K 57 65.04 -69.07 43.43
C SER K 57 65.04 -67.55 43.36
N GLN K 58 64.05 -66.97 42.69
CA GLN K 58 63.94 -65.51 42.60
C GLN K 58 63.81 -64.90 43.99
N ALA K 59 62.92 -65.48 44.81
CA ALA K 59 62.75 -64.99 46.17
C ALA K 59 64.03 -65.19 46.98
N LYS K 60 64.69 -66.34 46.80
CA LYS K 60 65.94 -66.61 47.51
C LYS K 60 67.00 -65.57 47.14
N ARG K 61 67.18 -65.34 45.84
CA ARG K 61 68.14 -64.33 45.41
C ARG K 61 67.70 -62.94 45.85
N LEU K 62 66.40 -62.64 45.71
CA LEU K 62 65.90 -61.34 46.14
C LEU K 62 65.99 -61.19 47.65
N PHE K 63 65.68 -62.26 48.39
CA PHE K 63 65.72 -62.27 49.85
C PHE K 63 66.67 -63.38 50.27
N ARG K 64 67.93 -63.00 50.50
CA ARG K 64 68.99 -63.97 50.71
C ARG K 64 68.78 -64.82 51.95
N SER K 65 68.10 -64.29 52.97
CA SER K 65 67.89 -65.03 54.20
C SER K 65 66.71 -64.42 54.94
N GLY K 66 66.18 -65.20 55.89
CA GLY K 66 65.07 -64.74 56.71
C GLY K 66 64.00 -65.80 56.88
N GLU K 67 63.03 -65.52 57.76
CA GLU K 67 61.92 -66.44 57.97
C GLU K 67 60.98 -66.46 56.78
N LEU K 68 61.10 -65.49 55.87
CA LEU K 68 60.19 -65.40 54.74
C LEU K 68 60.27 -66.65 53.86
N LEU K 69 61.48 -67.05 53.48
CA LEU K 69 61.63 -68.18 52.57
C LEU K 69 61.15 -69.47 53.21
N ASP K 70 61.42 -69.65 54.50
CA ASP K 70 60.90 -70.80 55.20
C ASP K 70 59.38 -70.84 55.14
N ALA K 71 58.75 -69.68 55.33
CA ALA K 71 57.31 -69.58 55.16
C ALA K 71 56.91 -69.83 53.70
N ILE K 72 57.66 -69.25 52.77
CA ILE K 72 57.35 -69.41 51.35
C ILE K 72 57.49 -70.87 50.93
N GLU K 73 58.57 -71.51 51.38
CA GLU K 73 58.86 -72.87 50.94
C GLU K 73 57.71 -73.81 51.29
N LEU K 74 57.17 -73.67 52.49
CA LEU K 74 56.05 -74.51 52.90
C LEU K 74 54.82 -74.25 52.03
N ALA K 75 54.58 -72.98 51.70
CA ALA K 75 53.36 -72.62 50.98
C ALA K 75 53.29 -73.31 49.62
N TRP K 76 54.41 -73.33 48.90
CA TRP K 76 54.46 -74.01 47.61
C TRP K 76 54.67 -75.52 47.75
N GLY K 77 54.82 -76.03 48.97
CA GLY K 77 55.01 -77.46 49.17
C GLY K 77 54.21 -78.02 50.32
N SER K 78 53.29 -77.21 50.88
CA SER K 78 52.49 -77.68 52.01
C SER K 78 51.66 -78.90 51.64
N ASN K 79 51.33 -79.05 50.35
CA ASN K 79 50.53 -80.18 49.89
C ASN K 79 50.94 -80.51 48.46
N PRO K 80 51.02 -81.79 48.09
CA PRO K 80 51.42 -82.11 46.71
C PRO K 80 50.48 -81.54 45.66
N ASN K 81 49.18 -81.51 45.94
CA ASN K 81 48.18 -81.10 44.96
C ASN K 81 47.88 -79.61 45.05
N TYR K 82 47.66 -79.11 46.26
CA TYR K 82 47.23 -77.74 46.51
C TYR K 82 48.43 -76.90 46.88
N THR K 83 48.64 -75.81 46.16
CA THR K 83 49.74 -74.89 46.40
C THR K 83 49.23 -73.46 46.35
N ALA K 84 49.93 -72.58 47.06
CA ALA K 84 49.44 -71.22 47.27
C ALA K 84 49.25 -70.48 45.94
N GLY K 85 50.20 -70.62 45.01
CA GLY K 85 50.11 -69.91 43.75
C GLY K 85 50.89 -68.62 43.76
N ARG K 86 50.30 -67.57 43.21
CA ARG K 86 50.92 -66.26 43.22
C ARG K 86 51.03 -65.75 44.65
N ILE K 87 52.17 -65.13 44.97
CA ILE K 87 52.44 -64.65 46.32
C ILE K 87 52.89 -63.20 46.25
N LEU K 88 52.42 -62.39 47.19
CA LEU K 88 52.92 -61.05 47.42
C LEU K 88 53.64 -61.00 48.75
N ALA K 89 54.81 -60.38 48.78
CA ALA K 89 55.63 -60.31 49.99
C ALA K 89 56.20 -58.92 50.14
N MET K 90 56.56 -58.58 51.38
CA MET K 90 57.11 -57.27 51.69
C MET K 90 57.82 -57.35 53.03
N ARG K 91 59.05 -56.85 53.08
CA ARG K 91 59.82 -56.86 54.31
C ARG K 91 59.39 -55.70 55.20
N ILE K 92 59.44 -55.92 56.53
CA ILE K 92 58.95 -54.93 57.47
C ILE K 92 59.99 -53.87 57.73
N GLU K 93 61.16 -54.28 58.18
CA GLU K 93 62.16 -53.38 58.75
C GLU K 93 62.70 -52.42 57.70
N ASP K 94 62.98 -51.18 58.15
CA ASP K 94 63.53 -50.14 57.28
C ASP K 94 65.05 -50.23 57.22
N ALA K 95 65.53 -51.14 56.37
CA ALA K 95 66.96 -51.29 56.17
C ALA K 95 67.49 -50.15 55.30
N LYS K 96 68.81 -49.99 55.32
CA LYS K 96 69.48 -48.96 54.54
C LYS K 96 70.69 -49.56 53.84
N PRO K 97 71.08 -48.99 52.70
CA PRO K 97 72.26 -49.51 51.99
C PRO K 97 73.56 -49.08 52.66
N ALA K 98 74.63 -49.76 52.27
CA ALA K 98 75.96 -49.34 52.65
C ALA K 98 76.51 -48.34 51.64
N SER K 99 77.50 -47.56 52.06
CA SER K 99 78.00 -46.47 51.23
C SER K 99 79.48 -46.28 51.47
N ALA K 100 80.13 -45.64 50.48
CA ALA K 100 81.53 -45.25 50.57
C ALA K 100 81.76 -44.11 49.60
N GLU K 101 82.55 -43.12 50.02
CA GLU K 101 82.81 -41.92 49.23
C GLU K 101 84.32 -41.66 49.27
N ILE K 102 85.03 -42.06 48.21
CA ILE K 102 86.48 -41.91 48.13
C ILE K 102 86.85 -41.56 46.70
N GLY K 103 87.83 -40.67 46.57
CA GLY K 103 88.43 -40.37 45.28
C GLY K 103 87.46 -39.85 44.23
N GLY K 104 86.63 -38.89 44.62
CA GLY K 104 85.73 -38.26 43.68
C GLY K 104 84.53 -39.09 43.29
N LEU K 105 84.33 -40.25 43.91
CA LEU K 105 83.22 -41.14 43.59
C LEU K 105 82.51 -41.57 44.86
N LYS K 106 81.21 -41.81 44.73
CA LYS K 106 80.40 -42.36 45.81
C LYS K 106 79.86 -43.71 45.37
N ILE K 107 80.05 -44.73 46.21
CA ILE K 107 79.65 -46.10 45.91
C ILE K 107 78.55 -46.50 46.88
N THR K 108 77.45 -47.01 46.34
CA THR K 108 76.32 -47.46 47.12
C THR K 108 75.79 -48.75 46.55
N SER K 109 75.19 -49.56 47.41
CA SER K 109 74.66 -50.87 47.04
C SER K 109 73.14 -50.82 47.00
N LYS K 110 72.56 -51.31 45.91
CA LYS K 110 71.11 -51.42 45.84
C LYS K 110 70.58 -52.35 46.93
N ILE K 111 71.38 -53.32 47.35
CA ILE K 111 71.01 -54.18 48.47
C ILE K 111 71.04 -53.37 49.75
N TYR K 112 69.99 -53.50 50.56
CA TYR K 112 69.88 -52.82 51.84
C TYR K 112 70.05 -53.84 52.95
N GLY K 113 71.03 -53.63 53.81
CA GLY K 113 71.23 -54.50 54.95
C GLY K 113 72.65 -54.54 55.45
N ASN K 114 72.87 -55.32 56.50
CA ASN K 114 74.21 -55.43 57.09
C ASN K 114 75.20 -56.07 56.12
N VAL K 115 74.73 -57.05 55.34
CA VAL K 115 75.62 -57.79 54.45
C VAL K 115 76.25 -56.87 53.42
N ALA K 116 75.58 -55.77 53.05
CA ALA K 116 76.14 -54.86 52.08
C ALA K 116 77.47 -54.29 52.53
N ASN K 117 77.71 -54.22 53.85
CA ASN K 117 78.98 -53.72 54.36
C ASN K 117 80.13 -54.63 53.95
N ASN K 118 79.85 -55.91 53.71
CA ASN K 118 80.89 -56.85 53.29
C ASN K 118 81.35 -56.62 51.86
N ILE K 119 80.64 -55.80 51.08
CA ILE K 119 81.05 -55.52 49.71
C ILE K 119 82.31 -54.67 49.74
N GLN K 120 83.32 -55.09 48.97
CA GLN K 120 84.58 -54.38 48.86
C GLN K 120 84.76 -53.89 47.44
N VAL K 121 85.05 -52.60 47.29
CA VAL K 121 85.27 -51.98 45.98
C VAL K 121 86.53 -51.13 46.06
N GLY K 122 87.33 -51.20 44.99
CA GLY K 122 88.58 -50.45 44.95
C GLY K 122 88.92 -50.06 43.52
N LEU K 123 89.74 -49.03 43.40
CA LEU K 123 90.23 -48.55 42.12
C LEU K 123 91.74 -48.68 42.06
N GLU K 124 92.24 -49.15 40.92
CA GLU K 124 93.67 -49.31 40.69
C GLU K 124 94.07 -48.52 39.44
N LYS K 125 95.31 -48.06 39.43
CA LYS K 125 95.85 -47.28 38.32
C LYS K 125 96.61 -48.19 37.37
N ASN K 126 96.33 -48.06 36.07
CA ASN K 126 96.98 -48.84 35.03
C ASN K 126 97.80 -47.87 34.18
N THR K 127 99.12 -47.91 34.35
CA THR K 127 99.99 -47.01 33.60
C THR K 127 100.20 -47.43 32.16
N LEU K 128 99.96 -48.71 31.83
CA LEU K 128 100.20 -49.20 30.48
C LEU K 128 99.23 -48.60 29.48
N SER K 129 98.10 -48.04 29.94
CA SER K 129 97.07 -47.53 29.04
C SER K 129 96.51 -46.19 29.49
N ASP K 130 97.07 -45.57 30.52
CA ASP K 130 96.57 -44.32 31.08
C ASP K 130 95.09 -44.46 31.45
N SER K 131 94.84 -45.36 32.40
CA SER K 131 93.48 -45.76 32.73
C SER K 131 93.42 -46.24 34.16
N LEU K 132 92.21 -46.56 34.60
CA LEU K 132 91.97 -47.11 35.93
C LEU K 132 91.37 -48.50 35.81
N ARG K 133 91.64 -49.32 36.82
CA ARG K 133 90.96 -50.60 37.00
C ARG K 133 90.02 -50.49 38.18
N LEU K 134 88.92 -51.23 38.13
CA LEU K 134 87.98 -51.35 39.24
C LEU K 134 87.76 -52.82 39.56
N ARG K 135 87.82 -53.15 40.84
CA ARG K 135 87.54 -54.50 41.31
C ARG K 135 86.48 -54.44 42.41
N VAL K 136 85.57 -55.41 42.38
CA VAL K 136 84.55 -55.57 43.40
C VAL K 136 84.68 -56.98 43.98
N ILE K 137 84.52 -57.10 45.30
CA ILE K 137 84.53 -58.38 45.97
C ILE K 137 83.35 -58.42 46.93
N PHE K 138 82.63 -59.55 46.94
CA PHE K 138 81.47 -59.74 47.81
C PHE K 138 81.51 -61.20 48.25
N GLN K 139 81.93 -61.42 49.50
CA GLN K 139 82.24 -62.76 49.96
C GLN K 139 80.98 -63.62 50.06
N ASP K 140 79.92 -63.09 50.67
CA ASP K 140 78.74 -63.90 50.95
C ASP K 140 78.09 -64.41 49.68
N ASP K 141 77.90 -63.52 48.70
CA ASP K 141 77.39 -63.93 47.40
C ASP K 141 78.48 -64.44 46.48
N ARG K 142 79.76 -64.32 46.88
CA ARG K 142 80.88 -64.75 46.06
C ARG K 142 80.84 -64.06 44.70
N PHE K 143 80.47 -62.79 44.72
CA PHE K 143 80.33 -61.97 43.52
C PHE K 143 81.57 -61.11 43.37
N ASN K 144 82.34 -61.36 42.31
CA ASN K 144 83.56 -60.62 42.02
C ASN K 144 83.52 -60.11 40.59
N GLU K 145 84.00 -58.89 40.38
CA GLU K 145 84.04 -58.27 39.07
C GLU K 145 85.27 -57.40 38.95
N VAL K 146 85.94 -57.49 37.80
CA VAL K 146 87.16 -56.72 37.53
C VAL K 146 87.08 -56.21 36.10
N TYR K 147 87.48 -54.95 35.90
CA TYR K 147 87.48 -54.33 34.58
C TYR K 147 88.78 -53.58 34.38
N ASP K 148 89.24 -53.54 33.13
CA ASP K 148 90.52 -52.97 32.77
C ASP K 148 90.36 -51.94 31.67
N ASN K 149 91.33 -51.04 31.60
CA ASN K 149 91.31 -49.90 30.67
C ASN K 149 89.99 -49.14 30.76
N ILE K 150 89.73 -48.59 31.94
CA ILE K 150 88.52 -47.83 32.19
C ILE K 150 88.80 -46.35 31.99
N GLY K 151 87.94 -45.67 31.24
CA GLY K 151 88.01 -44.24 31.06
C GLY K 151 88.71 -43.77 29.79
N ASN K 152 88.95 -44.66 28.83
CA ASN K 152 89.65 -44.31 27.60
C ASN K 152 88.68 -44.25 26.43
N ILE K 153 88.87 -43.23 25.59
CA ILE K 153 88.09 -43.03 24.37
C ILE K 153 89.09 -42.84 23.23
N PHE K 154 88.63 -43.11 22.01
CA PHE K 154 89.44 -43.18 20.80
C PHE K 154 90.44 -42.02 20.73
N THR K 155 91.61 -42.32 20.18
CA THR K 155 92.74 -41.40 20.17
C THR K 155 92.81 -40.65 18.84
N ILE K 156 93.58 -39.57 18.83
CA ILE K 156 93.80 -38.75 17.64
C ILE K 156 95.31 -38.59 17.45
N LYS K 157 95.74 -38.52 16.20
CA LYS K 157 97.13 -38.26 15.87
C LYS K 157 97.20 -37.28 14.71
N TYR K 158 98.33 -36.58 14.61
CA TYR K 158 98.52 -35.51 13.64
C TYR K 158 99.70 -35.84 12.74
N LYS K 159 99.61 -35.37 11.49
CA LYS K 159 100.51 -35.82 10.43
C LYS K 159 101.28 -34.70 9.73
N GLY K 160 100.99 -33.43 10.04
CA GLY K 160 101.56 -32.32 9.29
C GLY K 160 102.97 -31.95 9.71
N GLU K 161 103.44 -30.84 9.13
CA GLU K 161 104.82 -30.40 9.32
C GLU K 161 104.98 -29.49 10.53
N GLU K 162 103.95 -28.71 10.84
CA GLU K 162 104.08 -27.64 11.82
C GLU K 162 104.60 -28.17 13.16
N ALA K 163 105.23 -27.29 13.92
CA ALA K 163 105.90 -27.70 15.15
C ALA K 163 104.96 -28.30 16.17
N ASN K 164 103.68 -27.92 16.16
CA ASN K 164 102.74 -28.39 17.16
C ASN K 164 101.36 -28.58 16.53
N ALA K 165 100.61 -29.48 17.14
CA ALA K 165 99.18 -29.61 16.92
C ALA K 165 98.54 -29.86 18.28
N THR K 166 97.64 -28.98 18.69
CA THR K 166 97.12 -28.96 20.05
C THR K 166 95.63 -29.20 20.05
N PHE K 167 95.17 -29.94 21.05
CA PHE K 167 93.77 -30.34 21.20
C PHE K 167 93.31 -30.00 22.61
N SER K 168 92.04 -29.61 22.73
CA SER K 168 91.49 -29.23 24.02
C SER K 168 90.03 -29.65 24.10
N VAL K 169 89.55 -29.84 25.33
CA VAL K 169 88.15 -30.04 25.63
C VAL K 169 87.76 -29.01 26.69
N GLU K 170 86.66 -28.31 26.45
CA GLU K 170 86.24 -27.21 27.33
C GLU K 170 84.82 -27.48 27.80
N HIS K 171 84.50 -26.99 28.99
CA HIS K 171 83.28 -27.36 29.71
C HIS K 171 82.39 -26.16 29.93
N ASP K 172 81.09 -26.43 30.11
CA ASP K 172 80.14 -25.42 30.51
C ASP K 172 80.37 -25.08 31.99
N GLU K 173 80.31 -23.79 32.31
CA GLU K 173 80.62 -23.34 33.67
C GLU K 173 79.48 -23.61 34.64
N GLU K 174 78.24 -23.69 34.16
CA GLU K 174 77.08 -23.86 35.03
C GLU K 174 76.59 -25.31 35.13
N THR K 175 77.19 -26.23 34.37
CA THR K 175 76.84 -27.64 34.45
C THR K 175 78.03 -28.58 34.49
N GLN K 176 79.24 -28.10 34.22
CA GLN K 176 80.46 -28.91 34.11
C GLN K 176 80.41 -29.88 32.93
N LYS K 177 79.43 -29.74 32.04
CA LYS K 177 79.36 -30.56 30.84
C LYS K 177 80.31 -30.01 29.78
N ALA K 178 80.77 -30.90 28.91
CA ALA K 178 81.61 -30.52 27.78
C ALA K 178 80.80 -29.66 26.82
N SER K 179 81.40 -28.55 26.39
CA SER K 179 80.71 -27.59 25.52
C SER K 179 81.43 -27.45 24.19
N ARG K 180 82.76 -27.49 24.20
CA ARG K 180 83.54 -27.39 22.97
C ARG K 180 84.85 -28.15 23.12
N LEU K 181 85.26 -28.77 22.02
CA LEU K 181 86.58 -29.36 21.89
C LEU K 181 87.14 -28.99 20.53
N VAL K 182 88.42 -28.65 20.50
CA VAL K 182 89.03 -28.00 19.35
C VAL K 182 90.26 -28.79 18.90
N LEU K 183 90.52 -28.75 17.60
CA LEU K 183 91.79 -29.18 17.03
C LEU K 183 92.50 -27.96 16.46
N LYS K 184 93.81 -27.88 16.72
CA LYS K 184 94.62 -26.75 16.28
C LYS K 184 95.91 -27.27 15.67
N VAL K 185 96.42 -26.52 14.70
CA VAL K 185 97.66 -26.84 14.00
C VAL K 185 98.64 -25.70 14.23
N GLY K 186 99.72 -25.98 14.94
CA GLY K 186 100.72 -24.96 15.19
C GLY K 186 100.10 -23.78 15.92
N ASP K 187 100.24 -22.60 15.33
CA ASP K 187 99.67 -21.38 15.89
C ASP K 187 98.29 -21.06 15.33
N GLN K 188 97.74 -21.92 14.48
CA GLN K 188 96.46 -21.67 13.83
C GLN K 188 95.47 -22.80 14.15
N GLU K 189 94.19 -22.48 14.02
CA GLU K 189 93.11 -23.42 14.30
C GLU K 189 92.59 -24.00 12.99
N VAL K 190 92.25 -25.30 13.03
CA VAL K 190 91.78 -26.01 11.85
C VAL K 190 90.30 -26.36 11.95
N LYS K 191 89.87 -26.87 13.10
CA LYS K 191 88.49 -27.32 13.24
C LYS K 191 88.12 -27.35 14.72
N SER K 192 86.81 -27.32 14.97
CA SER K 192 86.27 -27.47 16.31
C SER K 192 84.86 -28.01 16.21
N TYR K 193 84.42 -28.69 17.26
CA TYR K 193 83.08 -29.27 17.35
C TYR K 193 82.38 -28.67 18.56
N ASP K 194 81.26 -28.00 18.33
CA ASP K 194 80.52 -27.30 19.36
C ASP K 194 79.38 -28.20 19.83
N LEU K 195 79.38 -28.54 21.12
CA LEU K 195 78.44 -29.52 21.67
C LEU K 195 77.08 -28.85 21.85
N THR K 196 76.34 -28.78 20.75
CA THR K 196 74.97 -28.29 20.74
C THR K 196 74.11 -29.20 19.86
N GLY K 197 74.28 -30.51 20.04
CA GLY K 197 73.58 -31.47 19.21
C GLY K 197 74.30 -31.71 17.90
N GLY K 198 73.62 -32.42 17.02
CA GLY K 198 74.21 -32.74 15.74
C GLY K 198 75.22 -33.88 15.84
N ALA K 199 76.05 -33.98 14.81
CA ALA K 199 77.08 -35.02 14.77
C ALA K 199 78.15 -34.82 15.84
N TYR K 200 78.21 -33.62 16.43
CA TYR K 200 79.21 -33.34 17.44
C TYR K 200 79.00 -34.16 18.73
N ASP K 201 77.79 -34.70 18.93
CA ASP K 201 77.54 -35.50 20.12
C ASP K 201 78.26 -36.85 20.05
N TYR K 202 78.34 -37.44 18.86
CA TYR K 202 78.74 -38.83 18.71
C TYR K 202 80.25 -38.91 18.41
N THR K 203 80.96 -39.68 19.22
CA THR K 203 82.38 -39.94 18.93
C THR K 203 82.55 -40.72 17.63
N ASN K 204 81.56 -41.56 17.29
CA ASN K 204 81.61 -42.29 16.03
C ASN K 204 81.70 -41.32 14.85
N ALA K 205 80.85 -40.29 14.85
CA ALA K 205 80.92 -39.28 13.79
C ALA K 205 82.19 -38.47 13.89
N ILE K 206 82.65 -38.18 15.10
CA ILE K 206 83.88 -37.40 15.27
C ILE K 206 85.07 -38.18 14.72
N ILE K 207 85.08 -39.50 14.87
CA ILE K 207 86.13 -40.32 14.27
C ILE K 207 86.14 -40.13 12.77
N THR K 208 84.95 -40.16 12.15
CA THR K 208 84.86 -39.95 10.71
C THR K 208 85.28 -38.54 10.34
N ASP K 209 84.79 -37.54 11.08
CA ASP K 209 85.09 -36.15 10.75
C ASP K 209 86.58 -35.86 10.89
N ILE K 210 87.20 -36.35 11.97
CA ILE K 210 88.62 -36.14 12.18
C ILE K 210 89.43 -36.86 11.12
N ASN K 211 89.03 -38.09 10.77
CA ASN K 211 89.72 -38.83 9.72
C ASN K 211 89.64 -38.09 8.39
N GLN K 212 88.54 -37.39 8.13
CA GLN K 212 88.41 -36.64 6.89
C GLN K 212 89.43 -35.52 6.77
N LEU K 213 89.94 -35.02 7.89
CA LEU K 213 90.99 -34.01 7.84
C LEU K 213 92.26 -34.63 7.27
N PRO K 214 92.91 -34.00 6.28
CA PRO K 214 94.07 -34.67 5.65
C PRO K 214 95.23 -34.89 6.60
N ASP K 215 95.40 -34.03 7.62
CA ASP K 215 96.56 -34.08 8.49
C ASP K 215 96.32 -34.81 9.81
N PHE K 216 95.08 -35.23 10.08
CA PHE K 216 94.74 -35.85 11.35
C PHE K 216 94.25 -37.28 11.14
N GLU K 217 94.52 -38.13 12.13
CA GLU K 217 94.12 -39.52 12.15
C GLU K 217 93.30 -39.80 13.39
N ALA K 218 92.28 -40.64 13.25
CA ALA K 218 91.46 -41.06 14.38
C ALA K 218 91.35 -42.58 14.36
N LYS K 219 91.69 -43.21 15.48
CA LYS K 219 91.71 -44.66 15.58
C LYS K 219 91.11 -45.08 16.92
N LEU K 220 90.48 -46.26 16.94
CA LEU K 220 89.69 -46.71 18.08
C LEU K 220 90.51 -47.64 18.96
N SER K 221 90.06 -47.78 20.21
CA SER K 221 90.74 -48.66 21.16
C SER K 221 90.52 -50.12 20.78
N PRO K 222 91.41 -51.03 21.19
CA PRO K 222 91.24 -52.44 20.84
C PRO K 222 90.27 -53.21 21.74
N PHE K 223 89.97 -52.71 22.93
CA PHE K 223 89.17 -53.43 23.91
C PHE K 223 87.70 -53.10 23.71
N GLY K 224 87.07 -53.80 22.78
CA GLY K 224 85.65 -53.68 22.57
C GLY K 224 85.23 -52.27 22.17
N ASP K 225 83.91 -52.05 22.23
CA ASP K 225 83.37 -50.74 21.92
C ASP K 225 83.76 -49.72 22.98
N LYS K 226 84.04 -48.49 22.53
CA LYS K 226 84.32 -47.38 23.42
C LYS K 226 83.51 -46.14 23.06
N ASN K 227 82.47 -46.29 22.24
CA ASN K 227 81.66 -45.15 21.85
C ASN K 227 81.04 -44.48 23.07
N LEU K 228 81.11 -43.16 23.11
CA LEU K 228 80.51 -42.37 24.17
C LEU K 228 80.15 -41.00 23.61
N GLU K 229 79.12 -40.40 24.19
CA GLU K 229 78.74 -39.05 23.79
C GLU K 229 79.85 -38.08 24.16
N SER K 230 80.08 -37.10 23.27
CA SER K 230 81.13 -36.13 23.52
C SER K 230 80.85 -35.29 24.76
N SER K 231 79.60 -35.28 25.24
CA SER K 231 79.25 -34.49 26.40
C SER K 231 80.01 -34.95 27.65
N LYS K 232 80.29 -36.25 27.76
CA LYS K 232 80.90 -36.80 28.96
C LYS K 232 82.42 -36.63 28.99
N LEU K 233 83.02 -36.08 27.95
CA LEU K 233 84.47 -36.04 27.86
C LEU K 233 85.07 -35.14 28.93
N ASP K 234 86.20 -35.59 29.49
CA ASP K 234 86.89 -34.81 30.50
C ASP K 234 87.53 -33.57 29.87
N LYS K 235 87.69 -32.53 30.67
CA LYS K 235 88.32 -31.31 30.20
C LYS K 235 89.80 -31.56 29.95
N ILE K 236 90.28 -31.19 28.77
CA ILE K 236 91.65 -31.37 28.35
C ILE K 236 92.12 -30.08 27.71
N GLU K 237 93.40 -29.74 27.89
CA GLU K 237 93.95 -28.49 27.40
C GLU K 237 95.29 -28.74 26.74
N ASN K 238 95.44 -28.25 25.51
CA ASN K 238 96.72 -28.26 24.79
C ASN K 238 97.31 -29.67 24.71
N ALA K 239 96.47 -30.65 24.39
CA ALA K 239 96.97 -32.01 24.20
C ALA K 239 97.79 -32.08 22.92
N ASN K 240 99.08 -32.38 23.05
CA ASN K 240 99.99 -32.38 21.90
C ASN K 240 99.70 -33.58 21.02
N ILE K 241 99.36 -33.31 19.75
CA ILE K 241 98.89 -34.34 18.84
C ILE K 241 99.98 -34.87 17.92
N LYS K 242 101.02 -34.08 17.64
CA LYS K 242 101.98 -34.44 16.60
C LYS K 242 102.89 -35.58 17.05
N ASP K 243 103.66 -35.36 18.11
CA ASP K 243 104.67 -36.34 18.52
C ASP K 243 104.03 -37.66 18.96
N LYS K 244 102.94 -37.61 19.71
CA LYS K 244 102.26 -38.81 20.18
C LYS K 244 100.76 -38.64 20.05
N ALA K 245 100.07 -39.77 19.94
CA ALA K 245 98.61 -39.75 19.89
C ALA K 245 98.05 -39.24 21.22
N VAL K 246 96.93 -38.52 21.13
CA VAL K 246 96.29 -37.92 22.30
C VAL K 246 95.11 -38.79 22.71
N TYR K 247 95.03 -39.11 24.00
CA TYR K 247 93.97 -39.94 24.54
C TYR K 247 92.81 -39.07 24.98
N VAL K 248 91.61 -39.42 24.51
CA VAL K 248 90.38 -38.75 24.91
C VAL K 248 89.83 -39.47 26.13
N LYS K 249 89.53 -38.72 27.19
CA LYS K 249 89.21 -39.28 28.50
C LYS K 249 87.80 -38.93 28.93
N ALA K 250 87.08 -39.95 29.40
CA ALA K 250 85.85 -39.79 30.18
C ALA K 250 85.84 -40.95 31.17
N VAL K 251 86.40 -40.70 32.35
CA VAL K 251 86.54 -41.76 33.35
C VAL K 251 85.17 -42.14 33.91
N PHE K 252 84.34 -41.14 34.19
CA PHE K 252 83.02 -41.42 34.74
C PHE K 252 82.13 -42.12 33.72
N GLY K 253 82.11 -41.62 32.49
CA GLY K 253 81.21 -42.18 31.49
C GLY K 253 81.55 -43.62 31.14
N ASP K 254 82.82 -43.90 30.89
CA ASP K 254 83.22 -45.26 30.52
C ASP K 254 83.09 -46.22 31.69
N LEU K 255 83.37 -45.74 32.92
CA LEU K 255 83.24 -46.59 34.09
C LEU K 255 81.79 -47.04 34.26
N GLU K 256 80.85 -46.14 34.06
CA GLU K 256 79.44 -46.47 34.28
C GLU K 256 78.97 -47.53 33.28
N LYS K 257 79.41 -47.42 32.02
CA LYS K 257 79.00 -48.39 31.02
C LYS K 257 79.56 -49.77 31.32
N GLN K 258 80.87 -49.84 31.57
CA GLN K 258 81.51 -51.13 31.81
C GLN K 258 80.99 -51.79 33.08
N THR K 259 80.76 -50.99 34.13
CA THR K 259 80.17 -51.48 35.36
C THR K 259 78.65 -51.48 35.32
N ALA K 260 78.06 -51.39 34.13
CA ALA K 260 76.61 -51.46 34.02
C ALA K 260 76.09 -52.76 34.60
N TYR K 261 74.79 -52.80 34.88
CA TYR K 261 74.19 -53.86 35.69
C TYR K 261 74.93 -53.83 37.02
N ASN K 262 75.39 -54.97 37.55
CA ASN K 262 76.15 -54.98 38.80
C ASN K 262 75.42 -54.21 39.89
N GLY K 263 74.13 -54.51 40.05
CA GLY K 263 73.30 -53.77 40.99
C GLY K 263 73.79 -53.82 42.42
N ILE K 264 74.70 -54.75 42.72
CA ILE K 264 75.33 -54.79 44.04
C ILE K 264 76.06 -53.48 44.33
N VAL K 265 76.50 -52.78 43.28
CA VAL K 265 77.24 -51.53 43.41
C VAL K 265 76.63 -50.51 42.45
N SER K 266 76.43 -49.28 42.94
CA SER K 266 75.98 -48.16 42.14
C SER K 266 76.87 -46.96 42.42
N PHE K 267 77.00 -46.08 41.44
CA PHE K 267 77.98 -45.01 41.48
C PHE K 267 77.32 -43.65 41.41
N GLU K 268 77.81 -42.72 42.23
CA GLU K 268 77.48 -41.31 42.15
C GLU K 268 78.78 -40.52 42.20
N GLN K 269 78.83 -39.44 41.41
CA GLN K 269 80.02 -38.62 41.31
C GLN K 269 79.96 -37.52 42.37
N LEU K 270 81.05 -37.35 43.11
CA LEU K 270 81.06 -36.45 44.26
C LEU K 270 81.15 -35.00 43.80
N ASN K 271 80.26 -34.17 44.31
CA ASN K 271 80.35 -32.72 44.14
C ASN K 271 81.29 -32.17 45.21
N ALA K 272 82.44 -31.66 44.78
CA ALA K 272 83.45 -31.21 45.73
C ALA K 272 82.90 -30.13 46.65
N GLU K 273 83.16 -30.27 47.94
CA GLU K 273 82.71 -29.31 48.94
C GLU K 273 83.32 -27.93 48.68
N THR K 294 78.99 -23.14 42.65
CA THR K 294 79.12 -24.42 41.98
C THR K 294 80.03 -25.36 42.77
N SER K 295 79.51 -26.54 43.10
CA SER K 295 80.30 -27.60 43.70
C SER K 295 80.89 -28.43 42.57
N PRO K 296 82.16 -28.23 42.21
CA PRO K 296 82.67 -28.83 40.97
C PRO K 296 82.77 -30.34 41.05
N ILE K 297 82.71 -30.98 39.89
CA ILE K 297 82.91 -32.42 39.78
C ILE K 297 84.37 -32.71 40.14
N LYS K 298 84.58 -33.36 41.29
CA LYS K 298 85.93 -33.66 41.72
C LYS K 298 86.56 -34.70 40.81
N THR K 299 87.88 -34.58 40.65
CA THR K 299 88.61 -35.54 39.84
C THR K 299 88.55 -36.92 40.47
N ILE K 300 88.41 -37.95 39.62
CA ILE K 300 88.40 -39.31 40.11
C ILE K 300 89.82 -39.75 40.40
N GLU K 301 90.01 -40.44 41.53
CA GLU K 301 91.31 -40.91 41.95
C GLU K 301 91.27 -42.41 42.24
N PRO K 302 92.36 -43.14 42.01
CA PRO K 302 92.39 -44.53 42.45
C PRO K 302 92.46 -44.62 43.97
N PHE K 303 91.92 -45.72 44.50
CA PHE K 303 91.91 -45.95 45.93
C PHE K 303 91.82 -47.44 46.19
N GLU K 304 92.37 -47.88 47.31
CA GLU K 304 92.43 -49.30 47.61
C GLU K 304 91.05 -49.83 47.94
N LEU K 305 90.90 -51.16 47.83
CA LEU K 305 89.61 -51.80 48.07
C LEU K 305 89.10 -51.49 49.47
N THR K 306 87.84 -51.08 49.56
CA THR K 306 87.26 -50.55 50.79
C THR K 306 85.94 -51.25 51.08
N LYS K 307 85.78 -51.70 52.32
CA LYS K 307 84.50 -52.25 52.75
C LYS K 307 83.50 -51.11 52.91
N LEU K 308 82.30 -51.31 52.34
CA LEU K 308 81.25 -50.30 52.47
C LEU K 308 80.75 -50.24 53.91
N LYS K 309 80.11 -49.13 54.25
CA LYS K 309 79.63 -48.89 55.59
C LYS K 309 78.25 -48.24 55.54
N GLY K 310 77.51 -48.37 56.63
CA GLY K 310 76.17 -47.86 56.72
C GLY K 310 75.08 -48.85 56.36
N GLY K 311 75.43 -50.00 55.80
CA GLY K 311 74.45 -51.03 55.53
C GLY K 311 73.86 -51.54 56.83
N THR K 312 72.56 -51.35 57.03
CA THR K 312 71.93 -51.66 58.30
C THR K 312 70.51 -52.15 58.08
N ASN K 313 70.00 -52.85 59.09
CA ASN K 313 68.62 -53.28 59.14
C ASN K 313 67.95 -52.57 60.31
N GLY K 314 66.88 -51.83 60.02
CA GLY K 314 66.22 -51.05 61.04
C GLY K 314 65.36 -51.89 61.96
N GLU K 315 64.77 -51.21 62.93
CA GLU K 315 63.86 -51.87 63.85
C GLU K 315 62.43 -51.84 63.30
N PRO K 316 61.58 -52.79 63.68
CA PRO K 316 60.18 -52.74 63.26
C PRO K 316 59.39 -51.81 64.16
N PRO K 317 58.59 -50.90 63.60
CA PRO K 317 57.81 -49.99 64.45
C PRO K 317 56.68 -50.72 65.16
N ALA K 318 56.19 -50.08 66.22
CA ALA K 318 55.08 -50.66 66.99
C ALA K 318 53.83 -50.81 66.13
N THR K 319 53.70 -49.98 65.10
CA THR K 319 52.52 -49.96 64.24
C THR K 319 52.95 -50.27 62.81
N TRP K 320 52.39 -51.32 62.23
CA TRP K 320 52.65 -51.70 60.85
C TRP K 320 51.54 -51.23 59.92
N ALA K 321 50.60 -50.41 60.42
CA ALA K 321 49.42 -50.04 59.65
C ALA K 321 49.80 -49.41 58.32
N ASP K 322 50.85 -48.58 58.32
CA ASP K 322 51.32 -47.99 57.07
C ASP K 322 51.81 -49.07 56.12
N LYS K 323 52.48 -50.10 56.66
CA LYS K 323 52.93 -51.21 55.82
C LYS K 323 51.73 -51.95 55.24
N LEU K 324 50.70 -52.18 56.05
CA LEU K 324 49.57 -52.97 55.61
C LEU K 324 48.79 -52.26 54.51
N ASP K 325 48.73 -50.93 54.57
CA ASP K 325 47.91 -50.18 53.62
C ASP K 325 48.40 -50.37 52.19
N LYS K 326 49.67 -50.75 52.02
CA LYS K 326 50.20 -50.93 50.67
C LYS K 326 49.51 -52.10 49.98
N PHE K 327 49.12 -53.13 50.74
CA PHE K 327 48.46 -54.27 50.13
C PHE K 327 47.04 -53.96 49.67
N ALA K 328 46.49 -52.82 50.08
CA ALA K 328 45.13 -52.46 49.68
C ALA K 328 45.08 -52.18 48.18
N HIS K 329 43.96 -52.56 47.57
CA HIS K 329 43.74 -52.39 46.14
C HIS K 329 44.72 -53.21 45.31
N GLU K 330 45.17 -54.35 45.82
CA GLU K 330 46.12 -55.21 45.13
C GLU K 330 45.60 -56.62 44.92
N GLY K 331 44.32 -56.87 45.21
CA GLY K 331 43.73 -58.15 44.90
C GLY K 331 44.24 -59.31 45.71
N GLY K 332 44.74 -59.07 46.92
CA GLY K 332 45.23 -60.13 47.76
C GLY K 332 44.11 -60.85 48.50
N TYR K 333 44.47 -62.01 49.05
CA TYR K 333 43.55 -62.78 49.88
C TYR K 333 44.37 -63.68 50.80
N TYR K 334 43.79 -64.01 51.95
CA TYR K 334 44.41 -64.84 52.97
C TYR K 334 45.77 -64.27 53.39
N ILE K 335 45.74 -63.08 53.96
CA ILE K 335 46.98 -62.46 54.45
C ILE K 335 47.45 -63.20 55.69
N VAL K 336 48.75 -63.18 55.91
CA VAL K 336 49.35 -63.83 57.08
C VAL K 336 50.49 -62.95 57.60
N PRO K 337 50.33 -62.28 58.75
CA PRO K 337 51.45 -61.52 59.31
C PRO K 337 52.37 -62.43 60.12
N LEU K 338 53.67 -62.32 59.86
CA LEU K 338 54.66 -63.18 60.51
C LEU K 338 55.13 -62.57 61.83
N SER K 339 54.26 -62.66 62.83
CA SER K 339 54.56 -62.15 64.15
C SER K 339 53.53 -62.68 65.14
N SER K 340 53.94 -62.75 66.41
CA SER K 340 53.08 -63.30 67.46
C SER K 340 52.46 -62.21 68.32
N LYS K 341 53.15 -61.08 68.45
CA LYS K 341 52.74 -60.06 69.41
C LYS K 341 51.36 -59.51 69.09
N GLN K 342 50.60 -59.19 70.14
CA GLN K 342 49.19 -58.83 69.99
C GLN K 342 49.01 -57.57 69.17
N SER K 343 49.96 -56.64 69.24
CA SER K 343 49.80 -55.34 68.59
C SER K 343 49.58 -55.50 67.10
N VAL K 344 50.34 -56.38 66.45
CA VAL K 344 50.20 -56.59 65.02
C VAL K 344 48.83 -57.18 64.71
N HIS K 345 48.40 -58.18 65.49
CA HIS K 345 47.13 -58.84 65.22
C HIS K 345 45.97 -57.87 65.34
N ALA K 346 46.09 -56.88 66.24
CA ALA K 346 45.04 -55.89 66.38
C ALA K 346 44.92 -55.04 65.12
N GLU K 347 46.07 -54.66 64.54
CA GLU K 347 46.05 -53.80 63.36
C GLU K 347 45.38 -54.49 62.18
N VAL K 348 45.80 -55.73 61.89
CA VAL K 348 45.30 -56.42 60.71
C VAL K 348 43.81 -56.65 60.81
N ALA K 349 43.32 -56.96 62.02
CA ALA K 349 41.90 -57.21 62.19
C ALA K 349 41.08 -56.00 61.82
N SER K 350 41.55 -54.81 62.20
CA SER K 350 40.88 -53.58 61.78
C SER K 350 41.05 -53.35 60.29
N PHE K 351 42.22 -53.70 59.76
CA PHE K 351 42.52 -53.46 58.36
C PHE K 351 41.60 -54.26 57.44
N VAL K 352 41.49 -55.57 57.69
CA VAL K 352 40.67 -56.43 56.85
C VAL K 352 39.21 -55.98 56.90
N LYS K 353 38.76 -55.51 58.05
CA LYS K 353 37.40 -55.00 58.17
C LYS K 353 37.14 -53.90 57.15
N GLU K 354 38.06 -52.96 57.03
CA GLU K 354 37.89 -51.88 56.06
C GLU K 354 37.96 -52.41 54.63
N ARG K 355 38.79 -53.43 54.40
CA ARG K 355 38.87 -54.03 53.07
C ARG K 355 37.53 -54.64 52.68
N SER K 356 36.86 -55.30 53.62
CA SER K 356 35.52 -55.83 53.34
C SER K 356 34.54 -54.71 53.04
N ASP K 357 34.66 -53.59 53.75
CA ASP K 357 33.78 -52.45 53.49
C ASP K 357 34.02 -51.87 52.10
N ALA K 358 35.28 -51.86 51.65
CA ALA K 358 35.65 -51.18 50.42
C ALA K 358 35.51 -52.06 49.19
N GLY K 359 34.71 -53.13 49.27
CA GLY K 359 34.43 -54.01 48.15
C GLY K 359 35.61 -54.85 47.71
N GLU K 360 36.63 -54.98 48.55
CA GLU K 360 37.78 -55.85 48.28
C GLU K 360 38.03 -56.75 49.49
N PRO K 361 37.15 -57.71 49.74
CA PRO K 361 37.18 -58.42 51.02
C PRO K 361 38.48 -59.17 51.25
N MET K 362 38.87 -59.24 52.52
CA MET K 362 40.10 -59.89 52.94
C MET K 362 39.81 -60.88 54.06
N ARG K 363 40.67 -61.88 54.16
CA ARG K 363 40.64 -62.83 55.26
C ARG K 363 42.08 -63.05 55.70
N ALA K 364 42.25 -63.40 56.98
CA ALA K 364 43.58 -63.49 57.56
C ALA K 364 43.70 -64.74 58.43
N ILE K 365 44.92 -65.23 58.56
CA ILE K 365 45.24 -66.38 59.39
C ILE K 365 46.43 -66.00 60.27
N VAL K 366 46.34 -66.32 61.55
CA VAL K 366 47.27 -65.80 62.55
C VAL K 366 47.72 -66.91 63.49
N GLY K 367 48.83 -66.66 64.17
CA GLY K 367 49.36 -67.58 65.16
C GLY K 367 49.98 -66.82 66.30
N GLY K 368 50.05 -67.50 67.45
CA GLY K 368 50.49 -66.89 68.68
C GLY K 368 51.88 -67.23 69.16
N GLY K 369 52.72 -67.83 68.32
CA GLY K 369 54.08 -68.15 68.71
C GLY K 369 54.26 -69.60 69.12
N PHE K 370 55.24 -69.84 69.99
CA PHE K 370 55.46 -71.16 70.58
C PHE K 370 54.58 -71.33 71.82
N ASN K 371 53.27 -71.13 71.64
CA ASN K 371 52.37 -71.11 72.77
C ASN K 371 52.36 -72.45 73.50
N GLU K 372 52.12 -73.54 72.76
CA GLU K 372 52.10 -74.89 73.31
C GLU K 372 51.19 -75.01 74.53
N SER K 373 50.16 -74.17 74.61
CA SER K 373 49.23 -74.19 75.73
C SER K 373 47.89 -73.65 75.26
N LYS K 374 46.85 -73.97 76.02
CA LYS K 374 45.48 -73.64 75.60
C LYS K 374 44.97 -72.36 76.25
N GLU K 375 45.34 -72.13 77.51
CA GLU K 375 44.74 -71.02 78.26
C GLU K 375 45.10 -69.68 77.62
N GLN K 376 46.33 -69.53 77.14
CA GLN K 376 46.73 -68.30 76.47
C GLN K 376 45.87 -68.07 75.23
N LEU K 377 45.51 -69.14 74.54
CA LEU K 377 44.70 -69.02 73.33
C LEU K 377 43.32 -68.49 73.65
N PHE K 378 42.74 -68.93 74.78
CA PHE K 378 41.43 -68.44 75.17
C PHE K 378 41.47 -66.93 75.39
N GLY K 379 42.53 -66.44 76.03
CA GLY K 379 42.69 -65.01 76.17
C GLY K 379 42.85 -64.32 74.84
N ARG K 380 43.63 -64.91 73.94
CA ARG K 380 43.78 -64.36 72.60
C ARG K 380 42.46 -64.39 71.84
N GLN K 381 41.76 -65.54 71.89
CA GLN K 381 40.47 -65.63 71.23
C GLN K 381 39.46 -64.66 71.82
N ALA K 382 39.57 -64.37 73.11
CA ALA K 382 38.73 -63.34 73.70
C ALA K 382 39.02 -61.98 73.08
N SER K 383 40.29 -61.70 72.81
CA SER K 383 40.66 -60.43 72.21
C SER K 383 40.13 -60.32 70.79
N LEU K 384 40.27 -61.40 70.01
CA LEU K 384 39.94 -61.41 68.59
C LEU K 384 38.73 -62.30 68.36
N SER K 385 37.65 -61.71 67.84
CA SER K 385 36.47 -62.48 67.45
C SER K 385 35.90 -62.00 66.12
N ASN K 386 36.68 -61.27 65.34
CA ASN K 386 36.24 -60.85 64.02
C ASN K 386 36.03 -62.08 63.14
N PRO K 387 34.91 -62.20 62.43
CA PRO K 387 34.76 -63.37 61.54
C PRO K 387 35.83 -63.45 60.47
N ARG K 388 36.46 -62.34 60.10
CA ARG K 388 37.39 -62.29 58.98
C ARG K 388 38.76 -62.86 59.31
N VAL K 389 39.02 -63.21 60.57
CA VAL K 389 40.32 -63.74 60.98
C VAL K 389 40.12 -65.11 61.59
N SER K 390 41.11 -65.98 61.41
CA SER K 390 41.09 -67.34 61.94
C SER K 390 42.41 -67.59 62.65
N LEU K 391 42.35 -68.32 63.77
CA LEU K 391 43.50 -68.59 64.61
C LEU K 391 43.80 -70.08 64.62
N VAL K 392 45.09 -70.41 64.63
CA VAL K 392 45.55 -71.79 64.73
C VAL K 392 46.39 -71.92 66.00
N ALA K 393 46.31 -73.08 66.65
CA ALA K 393 46.90 -73.26 67.96
C ALA K 393 48.24 -73.98 67.91
N ASN K 394 48.37 -74.98 67.04
CA ASN K 394 49.48 -75.90 67.10
C ASN K 394 50.77 -75.26 66.58
N SER K 395 51.89 -75.80 67.05
CA SER K 395 53.21 -75.51 66.52
C SER K 395 53.95 -76.82 66.32
N GLY K 396 54.85 -76.86 65.34
CA GLY K 396 55.49 -78.11 64.96
C GLY K 396 56.75 -77.87 64.18
N THR K 397 57.37 -78.96 63.75
CA THR K 397 58.61 -78.93 62.99
C THR K 397 58.33 -79.34 61.54
N PHE K 398 58.93 -78.63 60.60
CA PHE K 398 58.90 -78.97 59.20
C PHE K 398 60.30 -79.25 58.70
N VAL K 399 60.40 -80.15 57.73
CA VAL K 399 61.67 -80.48 57.09
C VAL K 399 61.75 -79.70 55.79
N MET K 400 62.79 -78.88 55.65
CA MET K 400 62.97 -78.09 54.45
C MET K 400 63.57 -78.95 53.34
N ASP K 401 63.76 -78.34 52.17
CA ASP K 401 64.49 -79.01 51.10
C ASP K 401 65.92 -79.28 51.52
N ASP K 402 66.53 -78.34 52.24
CA ASP K 402 67.88 -78.54 52.76
C ASP K 402 67.91 -79.62 53.84
N GLY K 403 66.77 -79.92 54.46
CA GLY K 403 66.70 -80.93 55.49
C GLY K 403 66.82 -80.41 56.91
N ARG K 404 66.89 -79.10 57.09
CA ARG K 404 66.95 -78.54 58.44
C ARG K 404 65.67 -78.84 59.20
N LYS K 405 65.82 -79.25 60.46
CA LYS K 405 64.67 -79.51 61.34
C LYS K 405 64.15 -78.16 61.81
N ASN K 406 63.35 -77.54 60.95
CA ASN K 406 62.85 -76.19 61.19
C ASN K 406 61.73 -76.24 62.23
N HIS K 407 62.08 -76.01 63.48
CA HIS K 407 61.11 -75.90 64.57
C HIS K 407 60.62 -74.46 64.62
N VAL K 408 59.31 -74.28 64.46
CA VAL K 408 58.75 -72.94 64.19
C VAL K 408 57.55 -72.70 65.08
N PRO K 409 57.21 -71.44 65.30
CA PRO K 409 56.03 -71.11 66.10
C PRO K 409 54.74 -71.44 65.37
N ALA K 410 53.62 -71.11 66.01
CA ALA K 410 52.32 -71.37 65.42
C ALA K 410 52.09 -70.59 64.14
N TYR K 411 52.49 -69.31 64.13
CA TYR K 411 52.16 -68.46 62.98
C TYR K 411 52.89 -68.87 61.71
N MET K 412 53.89 -69.76 61.81
CA MET K 412 54.43 -70.37 60.61
C MET K 412 53.56 -71.52 60.13
N VAL K 413 52.94 -72.25 61.06
CA VAL K 413 51.99 -73.29 60.67
C VAL K 413 50.79 -72.66 59.96
N ALA K 414 50.38 -71.48 60.42
CA ALA K 414 49.27 -70.78 59.77
C ALA K 414 49.56 -70.55 58.29
N VAL K 415 50.83 -70.31 57.95
CA VAL K 415 51.20 -70.10 56.55
C VAL K 415 50.90 -71.34 55.73
N ALA K 416 51.23 -72.51 56.28
CA ALA K 416 50.94 -73.76 55.58
C ALA K 416 49.44 -73.89 55.32
N LEU K 417 48.62 -73.55 56.31
CA LEU K 417 47.18 -73.54 56.10
C LEU K 417 46.79 -72.52 55.06
N GLY K 418 47.37 -71.32 55.14
CA GLY K 418 47.07 -70.30 54.15
C GLY K 418 47.55 -70.68 52.77
N GLY K 419 48.74 -71.29 52.68
CA GLY K 419 49.23 -71.75 51.41
C GLY K 419 48.34 -72.81 50.80
N LEU K 420 47.82 -73.72 51.64
CA LEU K 420 46.87 -74.71 51.16
C LEU K 420 45.58 -74.04 50.69
N ALA K 421 45.08 -73.08 51.47
CA ALA K 421 43.78 -72.48 51.16
C ALA K 421 43.81 -71.71 49.85
N SER K 422 44.89 -70.98 49.58
CA SER K 422 45.00 -70.21 48.35
C SER K 422 45.06 -71.10 47.12
N GLY K 423 45.34 -72.38 47.28
CA GLY K 423 45.36 -73.31 46.17
C GLY K 423 44.06 -74.06 46.01
N LEU K 424 43.37 -74.28 47.12
CA LEU K 424 42.13 -75.04 47.07
C LEU K 424 41.06 -74.26 46.32
N GLU K 425 40.12 -75.00 45.74
CA GLU K 425 39.06 -74.39 44.95
C GLU K 425 38.14 -73.55 45.84
N ILE K 426 37.21 -72.84 45.18
CA ILE K 426 36.37 -71.88 45.89
C ILE K 426 35.43 -72.59 46.86
N GLY K 427 34.79 -73.65 46.40
CA GLY K 427 33.69 -74.25 47.13
C GLY K 427 34.04 -75.42 48.02
N GLU K 428 35.30 -75.56 48.43
CA GLU K 428 35.73 -76.66 49.27
C GLU K 428 36.53 -76.12 50.45
N SER K 429 36.47 -76.84 51.57
CA SER K 429 37.12 -76.40 52.79
C SER K 429 38.48 -77.06 52.97
N ILE K 430 39.26 -76.50 53.90
CA ILE K 430 40.53 -77.10 54.30
C ILE K 430 40.33 -78.26 55.27
N THR K 431 39.09 -78.57 55.65
CA THR K 431 38.83 -79.51 56.71
C THR K 431 39.33 -80.90 56.37
N PHE K 432 39.95 -81.55 57.35
CA PHE K 432 40.37 -82.95 57.32
C PHE K 432 41.44 -83.25 56.27
N LYS K 433 41.98 -82.24 55.62
CA LYS K 433 43.00 -82.51 54.62
C LYS K 433 44.37 -82.69 55.28
N PRO K 434 45.30 -83.39 54.61
CA PRO K 434 46.57 -83.71 55.27
C PRO K 434 47.49 -82.51 55.39
N LEU K 435 48.71 -82.75 55.87
CA LEU K 435 49.70 -81.69 55.99
C LEU K 435 51.09 -82.32 56.00
N ARG K 436 52.08 -81.52 55.59
CA ARG K 436 53.43 -82.03 55.44
C ARG K 436 54.14 -82.25 56.77
N VAL K 437 53.58 -81.71 57.87
CA VAL K 437 54.33 -81.57 59.11
C VAL K 437 54.87 -82.92 59.57
N SER K 438 56.15 -82.93 59.93
CA SER K 438 56.78 -84.16 60.42
C SER K 438 56.35 -84.48 61.84
N SER K 439 56.27 -83.48 62.71
CA SER K 439 55.91 -83.70 64.10
C SER K 439 55.35 -82.41 64.68
N LEU K 440 54.64 -82.56 65.79
CA LEU K 440 54.03 -81.44 66.49
C LEU K 440 54.47 -81.42 67.95
N ASP K 441 54.38 -80.25 68.56
CA ASP K 441 54.71 -80.12 69.97
C ASP K 441 53.60 -80.67 70.86
N GLN K 442 52.34 -80.54 70.43
CA GLN K 442 51.19 -80.87 71.27
C GLN K 442 50.22 -81.76 70.52
N ILE K 443 49.64 -82.71 71.25
CA ILE K 443 48.50 -83.50 70.79
C ILE K 443 47.47 -83.49 71.91
N TYR K 444 46.20 -83.33 71.54
CA TYR K 444 45.13 -83.05 72.48
C TYR K 444 44.16 -84.21 72.57
N GLU K 445 43.39 -84.23 73.65
CA GLU K 445 42.34 -85.22 73.83
C GLU K 445 41.11 -84.85 73.03
N SER K 446 40.17 -85.80 72.93
CA SER K 446 38.92 -85.54 72.23
C SER K 446 38.14 -84.41 72.90
N ILE K 447 38.06 -84.44 74.23
CA ILE K 447 37.36 -83.39 74.95
C ILE K 447 38.08 -82.06 74.77
N ASP K 448 39.40 -82.08 74.84
CA ASP K 448 40.17 -80.86 74.62
C ASP K 448 39.92 -80.30 73.23
N LEU K 449 39.88 -81.17 72.21
CA LEU K 449 39.58 -80.74 70.87
C LEU K 449 38.18 -80.16 70.78
N ASP K 450 37.21 -80.81 71.43
CA ASP K 450 35.84 -80.32 71.40
C ASP K 450 35.73 -78.93 72.02
N GLU K 451 36.32 -78.76 73.20
CA GLU K 451 36.31 -77.44 73.84
C GLU K 451 37.07 -76.43 72.99
N LEU K 452 38.24 -76.83 72.48
CA LEU K 452 39.03 -75.92 71.66
C LEU K 452 38.30 -75.56 70.38
N ASN K 453 37.69 -76.55 69.73
CA ASN K 453 36.98 -76.29 68.48
C ASN K 453 35.78 -75.38 68.71
N GLU K 454 34.99 -75.67 69.74
CA GLU K 454 33.81 -74.87 70.01
C GLU K 454 34.18 -73.44 70.35
N ASN K 455 35.34 -73.23 70.99
CA ASN K 455 35.81 -71.89 71.26
C ASN K 455 36.07 -71.08 69.99
N GLY K 456 36.26 -71.75 68.87
CA GLY K 456 36.51 -71.07 67.60
C GLY K 456 37.99 -70.97 67.28
N ILE K 457 38.71 -72.06 67.47
CA ILE K 457 40.15 -72.10 67.24
C ILE K 457 40.46 -73.34 66.41
N ILE K 458 41.36 -73.17 65.44
CA ILE K 458 41.76 -74.26 64.57
C ILE K 458 42.83 -75.09 65.28
N SER K 459 42.80 -76.41 65.04
CA SER K 459 43.75 -77.33 65.62
C SER K 459 44.17 -78.36 64.58
N ILE K 460 45.29 -79.02 64.85
CA ILE K 460 45.81 -80.09 64.01
C ILE K 460 45.87 -81.35 64.84
N GLU K 461 45.32 -82.43 64.30
CA GLU K 461 45.21 -83.71 64.99
C GLU K 461 46.10 -84.75 64.31
N PHE K 462 46.56 -85.71 65.11
CA PHE K 462 47.37 -86.82 64.61
C PHE K 462 46.50 -88.06 64.49
N VAL K 463 46.61 -88.74 63.36
CA VAL K 463 45.83 -89.95 63.07
C VAL K 463 46.80 -91.04 62.65
N ARG K 464 46.63 -92.23 63.23
CA ARG K 464 47.43 -93.38 62.84
C ARG K 464 46.54 -94.61 62.84
N ASN K 465 46.56 -95.35 61.73
CA ASN K 465 45.83 -96.61 61.64
C ASN K 465 46.49 -97.47 60.58
N ARG K 466 46.66 -98.75 60.90
CA ARG K 466 47.28 -99.71 59.98
C ARG K 466 48.69 -99.26 59.59
N THR K 467 49.38 -98.58 60.50
CA THR K 467 50.72 -98.05 60.23
C THR K 467 50.67 -97.04 59.07
N ASN K 468 49.84 -96.02 59.24
CA ASN K 468 49.69 -94.96 58.25
C ASN K 468 49.36 -93.68 59.00
N THR K 469 50.30 -92.73 59.01
CA THR K 469 50.25 -91.57 59.89
C THR K 469 50.11 -90.30 59.08
N PHE K 470 49.17 -89.44 59.48
CA PHE K 470 48.97 -88.13 58.89
C PHE K 470 48.78 -87.10 60.00
N PHE K 471 48.81 -85.83 59.58
CA PHE K 471 48.36 -84.71 60.40
C PHE K 471 47.29 -83.98 59.63
N ARG K 472 46.15 -83.73 60.27
CA ARG K 472 44.95 -83.28 59.60
C ARG K 472 44.43 -81.99 60.22
N ILE K 473 43.75 -81.19 59.39
CA ILE K 473 43.02 -80.02 59.87
C ILE K 473 41.67 -80.49 60.37
N VAL K 474 41.41 -80.28 61.66
CA VAL K 474 40.16 -80.76 62.24
C VAL K 474 38.97 -79.97 61.72
N ASP K 475 39.13 -78.66 61.55
CA ASP K 475 38.00 -77.81 61.20
C ASP K 475 38.50 -76.52 60.58
N ASP K 476 37.55 -75.70 60.14
CA ASP K 476 37.82 -74.41 59.51
C ASP K 476 37.14 -73.26 60.23
N VAL K 477 36.59 -73.48 61.42
CA VAL K 477 35.85 -72.44 62.11
C VAL K 477 36.76 -71.26 62.42
N THR K 478 36.17 -70.06 62.41
CA THR K 478 36.91 -68.84 62.65
C THR K 478 36.76 -68.40 64.11
N THR K 479 37.37 -67.26 64.43
CA THR K 479 37.33 -66.73 65.78
C THR K 479 35.93 -66.31 66.21
N PHE K 480 35.04 -66.01 65.25
CA PHE K 480 33.69 -65.61 65.60
C PHE K 480 32.98 -66.75 66.31
N ASN K 481 32.12 -66.39 67.27
CA ASN K 481 31.63 -67.39 68.22
C ASN K 481 30.32 -68.02 67.77
N ASP K 482 29.35 -67.21 67.33
CA ASP K 482 27.98 -67.68 67.16
C ASP K 482 27.91 -68.70 66.04
N LYS K 483 27.57 -69.93 66.39
CA LYS K 483 27.34 -70.97 65.38
C LYS K 483 26.07 -70.70 64.59
N SER K 484 25.20 -69.81 65.07
CA SER K 484 23.91 -69.58 64.42
C SER K 484 24.06 -68.90 63.06
N ASP K 485 25.25 -68.39 62.73
CA ASP K 485 25.49 -67.69 61.47
C ASP K 485 26.64 -68.39 60.75
N PRO K 486 26.34 -69.42 59.96
CA PRO K 486 27.42 -70.12 59.23
C PRO K 486 28.21 -69.20 58.32
N VAL K 487 27.56 -68.19 57.72
CA VAL K 487 28.27 -67.23 56.90
C VAL K 487 29.32 -66.48 57.70
N LYS K 488 29.13 -66.33 59.00
CA LYS K 488 30.10 -65.66 59.85
C LYS K 488 31.12 -66.65 60.42
N ALA K 489 30.65 -67.83 60.84
CA ALA K 489 31.49 -68.72 61.63
C ALA K 489 32.55 -69.41 60.80
N GLU K 490 32.19 -69.90 59.61
CA GLU K 490 33.02 -70.84 58.88
C GLU K 490 33.57 -70.22 57.60
N MET K 491 34.74 -70.70 57.18
CA MET K 491 35.43 -70.13 56.04
C MET K 491 34.73 -70.49 54.73
N ALA K 492 34.23 -71.72 54.62
CA ALA K 492 33.67 -72.19 53.35
C ALA K 492 32.51 -71.32 52.90
N VAL K 493 31.63 -70.94 53.82
CA VAL K 493 30.49 -70.09 53.45
C VAL K 493 30.98 -68.69 53.10
N GLY K 494 31.87 -68.14 53.93
CA GLY K 494 32.32 -66.77 53.70
C GLY K 494 33.13 -66.64 52.42
N GLU K 495 34.03 -67.59 52.18
CA GLU K 495 34.91 -67.51 51.01
C GLU K 495 34.09 -67.53 49.73
N ALA K 496 33.19 -68.50 49.61
CA ALA K 496 32.35 -68.60 48.41
C ALA K 496 31.43 -67.39 48.30
N ASN K 497 30.89 -66.94 49.44
CA ASN K 497 29.99 -65.79 49.43
C ASN K 497 30.73 -64.53 48.95
N ASP K 498 31.98 -64.38 49.38
CA ASP K 498 32.74 -63.18 49.03
C ASP K 498 32.92 -63.06 47.52
N PHE K 499 33.26 -64.18 46.86
CA PHE K 499 33.47 -64.13 45.42
C PHE K 499 32.15 -63.96 44.68
N LEU K 500 31.08 -64.58 45.18
CA LEU K 500 29.79 -64.50 44.52
C LEU K 500 29.31 -63.05 44.42
N VAL K 501 29.35 -62.33 45.53
CA VAL K 501 28.88 -60.94 45.52
C VAL K 501 29.76 -60.08 44.63
N SER K 502 31.08 -60.35 44.61
CA SER K 502 31.97 -59.57 43.77
C SER K 502 31.62 -59.73 42.31
N GLU K 503 31.33 -60.97 41.88
CA GLU K 503 30.97 -61.21 40.49
C GLU K 503 29.62 -60.60 40.17
N LEU K 504 28.63 -60.83 41.02
CA LEU K 504 27.29 -60.29 40.78
C LEU K 504 27.30 -58.78 40.78
N LYS K 505 28.05 -58.18 41.70
CA LYS K 505 28.08 -56.72 41.81
C LYS K 505 28.61 -56.08 40.54
N VAL K 506 29.67 -56.66 39.97
CA VAL K 506 30.27 -56.08 38.76
C VAL K 506 29.31 -56.15 37.59
N GLN K 507 28.66 -57.30 37.41
CA GLN K 507 27.73 -57.45 36.28
C GLN K 507 26.57 -56.48 36.40
N LEU K 508 25.99 -56.36 37.59
CA LEU K 508 24.83 -55.48 37.76
C LEU K 508 25.19 -54.04 37.47
N GLU K 509 26.38 -53.60 37.91
CA GLU K 509 26.80 -52.23 37.68
C GLU K 509 26.93 -51.94 36.19
N ASP K 510 27.52 -52.87 35.44
CA ASP K 510 27.67 -52.67 34.00
C ASP K 510 26.33 -52.66 33.29
N GLN K 511 25.47 -53.62 33.61
CA GLN K 511 24.22 -53.80 32.87
C GLN K 511 23.29 -52.60 33.05
N PHE K 512 23.19 -52.09 34.28
CA PHE K 512 22.08 -51.22 34.63
C PHE K 512 22.49 -49.75 34.71
N ILE K 513 23.64 -49.46 35.32
CA ILE K 513 23.96 -48.09 35.71
C ILE K 513 24.04 -47.18 34.49
N GLY K 514 24.73 -47.62 33.45
CA GLY K 514 24.88 -46.79 32.27
C GLY K 514 23.73 -46.88 31.28
N THR K 515 22.50 -46.87 31.79
CA THR K 515 21.31 -46.98 30.95
C THR K 515 20.22 -46.06 31.47
N ARG K 516 19.26 -45.78 30.60
CA ARG K 516 18.17 -44.86 30.92
C ARG K 516 17.16 -45.55 31.84
N THR K 517 16.61 -44.79 32.78
CA THR K 517 15.64 -45.35 33.71
C THR K 517 14.34 -45.69 33.01
N ILE K 518 14.00 -44.96 31.96
CA ILE K 518 12.67 -45.04 31.38
C ILE K 518 12.40 -46.43 30.79
N ASN K 519 13.43 -47.06 30.22
CA ASN K 519 13.25 -48.38 29.62
C ASN K 519 13.48 -49.50 30.63
N THR K 520 13.87 -49.18 31.86
CA THR K 520 14.13 -50.17 32.88
C THR K 520 12.95 -50.26 33.83
N SER K 521 12.72 -51.46 34.37
CA SER K 521 11.61 -51.68 35.29
C SER K 521 11.98 -52.83 36.22
N ALA K 522 11.05 -53.13 37.14
CA ALA K 522 11.29 -54.18 38.11
C ALA K 522 11.36 -55.55 37.46
N SER K 523 10.44 -55.83 36.54
CA SER K 523 10.32 -57.19 36.01
C SER K 523 11.58 -57.61 35.27
N ILE K 524 12.14 -56.73 34.45
CA ILE K 524 13.36 -57.06 33.73
C ILE K 524 14.50 -57.32 34.70
N ILE K 525 14.56 -56.56 35.79
CA ILE K 525 15.58 -56.81 36.81
C ILE K 525 15.43 -58.20 37.38
N LYS K 526 14.18 -58.60 37.64
CA LYS K 526 13.93 -59.91 38.22
C LYS K 526 14.37 -61.03 37.28
N ASP K 527 14.11 -60.86 35.99
CA ASP K 527 14.50 -61.89 35.02
C ASP K 527 16.02 -62.02 34.96
N PHE K 528 16.73 -60.89 34.99
CA PHE K 528 18.18 -60.92 34.93
C PHE K 528 18.76 -61.72 36.08
N ILE K 529 18.22 -61.51 37.29
CA ILE K 529 18.73 -62.22 38.46
C ILE K 529 18.53 -63.72 38.30
N GLN K 530 17.34 -64.12 37.86
CA GLN K 530 17.06 -65.54 37.69
C GLN K 530 18.01 -66.16 36.67
N SER K 531 18.28 -65.44 35.58
CA SER K 531 19.22 -65.94 34.59
C SER K 531 20.62 -66.07 35.17
N TYR K 532 21.06 -65.07 35.94
CA TYR K 532 22.37 -65.13 36.57
C TYR K 532 22.44 -66.31 37.53
N LEU K 533 21.39 -66.49 38.34
CA LEU K 533 21.39 -67.63 39.25
C LEU K 533 21.14 -68.93 38.49
N GLY K 534 20.50 -68.85 37.32
CA GLY K 534 20.31 -70.04 36.52
C GLY K 534 21.61 -70.58 35.97
N ARG K 535 22.44 -69.71 35.41
CA ARG K 535 23.70 -70.15 34.84
C ARG K 535 24.68 -70.53 35.95
N LYS K 536 24.57 -69.87 37.11
CA LYS K 536 25.40 -70.22 38.25
C LYS K 536 25.11 -71.65 38.70
N LYS K 537 23.83 -72.01 38.74
CA LYS K 537 23.45 -73.35 39.18
C LYS K 537 23.97 -74.41 38.23
N ARG K 538 23.95 -74.13 36.92
CA ARG K 538 24.47 -75.07 35.95
C ARG K 538 25.94 -75.36 36.21
N ASP K 539 26.71 -74.33 36.55
CA ASP K 539 28.11 -74.52 36.91
C ASP K 539 28.27 -75.26 38.22
N ASN K 540 27.20 -75.43 38.99
CA ASN K 540 27.18 -76.19 40.24
C ASN K 540 27.95 -75.49 41.36
N GLU K 541 28.20 -74.20 41.23
CA GLU K 541 28.89 -73.47 42.29
C GLU K 541 27.98 -73.22 43.48
N ILE K 542 26.69 -73.44 43.34
CA ILE K 542 25.72 -73.25 44.41
C ILE K 542 24.71 -74.37 44.38
N GLN K 543 23.98 -74.51 45.49
CA GLN K 543 22.82 -75.37 45.52
C GLN K 543 21.65 -74.67 44.83
N ASP K 544 20.55 -75.41 44.65
CA ASP K 544 19.38 -74.86 43.96
C ASP K 544 18.81 -73.69 44.77
N PHE K 545 18.11 -72.80 44.07
CA PHE K 545 17.60 -71.58 44.68
C PHE K 545 16.10 -71.43 44.43
N PRO K 546 15.37 -70.80 45.36
CA PRO K 546 13.93 -70.56 45.13
C PRO K 546 13.67 -69.37 44.23
N ALA K 547 13.63 -69.61 42.92
CA ALA K 547 13.50 -68.52 41.95
C ALA K 547 12.34 -67.59 42.28
N GLU K 548 11.21 -68.14 42.76
CA GLU K 548 10.05 -67.31 43.03
C GLU K 548 10.32 -66.27 44.12
N ASP K 549 11.20 -66.58 45.08
CA ASP K 549 11.41 -65.68 46.21
C ASP K 549 11.95 -64.33 45.79
N VAL K 550 12.53 -64.22 44.59
CA VAL K 550 13.13 -62.97 44.15
C VAL K 550 12.01 -61.97 43.85
N GLN K 551 12.17 -60.74 44.34
CA GLN K 551 11.21 -59.68 44.11
C GLN K 551 11.93 -58.34 44.24
N VAL K 552 11.37 -57.33 43.57
CA VAL K 552 12.07 -56.06 43.35
C VAL K 552 11.12 -54.91 43.60
N ILE K 553 11.70 -53.74 43.91
CA ILE K 553 10.98 -52.47 43.95
C ILE K 553 11.79 -51.45 43.18
N VAL K 554 11.11 -50.56 42.48
CA VAL K 554 11.76 -49.53 41.66
C VAL K 554 11.11 -48.18 41.99
N GLU K 555 11.94 -47.15 42.08
CA GLU K 555 11.45 -45.79 42.28
C GLU K 555 12.50 -44.83 41.75
N GLY K 556 12.18 -44.16 40.65
CA GLY K 556 13.10 -43.17 40.09
C GLY K 556 14.43 -43.82 39.73
N ASN K 557 15.51 -43.20 40.21
CA ASN K 557 16.86 -43.66 39.93
C ASN K 557 17.29 -44.78 40.88
N GLU K 558 16.43 -45.20 41.80
CA GLU K 558 16.79 -46.13 42.86
C GLU K 558 15.97 -47.39 42.74
N ALA K 559 16.57 -48.52 43.12
CA ALA K 559 15.90 -49.80 43.13
C ALA K 559 16.41 -50.63 44.29
N ARG K 560 15.55 -51.52 44.78
CA ARG K 560 15.86 -52.39 45.91
C ARG K 560 15.54 -53.83 45.54
N ILE K 561 16.39 -54.75 45.99
CA ILE K 561 16.29 -56.16 45.62
C ILE K 561 16.47 -57.01 46.87
N SER K 562 15.68 -58.08 46.95
CA SER K 562 15.87 -59.12 47.95
C SER K 562 15.77 -60.47 47.27
N MET K 563 16.63 -61.39 47.68
CA MET K 563 16.64 -62.73 47.10
C MET K 563 16.95 -63.74 48.19
N THR K 564 16.59 -64.99 47.91
CA THR K 564 16.84 -66.11 48.80
C THR K 564 17.66 -67.16 48.06
N VAL K 565 18.66 -67.71 48.72
CA VAL K 565 19.54 -68.72 48.13
C VAL K 565 19.95 -69.70 49.21
N TYR K 566 20.19 -70.95 48.80
CA TYR K 566 20.63 -71.99 49.72
C TYR K 566 22.14 -72.22 49.57
N PRO K 567 22.85 -72.57 50.65
CA PRO K 567 24.30 -72.65 50.58
C PRO K 567 24.78 -74.03 50.14
N ILE K 568 26.10 -74.18 50.15
CA ILE K 568 26.74 -75.47 49.92
C ILE K 568 26.98 -76.11 51.28
N ARG K 569 26.42 -77.30 51.48
CA ARG K 569 26.56 -77.98 52.77
C ARG K 569 27.87 -78.76 52.81
N SER K 570 28.07 -79.47 53.92
CA SER K 570 29.24 -80.32 54.08
C SER K 570 28.97 -81.31 55.21
N PHE K 571 29.25 -82.58 54.94
CA PHE K 571 28.98 -83.65 55.90
C PHE K 571 30.19 -83.79 56.82
N LYS K 572 29.92 -83.77 58.13
CA LYS K 572 30.98 -83.71 59.14
C LYS K 572 31.07 -84.96 60.00
N LYS K 573 29.98 -85.35 60.66
CA LYS K 573 29.99 -86.40 61.67
C LYS K 573 29.10 -87.55 61.26
N ILE K 574 29.46 -88.75 61.72
CA ILE K 574 28.68 -89.96 61.51
C ILE K 574 28.66 -90.75 62.81
N SER K 575 27.75 -91.71 62.87
CA SER K 575 27.62 -92.59 64.04
C SER K 575 27.36 -94.00 63.57
N VAL K 576 28.06 -94.96 64.17
CA VAL K 576 27.90 -96.36 63.84
C VAL K 576 27.83 -97.18 65.12
N SER K 577 27.25 -98.37 65.01
CA SER K 577 27.14 -99.32 66.11
C SER K 577 27.35 -100.72 65.56
N LEU K 578 27.70 -101.65 66.45
CA LEU K 578 28.00 -103.02 66.07
C LEU K 578 27.24 -103.98 66.97
N VAL K 579 26.93 -105.16 66.41
CA VAL K 579 26.22 -106.21 67.13
C VAL K 579 26.76 -107.55 66.65
N TYR K 580 27.08 -108.43 67.60
CA TYR K 580 27.51 -109.78 67.31
C TYR K 580 26.41 -110.74 67.76
N LYS K 581 25.93 -111.56 66.84
CA LYS K 581 24.86 -112.52 67.12
C LYS K 581 25.37 -113.94 67.29
N GLN K 582 26.69 -114.13 67.37
CA GLN K 582 27.31 -115.43 67.60
C GLN K 582 27.09 -116.39 66.45
N GLN K 583 26.63 -115.90 65.30
CA GLN K 583 26.42 -116.75 64.13
C GLN K 583 26.51 -115.93 62.85
N PRO L 9 -3.48 57.70 -2.14
CA PRO L 9 -4.56 57.38 -3.09
C PRO L 9 -4.32 56.08 -3.83
N ILE L 10 -5.38 55.54 -4.46
CA ILE L 10 -5.30 54.30 -5.22
C ILE L 10 -6.01 54.48 -6.55
N GLN L 11 -5.42 53.93 -7.61
CA GLN L 11 -5.94 54.04 -8.97
C GLN L 11 -6.49 52.72 -9.49
N ASP L 12 -7.18 51.96 -8.65
CA ASP L 12 -7.65 50.64 -9.04
C ASP L 12 -8.64 50.66 -10.20
N ALA L 13 -9.31 51.80 -10.43
CA ALA L 13 -10.34 51.89 -11.45
C ALA L 13 -10.02 53.02 -12.42
N LYS L 14 -10.18 52.73 -13.72
CA LYS L 14 -9.98 53.71 -14.78
C LYS L 14 -11.13 53.62 -15.77
N PRO L 15 -12.33 54.04 -15.37
CA PRO L 15 -13.49 53.86 -16.23
C PRO L 15 -13.38 54.65 -17.52
N ILE L 16 -13.94 54.09 -18.58
CA ILE L 16 -14.00 54.78 -19.87
C ILE L 16 -15.31 55.55 -19.94
N ASP L 17 -15.23 56.80 -20.39
CA ASP L 17 -16.41 57.68 -20.45
C ASP L 17 -17.05 57.63 -21.83
N ASP L 18 -16.24 57.78 -22.87
CA ASP L 18 -16.75 57.89 -24.23
C ASP L 18 -16.80 56.51 -24.88
N ILE L 19 -17.94 56.18 -25.48
CA ILE L 19 -18.05 54.94 -26.23
C ILE L 19 -17.15 54.96 -27.45
N VAL L 20 -16.89 56.15 -28.00
CA VAL L 20 -16.03 56.26 -29.18
C VAL L 20 -14.65 55.69 -28.86
N ASP L 21 -14.15 55.98 -27.66
CA ASP L 21 -12.89 55.40 -27.23
C ASP L 21 -12.99 53.89 -27.13
N ILE L 22 -14.12 53.40 -26.60
CA ILE L 22 -14.32 51.95 -26.46
C ILE L 22 -14.24 51.29 -27.83
N MET L 23 -14.94 51.86 -28.80
CA MET L 23 -14.90 51.32 -30.16
C MET L 23 -13.47 51.38 -30.70
N THR L 24 -12.77 52.47 -30.42
CA THR L 24 -11.38 52.60 -30.86
C THR L 24 -10.50 51.52 -30.25
N TYR L 25 -10.67 51.27 -28.96
CA TYR L 25 -9.93 50.18 -28.32
C TYR L 25 -10.35 48.84 -28.91
N LEU L 26 -11.63 48.68 -29.20
CA LEU L 26 -12.11 47.45 -29.82
C LEU L 26 -11.48 47.25 -31.19
N LYS L 27 -11.37 48.34 -31.97
CA LYS L 27 -10.67 48.25 -33.24
C LYS L 27 -9.22 47.85 -33.04
N ASN L 28 -8.60 48.32 -31.96
CA ASN L 28 -7.25 47.90 -31.62
C ASN L 28 -7.22 46.44 -31.17
N GLY L 29 -8.37 45.88 -30.77
CA GLY L 29 -8.48 44.49 -30.42
C GLY L 29 -8.27 44.17 -28.96
N LYS L 30 -8.07 45.18 -28.11
CA LYS L 30 -7.85 44.91 -26.69
C LYS L 30 -9.14 44.48 -26.02
N VAL L 31 -9.01 43.53 -25.08
CA VAL L 31 -10.16 42.96 -24.41
C VAL L 31 -10.74 43.97 -23.44
N LEU L 32 -12.07 43.95 -23.28
CA LEU L 32 -12.77 44.81 -22.36
C LEU L 32 -13.35 44.00 -21.21
N ARG L 33 -13.78 44.72 -20.18
CA ARG L 33 -14.42 44.13 -19.01
C ARG L 33 -15.62 45.00 -18.65
N VAL L 34 -16.81 44.42 -18.68
CA VAL L 34 -18.06 45.15 -18.53
C VAL L 34 -18.76 44.64 -17.29
N LYS L 35 -19.13 45.55 -16.40
CA LYS L 35 -19.80 45.17 -15.17
C LYS L 35 -21.29 44.94 -15.41
N GLN L 36 -21.90 44.19 -14.51
CA GLN L 36 -23.33 43.89 -14.54
C GLN L 36 -23.89 44.03 -13.13
N ASP L 37 -25.19 44.29 -13.05
CA ASP L 37 -25.86 44.51 -11.79
C ASP L 37 -26.49 43.20 -11.32
N ASN L 38 -26.06 42.72 -10.16
CA ASN L 38 -26.53 41.46 -9.61
C ASN L 38 -26.35 40.33 -10.62
N GLN L 39 -25.22 40.33 -11.31
CA GLN L 39 -24.96 39.35 -12.35
C GLN L 39 -23.46 39.27 -12.59
N GLY L 40 -23.04 38.18 -13.21
CA GLY L 40 -21.62 37.93 -13.36
C GLY L 40 -20.96 38.93 -14.28
N ASP L 41 -19.70 39.25 -13.97
CA ASP L 41 -18.90 40.10 -14.84
C ASP L 41 -18.62 39.39 -16.15
N ILE L 42 -18.45 40.17 -17.21
CA ILE L 42 -18.29 39.66 -18.57
C ILE L 42 -17.10 40.34 -19.24
N LEU L 43 -16.51 39.66 -20.20
CA LEU L 43 -15.48 40.21 -21.07
C LEU L 43 -16.00 40.25 -22.50
N VAL L 44 -15.55 41.26 -23.25
CA VAL L 44 -16.01 41.50 -24.61
C VAL L 44 -14.80 41.65 -25.51
N ARG L 45 -14.99 41.39 -26.79
CA ARG L 45 -13.87 41.32 -27.73
C ARG L 45 -14.39 41.47 -29.15
N MET L 46 -13.50 41.90 -30.04
CA MET L 46 -13.77 41.94 -31.47
C MET L 46 -13.09 40.75 -32.12
N SER L 47 -13.81 40.06 -33.00
CA SER L 47 -13.25 38.85 -33.60
C SER L 47 -12.12 39.21 -34.56
N PRO L 48 -11.12 38.35 -34.71
CA PRO L 48 -10.10 38.58 -35.74
C PRO L 48 -10.54 37.99 -37.07
N GLY L 49 -9.66 38.12 -38.05
CA GLY L 49 -9.88 37.50 -39.33
C GLY L 49 -10.69 38.37 -40.29
N LYS L 50 -11.18 37.71 -41.33
CA LYS L 50 -11.90 38.41 -42.39
C LYS L 50 -13.17 39.07 -41.85
N HIS L 51 -13.98 38.32 -41.11
CA HIS L 51 -15.26 38.80 -40.63
C HIS L 51 -15.08 39.38 -39.23
N LYS L 52 -15.53 40.62 -39.05
CA LYS L 52 -15.43 41.31 -37.77
C LYS L 52 -16.78 41.28 -37.08
N PHE L 53 -16.83 40.67 -35.90
CA PHE L 53 -18.04 40.61 -35.11
C PHE L 53 -17.66 40.51 -33.64
N THR L 54 -18.58 40.94 -32.78
CA THR L 54 -18.32 40.97 -31.35
C THR L 54 -18.37 39.56 -30.77
N GLU L 55 -17.47 39.29 -29.85
CA GLU L 55 -17.44 38.04 -29.12
C GLU L 55 -17.42 38.31 -27.63
N VAL L 56 -17.88 37.34 -26.86
CA VAL L 56 -17.97 37.46 -25.41
C VAL L 56 -17.38 36.21 -24.78
N SER L 57 -16.98 36.35 -23.52
CA SER L 57 -16.44 35.24 -22.74
C SER L 57 -16.82 35.44 -21.28
N ARG L 58 -17.34 34.38 -20.68
CA ARG L 58 -17.67 34.40 -19.27
C ARG L 58 -16.47 34.11 -18.38
N ASP L 59 -15.30 33.86 -18.98
CA ASP L 59 -14.09 33.58 -18.22
C ASP L 59 -13.37 34.88 -17.88
N LEU L 60 -13.21 35.13 -16.58
CA LEU L 60 -12.60 36.37 -16.12
C LEU L 60 -11.11 36.20 -15.83
N ASP L 61 -10.72 35.04 -15.30
CA ASP L 61 -9.35 34.87 -14.84
C ASP L 61 -8.36 34.99 -15.99
N LYS L 62 -7.10 35.24 -15.63
CA LYS L 62 -6.08 35.51 -16.63
C LYS L 62 -5.74 34.24 -17.41
N GLU L 63 -5.40 34.42 -18.68
CA GLU L 63 -4.98 33.31 -19.50
C GLU L 63 -3.74 32.67 -18.91
N SER L 64 -3.68 31.34 -18.94
CA SER L 64 -2.62 30.61 -18.26
C SER L 64 -2.46 29.24 -18.92
N PHE L 65 -1.44 28.52 -18.46
CA PHE L 65 -1.21 27.16 -18.93
C PHE L 65 -2.31 26.20 -18.49
N TYR L 66 -3.06 26.54 -17.45
CA TYR L 66 -4.15 25.71 -16.95
C TYR L 66 -5.51 26.32 -17.19
N TYR L 67 -5.59 27.45 -17.89
CA TYR L 67 -6.82 28.22 -17.97
C TYR L 67 -6.82 28.96 -19.30
N LYS L 68 -7.80 28.65 -20.15
CA LYS L 68 -7.92 29.25 -21.48
C LYS L 68 -9.30 29.85 -21.62
N ARG L 69 -9.34 31.09 -22.14
CA ARG L 69 -10.61 31.80 -22.26
C ARG L 69 -11.43 31.22 -23.41
N HIS L 70 -12.74 31.15 -23.20
CA HIS L 70 -13.67 30.60 -24.18
C HIS L 70 -14.50 31.74 -24.76
N TRP L 71 -14.43 31.91 -26.08
CA TRP L 71 -15.07 33.01 -26.78
C TRP L 71 -16.18 32.49 -27.68
N VAL L 72 -17.27 33.25 -27.76
CA VAL L 72 -18.40 32.91 -28.62
C VAL L 72 -19.02 34.20 -29.14
N LEU L 73 -19.80 34.07 -30.21
CA LEU L 73 -20.46 35.23 -30.79
C LEU L 73 -21.58 35.73 -29.89
N TYR L 74 -21.99 36.97 -30.13
CA TYR L 74 -23.18 37.52 -29.51
C TYR L 74 -23.53 38.84 -30.19
N ASN L 75 -24.82 39.16 -30.17
CA ASN L 75 -25.33 40.41 -30.72
C ASN L 75 -25.42 41.44 -29.60
N VAL L 76 -24.24 41.91 -29.19
CA VAL L 76 -24.17 42.85 -28.07
C VAL L 76 -24.83 44.15 -28.45
N SER L 77 -25.45 44.80 -27.48
CA SER L 77 -26.14 46.07 -27.70
C SER L 77 -25.30 47.21 -27.18
N VAL L 78 -25.28 48.32 -27.91
CA VAL L 78 -24.54 49.50 -27.48
C VAL L 78 -25.10 50.04 -26.17
N ASN L 79 -26.39 49.78 -25.91
CA ASN L 79 -27.03 50.32 -24.72
C ASN L 79 -26.33 49.83 -23.46
N SER L 80 -25.92 48.57 -23.44
CA SER L 80 -25.15 48.07 -22.30
C SER L 80 -23.80 48.78 -22.21
N LEU L 81 -23.14 48.97 -23.35
CA LEU L 81 -21.82 49.60 -23.34
C LEU L 81 -21.90 51.03 -22.87
N ILE L 82 -22.85 51.79 -23.41
CA ILE L 82 -22.92 53.22 -23.12
C ILE L 82 -23.30 53.46 -21.65
N THR L 83 -24.04 52.53 -21.05
CA THR L 83 -24.53 52.70 -19.69
C THR L 83 -23.58 52.07 -18.66
N PHE L 84 -23.32 50.78 -18.80
CA PHE L 84 -22.54 50.06 -17.79
C PHE L 84 -21.09 50.54 -17.77
N ASP L 85 -20.44 50.30 -16.64
CA ASP L 85 -19.03 50.62 -16.49
C ASP L 85 -18.20 49.71 -17.39
N VAL L 86 -17.12 50.26 -17.95
CA VAL L 86 -16.24 49.54 -18.85
C VAL L 86 -14.79 49.81 -18.45
N TYR L 87 -13.94 48.81 -18.63
CA TYR L 87 -12.53 48.94 -18.29
C TYR L 87 -11.70 48.13 -19.28
N LEU L 88 -10.42 48.48 -19.37
CA LEU L 88 -9.45 47.59 -19.99
C LEU L 88 -9.20 46.43 -19.03
N ASP L 89 -9.28 45.20 -19.54
CA ASP L 89 -9.25 44.03 -18.68
C ASP L 89 -7.92 43.93 -17.93
N GLU L 90 -6.81 44.03 -18.65
CA GLU L 90 -5.50 43.84 -18.03
C GLU L 90 -5.21 44.92 -17.00
N GLU L 91 -5.78 46.13 -17.17
CA GLU L 91 -5.52 47.21 -16.24
C GLU L 91 -6.43 47.14 -15.01
N TYR L 92 -7.40 46.25 -14.99
CA TYR L 92 -8.39 46.24 -13.91
C TYR L 92 -7.81 45.57 -12.67
N SER L 93 -8.11 46.15 -11.52
CA SER L 93 -7.79 45.55 -10.22
C SER L 93 -9.06 44.92 -9.66
N GLU L 94 -8.92 43.70 -9.15
CA GLU L 94 -10.10 42.90 -8.83
C GLU L 94 -10.97 43.58 -7.78
N THR L 95 -10.36 44.14 -6.74
CA THR L 95 -11.11 44.78 -5.67
C THR L 95 -10.31 45.92 -5.07
N THR L 96 -11.02 46.85 -4.44
CA THR L 96 -10.43 47.86 -3.56
C THR L 96 -11.00 47.62 -2.17
N LYS L 97 -10.13 47.20 -1.25
CA LYS L 97 -10.51 46.70 0.08
C LYS L 97 -10.88 47.89 0.97
N VAL L 98 -12.15 48.27 0.89
CA VAL L 98 -12.73 49.32 1.73
C VAL L 98 -14.10 48.84 2.21
N LYS L 99 -14.57 49.42 3.30
CA LYS L 99 -15.84 49.00 3.89
C LYS L 99 -17.00 49.29 2.94
N TYR L 100 -17.09 50.53 2.47
CA TYR L 100 -18.17 50.96 1.59
C TYR L 100 -17.60 51.27 0.21
N PRO L 101 -17.92 50.51 -0.84
CA PRO L 101 -17.41 50.84 -2.17
C PRO L 101 -17.97 52.18 -2.65
N LYS L 102 -17.49 52.61 -3.81
CA LYS L 102 -18.03 53.80 -4.45
C LYS L 102 -19.47 53.55 -4.86
N ASP L 103 -20.25 54.62 -4.93
CA ASP L 103 -21.66 54.55 -5.31
C ASP L 103 -22.46 53.73 -4.31
N THR L 104 -22.01 53.68 -3.07
CA THR L 104 -22.71 52.99 -1.99
C THR L 104 -23.38 54.03 -1.08
N ILE L 105 -24.64 53.79 -0.77
CA ILE L 105 -25.48 54.75 -0.06
C ILE L 105 -25.17 54.63 1.43
N VAL L 106 -24.90 55.76 2.07
CA VAL L 106 -24.61 55.82 3.50
C VAL L 106 -25.37 56.98 4.12
N GLU L 107 -25.53 56.94 5.43
CA GLU L 107 -26.13 58.02 6.20
C GLU L 107 -25.03 58.71 7.01
N TYR L 108 -24.99 60.03 6.91
CA TYR L 108 -23.96 60.83 7.57
C TYR L 108 -24.60 62.05 8.22
N THR L 109 -23.93 62.57 9.24
CA THR L 109 -24.37 63.79 9.91
C THR L 109 -23.60 64.97 9.33
N ARG L 110 -24.34 65.98 8.90
CA ARG L 110 -23.72 67.15 8.29
C ARG L 110 -22.99 67.97 9.35
N GLU L 111 -22.41 69.09 8.92
CA GLU L 111 -21.59 69.90 9.81
C GLU L 111 -22.40 70.44 10.98
N ASP L 112 -23.68 70.73 10.78
CA ASP L 112 -24.54 71.24 11.83
C ASP L 112 -25.23 70.12 12.61
N GLN L 113 -24.66 68.92 12.60
CA GLN L 113 -25.20 67.79 13.37
C GLN L 113 -26.61 67.44 12.95
N GLU L 114 -26.93 67.64 11.67
CA GLU L 114 -28.17 67.18 11.08
C GLU L 114 -27.85 66.06 10.10
N LYS L 115 -28.69 65.03 10.08
CA LYS L 115 -28.37 63.79 9.38
C LYS L 115 -28.95 63.81 7.97
N ASP L 116 -28.13 63.42 7.00
CA ASP L 116 -28.49 63.36 5.60
C ASP L 116 -27.95 62.09 4.99
N VAL L 117 -28.56 61.65 3.90
CA VAL L 117 -28.13 60.47 3.16
C VAL L 117 -27.23 60.91 2.03
N ALA L 118 -26.29 60.03 1.65
CA ALA L 118 -25.34 60.34 0.60
C ALA L 118 -24.77 59.06 0.03
N MET L 119 -24.17 59.17 -1.16
CA MET L 119 -23.41 58.11 -1.79
C MET L 119 -21.95 58.53 -1.90
N ILE L 120 -21.07 57.54 -1.95
CA ILE L 120 -19.64 57.76 -1.76
C ILE L 120 -18.95 57.86 -3.11
N LYS L 121 -18.01 58.81 -3.22
CA LYS L 121 -17.15 58.92 -4.40
C LYS L 121 -15.82 59.50 -3.92
N GLU L 122 -14.87 58.62 -3.63
CA GLU L 122 -13.50 58.96 -3.26
C GLU L 122 -12.70 57.68 -3.07
N ILE L 123 -11.39 57.79 -3.28
CA ILE L 123 -10.43 56.77 -2.87
C ILE L 123 -9.17 57.47 -2.40
N LEU L 124 -8.96 57.49 -1.08
CA LEU L 124 -7.74 58.03 -0.48
C LEU L 124 -7.29 57.13 0.64
N THR L 125 -5.98 57.03 0.83
CA THR L 125 -5.42 56.17 1.86
C THR L 125 -4.04 56.67 2.24
N ASP L 126 -3.69 56.45 3.50
CA ASP L 126 -2.31 56.59 3.94
C ASP L 126 -1.54 55.32 3.55
N ASN L 127 -0.30 55.22 4.02
CA ASN L 127 0.52 54.05 3.73
C ASN L 127 0.29 52.90 4.70
N ASN L 128 -0.58 53.09 5.70
CA ASN L 128 -0.93 52.02 6.62
C ASN L 128 -2.22 51.29 6.25
N GLY L 129 -3.04 51.87 5.39
CA GLY L 129 -4.32 51.30 5.03
C GLY L 129 -5.53 52.02 5.61
N ASN L 130 -5.34 53.15 6.29
CA ASN L 130 -6.45 53.93 6.80
C ASN L 130 -7.11 54.69 5.65
N TYR L 131 -8.42 54.51 5.51
CA TYR L 131 -9.17 55.03 4.37
C TYR L 131 -10.08 56.17 4.79
N PHE L 132 -10.34 57.07 3.85
CA PHE L 132 -11.23 58.21 4.03
C PHE L 132 -12.19 58.28 2.85
N TYR L 133 -13.37 58.83 3.09
CA TYR L 133 -14.43 58.91 2.09
C TYR L 133 -14.95 60.32 1.97
N ALA L 134 -15.20 60.76 0.73
CA ALA L 134 -15.85 62.02 0.43
C ALA L 134 -17.18 61.73 -0.25
N LEU L 135 -18.24 62.35 0.27
CA LEU L 135 -19.60 62.02 -0.13
C LEU L 135 -20.05 62.88 -1.29
N ILE L 136 -20.93 62.33 -2.12
CA ILE L 136 -21.50 63.08 -3.23
C ILE L 136 -22.32 64.23 -2.66
N GLY L 137 -22.10 65.43 -3.20
CA GLY L 137 -22.68 66.63 -2.62
C GLY L 137 -21.95 67.15 -1.40
N GLU L 138 -20.72 66.67 -1.14
CA GLU L 138 -19.95 67.07 0.02
C GLU L 138 -18.50 67.28 -0.41
N THR L 139 -17.75 67.94 0.46
CA THR L 139 -16.36 68.31 0.18
C THR L 139 -15.37 67.62 1.11
N MET L 140 -15.58 67.71 2.43
CA MET L 140 -14.63 67.17 3.38
C MET L 140 -14.72 65.64 3.43
N LEU L 141 -13.74 65.04 4.11
CA LEU L 141 -13.65 63.59 4.18
C LEU L 141 -14.45 63.05 5.36
N PHE L 142 -14.84 61.78 5.26
CA PHE L 142 -15.55 61.07 6.31
C PHE L 142 -14.92 59.72 6.53
N ASP L 143 -14.82 59.32 7.79
CA ASP L 143 -14.10 58.12 8.19
C ASP L 143 -14.98 56.89 7.99
N GLU L 144 -14.35 55.72 8.15
CA GLU L 144 -15.10 54.47 8.08
C GLU L 144 -16.14 54.38 9.20
N ASN L 145 -15.81 54.88 10.39
CA ASN L 145 -16.73 54.81 11.52
C ASN L 145 -17.88 55.80 11.38
N LYS L 146 -17.58 57.01 10.89
CA LYS L 146 -18.61 58.05 10.82
C LYS L 146 -19.74 57.63 9.90
N LEU L 147 -19.42 57.07 8.73
CA LEU L 147 -20.44 56.67 7.79
C LEU L 147 -21.18 55.43 8.29
N ASN L 148 -22.44 55.32 7.88
CA ASN L 148 -23.29 54.19 8.22
C ASN L 148 -24.00 53.71 6.96
N LYS L 149 -23.87 52.42 6.66
CA LYS L 149 -24.46 51.88 5.46
C LYS L 149 -25.98 51.98 5.51
N VAL L 150 -26.58 52.42 4.40
CA VAL L 150 -28.02 52.55 4.30
C VAL L 150 -28.57 51.23 3.75
N LYS L 151 -29.41 50.57 4.53
CA LYS L 151 -29.99 49.30 4.10
C LYS L 151 -30.95 49.52 2.95
N ASP L 152 -30.98 48.56 2.03
CA ASP L 152 -31.92 48.59 0.91
C ASP L 152 -33.35 48.48 1.44
#